data_5BZ4
#
_entry.id   5BZ4
#
_cell.length_a   190.076
_cell.length_b   190.076
_cell.length_c   265.084
_cell.angle_alpha   90.00
_cell.angle_beta   90.00
_cell.angle_gamma   120.00
#
_symmetry.space_group_name_H-M   'P 61'
#
loop_
_entity.id
_entity.type
_entity.pdbx_description
1 polymer Beta-ketothiolase
2 non-polymer 'COENZYME A'
3 water water
#
_entity_poly.entity_id   1
_entity_poly.type   'polypeptide(L)'
_entity_poly.pdbx_seq_one_letter_code
;MSMRDAVICEPVRTPIGRYGGMFRSLTAVDLGVTALKGLLERTGIAADQVEDVILGHCYPNSEAPAIGRVVALDAGLPIT
VPGMQVDRRCGSGLQAVIQACLQVRSGDHDLVVAGGAESMSNVAFYSTDMRWGGARTGVQIHDGLARGRTTAGGKFHPVP
GGMLETAENLRREYHISRTEQDELAVRSHQRAVAAQSEGVLAEEIIPVPVRTRDGEETISVDEHPRADTTVEALAKLKPV
LLKQDPEATVTAGNSSGQNDAASMCIVTTPEKAAELGLKPLVRLVSWGSAGVAPDLMGIGPVPATEVALAKAGLTLADID
LIELNEAFAAQALAVMREWKFGEADHERTNVRGSGISLGHPVGATGGRMLATLARELHRREARYGLETMCIGGGQGLAAV
FERVQEG
;
_entity_poly.pdbx_strand_id   A,B,C,D,E,F,G,H,J,K,L,M
#
loop_
_chem_comp.id
_chem_comp.type
_chem_comp.name
_chem_comp.formula
COA non-polymer 'COENZYME A' 'C21 H36 N7 O16 P3 S'
#
# COMPACT_ATOMS: atom_id res chain seq x y z
N MET A 3 -22.99 -46.30 0.85
CA MET A 3 -24.22 -46.95 1.30
C MET A 3 -25.46 -46.28 0.72
N ARG A 4 -26.43 -46.00 1.60
CA ARG A 4 -27.76 -45.55 1.17
C ARG A 4 -27.81 -44.16 0.58
N ASP A 5 -28.88 -43.90 -0.17
CA ASP A 5 -29.05 -42.61 -0.82
C ASP A 5 -29.59 -41.49 0.06
N ALA A 6 -29.33 -40.27 -0.39
CA ALA A 6 -29.72 -39.07 0.32
C ALA A 6 -30.49 -38.19 -0.64
N VAL A 7 -31.74 -37.91 -0.31
CA VAL A 7 -32.54 -37.03 -1.16
C VAL A 7 -32.91 -35.72 -0.45
N ILE A 8 -33.07 -34.68 -1.28
CA ILE A 8 -33.37 -33.33 -0.83
C ILE A 8 -34.86 -33.11 -0.98
N CYS A 9 -35.54 -32.83 0.13
CA CYS A 9 -36.96 -32.60 0.07
C CYS A 9 -37.28 -31.15 0.38
N GLU A 10 -38.23 -30.60 -0.37
CA GLU A 10 -38.79 -29.29 -0.09
C GLU A 10 -37.74 -28.22 0.20
N PRO A 11 -36.82 -27.96 -0.75
CA PRO A 11 -35.90 -26.86 -0.46
C PRO A 11 -36.61 -25.51 -0.62
N VAL A 12 -36.61 -24.75 0.47
CA VAL A 12 -37.30 -23.49 0.51
C VAL A 12 -36.37 -22.38 0.99
N ARG A 13 -36.82 -21.14 0.86
CA ARG A 13 -36.11 -19.98 1.38
C ARG A 13 -37.09 -18.91 1.76
N THR A 14 -36.60 -17.88 2.46
CA THR A 14 -37.34 -16.64 2.65
C THR A 14 -37.17 -15.74 1.42
N PRO A 15 -37.99 -14.69 1.30
CA PRO A 15 -37.56 -13.73 0.30
C PRO A 15 -36.21 -13.14 0.71
N ILE A 16 -35.44 -12.67 -0.24
CA ILE A 16 -34.16 -12.09 0.11
C ILE A 16 -34.32 -10.58 0.27
N GLY A 17 -33.96 -10.06 1.43
CA GLY A 17 -34.05 -8.63 1.67
C GLY A 17 -32.75 -7.90 1.38
N ARG A 18 -32.85 -6.64 0.96
CA ARG A 18 -31.68 -5.78 0.79
C ARG A 18 -31.02 -5.46 2.13
N TYR A 19 -29.72 -5.18 2.11
CA TYR A 19 -28.98 -4.74 3.29
C TYR A 19 -29.50 -3.40 3.75
N GLY A 20 -30.09 -3.35 4.93
CA GLY A 20 -30.69 -2.14 5.44
C GLY A 20 -32.06 -1.99 4.82
N GLY A 21 -32.59 -3.12 4.33
CA GLY A 21 -33.83 -3.10 3.59
C GLY A 21 -35.04 -3.53 4.38
N MET A 22 -35.86 -4.41 3.82
CA MET A 22 -37.13 -4.76 4.43
C MET A 22 -37.01 -5.66 5.67
N PHE A 23 -35.92 -6.43 5.76
CA PHE A 23 -35.74 -7.32 6.90
C PHE A 23 -34.67 -6.84 7.86
N ARG A 24 -34.45 -5.53 7.88
CA ARG A 24 -33.49 -4.88 8.78
C ARG A 24 -33.77 -5.17 10.25
N SER A 25 -35.05 -5.29 10.58
CA SER A 25 -35.47 -5.48 11.95
C SER A 25 -35.30 -6.92 12.41
N LEU A 26 -35.14 -7.84 11.47
CA LEU A 26 -35.07 -9.24 11.81
C LEU A 26 -33.64 -9.72 11.89
N THR A 27 -33.39 -10.60 12.87
CA THR A 27 -32.12 -11.29 13.03
C THR A 27 -32.02 -12.52 12.12
N ALA A 28 -30.82 -13.10 12.04
CA ALA A 28 -30.62 -14.31 11.25
C ALA A 28 -31.45 -15.43 11.85
N VAL A 29 -31.55 -15.43 13.17
CA VAL A 29 -32.40 -16.42 13.85
C VAL A 29 -33.87 -16.21 13.50
N ASP A 30 -34.32 -14.95 13.50
CA ASP A 30 -35.69 -14.64 13.07
C ASP A 30 -35.97 -15.20 11.68
N LEU A 31 -35.03 -15.02 10.75
CA LEU A 31 -35.16 -15.54 9.41
C LEU A 31 -35.05 -17.08 9.34
N GLY A 32 -34.12 -17.66 10.08
CA GLY A 32 -33.97 -19.11 10.11
C GLY A 32 -35.17 -19.84 10.69
N VAL A 33 -35.78 -19.25 11.70
CA VAL A 33 -37.02 -19.78 12.27
C VAL A 33 -38.20 -19.72 11.29
N THR A 34 -38.35 -18.56 10.65
CA THR A 34 -39.40 -18.36 9.66
C THR A 34 -39.29 -19.42 8.59
N ALA A 35 -38.08 -19.63 8.09
CA ALA A 35 -37.90 -20.57 6.99
C ALA A 35 -38.07 -22.01 7.46
N LEU A 36 -37.56 -22.33 8.65
CA LEU A 36 -37.63 -23.71 9.16
C LEU A 36 -39.06 -24.09 9.52
N LYS A 37 -39.81 -23.18 10.13
CA LYS A 37 -41.21 -23.44 10.43
C LYS A 37 -41.98 -23.60 9.13
N GLY A 38 -41.65 -22.79 8.14
CA GLY A 38 -42.30 -22.91 6.87
C GLY A 38 -42.14 -24.33 6.36
N LEU A 39 -40.88 -24.76 6.32
CA LEU A 39 -40.54 -26.07 5.80
C LEU A 39 -41.22 -27.18 6.62
N LEU A 40 -41.32 -27.00 7.93
CA LEU A 40 -41.95 -28.01 8.75
C LEU A 40 -43.44 -28.10 8.53
N GLU A 41 -44.08 -26.97 8.28
CA GLU A 41 -45.52 -26.99 8.15
C GLU A 41 -45.94 -27.51 6.78
N ARG A 42 -45.12 -27.16 5.78
N ARG A 42 -45.24 -27.11 5.71
CA ARG A 42 -45.32 -27.57 4.39
CA ARG A 42 -45.49 -27.71 4.39
C ARG A 42 -45.08 -29.07 4.22
C ARG A 42 -45.33 -29.21 4.43
N THR A 43 -44.24 -29.67 5.06
CA THR A 43 -43.91 -31.10 4.95
C THR A 43 -44.62 -31.92 6.00
N GLY A 44 -45.22 -31.22 6.95
CA GLY A 44 -46.00 -31.82 8.01
C GLY A 44 -45.20 -32.76 8.86
N ILE A 45 -43.87 -32.77 8.73
CA ILE A 45 -43.08 -33.72 9.53
C ILE A 45 -43.19 -33.38 11.02
N ALA A 46 -43.12 -34.41 11.86
CA ALA A 46 -43.08 -34.19 13.31
C ALA A 46 -41.71 -33.65 13.68
N ALA A 47 -41.69 -32.62 14.52
CA ALA A 47 -40.46 -31.93 14.88
C ALA A 47 -39.40 -32.87 15.46
N ASP A 48 -39.84 -33.93 16.13
CA ASP A 48 -38.92 -34.84 16.80
C ASP A 48 -38.31 -35.84 15.83
N GLN A 49 -38.59 -35.66 14.54
CA GLN A 49 -37.98 -36.48 13.51
C GLN A 49 -36.75 -35.83 12.90
N VAL A 50 -36.51 -34.55 13.22
CA VAL A 50 -35.26 -33.91 12.80
C VAL A 50 -34.15 -34.31 13.75
N GLU A 51 -33.02 -34.76 13.19
CA GLU A 51 -31.93 -35.30 14.01
C GLU A 51 -30.70 -34.39 14.08
N ASP A 52 -30.69 -33.34 13.28
CA ASP A 52 -29.61 -32.35 13.27
C ASP A 52 -30.05 -31.19 12.39
N VAL A 53 -29.83 -29.97 12.85
CA VAL A 53 -30.06 -28.77 12.03
C VAL A 53 -28.70 -28.15 11.75
N ILE A 54 -28.22 -28.31 10.52
CA ILE A 54 -26.91 -27.84 10.10
C ILE A 54 -27.02 -26.61 9.20
N LEU A 55 -26.59 -25.44 9.70
CA LEU A 55 -26.82 -24.19 8.97
C LEU A 55 -25.53 -23.48 8.58
N GLY A 56 -25.44 -23.08 7.31
CA GLY A 56 -24.37 -22.20 6.89
C GLY A 56 -24.65 -20.79 7.39
N HIS A 57 -23.67 -20.22 8.08
CA HIS A 57 -23.82 -18.94 8.76
C HIS A 57 -22.46 -18.27 8.74
N CYS A 58 -22.34 -17.14 8.05
CA CYS A 58 -21.01 -16.61 7.77
C CYS A 58 -20.56 -15.39 8.60
N TYR A 59 -21.48 -14.80 9.35
CA TYR A 59 -21.11 -13.75 10.30
C TYR A 59 -21.64 -14.05 11.67
N PRO A 60 -21.30 -15.24 12.20
CA PRO A 60 -21.82 -15.62 13.51
C PRO A 60 -21.24 -14.73 14.61
N ASN A 61 -22.00 -14.59 15.68
CA ASN A 61 -21.60 -13.90 16.89
C ASN A 61 -22.35 -14.57 18.02
N SER A 62 -22.10 -14.17 19.26
CA SER A 62 -22.73 -14.82 20.40
C SER A 62 -24.19 -14.49 20.66
N GLU A 63 -24.85 -13.79 19.75
CA GLU A 63 -26.30 -13.71 19.86
C GLU A 63 -26.90 -15.04 19.54
N ALA A 64 -26.23 -15.80 18.70
CA ALA A 64 -26.73 -17.12 18.27
C ALA A 64 -25.59 -18.12 18.06
N PRO A 65 -25.00 -18.60 19.15
CA PRO A 65 -23.97 -19.64 19.10
C PRO A 65 -24.51 -20.96 18.49
N ALA A 66 -23.64 -21.73 17.83
CA ALA A 66 -24.04 -22.94 17.09
C ALA A 66 -25.44 -22.83 16.50
N ILE A 67 -25.61 -21.83 15.63
CA ILE A 67 -26.93 -21.29 15.32
C ILE A 67 -27.99 -22.31 14.89
N GLY A 68 -27.57 -23.46 14.37
CA GLY A 68 -28.51 -24.48 13.99
C GLY A 68 -29.39 -24.91 15.16
N ARG A 69 -28.80 -25.00 16.34
CA ARG A 69 -29.52 -25.34 17.56
C ARG A 69 -30.41 -24.22 18.10
N VAL A 70 -30.00 -22.98 17.94
CA VAL A 70 -30.82 -21.86 18.37
C VAL A 70 -32.03 -21.74 17.45
N VAL A 71 -31.82 -21.92 16.15
CA VAL A 71 -32.92 -21.90 15.20
C VAL A 71 -33.83 -23.11 15.45
N ALA A 72 -33.24 -24.25 15.76
CA ALA A 72 -34.04 -25.40 16.11
C ALA A 72 -34.95 -25.11 17.30
N LEU A 73 -34.38 -24.71 18.43
CA LEU A 73 -35.18 -24.47 19.63
C LEU A 73 -36.15 -23.32 19.49
N ASP A 74 -35.70 -22.20 18.95
CA ASP A 74 -36.57 -21.04 18.73
C ASP A 74 -37.67 -21.26 17.68
N ALA A 75 -37.54 -22.31 16.87
CA ALA A 75 -38.60 -22.65 15.93
C ALA A 75 -39.56 -23.61 16.60
N GLY A 76 -39.24 -24.01 17.81
CA GLY A 76 -40.12 -24.88 18.59
C GLY A 76 -39.81 -26.35 18.49
N LEU A 77 -38.67 -26.73 17.91
CA LEU A 77 -38.31 -28.15 17.85
C LEU A 77 -38.00 -28.60 19.25
N PRO A 78 -38.07 -29.92 19.51
CA PRO A 78 -37.78 -30.34 20.87
C PRO A 78 -36.32 -30.09 21.30
N ILE A 79 -36.08 -30.06 22.60
CA ILE A 79 -34.75 -29.91 23.15
C ILE A 79 -33.83 -31.08 22.80
N THR A 80 -34.42 -32.13 22.25
CA THR A 80 -33.66 -33.30 21.85
C THR A 80 -32.99 -33.16 20.47
N VAL A 81 -33.23 -32.06 19.76
CA VAL A 81 -32.67 -31.93 18.42
C VAL A 81 -31.37 -31.12 18.36
N PRO A 82 -30.23 -31.81 18.10
CA PRO A 82 -28.93 -31.15 18.01
C PRO A 82 -28.86 -30.19 16.83
N GLY A 83 -27.84 -29.34 16.81
CA GLY A 83 -27.67 -28.46 15.67
C GLY A 83 -26.36 -27.72 15.76
N MET A 84 -25.94 -27.13 14.64
CA MET A 84 -24.62 -26.53 14.55
C MET A 84 -24.53 -25.40 13.52
N GLN A 85 -23.32 -24.90 13.32
CA GLN A 85 -22.99 -23.83 12.37
C GLN A 85 -21.76 -24.19 11.54
N VAL A 86 -21.80 -23.87 10.23
CA VAL A 86 -20.61 -24.08 9.40
C VAL A 86 -20.31 -22.84 8.56
N ASP A 87 -19.03 -22.59 8.30
CA ASP A 87 -18.63 -21.48 7.44
C ASP A 87 -17.55 -21.91 6.45
N ARG A 88 -17.88 -21.80 5.16
CA ARG A 88 -16.90 -21.83 4.06
C ARG A 88 -17.17 -20.63 3.14
N ARG A 89 -17.39 -19.48 3.77
CA ARG A 89 -17.86 -18.25 3.11
C ARG A 89 -18.99 -18.53 2.10
N CYS A 90 -18.84 -18.09 0.86
CA CYS A 90 -19.98 -18.06 -0.05
C CYS A 90 -20.59 -19.44 -0.39
N GLY A 91 -19.84 -20.51 -0.13
CA GLY A 91 -20.34 -21.85 -0.40
C GLY A 91 -20.93 -22.53 0.83
N SER A 92 -21.17 -21.75 1.88
CA SER A 92 -21.52 -22.26 3.20
C SER A 92 -22.82 -23.07 3.23
N GLY A 93 -23.80 -22.66 2.42
CA GLY A 93 -25.10 -23.31 2.42
C GLY A 93 -25.14 -24.61 1.65
N LEU A 94 -24.23 -24.76 0.68
CA LEU A 94 -24.01 -26.01 -0.04
C LEU A 94 -23.24 -26.95 0.85
N GLN A 95 -22.26 -26.41 1.55
CA GLN A 95 -21.49 -27.21 2.50
C GLN A 95 -22.40 -27.93 3.50
N ALA A 96 -23.45 -27.24 3.95
CA ALA A 96 -24.35 -27.78 4.96
C ALA A 96 -25.15 -28.93 4.35
N VAL A 97 -25.51 -28.75 3.07
CA VAL A 97 -26.21 -29.78 2.34
C VAL A 97 -25.34 -31.02 2.21
N ILE A 98 -24.08 -30.80 1.82
CA ILE A 98 -23.13 -31.89 1.66
C ILE A 98 -22.87 -32.60 2.99
N GLN A 99 -22.78 -31.85 4.07
CA GLN A 99 -22.57 -32.46 5.39
C GLN A 99 -23.77 -33.28 5.80
N ALA A 100 -24.95 -32.75 5.55
CA ALA A 100 -26.20 -33.40 5.92
C ALA A 100 -26.31 -34.70 5.14
N CYS A 101 -25.96 -34.64 3.86
CA CYS A 101 -25.92 -35.79 2.99
C CYS A 101 -24.97 -36.86 3.49
N LEU A 102 -23.75 -36.48 3.85
CA LEU A 102 -22.79 -37.45 4.32
C LEU A 102 -23.31 -38.27 5.49
N GLN A 103 -24.08 -37.64 6.36
CA GLN A 103 -24.39 -38.26 7.64
C GLN A 103 -25.79 -38.87 7.63
N VAL A 104 -26.46 -38.77 6.48
CA VAL A 104 -27.62 -39.60 6.18
C VAL A 104 -27.20 -40.86 5.41
N ARG A 105 -26.38 -40.68 4.38
CA ARG A 105 -25.88 -41.81 3.61
C ARG A 105 -25.04 -42.78 4.43
N SER A 106 -24.38 -42.27 5.47
CA SER A 106 -23.54 -43.10 6.32
C SER A 106 -24.36 -44.08 7.15
N GLY A 107 -25.68 -43.88 7.17
CA GLY A 107 -26.55 -44.64 8.04
C GLY A 107 -26.63 -44.03 9.43
N ASP A 108 -25.95 -42.90 9.65
CA ASP A 108 -26.00 -42.28 10.97
C ASP A 108 -27.37 -41.67 11.28
N HIS A 109 -27.86 -40.81 10.38
CA HIS A 109 -29.16 -40.13 10.57
C HIS A 109 -30.12 -40.42 9.43
N ASP A 110 -31.42 -40.48 9.72
CA ASP A 110 -32.41 -40.70 8.66
C ASP A 110 -33.01 -39.41 8.16
N LEU A 111 -33.00 -38.38 9.02
CA LEU A 111 -33.53 -37.07 8.64
C LEU A 111 -32.86 -35.92 9.39
N VAL A 112 -32.23 -35.02 8.64
CA VAL A 112 -31.71 -33.80 9.22
C VAL A 112 -32.16 -32.63 8.37
N VAL A 113 -32.07 -31.43 8.94
CA VAL A 113 -32.33 -30.21 8.22
C VAL A 113 -31.01 -29.60 7.85
N ALA A 114 -30.88 -29.22 6.59
CA ALA A 114 -29.73 -28.47 6.10
C ALA A 114 -30.20 -27.10 5.60
N GLY A 115 -29.51 -26.05 6.03
CA GLY A 115 -29.83 -24.76 5.48
C GLY A 115 -28.77 -23.72 5.69
N GLY A 116 -29.18 -22.45 5.60
CA GLY A 116 -28.27 -21.36 5.80
C GLY A 116 -29.04 -20.12 6.20
N ALA A 117 -28.40 -19.22 6.94
CA ALA A 117 -29.08 -18.02 7.38
C ALA A 117 -28.12 -16.87 7.54
N GLU A 118 -28.47 -15.72 6.96
CA GLU A 118 -27.67 -14.52 7.11
C GLU A 118 -28.53 -13.28 7.30
N SER A 119 -28.17 -12.48 8.30
CA SER A 119 -28.72 -11.12 8.39
C SER A 119 -27.53 -10.20 8.24
N MET A 120 -27.26 -9.78 7.01
CA MET A 120 -26.12 -8.91 6.76
C MET A 120 -26.43 -7.50 7.22
N SER A 121 -27.73 -7.17 7.31
CA SER A 121 -28.20 -5.93 7.92
C SER A 121 -27.71 -5.79 9.35
N ASN A 122 -27.65 -6.92 10.05
CA ASN A 122 -27.33 -6.91 11.46
C ASN A 122 -25.99 -7.55 11.85
N VAL A 123 -25.07 -7.70 10.90
CA VAL A 123 -23.72 -8.17 11.25
C VAL A 123 -23.07 -7.22 12.29
N ALA A 124 -22.40 -7.79 13.29
CA ALA A 124 -21.98 -7.03 14.45
C ALA A 124 -20.76 -6.13 14.22
N PHE A 125 -20.64 -5.14 15.09
CA PHE A 125 -19.39 -4.40 15.27
C PHE A 125 -18.60 -5.04 16.40
N TYR A 126 -17.31 -5.25 16.21
CA TYR A 126 -16.53 -5.98 17.21
C TYR A 126 -15.15 -5.36 17.47
N SER A 127 -14.59 -5.67 18.64
CA SER A 127 -13.31 -5.12 19.04
C SER A 127 -12.47 -6.16 19.76
N THR A 128 -11.21 -6.29 19.36
CA THR A 128 -10.26 -7.12 20.09
C THR A 128 -9.51 -6.29 21.11
N ASP A 129 -9.94 -5.03 21.28
CA ASP A 129 -9.22 -4.04 22.06
C ASP A 129 -9.84 -3.69 23.39
N MET A 130 -10.84 -4.45 23.85
CA MET A 130 -11.53 -4.10 25.09
C MET A 130 -11.33 -5.08 26.26
N ARG A 131 -10.55 -6.14 26.08
CA ARG A 131 -10.44 -7.18 27.10
C ARG A 131 -9.32 -6.95 28.09
N TRP A 132 -8.21 -6.47 27.57
CA TRP A 132 -7.04 -6.31 28.39
C TRP A 132 -6.62 -4.84 28.40
N GLY A 133 -7.50 -3.99 27.88
CA GLY A 133 -7.36 -2.56 28.01
C GLY A 133 -6.78 -1.87 26.80
N GLY A 134 -7.19 -0.61 26.57
CA GLY A 134 -6.79 0.09 25.37
C GLY A 134 -6.00 1.37 25.57
N ALA A 135 -5.38 1.54 26.73
CA ALA A 135 -4.62 2.76 27.03
C ALA A 135 -3.41 2.97 26.11
N ARG A 136 -2.74 1.89 25.70
CA ARG A 136 -1.51 2.01 24.91
C ARG A 136 -1.70 1.77 23.44
N THR A 137 -2.82 1.16 23.06
CA THR A 137 -3.05 0.81 21.68
C THR A 137 -4.13 1.69 21.11
N GLY A 138 -4.98 2.17 22.00
CA GLY A 138 -6.23 2.77 21.61
C GLY A 138 -7.27 1.68 21.56
N VAL A 139 -8.47 2.02 21.15
CA VAL A 139 -9.53 1.06 21.02
C VAL A 139 -10.16 1.20 19.66
N GLN A 140 -10.22 0.09 18.90
CA GLN A 140 -10.89 0.08 17.60
C GLN A 140 -12.07 -0.85 17.60
N ILE A 141 -13.11 -0.48 16.86
CA ILE A 141 -14.26 -1.36 16.73
C ILE A 141 -14.57 -1.50 15.25
N HIS A 142 -14.60 -2.74 14.76
CA HIS A 142 -14.72 -2.97 13.33
C HIS A 142 -16.09 -3.42 12.90
N ASP A 143 -16.54 -2.89 11.77
CA ASP A 143 -17.67 -3.47 11.04
C ASP A 143 -17.30 -4.90 10.57
N GLY A 144 -18.08 -5.89 11.00
CA GLY A 144 -17.85 -7.26 10.58
C GLY A 144 -17.85 -7.48 9.08
N LEU A 145 -18.65 -6.71 8.34
CA LEU A 145 -18.71 -6.80 6.87
C LEU A 145 -17.51 -6.14 6.23
N ALA A 146 -17.24 -4.89 6.62
CA ALA A 146 -16.14 -4.16 6.04
C ALA A 146 -14.85 -4.88 6.35
N ARG A 147 -14.68 -5.28 7.60
CA ARG A 147 -13.46 -5.96 8.01
C ARG A 147 -13.23 -7.28 7.27
N GLY A 148 -14.28 -8.07 7.08
CA GLY A 148 -14.18 -9.31 6.33
C GLY A 148 -13.72 -9.15 4.89
N ARG A 149 -13.80 -7.94 4.36
CA ARG A 149 -13.43 -7.71 2.96
C ARG A 149 -11.93 -7.89 2.71
N THR A 150 -11.13 -7.96 3.77
CA THR A 150 -9.69 -7.98 3.57
C THR A 150 -8.95 -9.13 4.25
N THR A 151 -9.67 -9.93 5.04
CA THR A 151 -9.02 -10.92 5.89
C THR A 151 -9.12 -12.36 5.41
N ALA A 152 -10.05 -12.63 4.51
CA ALA A 152 -10.38 -14.00 4.14
C ALA A 152 -9.18 -14.77 3.57
N GLY A 153 -8.20 -14.04 3.02
CA GLY A 153 -7.05 -14.69 2.40
C GLY A 153 -5.79 -14.69 3.24
N GLY A 154 -5.90 -14.32 4.51
CA GLY A 154 -4.75 -14.32 5.39
C GLY A 154 -3.78 -13.20 5.06
N LYS A 155 -2.57 -13.34 5.57
CA LYS A 155 -1.58 -12.27 5.55
C LYS A 155 -0.56 -12.38 4.41
N PHE A 156 -0.52 -13.54 3.75
CA PHE A 156 0.45 -13.76 2.67
C PHE A 156 -0.13 -13.58 1.30
N HIS A 157 -1.44 -13.39 1.24
CA HIS A 157 -2.12 -13.17 -0.04
C HIS A 157 -3.10 -12.04 0.11
N PRO A 158 -2.59 -10.83 0.38
CA PRO A 158 -3.47 -9.69 0.61
C PRO A 158 -4.20 -9.26 -0.65
N VAL A 159 -5.42 -8.78 -0.47
CA VAL A 159 -6.22 -8.17 -1.51
C VAL A 159 -6.97 -7.06 -0.82
N PRO A 160 -6.48 -5.82 -0.97
CA PRO A 160 -7.05 -4.64 -0.30
C PRO A 160 -8.54 -4.40 -0.59
N GLY A 161 -8.95 -4.48 -1.86
CA GLY A 161 -10.34 -4.24 -2.23
C GLY A 161 -11.23 -5.47 -2.18
N GLY A 162 -10.74 -6.53 -1.54
CA GLY A 162 -11.55 -7.71 -1.35
C GLY A 162 -12.03 -8.41 -2.59
N MET A 163 -13.23 -8.97 -2.51
CA MET A 163 -13.79 -9.77 -3.58
C MET A 163 -14.06 -8.94 -4.81
N LEU A 164 -14.30 -7.66 -4.63
CA LEU A 164 -14.57 -6.79 -5.75
C LEU A 164 -13.30 -6.63 -6.59
N GLU A 165 -12.20 -6.34 -5.90
CA GLU A 165 -10.91 -6.24 -6.55
C GLU A 165 -10.65 -7.50 -7.37
N THR A 166 -10.97 -8.64 -6.78
CA THR A 166 -10.87 -9.94 -7.45
C THR A 166 -11.67 -9.99 -8.74
N ALA A 167 -12.86 -9.38 -8.74
CA ALA A 167 -13.66 -9.35 -9.93
C ALA A 167 -12.95 -8.52 -10.98
N GLU A 168 -12.31 -7.43 -10.57
CA GLU A 168 -11.58 -6.60 -11.51
C GLU A 168 -10.43 -7.37 -12.14
N ASN A 169 -9.69 -8.11 -11.31
CA ASN A 169 -8.64 -8.97 -11.82
C ASN A 169 -9.12 -9.96 -12.87
N LEU A 170 -10.32 -10.52 -12.72
CA LEU A 170 -10.83 -11.46 -13.73
C LEU A 170 -11.33 -10.72 -14.95
N ARG A 171 -11.76 -9.48 -14.76
CA ARG A 171 -12.14 -8.62 -15.88
C ARG A 171 -10.92 -8.25 -16.70
N ARG A 172 -9.84 -7.93 -16.00
CA ARG A 172 -8.60 -7.54 -16.66
C ARG A 172 -8.00 -8.67 -17.44
N GLU A 173 -7.98 -9.87 -16.87
CA GLU A 173 -7.27 -10.98 -17.48
C GLU A 173 -8.06 -11.62 -18.61
N TYR A 174 -9.37 -11.62 -18.49
CA TYR A 174 -10.20 -12.25 -19.51
C TYR A 174 -10.71 -11.21 -20.51
N HIS A 175 -10.22 -9.98 -20.38
CA HIS A 175 -10.63 -8.89 -21.27
C HIS A 175 -12.15 -8.81 -21.40
N ILE A 176 -12.84 -8.67 -20.27
CA ILE A 176 -14.28 -8.66 -20.24
C ILE A 176 -14.81 -7.24 -20.21
N SER A 177 -15.73 -6.94 -21.13
CA SER A 177 -16.18 -5.56 -21.35
C SER A 177 -17.28 -5.16 -20.40
N ARG A 178 -17.34 -3.87 -20.10
CA ARG A 178 -18.33 -3.30 -19.20
C ARG A 178 -19.75 -3.59 -19.67
N THR A 179 -19.92 -3.66 -20.99
CA THR A 179 -21.22 -3.84 -21.57
C THR A 179 -21.63 -5.30 -21.36
N GLU A 180 -20.75 -6.22 -21.75
CA GLU A 180 -20.95 -7.66 -21.57
C GLU A 180 -21.34 -8.07 -20.12
N GLN A 181 -20.48 -7.78 -19.13
CA GLN A 181 -20.93 -7.50 -17.73
C GLN A 181 -22.36 -6.99 -17.53
N ASP A 182 -22.71 -5.84 -18.11
CA ASP A 182 -24.00 -5.24 -17.75
C ASP A 182 -25.15 -6.00 -18.40
N GLU A 183 -24.90 -6.56 -19.57
CA GLU A 183 -25.87 -7.36 -20.28
C GLU A 183 -26.33 -8.56 -19.44
N LEU A 184 -25.36 -9.17 -18.77
CA LEU A 184 -25.62 -10.32 -17.91
C LEU A 184 -26.51 -9.93 -16.75
N ALA A 185 -26.23 -8.75 -16.20
CA ALA A 185 -27.03 -8.22 -15.10
C ALA A 185 -28.49 -8.05 -15.49
N VAL A 186 -28.72 -7.47 -16.67
CA VAL A 186 -30.06 -7.28 -17.19
C VAL A 186 -30.74 -8.63 -17.29
N ARG A 187 -30.07 -9.56 -17.94
CA ARG A 187 -30.58 -10.92 -18.12
C ARG A 187 -30.85 -11.63 -16.79
N SER A 188 -29.98 -11.37 -15.81
CA SER A 188 -30.17 -11.81 -14.44
C SER A 188 -31.49 -11.30 -13.84
N HIS A 189 -31.78 -10.03 -14.08
CA HIS A 189 -33.00 -9.38 -13.59
C HIS A 189 -34.27 -9.80 -14.30
N GLN A 190 -34.19 -10.00 -15.61
CA GLN A 190 -35.36 -10.44 -16.38
C GLN A 190 -35.83 -11.81 -15.90
N ARG A 191 -34.87 -12.71 -15.69
CA ARG A 191 -35.19 -14.06 -15.25
C ARG A 191 -35.80 -14.04 -13.85
N ALA A 192 -35.34 -13.11 -13.02
CA ALA A 192 -35.86 -12.97 -11.68
C ALA A 192 -37.31 -12.52 -11.73
N VAL A 193 -37.53 -11.39 -12.38
CA VAL A 193 -38.87 -10.81 -12.52
C VAL A 193 -39.82 -11.75 -13.29
N ALA A 194 -39.36 -12.29 -14.42
CA ALA A 194 -40.14 -13.29 -15.16
C ALA A 194 -40.62 -14.44 -14.27
N ALA A 195 -39.73 -14.96 -13.42
CA ALA A 195 -40.07 -16.07 -12.55
C ALA A 195 -41.14 -15.67 -11.53
N GLN A 196 -41.10 -14.42 -11.08
CA GLN A 196 -42.14 -13.94 -10.17
C GLN A 196 -43.48 -13.99 -10.87
N SER A 197 -43.57 -13.41 -12.07
CA SER A 197 -44.83 -13.39 -12.82
C SER A 197 -45.40 -14.78 -13.17
N GLU A 198 -44.55 -15.76 -13.40
CA GLU A 198 -45.01 -17.09 -13.77
C GLU A 198 -45.47 -17.92 -12.56
N GLY A 199 -45.36 -17.34 -11.38
CA GLY A 199 -45.78 -18.02 -10.15
C GLY A 199 -44.92 -19.21 -9.74
N VAL A 200 -43.73 -19.32 -10.32
CA VAL A 200 -42.86 -20.44 -10.00
C VAL A 200 -42.13 -20.26 -8.67
N LEU A 201 -41.94 -19.00 -8.26
CA LEU A 201 -41.22 -18.71 -7.03
C LEU A 201 -42.03 -19.07 -5.79
N ALA A 202 -43.35 -19.04 -5.91
CA ALA A 202 -44.24 -19.28 -4.79
C ALA A 202 -44.03 -20.63 -4.12
N GLU A 203 -43.31 -21.52 -4.79
CA GLU A 203 -43.00 -22.81 -4.18
C GLU A 203 -41.63 -22.84 -3.53
N GLU A 204 -40.73 -21.96 -3.97
CA GLU A 204 -39.45 -21.75 -3.29
C GLU A 204 -39.59 -21.01 -1.97
N ILE A 205 -40.51 -20.06 -1.94
CA ILE A 205 -40.52 -19.01 -0.92
C ILE A 205 -41.45 -19.27 0.28
N ILE A 206 -40.91 -19.06 1.48
CA ILE A 206 -41.70 -18.99 2.70
C ILE A 206 -41.88 -17.54 3.08
N PRO A 207 -43.12 -17.04 3.03
CA PRO A 207 -43.34 -15.61 3.30
C PRO A 207 -43.04 -15.20 4.75
N VAL A 208 -42.55 -13.97 4.92
CA VAL A 208 -42.00 -13.49 6.18
C VAL A 208 -42.76 -12.32 6.79
N PRO A 209 -43.45 -12.56 7.90
CA PRO A 209 -44.18 -11.51 8.62
C PRO A 209 -43.27 -10.46 9.26
N VAL A 210 -43.53 -9.19 9.01
CA VAL A 210 -42.79 -8.11 9.67
C VAL A 210 -43.78 -7.13 10.35
N ARG A 211 -43.39 -6.59 11.50
CA ARG A 211 -44.29 -5.80 12.36
C ARG A 211 -44.79 -4.48 11.75
N THR A 212 -46.00 -4.08 12.18
CA THR A 212 -46.62 -2.81 11.76
C THR A 212 -46.68 -2.68 10.25
N GLU A 217 -47.12 -7.08 8.83
CA GLU A 217 -47.50 -7.52 7.49
C GLU A 217 -46.58 -8.61 6.93
N THR A 218 -47.12 -9.39 5.98
CA THR A 218 -46.44 -10.55 5.44
C THR A 218 -45.78 -10.24 4.11
N ILE A 219 -44.48 -10.56 4.02
CA ILE A 219 -43.72 -10.25 2.82
C ILE A 219 -43.38 -11.53 2.06
N SER A 220 -43.60 -11.52 0.74
CA SER A 220 -43.44 -12.73 -0.04
C SER A 220 -42.55 -12.59 -1.26
N VAL A 221 -42.05 -11.39 -1.51
CA VAL A 221 -41.42 -11.09 -2.80
C VAL A 221 -40.05 -10.48 -2.60
N ASP A 222 -39.07 -10.89 -3.40
CA ASP A 222 -37.72 -10.38 -3.23
C ASP A 222 -37.62 -8.88 -3.52
N GLU A 223 -36.80 -8.20 -2.72
CA GLU A 223 -36.64 -6.75 -2.77
C GLU A 223 -35.79 -6.23 -3.92
N HIS A 224 -34.86 -7.04 -4.43
CA HIS A 224 -33.91 -6.46 -5.37
C HIS A 224 -34.18 -6.59 -6.87
N PRO A 225 -34.91 -7.61 -7.32
CA PRO A 225 -35.16 -7.51 -8.75
C PRO A 225 -35.96 -6.27 -9.13
N ARG A 226 -35.70 -5.73 -10.32
CA ARG A 226 -36.46 -4.64 -10.90
C ARG A 226 -36.68 -4.88 -12.40
N ALA A 227 -37.95 -4.87 -12.81
CA ALA A 227 -38.30 -5.17 -14.20
C ALA A 227 -37.72 -4.17 -15.19
N ASP A 228 -37.39 -2.98 -14.72
CA ASP A 228 -37.02 -1.89 -15.62
C ASP A 228 -35.54 -1.87 -15.97
N THR A 229 -34.79 -2.89 -15.59
CA THR A 229 -33.35 -2.84 -15.78
C THR A 229 -32.95 -2.88 -17.26
N THR A 230 -32.03 -1.99 -17.64
CA THR A 230 -31.57 -1.84 -19.02
C THR A 230 -30.06 -1.66 -19.03
N VAL A 231 -29.40 -2.07 -20.13
CA VAL A 231 -27.97 -1.81 -20.27
C VAL A 231 -27.69 -0.33 -20.12
N GLU A 232 -28.62 0.49 -20.60
CA GLU A 232 -28.48 1.94 -20.60
C GLU A 232 -28.40 2.49 -19.18
N ALA A 233 -29.37 2.12 -18.35
CA ALA A 233 -29.39 2.51 -16.96
C ALA A 233 -28.10 2.11 -16.25
N LEU A 234 -27.71 0.86 -16.44
CA LEU A 234 -26.56 0.28 -15.78
C LEU A 234 -25.29 0.99 -16.22
N ALA A 235 -25.28 1.42 -17.48
CA ALA A 235 -24.12 2.12 -18.04
C ALA A 235 -23.73 3.38 -17.28
N LYS A 236 -24.66 3.93 -16.51
CA LYS A 236 -24.44 5.21 -15.88
C LYS A 236 -23.66 5.06 -14.56
N LEU A 237 -23.86 3.93 -13.87
CA LEU A 237 -23.20 3.69 -12.59
C LEU A 237 -21.68 3.80 -12.66
N LYS A 238 -21.08 4.32 -11.60
CA LYS A 238 -19.64 4.45 -11.53
C LYS A 238 -19.01 3.19 -10.93
N PRO A 239 -18.05 2.60 -11.65
CA PRO A 239 -17.24 1.48 -11.17
C PRO A 239 -16.64 1.76 -9.80
N VAL A 240 -16.90 0.89 -8.84
CA VAL A 240 -16.56 1.12 -7.42
C VAL A 240 -15.10 1.53 -7.21
N LEU A 241 -14.19 0.91 -7.97
CA LEU A 241 -12.76 1.14 -7.81
C LEU A 241 -12.16 1.93 -8.96
N LEU A 242 -12.84 2.96 -9.44
CA LEU A 242 -12.32 3.71 -10.58
C LEU A 242 -11.15 4.61 -10.18
N LYS A 243 -11.17 5.11 -8.95
CA LYS A 243 -10.10 5.96 -8.46
C LYS A 243 -8.73 5.28 -8.64
N GLN A 244 -8.68 3.98 -8.33
CA GLN A 244 -7.46 3.18 -8.51
C GLN A 244 -7.26 2.66 -9.94
N ASP A 245 -8.35 2.34 -10.61
CA ASP A 245 -8.28 1.72 -11.92
C ASP A 245 -9.07 2.51 -12.98
N PRO A 246 -8.35 3.17 -13.90
CA PRO A 246 -9.06 3.91 -14.95
C PRO A 246 -9.96 3.01 -15.79
N GLU A 247 -9.66 1.72 -15.81
CA GLU A 247 -10.37 0.78 -16.66
C GLU A 247 -11.32 -0.16 -15.93
N ALA A 248 -11.70 0.19 -14.71
CA ALA A 248 -12.64 -0.59 -13.92
C ALA A 248 -13.99 -0.75 -14.63
N THR A 249 -14.70 -1.85 -14.36
CA THR A 249 -16.01 -2.11 -14.93
C THR A 249 -17.10 -2.44 -13.91
N VAL A 250 -16.69 -2.93 -12.74
CA VAL A 250 -17.62 -3.50 -11.77
C VAL A 250 -18.36 -2.46 -10.97
N THR A 251 -19.67 -2.44 -11.09
CA THR A 251 -20.49 -1.46 -10.39
C THR A 251 -21.41 -2.15 -9.40
N ALA A 252 -22.19 -1.34 -8.71
CA ALA A 252 -23.25 -1.82 -7.84
C ALA A 252 -24.32 -2.55 -8.67
N GLY A 253 -24.41 -2.19 -9.95
CA GLY A 253 -25.41 -2.75 -10.85
C GLY A 253 -25.08 -4.13 -11.41
N ASN A 254 -23.82 -4.39 -11.71
CA ASN A 254 -23.40 -5.71 -12.13
C ASN A 254 -22.61 -6.41 -11.04
N SER A 255 -22.86 -6.02 -9.79
CA SER A 255 -22.37 -6.78 -8.65
C SER A 255 -23.52 -7.45 -7.97
N SER A 256 -23.18 -8.49 -7.25
CA SER A 256 -24.06 -9.08 -6.28
C SER A 256 -24.08 -8.25 -5.01
N GLY A 257 -25.20 -8.29 -4.28
CA GLY A 257 -25.36 -7.43 -3.13
C GLY A 257 -25.18 -8.03 -1.75
N GLN A 258 -25.25 -7.17 -0.74
CA GLN A 258 -25.36 -7.57 0.63
C GLN A 258 -26.85 -7.66 1.00
N ASN A 259 -27.26 -8.75 1.66
CA ASN A 259 -28.67 -9.13 1.75
C ASN A 259 -29.05 -10.00 2.99
N ASP A 260 -30.36 -10.20 3.22
CA ASP A 260 -30.87 -10.93 4.40
C ASP A 260 -31.83 -12.07 4.03
N ALA A 261 -31.52 -13.30 4.41
CA ALA A 261 -32.40 -14.44 4.10
C ALA A 261 -31.99 -15.70 4.84
N ALA A 262 -32.91 -16.65 4.89
CA ALA A 262 -32.56 -17.99 5.34
C ALA A 262 -33.09 -19.02 4.34
N SER A 263 -32.44 -20.18 4.28
CA SER A 263 -32.86 -21.27 3.41
C SER A 263 -32.92 -22.52 4.23
N MET A 264 -33.88 -23.38 3.92
CA MET A 264 -33.98 -24.66 4.59
C MET A 264 -34.36 -25.71 3.60
N CYS A 265 -33.92 -26.94 3.84
CA CYS A 265 -34.44 -28.09 3.13
C CYS A 265 -34.31 -29.29 4.03
N ILE A 266 -34.87 -30.42 3.59
CA ILE A 266 -34.81 -31.66 4.32
C ILE A 266 -33.85 -32.60 3.64
N VAL A 267 -32.98 -33.25 4.41
CA VAL A 267 -32.13 -34.26 3.82
C VAL A 267 -32.48 -35.61 4.43
N THR A 268 -32.95 -36.54 3.61
CA THR A 268 -33.37 -37.83 4.12
C THR A 268 -33.09 -38.98 3.16
N THR A 269 -33.58 -40.17 3.51
CA THR A 269 -33.44 -41.34 2.64
C THR A 269 -34.64 -41.42 1.71
N PRO A 270 -34.57 -42.27 0.68
CA PRO A 270 -35.78 -42.51 -0.11
C PRO A 270 -36.91 -43.17 0.70
N GLU A 271 -36.56 -44.11 1.57
CA GLU A 271 -37.57 -44.79 2.38
C GLU A 271 -38.26 -43.84 3.34
N LYS A 272 -37.45 -43.14 4.13
CA LYS A 272 -37.97 -42.18 5.11
C LYS A 272 -38.87 -41.13 4.49
N ALA A 273 -38.55 -40.72 3.26
CA ALA A 273 -39.38 -39.76 2.54
C ALA A 273 -40.76 -40.31 2.27
N ALA A 274 -40.77 -41.56 1.79
CA ALA A 274 -41.97 -42.26 1.38
C ALA A 274 -42.87 -42.48 2.58
N GLU A 275 -42.27 -43.03 3.63
CA GLU A 275 -42.94 -43.23 4.91
C GLU A 275 -43.58 -41.95 5.44
N LEU A 276 -42.97 -40.79 5.17
CA LEU A 276 -43.43 -39.51 5.69
C LEU A 276 -44.20 -38.66 4.68
N GLY A 277 -44.43 -39.19 3.49
CA GLY A 277 -45.21 -38.47 2.52
C GLY A 277 -44.43 -37.41 1.77
N LEU A 278 -43.12 -37.38 1.95
CA LEU A 278 -42.28 -36.38 1.29
C LEU A 278 -42.09 -36.70 -0.19
N LYS A 279 -41.98 -35.67 -1.01
CA LYS A 279 -41.64 -35.85 -2.41
C LYS A 279 -40.18 -35.50 -2.68
N PRO A 280 -39.33 -36.52 -2.79
CA PRO A 280 -37.91 -36.30 -3.06
C PRO A 280 -37.71 -35.58 -4.36
N LEU A 281 -37.03 -34.43 -4.36
CA LEU A 281 -36.76 -33.76 -5.63
C LEU A 281 -35.49 -34.28 -6.29
N VAL A 282 -34.38 -34.29 -5.55
CA VAL A 282 -33.10 -34.66 -6.13
C VAL A 282 -32.26 -35.49 -5.19
N ARG A 283 -31.19 -36.06 -5.75
CA ARG A 283 -30.17 -36.77 -4.99
C ARG A 283 -28.83 -36.18 -5.37
N LEU A 284 -27.89 -36.19 -4.42
CA LEU A 284 -26.57 -35.61 -4.64
C LEU A 284 -25.64 -36.62 -5.26
N VAL A 285 -25.28 -36.40 -6.52
CA VAL A 285 -24.41 -37.34 -7.23
C VAL A 285 -22.99 -37.30 -6.65
N SER A 286 -22.41 -36.10 -6.64
CA SER A 286 -21.08 -35.90 -6.09
C SER A 286 -20.82 -34.43 -5.84
N TRP A 287 -19.71 -34.15 -5.17
CA TRP A 287 -19.34 -32.77 -4.96
C TRP A 287 -17.82 -32.63 -5.02
N GLY A 288 -17.36 -31.41 -5.24
CA GLY A 288 -15.94 -31.16 -5.18
C GLY A 288 -15.68 -29.81 -4.57
N SER A 289 -14.54 -29.70 -3.88
CA SER A 289 -14.06 -28.40 -3.43
C SER A 289 -12.70 -28.09 -4.07
N ALA A 290 -12.22 -26.87 -3.90
CA ALA A 290 -10.95 -26.45 -4.48
C ALA A 290 -10.46 -25.16 -3.86
N GLY A 291 -9.14 -24.95 -3.89
CA GLY A 291 -8.60 -23.67 -3.49
C GLY A 291 -7.96 -23.02 -4.70
N VAL A 292 -8.17 -21.72 -4.86
CA VAL A 292 -7.54 -20.98 -5.94
C VAL A 292 -6.88 -19.79 -5.30
N ALA A 293 -6.02 -19.09 -6.04
CA ALA A 293 -5.32 -17.93 -5.48
C ALA A 293 -6.34 -16.94 -5.01
N PRO A 294 -6.14 -16.39 -3.81
CA PRO A 294 -7.11 -15.46 -3.24
C PRO A 294 -7.49 -14.32 -4.17
N ASP A 295 -6.51 -13.74 -4.88
CA ASP A 295 -6.85 -12.63 -5.75
C ASP A 295 -7.51 -13.09 -7.05
N LEU A 296 -7.60 -14.41 -7.25
CA LEU A 296 -8.34 -14.92 -8.41
C LEU A 296 -9.58 -15.67 -7.96
N MET A 297 -10.11 -15.24 -6.82
CA MET A 297 -11.23 -15.85 -6.11
C MET A 297 -12.38 -16.36 -6.97
N GLY A 298 -12.84 -15.54 -7.90
CA GLY A 298 -14.07 -15.85 -8.61
C GLY A 298 -13.99 -16.99 -9.60
N ILE A 299 -12.78 -17.48 -9.84
CA ILE A 299 -12.59 -18.59 -10.77
C ILE A 299 -12.65 -19.94 -10.06
N GLY A 300 -12.78 -19.92 -8.73
CA GLY A 300 -13.01 -21.11 -7.94
C GLY A 300 -13.95 -22.18 -8.50
N PRO A 301 -15.08 -21.76 -9.06
CA PRO A 301 -16.01 -22.75 -9.61
C PRO A 301 -15.46 -23.57 -10.76
N VAL A 302 -14.39 -23.10 -11.42
CA VAL A 302 -13.82 -23.85 -12.54
C VAL A 302 -13.12 -25.15 -12.06
N PRO A 303 -12.17 -25.08 -11.09
CA PRO A 303 -11.65 -26.36 -10.62
C PRO A 303 -12.60 -27.23 -9.75
N ALA A 304 -13.51 -26.64 -9.00
CA ALA A 304 -14.40 -27.43 -8.16
C ALA A 304 -15.45 -28.15 -8.97
N THR A 305 -15.80 -27.59 -10.12
CA THR A 305 -16.78 -28.24 -10.97
C THR A 305 -16.12 -29.46 -11.61
N GLU A 306 -14.85 -29.33 -11.98
CA GLU A 306 -14.22 -30.45 -12.66
C GLU A 306 -14.00 -31.58 -11.68
N VAL A 307 -13.69 -31.26 -10.44
CA VAL A 307 -13.58 -32.29 -9.42
C VAL A 307 -14.93 -33.01 -9.30
N ALA A 308 -16.00 -32.22 -9.16
CA ALA A 308 -17.31 -32.80 -8.89
C ALA A 308 -17.81 -33.57 -10.10
N LEU A 309 -17.62 -33.05 -11.30
CA LEU A 309 -18.01 -33.76 -12.52
C LEU A 309 -17.23 -35.07 -12.66
N ALA A 310 -15.92 -35.01 -12.44
CA ALA A 310 -15.08 -36.18 -12.56
C ALA A 310 -15.60 -37.32 -11.67
N LYS A 311 -15.82 -37.01 -10.40
CA LYS A 311 -16.33 -37.99 -9.44
C LYS A 311 -17.64 -38.61 -9.91
N ALA A 312 -18.42 -37.82 -10.64
CA ALA A 312 -19.75 -38.24 -11.09
C ALA A 312 -19.71 -39.04 -12.39
N GLY A 313 -18.56 -39.03 -13.06
CA GLY A 313 -18.44 -39.66 -14.35
C GLY A 313 -19.22 -38.88 -15.40
N LEU A 314 -19.31 -37.56 -15.21
CA LEU A 314 -20.00 -36.72 -16.18
C LEU A 314 -19.06 -35.69 -16.77
N THR A 315 -19.54 -34.96 -17.77
CA THR A 315 -18.80 -33.84 -18.34
C THR A 315 -19.75 -32.67 -18.26
N LEU A 316 -19.27 -31.46 -18.55
CA LEU A 316 -20.15 -30.29 -18.45
C LEU A 316 -21.26 -30.32 -19.49
N ALA A 317 -21.13 -31.20 -20.47
CA ALA A 317 -22.18 -31.34 -21.47
C ALA A 317 -23.40 -32.05 -20.87
N ASP A 318 -23.14 -32.91 -19.88
CA ASP A 318 -24.14 -33.80 -19.30
C ASP A 318 -25.08 -33.09 -18.33
N ILE A 319 -24.75 -31.85 -18.01
CA ILE A 319 -25.52 -31.06 -17.07
C ILE A 319 -26.64 -30.29 -17.77
N ASP A 320 -27.89 -30.59 -17.43
CA ASP A 320 -29.05 -29.90 -18.00
C ASP A 320 -29.30 -28.50 -17.41
N LEU A 321 -29.01 -28.36 -16.12
CA LEU A 321 -29.23 -27.12 -15.39
C LEU A 321 -28.02 -26.73 -14.57
N ILE A 322 -27.57 -25.49 -14.73
CA ILE A 322 -26.49 -24.96 -13.93
C ILE A 322 -26.97 -23.84 -13.03
N GLU A 323 -26.60 -23.89 -11.76
CA GLU A 323 -26.71 -22.70 -10.91
C GLU A 323 -25.30 -22.23 -10.60
N LEU A 324 -25.00 -21.00 -10.96
CA LEU A 324 -23.72 -20.39 -10.66
C LEU A 324 -24.01 -19.10 -9.94
N ASN A 325 -23.50 -18.94 -8.72
CA ASN A 325 -23.77 -17.70 -8.01
C ASN A 325 -22.93 -16.64 -8.66
N GLU A 326 -23.55 -15.53 -9.02
CA GLU A 326 -22.80 -14.55 -9.75
C GLU A 326 -22.49 -13.42 -8.80
N ALA A 327 -21.41 -13.60 -8.04
CA ALA A 327 -20.94 -12.61 -7.09
C ALA A 327 -20.66 -11.30 -7.79
N PHE A 328 -20.16 -11.37 -9.02
CA PHE A 328 -20.00 -10.20 -9.87
C PHE A 328 -20.19 -10.63 -11.32
N ALA A 329 -20.60 -9.72 -12.18
CA ALA A 329 -20.72 -10.01 -13.60
C ALA A 329 -19.39 -10.48 -14.20
N ALA A 330 -18.33 -9.70 -14.00
CA ALA A 330 -17.00 -10.05 -14.51
C ALA A 330 -16.54 -11.44 -14.12
N GLN A 331 -16.84 -11.81 -12.88
CA GLN A 331 -16.46 -13.09 -12.32
C GLN A 331 -17.19 -14.25 -13.03
N ALA A 332 -18.52 -14.18 -13.06
CA ALA A 332 -19.35 -15.19 -13.68
C ALA A 332 -18.94 -15.46 -15.11
N LEU A 333 -18.65 -14.39 -15.83
CA LEU A 333 -18.33 -14.47 -17.23
C LEU A 333 -17.00 -15.17 -17.46
N ALA A 334 -16.02 -14.91 -16.59
CA ALA A 334 -14.74 -15.58 -16.67
C ALA A 334 -14.93 -17.09 -16.52
N VAL A 335 -15.82 -17.50 -15.60
CA VAL A 335 -16.16 -18.90 -15.44
C VAL A 335 -16.78 -19.44 -16.70
N MET A 336 -17.79 -18.74 -17.20
CA MET A 336 -18.46 -19.13 -18.43
C MET A 336 -17.49 -19.22 -19.61
N ARG A 337 -16.50 -18.34 -19.63
CA ARG A 337 -15.48 -18.39 -20.66
C ARG A 337 -14.67 -19.66 -20.57
N GLU A 338 -14.12 -19.94 -19.39
CA GLU A 338 -13.42 -21.19 -19.16
C GLU A 338 -14.32 -22.39 -19.43
N TRP A 339 -15.61 -22.20 -19.26
CA TRP A 339 -16.59 -23.23 -19.53
C TRP A 339 -16.95 -23.30 -21.01
N LYS A 340 -16.37 -22.37 -21.78
CA LYS A 340 -16.58 -22.28 -23.22
C LYS A 340 -18.06 -22.16 -23.58
N PHE A 341 -18.77 -21.36 -22.79
CA PHE A 341 -20.21 -21.24 -22.97
C PHE A 341 -20.53 -20.53 -24.27
N GLY A 342 -21.60 -20.97 -24.92
CA GLY A 342 -22.14 -20.26 -26.05
C GLY A 342 -23.48 -19.67 -25.64
N GLU A 343 -23.96 -18.65 -26.37
CA GLU A 343 -25.20 -17.97 -26.01
C GLU A 343 -26.38 -18.91 -25.75
N ALA A 344 -26.26 -20.17 -26.19
CA ALA A 344 -27.29 -21.18 -25.94
C ALA A 344 -27.13 -21.78 -24.55
N ASP A 345 -25.90 -21.81 -24.06
CA ASP A 345 -25.59 -22.30 -22.71
C ASP A 345 -26.14 -21.36 -21.63
N HIS A 346 -26.32 -20.10 -22.00
CA HIS A 346 -26.85 -19.11 -21.07
C HIS A 346 -28.28 -19.42 -20.68
N GLU A 347 -28.97 -20.25 -21.47
CA GLU A 347 -30.40 -20.47 -21.21
C GLU A 347 -30.67 -21.64 -20.28
N ARG A 348 -29.61 -22.35 -19.90
CA ARG A 348 -29.71 -23.43 -18.90
C ARG A 348 -28.93 -23.07 -17.63
N THR A 349 -28.51 -21.82 -17.55
CA THR A 349 -27.74 -21.32 -16.42
C THR A 349 -28.51 -20.22 -15.69
N ASN A 350 -28.78 -20.41 -14.40
CA ASN A 350 -29.46 -19.41 -13.57
C ASN A 350 -30.76 -18.93 -14.15
N VAL A 351 -31.69 -19.84 -14.40
CA VAL A 351 -32.89 -19.49 -15.16
C VAL A 351 -33.91 -18.64 -14.41
N ARG A 352 -33.72 -18.46 -13.09
CA ARG A 352 -34.62 -17.65 -12.26
C ARG A 352 -33.92 -16.45 -11.63
N GLY A 353 -32.76 -16.10 -12.17
CA GLY A 353 -31.94 -15.06 -11.61
C GLY A 353 -30.69 -15.66 -10.98
N SER A 354 -29.87 -14.80 -10.34
CA SER A 354 -28.61 -15.18 -9.71
C SER A 354 -28.29 -14.23 -8.56
N GLY A 355 -27.04 -14.24 -8.11
CA GLY A 355 -26.60 -13.34 -7.06
C GLY A 355 -26.80 -11.85 -7.33
N ILE A 356 -26.62 -11.45 -8.57
CA ILE A 356 -26.76 -10.04 -8.95
C ILE A 356 -28.19 -9.48 -8.83
N SER A 357 -29.20 -10.28 -9.16
CA SER A 357 -30.59 -9.81 -9.15
C SER A 357 -31.36 -10.16 -7.88
N LEU A 358 -31.00 -11.27 -7.23
CA LEU A 358 -31.71 -11.69 -6.03
C LEU A 358 -30.97 -11.29 -4.74
N GLY A 359 -29.68 -10.98 -4.87
CA GLY A 359 -28.87 -10.69 -3.73
C GLY A 359 -27.99 -11.86 -3.33
N HIS A 360 -27.04 -11.62 -2.41
CA HIS A 360 -26.10 -12.65 -1.96
C HIS A 360 -26.02 -12.73 -0.44
N PRO A 361 -27.10 -13.21 0.19
CA PRO A 361 -27.15 -13.34 1.64
C PRO A 361 -26.27 -14.49 2.09
N VAL A 362 -24.96 -14.25 2.09
CA VAL A 362 -23.93 -15.27 2.01
C VAL A 362 -24.32 -16.69 2.45
N GLY A 363 -24.62 -16.88 3.74
CA GLY A 363 -24.88 -18.22 4.27
C GLY A 363 -26.10 -18.94 3.68
N ALA A 364 -27.05 -18.17 3.15
CA ALA A 364 -28.32 -18.68 2.61
C ALA A 364 -28.32 -18.78 1.10
N THR A 365 -27.25 -18.36 0.45
CA THR A 365 -27.16 -18.44 -1.00
C THR A 365 -27.22 -19.89 -1.49
N GLY A 366 -26.47 -20.75 -0.82
CA GLY A 366 -26.40 -22.14 -1.20
C GLY A 366 -27.75 -22.82 -1.27
N GLY A 367 -28.63 -22.55 -0.31
CA GLY A 367 -29.93 -23.19 -0.27
C GLY A 367 -30.95 -22.52 -1.17
N ARG A 368 -30.59 -21.33 -1.65
CA ARG A 368 -31.36 -20.60 -2.63
C ARG A 368 -31.12 -21.19 -4.01
N MET A 369 -29.85 -21.38 -4.36
CA MET A 369 -29.50 -21.99 -5.63
C MET A 369 -30.06 -23.40 -5.65
N LEU A 370 -29.99 -24.10 -4.52
CA LEU A 370 -30.56 -25.44 -4.39
C LEU A 370 -32.07 -25.48 -4.52
N ALA A 371 -32.74 -24.45 -4.02
CA ALA A 371 -34.19 -24.37 -4.18
C ALA A 371 -34.54 -24.31 -5.65
N THR A 372 -33.93 -23.37 -6.36
CA THR A 372 -34.23 -23.18 -7.77
C THR A 372 -33.77 -24.36 -8.61
N LEU A 373 -32.62 -24.95 -8.27
CA LEU A 373 -32.08 -26.01 -9.10
C LEU A 373 -32.90 -27.28 -9.00
N ALA A 374 -33.32 -27.63 -7.80
CA ALA A 374 -34.09 -28.84 -7.61
C ALA A 374 -35.43 -28.72 -8.31
N ARG A 375 -36.13 -27.62 -8.05
CA ARG A 375 -37.48 -27.39 -8.59
C ARG A 375 -37.54 -27.13 -10.09
N GLU A 376 -36.48 -26.60 -10.66
CA GLU A 376 -36.44 -26.36 -12.11
C GLU A 376 -36.01 -27.61 -12.87
N LEU A 377 -35.31 -28.52 -12.19
CA LEU A 377 -35.03 -29.84 -12.76
C LEU A 377 -36.28 -30.73 -12.86
N HIS A 378 -37.21 -30.60 -11.91
CA HIS A 378 -38.52 -31.26 -12.01
C HIS A 378 -39.45 -30.56 -12.98
N ARG A 379 -39.36 -29.24 -13.08
CA ARG A 379 -40.23 -28.49 -13.96
C ARG A 379 -39.82 -28.72 -15.41
N ARG A 380 -38.53 -28.95 -15.64
CA ARG A 380 -37.99 -29.09 -16.99
C ARG A 380 -37.83 -30.54 -17.45
N GLU A 381 -38.14 -31.48 -16.56
CA GLU A 381 -37.99 -32.91 -16.84
C GLU A 381 -36.56 -33.25 -17.23
N ALA A 382 -35.61 -32.59 -16.58
CA ALA A 382 -34.19 -32.77 -16.88
C ALA A 382 -33.55 -33.77 -15.93
N ARG A 383 -32.24 -33.92 -16.01
CA ARG A 383 -31.55 -35.02 -15.32
C ARG A 383 -30.50 -34.59 -14.30
N TYR A 384 -29.61 -33.69 -14.70
CA TYR A 384 -28.49 -33.31 -13.85
C TYR A 384 -28.41 -31.81 -13.67
N GLY A 385 -28.31 -31.41 -12.41
CA GLY A 385 -28.08 -30.02 -12.06
C GLY A 385 -26.68 -29.87 -11.52
N LEU A 386 -26.08 -28.72 -11.80
CA LEU A 386 -24.80 -28.37 -11.25
C LEU A 386 -25.01 -27.16 -10.38
N GLU A 387 -24.60 -27.25 -9.11
CA GLU A 387 -24.58 -26.08 -8.25
C GLU A 387 -23.15 -25.74 -7.91
N THR A 388 -22.73 -24.53 -8.24
CA THR A 388 -21.36 -24.12 -7.96
C THR A 388 -21.30 -22.61 -7.67
N MET A 389 -20.36 -22.22 -6.83
CA MET A 389 -20.17 -20.82 -6.48
C MET A 389 -18.71 -20.55 -6.18
N CYS A 390 -18.25 -19.32 -6.44
CA CYS A 390 -16.94 -18.94 -5.95
C CYS A 390 -17.02 -18.67 -4.45
N ILE A 391 -15.87 -18.61 -3.79
CA ILE A 391 -15.81 -18.46 -2.36
C ILE A 391 -14.72 -17.45 -2.02
N GLY A 392 -15.09 -16.36 -1.35
CA GLY A 392 -14.10 -15.37 -0.94
C GLY A 392 -13.03 -16.03 -0.11
N GLY A 393 -11.78 -15.60 -0.27
CA GLY A 393 -10.66 -16.28 0.34
C GLY A 393 -9.96 -17.13 -0.71
N GLY A 394 -10.69 -17.45 -1.77
CA GLY A 394 -10.11 -18.22 -2.85
C GLY A 394 -10.41 -19.70 -2.71
N GLN A 395 -11.69 -20.04 -2.87
CA GLN A 395 -12.11 -21.43 -2.86
C GLN A 395 -13.20 -21.64 -3.90
N GLY A 396 -13.54 -22.89 -4.16
CA GLY A 396 -14.65 -23.21 -5.05
C GLY A 396 -15.34 -24.44 -4.53
N LEU A 397 -16.64 -24.56 -4.78
CA LEU A 397 -17.38 -25.71 -4.28
C LEU A 397 -18.50 -25.98 -5.26
N ALA A 398 -18.75 -27.26 -5.54
CA ALA A 398 -19.78 -27.64 -6.51
C ALA A 398 -20.39 -28.96 -6.11
N ALA A 399 -21.68 -29.08 -6.37
CA ALA A 399 -22.38 -30.34 -6.21
C ALA A 399 -23.06 -30.67 -7.54
N VAL A 400 -23.09 -31.95 -7.89
CA VAL A 400 -23.94 -32.38 -8.99
C VAL A 400 -25.12 -33.13 -8.36
N PHE A 401 -26.33 -32.74 -8.72
CA PHE A 401 -27.52 -33.39 -8.21
C PHE A 401 -28.19 -34.15 -9.34
N GLU A 402 -29.05 -35.09 -9.01
CA GLU A 402 -29.79 -35.84 -10.03
C GLU A 402 -31.28 -35.89 -9.71
N ARG A 403 -32.13 -35.71 -10.72
CA ARG A 403 -33.58 -35.77 -10.54
C ARG A 403 -34.08 -37.14 -10.09
N VAL A 404 -34.96 -37.16 -9.10
CA VAL A 404 -35.52 -38.42 -8.61
C VAL A 404 -36.89 -38.63 -9.22
N MET B 3 -16.95 -47.83 0.90
CA MET B 3 -17.20 -47.70 2.32
C MET B 3 -15.96 -48.10 3.16
N ARG B 4 -14.96 -47.22 3.19
CA ARG B 4 -13.69 -47.50 3.87
C ARG B 4 -13.60 -46.97 5.30
N ASP B 5 -12.50 -47.27 5.99
CA ASP B 5 -12.32 -46.79 7.36
C ASP B 5 -11.76 -45.40 7.42
N ALA B 6 -11.91 -44.77 8.59
CA ALA B 6 -11.29 -43.50 8.81
C ALA B 6 -10.33 -43.69 9.96
N VAL B 7 -9.05 -43.43 9.71
CA VAL B 7 -8.04 -43.54 10.75
C VAL B 7 -7.40 -42.19 10.98
N ILE B 8 -6.81 -42.06 12.17
CA ILE B 8 -6.29 -40.79 12.67
C ILE B 8 -4.78 -40.88 12.81
N CYS B 9 -4.02 -39.99 12.17
CA CYS B 9 -2.56 -40.04 12.30
C CYS B 9 -1.99 -38.81 12.97
N GLU B 10 -1.00 -39.03 13.84
CA GLU B 10 -0.28 -37.94 14.51
C GLU B 10 -1.18 -36.81 15.01
N PRO B 11 -2.08 -37.12 15.94
CA PRO B 11 -2.80 -36.01 16.56
C PRO B 11 -1.89 -35.25 17.51
N VAL B 12 -1.77 -33.95 17.29
CA VAL B 12 -0.92 -33.10 18.09
C VAL B 12 -1.66 -31.82 18.50
N ARG B 13 -1.02 -31.02 19.35
CA ARG B 13 -1.59 -29.77 19.85
C ARG B 13 -0.46 -28.83 20.27
N THR B 14 -0.78 -27.55 20.41
CA THR B 14 0.14 -26.59 21.03
C THR B 14 0.10 -26.83 22.53
N PRO B 15 0.99 -26.17 23.30
CA PRO B 15 0.65 -26.13 24.72
C PRO B 15 -0.68 -25.42 24.91
N ILE B 16 -1.18 -25.39 26.13
CA ILE B 16 -2.43 -24.70 26.41
C ILE B 16 -2.13 -23.54 27.34
N GLY B 17 -2.39 -22.32 26.88
CA GLY B 17 -2.07 -21.13 27.65
C GLY B 17 -3.20 -20.72 28.56
N ARG B 18 -2.90 -19.99 29.63
CA ARG B 18 -3.93 -19.46 30.51
C ARG B 18 -4.66 -18.29 29.87
N TYR B 19 -5.86 -18.03 30.35
CA TYR B 19 -6.62 -16.86 29.95
C TYR B 19 -5.80 -15.62 30.27
N GLY B 20 -5.42 -14.85 29.26
CA GLY B 20 -4.56 -13.69 29.47
C GLY B 20 -3.11 -14.07 29.73
N GLY B 21 -2.77 -15.34 29.49
CA GLY B 21 -1.49 -15.89 29.89
C GLY B 21 -0.42 -15.85 28.83
N MET B 22 0.33 -16.95 28.68
CA MET B 22 1.55 -16.96 27.85
C MET B 22 1.34 -16.84 26.35
N PHE B 23 0.11 -17.06 25.87
CA PHE B 23 -0.16 -16.95 24.44
C PHE B 23 -1.11 -15.79 24.12
N ARG B 24 -1.23 -14.84 25.03
CA ARG B 24 -2.18 -13.75 24.88
C ARG B 24 -1.98 -12.88 23.65
N SER B 25 -0.74 -12.72 23.22
CA SER B 25 -0.43 -11.88 22.06
C SER B 25 -0.48 -12.68 20.76
N LEU B 26 -1.02 -13.89 20.82
CA LEU B 26 -1.11 -14.76 19.65
C LEU B 26 -2.56 -14.97 19.33
N THR B 27 -2.86 -15.09 18.05
CA THR B 27 -4.24 -15.24 17.58
C THR B 27 -4.66 -16.70 17.47
N ALA B 28 -5.95 -16.96 17.31
CA ALA B 28 -6.42 -18.30 17.01
C ALA B 28 -5.67 -18.86 15.81
N VAL B 29 -5.39 -17.99 14.84
CA VAL B 29 -4.68 -18.37 13.64
C VAL B 29 -3.21 -18.68 13.87
N ASP B 30 -2.55 -17.87 14.69
CA ASP B 30 -1.16 -18.09 15.03
C ASP B 30 -0.96 -19.46 15.62
N LEU B 31 -1.83 -19.81 16.54
CA LEU B 31 -1.73 -21.07 17.22
C LEU B 31 -2.01 -22.23 16.25
N GLY B 32 -2.99 -22.04 15.37
CA GLY B 32 -3.36 -23.07 14.41
C GLY B 32 -2.27 -23.25 13.36
N VAL B 33 -1.62 -22.16 13.00
CA VAL B 33 -0.49 -22.25 12.10
C VAL B 33 0.66 -23.06 12.74
N THR B 34 0.91 -22.87 14.05
CA THR B 34 1.97 -23.64 14.70
C THR B 34 1.65 -25.14 14.74
N ALA B 35 0.44 -25.51 15.15
CA ALA B 35 0.10 -26.93 15.24
C ALA B 35 0.14 -27.58 13.88
N LEU B 36 -0.36 -26.90 12.86
CA LEU B 36 -0.36 -27.46 11.51
C LEU B 36 1.05 -27.63 10.98
N LYS B 37 1.90 -26.62 11.13
CA LYS B 37 3.26 -26.75 10.63
C LYS B 37 3.96 -27.89 11.34
N GLY B 38 3.74 -28.04 12.65
CA GLY B 38 4.31 -29.15 13.41
C GLY B 38 3.81 -30.52 12.96
N LEU B 39 2.52 -30.62 12.67
CA LEU B 39 1.93 -31.85 12.17
C LEU B 39 2.48 -32.27 10.79
N LEU B 40 2.68 -31.30 9.91
CA LEU B 40 3.30 -31.55 8.64
C LEU B 40 4.79 -31.84 8.80
N GLU B 41 5.42 -31.15 9.74
CA GLU B 41 6.84 -31.34 10.00
C GLU B 41 7.19 -32.69 10.59
N ARG B 42 6.36 -33.23 11.48
CA ARG B 42 6.59 -34.57 12.02
C ARG B 42 6.38 -35.67 11.00
N THR B 43 5.21 -35.61 10.35
CA THR B 43 4.75 -36.64 9.45
C THR B 43 5.45 -36.60 8.11
N GLY B 44 5.78 -35.40 7.65
CA GLY B 44 6.47 -35.25 6.38
C GLY B 44 5.54 -35.29 5.17
N ILE B 45 4.26 -35.43 5.44
CA ILE B 45 3.23 -35.40 4.42
C ILE B 45 3.38 -34.14 3.55
N ALA B 46 3.30 -34.34 2.24
CA ALA B 46 3.30 -33.26 1.28
C ALA B 46 2.03 -32.44 1.39
N ALA B 47 2.17 -31.13 1.55
CA ALA B 47 1.06 -30.20 1.73
C ALA B 47 -0.05 -30.28 0.68
N ASP B 48 0.26 -30.74 -0.52
CA ASP B 48 -0.75 -30.77 -1.56
C ASP B 48 -1.44 -32.14 -1.56
N GLN B 49 -1.19 -32.92 -0.52
CA GLN B 49 -1.94 -34.15 -0.25
C GLN B 49 -3.13 -33.82 0.64
N VAL B 50 -3.04 -32.68 1.32
CA VAL B 50 -4.09 -32.20 2.20
C VAL B 50 -5.27 -31.72 1.35
N GLU B 51 -6.45 -32.29 1.55
CA GLU B 51 -7.57 -31.94 0.66
C GLU B 51 -8.56 -31.00 1.30
N ASP B 52 -8.44 -30.81 2.60
CA ASP B 52 -9.28 -29.90 3.35
C ASP B 52 -8.64 -29.66 4.70
N VAL B 53 -8.78 -28.46 5.21
CA VAL B 53 -8.41 -28.20 6.59
C VAL B 53 -9.71 -27.80 7.27
N ILE B 54 -10.24 -28.71 8.09
CA ILE B 54 -11.51 -28.50 8.76
C ILE B 54 -11.26 -28.15 10.23
N LEU B 55 -11.65 -26.95 10.64
CA LEU B 55 -11.33 -26.46 11.98
C LEU B 55 -12.55 -26.10 12.85
N GLY B 56 -12.65 -26.75 14.01
CA GLY B 56 -13.60 -26.35 15.03
C GLY B 56 -13.08 -25.12 15.76
N HIS B 57 -13.95 -24.13 15.88
CA HIS B 57 -13.56 -22.78 16.27
C HIS B 57 -14.82 -22.09 16.76
N CYS B 58 -14.89 -21.82 18.06
CA CYS B 58 -16.13 -21.39 18.70
C CYS B 58 -16.42 -19.90 18.69
N TYR B 59 -15.38 -19.09 18.60
CA TYR B 59 -15.59 -17.65 18.62
C TYR B 59 -15.05 -16.97 17.39
N PRO B 60 -15.53 -17.39 16.19
CA PRO B 60 -15.03 -16.77 14.97
C PRO B 60 -15.38 -15.28 14.89
N ASN B 61 -14.57 -14.53 14.15
CA ASN B 61 -14.91 -13.20 13.72
C ASN B 61 -14.21 -12.89 12.39
N SER B 62 -14.32 -11.66 11.92
CA SER B 62 -13.81 -11.32 10.63
C SER B 62 -12.30 -11.10 10.62
N GLU B 63 -11.65 -11.32 11.75
CA GLU B 63 -10.20 -11.39 11.74
C GLU B 63 -9.77 -12.56 10.89
N ALA B 64 -10.45 -13.69 11.06
CA ALA B 64 -10.10 -14.92 10.32
C ALA B 64 -11.33 -15.67 9.89
N PRO B 65 -11.83 -15.33 8.69
CA PRO B 65 -12.98 -15.94 8.01
C PRO B 65 -12.65 -17.35 7.51
N ALA B 66 -13.61 -18.27 7.57
CA ALA B 66 -13.41 -19.70 7.27
C ALA B 66 -12.03 -20.14 7.71
N ILE B 67 -11.81 -20.14 9.02
CA ILE B 67 -10.46 -20.08 9.58
C ILE B 67 -9.55 -21.24 9.19
N GLY B 68 -10.13 -22.37 8.81
CA GLY B 68 -9.32 -23.49 8.37
C GLY B 68 -8.53 -23.13 7.13
N ARG B 69 -9.17 -22.38 6.25
CA ARG B 69 -8.52 -21.85 5.07
C ARG B 69 -7.40 -20.91 5.44
N VAL B 70 -7.69 -19.97 6.33
CA VAL B 70 -6.71 -18.98 6.74
C VAL B 70 -5.48 -19.63 7.42
N VAL B 71 -5.72 -20.61 8.28
CA VAL B 71 -4.62 -21.34 8.92
C VAL B 71 -3.80 -22.10 7.90
N ALA B 72 -4.46 -22.66 6.90
CA ALA B 72 -3.77 -23.38 5.83
C ALA B 72 -2.86 -22.44 5.07
N LEU B 73 -3.39 -21.28 4.67
CA LEU B 73 -2.63 -20.28 3.94
C LEU B 73 -1.51 -19.68 4.74
N ASP B 74 -1.78 -19.32 6.00
CA ASP B 74 -0.77 -18.68 6.82
C ASP B 74 0.33 -19.65 7.25
N ALA B 75 0.07 -20.94 7.13
CA ALA B 75 1.06 -21.97 7.46
C ALA B 75 1.90 -22.32 6.24
N GLY B 76 1.65 -21.64 5.13
CA GLY B 76 2.44 -21.81 3.94
C GLY B 76 1.99 -22.92 3.01
N LEU B 77 0.87 -23.56 3.32
CA LEU B 77 0.33 -24.58 2.42
C LEU B 77 -0.02 -23.88 1.12
N PRO B 78 0.01 -24.63 0.00
CA PRO B 78 -0.38 -24.09 -1.30
C PRO B 78 -1.78 -23.47 -1.31
N ILE B 79 -2.07 -22.62 -2.29
CA ILE B 79 -3.38 -21.97 -2.42
C ILE B 79 -4.47 -22.96 -2.82
N THR B 80 -4.07 -24.17 -3.21
CA THR B 80 -5.01 -25.19 -3.66
C THR B 80 -5.73 -25.92 -2.52
N VAL B 81 -5.25 -25.75 -1.30
CA VAL B 81 -5.82 -26.42 -0.14
C VAL B 81 -7.02 -25.63 0.39
N PRO B 82 -8.23 -26.22 0.34
CA PRO B 82 -9.46 -25.61 0.86
C PRO B 82 -9.51 -25.70 2.38
N GLY B 83 -10.39 -24.94 3.02
CA GLY B 83 -10.52 -24.99 4.46
C GLY B 83 -11.77 -24.30 4.96
N MET B 84 -12.21 -24.67 6.16
CA MET B 84 -13.46 -24.15 6.67
C MET B 84 -13.51 -24.16 8.18
N GLN B 85 -14.62 -23.68 8.74
CA GLN B 85 -14.83 -23.50 10.18
C GLN B 85 -16.15 -24.16 10.57
N VAL B 86 -16.19 -24.81 11.72
CA VAL B 86 -17.44 -25.45 12.17
C VAL B 86 -17.61 -25.08 13.63
N ASP B 87 -18.87 -24.98 14.08
CA ASP B 87 -19.15 -24.60 15.45
C ASP B 87 -20.25 -25.47 16.02
N ARG B 88 -19.90 -26.21 17.06
CA ARG B 88 -20.88 -26.86 17.88
C ARG B 88 -20.41 -26.72 19.33
N ARG B 89 -19.96 -25.51 19.65
CA ARG B 89 -19.44 -25.17 20.99
C ARG B 89 -18.33 -26.16 21.39
N CYS B 90 -18.28 -26.57 22.67
CA CYS B 90 -17.24 -27.46 23.17
C CYS B 90 -16.94 -28.68 22.28
N GLY B 91 -17.97 -29.18 21.60
CA GLY B 91 -17.80 -30.34 20.75
C GLY B 91 -17.40 -30.02 19.32
N SER B 92 -16.79 -28.86 19.09
CA SER B 92 -16.47 -28.42 17.73
C SER B 92 -15.25 -29.15 17.19
N GLY B 93 -14.24 -29.28 18.04
CA GLY B 93 -13.02 -29.95 17.68
C GLY B 93 -13.25 -31.41 17.34
N LEU B 94 -14.13 -32.08 18.08
CA LEU B 94 -14.56 -33.43 17.73
C LEU B 94 -15.48 -33.44 16.52
N GLN B 95 -16.37 -32.46 16.43
CA GLN B 95 -17.22 -32.34 15.26
C GLN B 95 -16.38 -32.27 13.98
N ALA B 96 -15.26 -31.57 14.03
CA ALA B 96 -14.43 -31.39 12.84
C ALA B 96 -13.74 -32.67 12.46
N VAL B 97 -13.49 -33.54 13.44
CA VAL B 97 -12.91 -34.85 13.16
C VAL B 97 -13.97 -35.80 12.62
N ILE B 98 -15.13 -35.79 13.25
CA ILE B 98 -16.23 -36.57 12.74
C ILE B 98 -16.56 -36.15 11.32
N GLN B 99 -16.53 -34.86 11.03
CA GLN B 99 -16.78 -34.41 9.66
C GLN B 99 -15.72 -34.92 8.71
N ALA B 100 -14.48 -34.92 9.17
CA ALA B 100 -13.38 -35.39 8.33
C ALA B 100 -13.53 -36.89 8.09
N CYS B 101 -13.94 -37.62 9.11
CA CYS B 101 -14.16 -39.04 8.93
C CYS B 101 -15.23 -39.33 7.89
N LEU B 102 -16.41 -38.72 8.01
CA LEU B 102 -17.45 -38.87 7.00
C LEU B 102 -16.99 -38.62 5.56
N GLN B 103 -15.99 -37.77 5.38
CA GLN B 103 -15.71 -37.16 4.10
C GLN B 103 -14.70 -38.12 3.43
N VAL B 104 -14.00 -38.86 4.29
CA VAL B 104 -12.95 -39.80 3.91
C VAL B 104 -13.47 -41.24 3.70
N ARG B 105 -14.37 -41.67 4.57
CA ARG B 105 -15.04 -42.94 4.42
C ARG B 105 -15.92 -43.02 3.16
N SER B 106 -16.42 -41.88 2.70
CA SER B 106 -17.27 -41.81 1.51
C SER B 106 -16.51 -41.87 0.20
N GLY B 107 -15.24 -41.49 0.20
CA GLY B 107 -14.45 -41.51 -1.02
C GLY B 107 -14.26 -40.18 -1.70
N ASP B 108 -14.92 -39.15 -1.17
CA ASP B 108 -14.82 -37.81 -1.72
C ASP B 108 -13.41 -37.27 -1.55
N HIS B 109 -12.83 -37.53 -0.39
CA HIS B 109 -11.46 -37.16 -0.09
C HIS B 109 -10.70 -38.41 0.36
N ASP B 110 -9.37 -38.31 0.44
CA ASP B 110 -8.53 -39.41 0.91
C ASP B 110 -7.76 -39.01 2.17
N LEU B 111 -7.48 -37.72 2.26
CA LEU B 111 -6.65 -37.22 3.35
C LEU B 111 -6.97 -35.76 3.58
N VAL B 112 -7.38 -35.47 4.80
CA VAL B 112 -7.66 -34.11 5.19
C VAL B 112 -7.05 -33.85 6.56
N VAL B 113 -7.03 -32.59 6.95
CA VAL B 113 -6.67 -32.23 8.31
C VAL B 113 -7.95 -31.89 9.06
N ALA B 114 -8.10 -32.46 10.24
CA ALA B 114 -9.16 -32.08 11.16
C ALA B 114 -8.51 -31.44 12.36
N GLY B 115 -9.09 -30.33 12.84
CA GLY B 115 -8.49 -29.65 13.97
C GLY B 115 -9.37 -28.67 14.68
N GLY B 116 -8.73 -27.86 15.53
CA GLY B 116 -9.43 -26.84 16.27
C GLY B 116 -8.49 -25.73 16.67
N ALA B 117 -9.05 -24.57 17.01
CA ALA B 117 -8.25 -23.42 17.40
C ALA B 117 -9.09 -22.43 18.20
N GLU B 118 -8.66 -22.12 19.41
CA GLU B 118 -9.30 -21.07 20.19
C GLU B 118 -8.30 -20.18 20.88
N SER B 119 -8.47 -18.87 20.74
CA SER B 119 -7.79 -17.90 21.60
C SER B 119 -8.85 -17.19 22.42
N MET B 120 -9.11 -17.69 23.61
CA MET B 120 -10.13 -17.08 24.45
C MET B 120 -9.62 -15.75 25.01
N SER B 121 -8.32 -15.66 25.21
CA SER B 121 -7.68 -14.38 25.49
C SER B 121 -8.09 -13.28 24.55
N ASN B 122 -8.36 -13.62 23.29
CA ASN B 122 -8.56 -12.59 22.30
C ASN B 122 -9.95 -12.60 21.65
N VAL B 123 -10.84 -13.43 22.17
CA VAL B 123 -12.25 -13.45 21.78
C VAL B 123 -12.77 -12.02 21.83
N ALA B 124 -13.65 -11.66 20.89
CA ALA B 124 -14.03 -10.27 20.73
C ALA B 124 -15.12 -9.79 21.72
N PHE B 125 -15.20 -8.47 21.89
CA PHE B 125 -16.38 -7.82 22.45
C PHE B 125 -17.17 -7.28 21.28
N TYR B 126 -18.50 -7.29 21.37
CA TYR B 126 -19.27 -6.88 20.20
C TYR B 126 -20.61 -6.26 20.54
N SER B 127 -21.22 -5.66 19.53
CA SER B 127 -22.51 -4.99 19.64
C SER B 127 -23.36 -5.19 18.39
N THR B 128 -24.62 -5.52 18.58
CA THR B 128 -25.57 -5.53 17.47
C THR B 128 -26.52 -4.31 17.54
N ASP B 129 -26.03 -3.22 18.13
CA ASP B 129 -26.83 -2.02 18.29
C ASP B 129 -26.28 -0.77 17.58
N MET B 130 -25.05 -0.85 17.08
CA MET B 130 -24.32 0.32 16.59
C MET B 130 -24.39 0.59 15.09
N ARG B 131 -24.89 -0.34 14.29
CA ARG B 131 -24.95 -0.12 12.85
C ARG B 131 -26.05 0.86 12.47
N TRP B 132 -27.19 0.76 13.14
CA TRP B 132 -28.33 1.63 12.87
C TRP B 132 -28.60 2.55 14.07
N GLY B 133 -27.83 2.35 15.14
CA GLY B 133 -27.84 3.26 16.27
C GLY B 133 -28.64 2.79 17.47
N GLY B 134 -28.21 3.20 18.66
CA GLY B 134 -28.92 2.82 19.87
C GLY B 134 -29.80 3.93 20.42
N ALA B 135 -30.16 4.89 19.56
CA ALA B 135 -31.03 5.99 19.96
C ALA B 135 -32.26 5.49 20.74
N ARG B 136 -32.98 4.54 20.16
CA ARG B 136 -34.25 4.07 20.70
C ARG B 136 -34.10 2.79 21.54
N THR B 137 -33.06 2.02 21.29
CA THR B 137 -32.85 0.78 22.02
C THR B 137 -31.83 0.92 23.15
N GLY B 138 -30.82 1.75 22.95
CA GLY B 138 -29.68 1.78 23.85
C GLY B 138 -28.59 0.94 23.20
N VAL B 139 -27.38 0.97 23.75
CA VAL B 139 -26.27 0.21 23.18
C VAL B 139 -25.74 -0.77 24.22
N GLN B 140 -25.53 -2.00 23.79
CA GLN B 140 -24.87 -3.00 24.62
C GLN B 140 -23.54 -3.31 24.01
N ILE B 141 -22.56 -3.60 24.85
CA ILE B 141 -21.34 -4.21 24.37
C ILE B 141 -21.24 -5.53 25.11
N HIS B 142 -21.15 -6.60 24.33
CA HIS B 142 -21.26 -7.95 24.84
C HIS B 142 -19.93 -8.65 24.86
N ASP B 143 -19.66 -9.40 25.93
CA ASP B 143 -18.53 -10.32 25.97
C ASP B 143 -18.93 -11.58 25.24
N GLY B 144 -18.30 -11.85 24.10
CA GLY B 144 -18.57 -13.06 23.35
C GLY B 144 -18.50 -14.34 24.19
N LEU B 145 -17.59 -14.40 25.16
CA LEU B 145 -17.57 -15.52 26.10
C LEU B 145 -18.87 -15.60 26.89
N ALA B 146 -19.10 -14.62 27.77
CA ALA B 146 -20.23 -14.64 28.68
C ALA B 146 -21.58 -14.61 27.96
N ARG B 147 -21.66 -13.82 26.91
CA ARG B 147 -22.93 -13.65 26.23
C ARG B 147 -23.37 -14.94 25.55
N GLY B 148 -22.44 -15.61 24.88
CA GLY B 148 -22.75 -16.86 24.21
C GLY B 148 -23.26 -17.93 25.15
N ARG B 149 -22.98 -17.78 26.44
CA ARG B 149 -23.30 -18.83 27.42
C ARG B 149 -24.70 -18.71 28.00
N THR B 150 -25.34 -17.56 27.77
CA THR B 150 -26.71 -17.35 28.21
C THR B 150 -27.69 -17.47 27.04
N THR B 151 -27.22 -17.18 25.82
CA THR B 151 -28.08 -17.21 24.62
C THR B 151 -28.06 -18.54 23.90
N ALA B 152 -27.19 -19.46 24.30
CA ALA B 152 -26.99 -20.70 23.56
C ALA B 152 -28.26 -21.55 23.40
N GLY B 153 -29.20 -21.42 24.33
CA GLY B 153 -30.39 -22.26 24.30
C GLY B 153 -31.60 -21.56 23.70
N GLY B 154 -31.41 -20.33 23.21
CA GLY B 154 -32.46 -19.63 22.50
C GLY B 154 -33.39 -18.85 23.41
N LYS B 155 -34.41 -18.21 22.83
CA LYS B 155 -35.31 -17.35 23.61
C LYS B 155 -36.18 -18.11 24.61
N PHE B 156 -36.43 -19.39 24.34
CA PHE B 156 -37.30 -20.17 25.22
C PHE B 156 -36.57 -20.92 26.34
N HIS B 157 -35.23 -20.90 26.30
CA HIS B 157 -34.44 -21.57 27.34
C HIS B 157 -33.23 -20.74 27.81
N PRO B 158 -33.46 -19.47 28.19
CA PRO B 158 -32.34 -18.59 28.59
C PRO B 158 -31.67 -19.05 29.89
N VAL B 159 -30.35 -18.94 30.00
CA VAL B 159 -29.65 -19.27 31.23
C VAL B 159 -28.76 -18.12 31.70
N PRO B 160 -29.33 -17.18 32.49
CA PRO B 160 -28.70 -15.94 32.96
C PRO B 160 -27.34 -16.12 33.61
N GLY B 161 -27.14 -17.23 34.32
CA GLY B 161 -25.87 -17.51 34.96
C GLY B 161 -24.89 -18.27 34.09
N GLY B 162 -25.28 -18.52 32.84
CA GLY B 162 -24.38 -19.09 31.85
C GLY B 162 -24.10 -20.55 32.07
N MET B 163 -22.84 -20.95 31.91
CA MET B 163 -22.44 -22.33 32.12
C MET B 163 -22.36 -22.69 33.59
N LEU B 164 -21.73 -21.82 34.38
CA LEU B 164 -21.63 -22.02 35.82
C LEU B 164 -23.00 -22.27 36.41
N GLU B 165 -24.02 -21.56 35.94
CA GLU B 165 -25.37 -21.82 36.45
C GLU B 165 -25.78 -23.27 36.19
N THR B 166 -25.52 -23.77 34.98
CA THR B 166 -25.90 -25.15 34.65
C THR B 166 -25.10 -26.13 35.49
N ALA B 167 -23.86 -25.77 35.80
CA ALA B 167 -23.06 -26.63 36.66
C ALA B 167 -23.75 -26.75 38.01
N GLU B 168 -24.16 -25.62 38.58
CA GLU B 168 -24.86 -25.60 39.86
C GLU B 168 -26.12 -26.43 39.79
N ASN B 169 -26.82 -26.36 38.66
CA ASN B 169 -28.03 -27.14 38.54
C ASN B 169 -27.74 -28.62 38.67
N LEU B 170 -26.65 -29.09 38.06
CA LEU B 170 -26.25 -30.50 38.14
C LEU B 170 -25.77 -30.85 39.56
N ARG B 171 -25.20 -29.86 40.25
CA ARG B 171 -24.79 -29.99 41.63
C ARG B 171 -25.98 -30.28 42.57
N ARG B 172 -27.10 -29.66 42.28
CA ARG B 172 -28.28 -29.72 43.12
C ARG B 172 -29.08 -30.99 42.85
N GLU B 173 -29.17 -31.33 41.59
CA GLU B 173 -30.01 -32.43 41.16
C GLU B 173 -29.39 -33.75 41.56
N TYR B 174 -28.06 -33.77 41.59
CA TYR B 174 -27.34 -35.02 41.82
C TYR B 174 -26.71 -35.02 43.21
N HIS B 175 -26.96 -33.96 43.97
CA HIS B 175 -26.57 -33.86 45.37
C HIS B 175 -25.07 -34.06 45.50
N ILE B 176 -24.33 -33.19 44.82
CA ILE B 176 -22.88 -33.28 44.68
C ILE B 176 -22.20 -32.31 45.62
N SER B 177 -21.33 -32.81 46.49
CA SER B 177 -20.74 -31.99 47.53
C SER B 177 -19.56 -31.19 47.02
N ARG B 178 -19.22 -30.12 47.71
CA ARG B 178 -18.04 -29.33 47.38
C ARG B 178 -16.78 -30.16 47.52
N THR B 179 -16.75 -31.00 48.55
CA THR B 179 -15.59 -31.82 48.83
C THR B 179 -15.30 -32.67 47.62
N GLU B 180 -16.35 -33.24 47.04
CA GLU B 180 -16.22 -34.16 45.93
C GLU B 180 -15.59 -33.45 44.76
N GLN B 181 -16.03 -32.20 44.52
CA GLN B 181 -15.77 -31.59 43.22
C GLN B 181 -14.34 -31.10 43.32
N ASP B 182 -13.97 -30.66 44.52
CA ASP B 182 -12.62 -30.21 44.82
C ASP B 182 -11.64 -31.39 44.75
N GLU B 183 -12.10 -32.57 45.16
CA GLU B 183 -11.25 -33.76 45.08
C GLU B 183 -10.95 -34.19 43.65
N LEU B 184 -11.97 -34.13 42.80
CA LEU B 184 -11.81 -34.45 41.38
C LEU B 184 -10.78 -33.50 40.77
N ALA B 185 -10.91 -32.21 41.08
CA ALA B 185 -10.04 -31.20 40.52
C ALA B 185 -8.59 -31.41 40.92
N VAL B 186 -8.37 -31.72 42.18
CA VAL B 186 -7.03 -31.99 42.72
C VAL B 186 -6.43 -33.17 41.97
N ARG B 187 -7.23 -34.21 41.82
CA ARG B 187 -6.85 -35.41 41.10
C ARG B 187 -6.60 -35.12 39.62
N SER B 188 -7.36 -34.17 39.08
CA SER B 188 -7.18 -33.73 37.70
C SER B 188 -5.82 -33.08 37.49
N HIS B 189 -5.41 -32.21 38.40
CA HIS B 189 -4.10 -31.56 38.31
C HIS B 189 -2.96 -32.54 38.53
N GLN B 190 -3.18 -33.49 39.43
CA GLN B 190 -2.19 -34.50 39.70
C GLN B 190 -1.86 -35.27 38.43
N ARG B 191 -2.90 -35.76 37.76
CA ARG B 191 -2.69 -36.57 36.55
C ARG B 191 -2.00 -35.80 35.44
N ALA B 192 -2.30 -34.52 35.35
CA ALA B 192 -1.70 -33.68 34.32
C ALA B 192 -0.24 -33.43 34.63
N VAL B 193 0.02 -33.05 35.87
CA VAL B 193 1.37 -32.70 36.33
C VAL B 193 2.29 -33.92 36.28
N ALA B 194 1.73 -35.10 36.54
CA ALA B 194 2.47 -36.34 36.39
C ALA B 194 2.74 -36.68 34.92
N ALA B 195 1.69 -36.58 34.10
CA ALA B 195 1.80 -36.85 32.67
C ALA B 195 2.89 -36.01 32.07
N GLN B 196 3.02 -34.82 32.63
CA GLN B 196 4.03 -33.86 32.27
C GLN B 196 5.39 -34.33 32.74
N SER B 197 5.47 -34.71 34.01
CA SER B 197 6.72 -35.19 34.56
C SER B 197 7.15 -36.49 33.87
N GLU B 198 6.19 -37.33 33.52
CA GLU B 198 6.52 -38.61 32.92
C GLU B 198 6.94 -38.46 31.46
N GLY B 199 6.70 -37.28 30.90
CA GLY B 199 7.12 -36.97 29.54
C GLY B 199 6.12 -37.30 28.44
N VAL B 200 4.95 -37.82 28.81
CA VAL B 200 3.99 -38.21 27.80
C VAL B 200 3.31 -37.02 27.08
N LEU B 201 3.19 -35.87 27.75
CA LEU B 201 2.52 -34.71 27.12
C LEU B 201 3.34 -34.11 25.98
N ALA B 202 4.66 -34.26 26.04
CA ALA B 202 5.53 -33.71 25.00
C ALA B 202 5.36 -34.46 23.70
N GLU B 203 4.82 -35.67 23.79
CA GLU B 203 4.52 -36.49 22.62
C GLU B 203 3.40 -35.87 21.81
N GLU B 204 2.52 -35.14 22.49
CA GLU B 204 1.35 -34.51 21.87
C GLU B 204 1.60 -33.11 21.40
N ILE B 205 2.68 -32.51 21.87
CA ILE B 205 2.77 -31.07 21.85
C ILE B 205 3.70 -30.54 20.77
N ILE B 206 3.21 -29.52 20.06
CA ILE B 206 4.03 -28.73 19.16
C ILE B 206 4.53 -27.48 19.86
N PRO B 207 5.84 -27.40 20.11
CA PRO B 207 6.37 -26.24 20.85
C PRO B 207 6.06 -24.94 20.12
N VAL B 208 5.75 -23.88 20.86
CA VAL B 208 5.32 -22.65 20.22
C VAL B 208 6.36 -21.54 20.41
N PRO B 209 6.81 -20.96 19.30
CA PRO B 209 7.68 -19.78 19.35
C PRO B 209 6.87 -18.55 19.76
N VAL B 210 7.29 -17.83 20.79
CA VAL B 210 6.62 -16.59 21.16
C VAL B 210 7.65 -15.51 21.44
N ARG B 211 7.50 -14.34 20.82
CA ARG B 211 8.50 -13.27 20.91
C ARG B 211 8.31 -12.39 22.14
N GLU B 216 12.57 -13.42 22.69
CA GLU B 216 12.04 -14.47 21.82
C GLU B 216 12.44 -15.88 22.29
N GLU B 217 11.42 -16.73 22.50
CA GLU B 217 11.56 -18.00 23.20
C GLU B 217 10.77 -19.12 22.52
N THR B 218 10.90 -20.35 23.01
CA THR B 218 10.06 -21.45 22.55
C THR B 218 9.31 -22.05 23.73
N ILE B 219 7.98 -22.10 23.62
CA ILE B 219 7.17 -22.64 24.72
C ILE B 219 6.66 -24.05 24.40
N SER B 220 6.80 -24.97 25.35
CA SER B 220 6.46 -26.38 25.13
C SER B 220 5.75 -27.02 26.34
N VAL B 221 5.27 -26.19 27.26
CA VAL B 221 4.73 -26.67 28.53
C VAL B 221 3.42 -26.00 28.88
N ASP B 222 2.38 -26.79 29.15
CA ASP B 222 1.06 -26.28 29.52
C ASP B 222 1.14 -25.37 30.74
N GLU B 223 0.46 -24.22 30.68
CA GLU B 223 0.56 -23.16 31.70
C GLU B 223 -0.45 -23.30 32.84
N HIS B 224 -1.59 -23.93 32.56
CA HIS B 224 -2.70 -24.07 33.52
C HIS B 224 -2.53 -25.10 34.66
N PRO B 225 -1.84 -26.24 34.43
CA PRO B 225 -1.78 -27.18 35.56
C PRO B 225 -0.97 -26.65 36.76
N ARG B 226 -1.29 -27.14 37.96
CA ARG B 226 -0.64 -26.66 39.19
C ARG B 226 -0.09 -27.80 40.05
N ALA B 227 1.21 -27.76 40.34
CA ALA B 227 1.85 -28.83 41.09
C ALA B 227 1.36 -28.88 42.52
N ASP B 228 0.77 -27.77 42.95
CA ASP B 228 0.53 -27.52 44.37
C ASP B 228 -0.94 -27.44 44.76
N THR B 229 -1.81 -28.09 43.99
CA THR B 229 -3.25 -28.06 44.27
C THR B 229 -3.60 -28.95 45.47
N THR B 230 -4.35 -28.43 46.43
CA THR B 230 -4.91 -29.28 47.50
C THR B 230 -6.39 -29.05 47.75
N VAL B 231 -7.05 -30.11 48.20
CA VAL B 231 -8.41 -30.05 48.70
C VAL B 231 -8.60 -28.91 49.70
N GLU B 232 -7.57 -28.67 50.51
CA GLU B 232 -7.59 -27.63 51.53
C GLU B 232 -7.43 -26.24 50.92
N ALA B 233 -6.58 -26.13 49.91
CA ALA B 233 -6.43 -24.88 49.19
C ALA B 233 -7.73 -24.57 48.46
N LEU B 234 -8.28 -25.59 47.80
CA LEU B 234 -9.50 -25.42 47.02
C LEU B 234 -10.67 -24.98 47.88
N ALA B 235 -10.76 -25.53 49.10
CA ALA B 235 -11.86 -25.23 50.00
C ALA B 235 -11.98 -23.74 50.30
N LYS B 236 -10.88 -23.02 50.12
CA LYS B 236 -10.81 -21.61 50.44
C LYS B 236 -11.63 -20.75 49.46
N LEU B 237 -11.79 -21.24 48.23
CA LEU B 237 -12.35 -20.43 47.15
C LEU B 237 -13.86 -20.18 47.28
N LYS B 238 -14.29 -18.97 46.92
CA LYS B 238 -15.70 -18.65 46.92
C LYS B 238 -16.34 -18.95 45.56
N PRO B 239 -17.44 -19.72 45.57
CA PRO B 239 -18.20 -20.10 44.37
C PRO B 239 -18.53 -18.86 43.55
N VAL B 240 -18.55 -18.96 42.23
CA VAL B 240 -18.74 -17.77 41.42
C VAL B 240 -20.13 -17.19 41.69
N LEU B 241 -21.08 -18.07 41.96
CA LEU B 241 -22.47 -17.68 42.03
C LEU B 241 -23.01 -17.70 43.47
N LEU B 242 -22.13 -17.49 44.44
CA LEU B 242 -22.52 -17.62 45.84
C LEU B 242 -23.62 -16.67 46.24
N LYS B 243 -23.56 -15.44 45.70
CA LYS B 243 -24.53 -14.41 46.00
C LYS B 243 -25.91 -14.91 45.60
N GLN B 244 -25.99 -15.43 44.39
CA GLN B 244 -27.26 -15.86 43.82
C GLN B 244 -27.81 -17.07 44.56
N ASP B 245 -26.92 -17.91 45.11
CA ASP B 245 -27.27 -19.21 45.68
C ASP B 245 -26.36 -19.56 46.86
N PRO B 246 -26.91 -19.55 48.08
CA PRO B 246 -26.09 -19.77 49.28
C PRO B 246 -25.37 -21.12 49.24
N GLU B 247 -25.92 -22.07 48.52
CA GLU B 247 -25.33 -23.39 48.47
C GLU B 247 -24.51 -23.65 47.21
N ALA B 248 -24.17 -22.59 46.46
CA ALA B 248 -23.37 -22.74 45.25
C ALA B 248 -22.03 -23.39 45.56
N THR B 249 -21.52 -24.26 44.66
CA THR B 249 -20.26 -24.98 44.91
C THR B 249 -19.21 -24.83 43.81
N VAL B 250 -19.63 -24.30 42.66
CA VAL B 250 -18.77 -24.18 41.47
C VAL B 250 -17.85 -22.97 41.54
N THR B 251 -16.54 -23.22 41.53
CA THR B 251 -15.53 -22.17 41.68
C THR B 251 -14.59 -22.11 40.48
N ALA B 252 -13.64 -21.20 40.54
CA ALA B 252 -12.54 -21.19 39.60
C ALA B 252 -11.78 -22.50 39.65
N GLY B 253 -11.56 -23.00 40.87
CA GLY B 253 -10.77 -24.20 41.11
C GLY B 253 -11.40 -25.49 40.61
N ASN B 254 -12.72 -25.62 40.72
CA ASN B 254 -13.41 -26.80 40.22
C ASN B 254 -14.20 -26.54 38.92
N SER B 255 -13.74 -25.56 38.15
CA SER B 255 -14.26 -25.35 36.80
C SER B 255 -13.11 -25.50 35.82
N SER B 256 -13.43 -25.79 34.57
CA SER B 256 -12.44 -25.74 33.51
C SER B 256 -12.01 -24.29 33.34
N GLY B 257 -10.82 -24.09 32.78
CA GLY B 257 -10.35 -22.74 32.56
C GLY B 257 -10.72 -22.24 31.17
N GLN B 258 -10.51 -20.95 30.96
CA GLN B 258 -10.61 -20.36 29.64
C GLN B 258 -9.18 -20.22 29.09
N ASN B 259 -8.95 -20.66 27.86
CA ASN B 259 -7.57 -20.94 27.44
C ASN B 259 -7.30 -20.77 25.94
N ASP B 260 -6.02 -20.75 25.59
CA ASP B 260 -5.51 -20.57 24.24
C ASP B 260 -4.70 -21.79 23.78
N ALA B 261 -5.13 -22.41 22.67
CA ALA B 261 -4.41 -23.54 22.06
C ALA B 261 -4.98 -23.85 20.69
N ALA B 262 -4.30 -24.75 19.99
CA ALA B 262 -4.81 -25.30 18.73
C ALA B 262 -4.55 -26.79 18.66
N SER B 263 -5.39 -27.51 17.91
CA SER B 263 -5.22 -28.95 17.70
C SER B 263 -5.34 -29.32 16.22
N MET B 264 -4.57 -30.33 15.79
CA MET B 264 -4.57 -30.83 14.41
C MET B 264 -4.20 -32.31 14.34
N CYS B 265 -4.79 -33.01 13.37
CA CYS B 265 -4.47 -34.42 13.10
C CYS B 265 -4.79 -34.75 11.66
N ILE B 266 -4.20 -35.82 11.14
CA ILE B 266 -4.57 -36.29 9.83
C ILE B 266 -5.78 -37.23 9.91
N VAL B 267 -6.78 -36.99 9.08
CA VAL B 267 -7.77 -38.02 8.88
C VAL B 267 -7.60 -38.59 7.48
N THR B 268 -7.49 -39.91 7.42
CA THR B 268 -7.21 -40.58 6.15
C THR B 268 -7.69 -42.01 6.24
N THR B 269 -7.55 -42.77 5.15
CA THR B 269 -7.96 -44.19 5.13
C THR B 269 -6.80 -45.13 5.46
N PRO B 270 -7.11 -46.40 5.77
CA PRO B 270 -6.00 -47.34 5.97
C PRO B 270 -5.13 -47.50 4.74
N GLU B 271 -5.75 -47.63 3.57
CA GLU B 271 -5.03 -47.77 2.32
C GLU B 271 -4.14 -46.57 2.07
N LYS B 272 -4.70 -45.39 2.26
CA LYS B 272 -3.98 -44.14 2.01
C LYS B 272 -2.86 -43.91 2.99
N ALA B 273 -3.09 -44.21 4.26
CA ALA B 273 -2.03 -44.12 5.25
C ALA B 273 -0.89 -45.03 4.84
N ALA B 274 -1.25 -46.19 4.29
CA ALA B 274 -0.26 -47.19 3.91
C ALA B 274 0.53 -46.71 2.70
N GLU B 275 -0.18 -46.19 1.71
CA GLU B 275 0.43 -45.61 0.52
C GLU B 275 1.51 -44.55 0.85
N LEU B 276 1.28 -43.73 1.86
CA LEU B 276 2.25 -42.73 2.30
C LEU B 276 3.13 -43.21 3.45
N GLY B 277 2.88 -44.42 3.93
CA GLY B 277 3.69 -44.96 5.00
C GLY B 277 3.51 -44.16 6.25
N LEU B 278 2.25 -43.83 6.57
CA LEU B 278 1.87 -43.19 7.82
C LEU B 278 1.50 -44.25 8.85
N LYS B 279 1.56 -43.92 10.12
CA LYS B 279 1.22 -44.91 11.15
C LYS B 279 -0.04 -44.56 11.95
N PRO B 280 -1.20 -45.02 11.48
CA PRO B 280 -2.49 -44.70 12.11
C PRO B 280 -2.51 -45.08 13.59
N LEU B 281 -3.09 -44.25 14.45
CA LEU B 281 -3.15 -44.63 15.85
C LEU B 281 -4.49 -45.26 16.20
N VAL B 282 -5.57 -44.71 15.67
CA VAL B 282 -6.90 -45.24 15.92
C VAL B 282 -7.81 -45.03 14.73
N ARG B 283 -8.96 -45.69 14.76
CA ARG B 283 -9.94 -45.58 13.71
C ARG B 283 -11.30 -45.25 14.29
N LEU B 284 -12.19 -44.71 13.46
CA LEU B 284 -13.50 -44.34 13.97
C LEU B 284 -14.40 -45.53 13.99
N VAL B 285 -14.72 -46.04 15.17
CA VAL B 285 -15.78 -47.02 15.29
C VAL B 285 -17.15 -46.37 15.08
N SER B 286 -17.48 -45.44 15.97
CA SER B 286 -18.78 -44.79 15.94
C SER B 286 -18.79 -43.45 16.64
N TRP B 287 -19.93 -42.76 16.52
CA TRP B 287 -20.14 -41.48 17.18
C TRP B 287 -21.64 -41.31 17.33
N GLY B 288 -22.04 -40.49 18.29
CA GLY B 288 -23.42 -40.06 18.38
C GLY B 288 -23.48 -38.66 18.93
N SER B 289 -24.57 -37.95 18.63
CA SER B 289 -24.87 -36.62 19.18
C SER B 289 -26.27 -36.65 19.79
N ALA B 290 -26.54 -35.75 20.73
CA ALA B 290 -27.87 -35.72 21.34
C ALA B 290 -28.20 -34.34 21.92
N GLY B 291 -29.48 -34.01 22.06
CA GLY B 291 -29.87 -32.77 22.70
C GLY B 291 -30.48 -32.93 24.10
N VAL B 292 -30.14 -32.03 25.03
CA VAL B 292 -30.71 -32.06 26.37
C VAL B 292 -31.26 -30.68 26.73
N ALA B 293 -31.82 -30.52 27.92
CA ALA B 293 -32.30 -29.20 28.35
C ALA B 293 -31.12 -28.28 28.45
N PRO B 294 -31.21 -27.08 27.85
CA PRO B 294 -30.08 -26.17 27.93
C PRO B 294 -29.57 -25.87 29.36
N ASP B 295 -30.46 -25.89 30.36
CA ASP B 295 -29.99 -25.68 31.74
C ASP B 295 -29.45 -26.96 32.35
N LEU B 296 -29.32 -27.99 31.53
CA LEU B 296 -28.78 -29.27 31.97
C LEU B 296 -27.86 -29.80 30.93
N MET B 297 -27.30 -28.92 30.11
CA MET B 297 -26.44 -29.32 29.03
C MET B 297 -25.41 -30.32 29.54
N GLY B 298 -25.01 -30.17 30.81
CA GLY B 298 -23.79 -30.77 31.33
C GLY B 298 -23.89 -32.27 31.39
N ILE B 299 -25.10 -32.76 31.21
CA ILE B 299 -25.40 -34.17 31.21
C ILE B 299 -25.48 -34.67 29.76
N GLY B 300 -25.22 -33.74 28.82
CA GLY B 300 -25.16 -34.07 27.40
C GLY B 300 -24.44 -35.35 27.00
N PRO B 301 -23.25 -35.60 27.56
CA PRO B 301 -22.51 -36.80 27.15
C PRO B 301 -23.24 -38.11 27.40
N VAL B 302 -24.20 -38.14 28.33
CA VAL B 302 -24.79 -39.41 28.71
C VAL B 302 -25.62 -39.99 27.56
N PRO B 303 -26.53 -39.21 26.94
CA PRO B 303 -27.22 -39.83 25.80
C PRO B 303 -26.38 -39.92 24.52
N ALA B 304 -25.47 -38.98 24.28
CA ALA B 304 -24.61 -39.03 23.11
C ALA B 304 -23.78 -40.32 23.12
N THR B 305 -23.23 -40.63 24.29
CA THR B 305 -22.49 -41.87 24.50
C THR B 305 -23.35 -43.10 24.26
N GLU B 306 -24.58 -43.08 24.75
CA GLU B 306 -25.46 -44.22 24.60
C GLU B 306 -25.73 -44.49 23.12
N VAL B 307 -25.90 -43.42 22.35
CA VAL B 307 -26.08 -43.51 20.91
C VAL B 307 -24.85 -44.12 20.23
N ALA B 308 -23.68 -43.62 20.62
CA ALA B 308 -22.41 -44.06 20.06
C ALA B 308 -22.10 -45.52 20.40
N LEU B 309 -22.44 -45.94 21.62
CA LEU B 309 -22.24 -47.31 22.03
C LEU B 309 -23.19 -48.26 21.28
N ALA B 310 -24.46 -47.91 21.25
CA ALA B 310 -25.47 -48.74 20.63
C ALA B 310 -25.17 -48.92 19.16
N LYS B 311 -24.75 -47.84 18.51
CA LYS B 311 -24.30 -47.89 17.14
C LYS B 311 -23.17 -48.89 16.94
N ALA B 312 -22.35 -49.03 17.98
CA ALA B 312 -21.11 -49.79 17.90
C ALA B 312 -21.27 -51.20 18.44
N GLY B 313 -22.49 -51.53 18.88
CA GLY B 313 -22.73 -52.78 19.58
C GLY B 313 -21.85 -52.97 20.81
N LEU B 314 -21.59 -51.88 21.53
CA LEU B 314 -20.74 -51.92 22.72
C LEU B 314 -21.51 -51.48 23.95
N THR B 315 -20.89 -51.63 25.11
CA THR B 315 -21.35 -50.97 26.32
C THR B 315 -20.15 -50.30 26.94
N LEU B 316 -20.36 -49.56 28.02
CA LEU B 316 -19.28 -48.82 28.64
C LEU B 316 -18.28 -49.78 29.27
N ALA B 317 -18.69 -51.04 29.37
CA ALA B 317 -17.83 -52.10 29.89
C ALA B 317 -16.82 -52.57 28.85
N ASP B 318 -17.09 -52.27 27.58
CA ASP B 318 -16.18 -52.63 26.51
C ASP B 318 -15.11 -51.58 26.33
N ILE B 319 -15.20 -50.50 27.11
CA ILE B 319 -14.41 -49.30 26.88
C ILE B 319 -13.21 -49.17 27.79
N ASP B 320 -12.01 -49.29 27.23
CA ASP B 320 -10.79 -49.28 28.03
C ASP B 320 -10.35 -47.90 28.49
N LEU B 321 -10.74 -46.86 27.78
CA LEU B 321 -10.28 -45.53 28.13
C LEU B 321 -11.35 -44.53 27.82
N ILE B 322 -11.45 -43.51 28.67
CA ILE B 322 -12.45 -42.47 28.51
C ILE B 322 -11.82 -41.09 28.70
N GLU B 323 -12.02 -40.24 27.70
CA GLU B 323 -11.80 -38.82 27.85
C GLU B 323 -13.19 -38.20 27.92
N LEU B 324 -13.52 -37.72 29.11
CA LEU B 324 -14.74 -36.99 29.32
C LEU B 324 -14.31 -35.62 29.79
N ASN B 325 -14.53 -34.59 28.97
CA ASN B 325 -14.05 -33.27 29.33
C ASN B 325 -14.66 -32.76 30.63
N GLU B 326 -13.79 -32.28 31.51
CA GLU B 326 -14.22 -31.72 32.77
C GLU B 326 -14.61 -30.26 32.57
N ALA B 327 -15.79 -30.00 31.99
CA ALA B 327 -16.26 -28.63 31.86
C ALA B 327 -16.38 -28.05 33.25
N PHE B 328 -17.06 -28.80 34.13
CA PHE B 328 -17.10 -28.50 35.55
C PHE B 328 -17.04 -29.81 36.32
N ALA B 329 -16.32 -29.82 37.43
CA ALA B 329 -16.31 -30.99 38.30
C ALA B 329 -17.73 -31.45 38.64
N ALA B 330 -18.62 -30.51 38.92
CA ALA B 330 -20.02 -30.85 39.19
C ALA B 330 -20.65 -31.52 37.99
N GLN B 331 -20.27 -31.07 36.80
CA GLN B 331 -20.77 -31.63 35.56
C GLN B 331 -20.20 -33.02 35.26
N ALA B 332 -18.88 -33.18 35.38
CA ALA B 332 -18.25 -34.47 35.17
C ALA B 332 -18.73 -35.51 36.19
N LEU B 333 -18.91 -35.10 37.44
CA LEU B 333 -19.39 -36.02 38.47
C LEU B 333 -20.81 -36.51 38.21
N ALA B 334 -21.68 -35.60 37.77
CA ALA B 334 -23.04 -35.97 37.42
C ALA B 334 -23.05 -37.04 36.33
N VAL B 335 -22.25 -36.82 35.27
CA VAL B 335 -22.18 -37.75 34.15
C VAL B 335 -21.77 -39.13 34.65
N MET B 336 -20.66 -39.20 35.36
CA MET B 336 -20.17 -40.46 35.88
C MET B 336 -21.24 -41.12 36.74
N ARG B 337 -22.05 -40.32 37.43
CA ARG B 337 -23.08 -40.90 38.27
C ARG B 337 -24.12 -41.63 37.47
N GLU B 338 -24.48 -41.07 36.32
CA GLU B 338 -25.37 -41.75 35.38
C GLU B 338 -24.73 -43.03 34.83
N TRP B 339 -23.39 -43.03 34.78
CA TRP B 339 -22.63 -44.17 34.31
C TRP B 339 -22.40 -45.14 35.45
N LYS B 340 -22.75 -44.70 36.66
CA LYS B 340 -22.56 -45.46 37.90
C LYS B 340 -21.08 -45.80 38.13
N PHE B 341 -20.23 -44.80 38.31
CA PHE B 341 -18.80 -45.07 38.26
C PHE B 341 -18.14 -45.46 39.58
N GLY B 342 -17.20 -46.39 39.46
CA GLY B 342 -16.41 -46.81 40.60
C GLY B 342 -15.26 -45.85 40.81
N GLU B 343 -14.61 -46.01 41.96
CA GLU B 343 -13.36 -45.35 42.20
C GLU B 343 -12.32 -45.96 41.25
N ALA B 344 -12.58 -47.19 40.84
CA ALA B 344 -11.74 -47.89 39.89
C ALA B 344 -11.96 -47.32 38.52
N ASP B 345 -13.20 -46.93 38.25
CA ASP B 345 -13.49 -46.34 36.96
C ASP B 345 -12.70 -45.05 36.77
N HIS B 346 -12.34 -44.34 37.83
CA HIS B 346 -11.52 -43.14 37.52
C HIS B 346 -10.18 -43.56 36.97
N GLU B 347 -9.82 -44.81 37.12
CA GLU B 347 -8.49 -45.18 36.74
C GLU B 347 -8.35 -45.22 35.23
N ARG B 348 -9.48 -45.34 34.53
CA ARG B 348 -9.51 -45.38 33.07
C ARG B 348 -10.08 -44.08 32.46
N THR B 349 -10.23 -43.05 33.28
CA THR B 349 -10.97 -41.88 32.83
C THR B 349 -10.18 -40.58 33.00
N ASN B 350 -9.92 -39.89 31.90
CA ASN B 350 -9.16 -38.65 31.94
C ASN B 350 -7.82 -38.81 32.63
N VAL B 351 -7.01 -39.74 32.13
CA VAL B 351 -5.81 -40.17 32.85
C VAL B 351 -4.61 -39.23 32.80
N ARG B 352 -4.55 -38.27 31.88
CA ARG B 352 -3.50 -37.27 31.97
C ARG B 352 -4.08 -35.90 32.23
N GLY B 353 -5.28 -35.84 32.81
CA GLY B 353 -5.91 -34.56 33.08
C GLY B 353 -7.04 -34.28 32.12
N SER B 354 -7.63 -33.09 32.24
CA SER B 354 -8.71 -32.69 31.34
C SER B 354 -8.94 -31.18 31.45
N GLY B 355 -10.17 -30.74 31.22
CA GLY B 355 -10.47 -29.33 31.21
C GLY B 355 -10.12 -28.54 32.46
N ILE B 356 -10.18 -29.19 33.62
CA ILE B 356 -9.99 -28.47 34.88
C ILE B 356 -8.50 -28.16 35.12
N SER B 357 -7.63 -29.05 34.68
CA SER B 357 -6.19 -28.91 34.93
C SER B 357 -5.38 -28.47 33.73
N LEU B 358 -5.66 -29.02 32.56
CA LEU B 358 -4.94 -28.63 31.35
C LEU B 358 -5.54 -27.39 30.70
N GLY B 359 -6.82 -27.15 30.98
CA GLY B 359 -7.51 -25.99 30.45
C GLY B 359 -8.49 -26.41 29.38
N HIS B 360 -9.30 -25.45 28.92
CA HIS B 360 -10.36 -25.75 27.97
C HIS B 360 -10.43 -24.71 26.86
N PRO B 361 -9.43 -24.70 25.97
CA PRO B 361 -9.43 -23.84 24.79
C PRO B 361 -10.51 -24.29 23.88
N VAL B 362 -11.71 -23.74 23.97
CA VAL B 362 -12.90 -24.50 23.59
C VAL B 362 -12.82 -25.19 22.20
N GLY B 363 -12.60 -24.43 21.13
CA GLY B 363 -12.46 -25.03 19.82
C GLY B 363 -11.43 -26.14 19.64
N ALA B 364 -10.37 -26.09 20.45
CA ALA B 364 -9.23 -27.00 20.34
C ALA B 364 -9.31 -28.25 21.25
N THR B 365 -10.21 -28.22 22.24
CA THR B 365 -10.30 -29.25 23.27
C THR B 365 -10.63 -30.64 22.71
N GLY B 366 -11.46 -30.70 21.67
CA GLY B 366 -11.75 -31.96 21.00
C GLY B 366 -10.53 -32.69 20.49
N GLY B 367 -9.60 -31.96 19.88
CA GLY B 367 -8.37 -32.55 19.39
C GLY B 367 -7.33 -32.83 20.47
N ARG B 368 -7.45 -32.17 21.62
CA ARG B 368 -6.61 -32.50 22.77
C ARG B 368 -7.00 -33.83 23.38
N MET B 369 -8.30 -34.00 23.62
CA MET B 369 -8.82 -35.25 24.10
C MET B 369 -8.47 -36.40 23.15
N LEU B 370 -8.55 -36.16 21.85
CA LEU B 370 -8.26 -37.20 20.86
C LEU B 370 -6.80 -37.57 20.89
N ALA B 371 -5.92 -36.59 21.05
CA ALA B 371 -4.49 -36.85 21.02
C ALA B 371 -4.09 -37.76 22.19
N THR B 372 -4.62 -37.42 23.37
CA THR B 372 -4.39 -38.23 24.54
C THR B 372 -4.99 -39.60 24.29
N LEU B 373 -6.31 -39.65 24.09
CA LEU B 373 -7.02 -40.91 23.90
C LEU B 373 -6.34 -41.86 22.92
N ALA B 374 -6.00 -41.37 21.73
CA ALA B 374 -5.35 -42.20 20.72
C ALA B 374 -3.95 -42.64 21.13
N ARG B 375 -3.14 -41.73 21.68
CA ARG B 375 -1.80 -42.09 22.09
C ARG B 375 -1.80 -43.08 23.26
N GLU B 376 -2.61 -42.79 24.27
CA GLU B 376 -2.73 -43.63 25.44
C GLU B 376 -3.38 -45.00 25.17
N LEU B 377 -4.18 -45.11 24.13
CA LEU B 377 -4.67 -46.44 23.70
C LEU B 377 -3.52 -47.34 23.25
N HIS B 378 -2.43 -46.74 22.80
CA HIS B 378 -1.29 -47.51 22.34
C HIS B 378 -0.34 -47.90 23.46
N ARG B 379 -0.13 -47.01 24.42
CA ARG B 379 0.75 -47.38 25.50
C ARG B 379 0.20 -48.47 26.42
N ARG B 380 -1.10 -48.45 26.65
CA ARG B 380 -1.74 -49.47 27.45
C ARG B 380 -2.06 -50.70 26.61
N GLU B 381 -1.83 -50.57 25.30
CA GLU B 381 -2.30 -51.54 24.33
C GLU B 381 -3.73 -51.95 24.67
N ALA B 382 -4.58 -50.95 24.86
CA ALA B 382 -6.01 -51.14 25.07
C ALA B 382 -6.71 -51.32 23.73
N ARG B 383 -8.03 -51.37 23.73
CA ARG B 383 -8.74 -51.56 22.46
C ARG B 383 -9.62 -50.38 22.10
N TYR B 384 -10.51 -50.01 23.02
CA TYR B 384 -11.52 -49.01 22.73
C TYR B 384 -11.34 -47.77 23.56
N GLY B 385 -11.61 -46.63 22.94
CA GLY B 385 -11.52 -45.35 23.63
C GLY B 385 -12.79 -44.57 23.35
N LEU B 386 -13.19 -43.75 24.30
CA LEU B 386 -14.38 -42.92 24.16
C LEU B 386 -13.98 -41.49 24.42
N GLU B 387 -14.35 -40.63 23.50
CA GLU B 387 -14.24 -39.19 23.71
C GLU B 387 -15.64 -38.63 23.72
N THR B 388 -15.95 -37.82 24.73
CA THR B 388 -17.26 -37.21 24.83
C THR B 388 -17.21 -35.90 25.65
N MET B 389 -18.21 -35.05 25.45
CA MET B 389 -18.19 -33.62 25.79
C MET B 389 -19.60 -33.12 25.95
N CYS B 390 -19.86 -32.36 27.02
CA CYS B 390 -21.10 -31.64 27.17
C CYS B 390 -21.00 -30.41 26.27
N ILE B 391 -22.13 -29.82 25.91
CA ILE B 391 -22.10 -28.69 25.00
C ILE B 391 -23.09 -27.61 25.40
N GLY B 392 -22.62 -26.40 25.66
CA GLY B 392 -23.50 -25.29 25.95
C GLY B 392 -24.63 -25.15 24.93
N GLY B 393 -25.84 -24.93 25.43
CA GLY B 393 -27.02 -24.89 24.58
C GLY B 393 -27.75 -26.20 24.78
N GLY B 394 -27.11 -27.14 25.47
CA GLY B 394 -27.70 -28.43 25.72
C GLY B 394 -27.53 -29.43 24.60
N GLN B 395 -26.31 -29.91 24.41
CA GLN B 395 -26.04 -31.01 23.47
C GLN B 395 -24.96 -31.87 24.07
N GLY B 396 -24.71 -33.01 23.43
CA GLY B 396 -23.51 -33.77 23.70
C GLY B 396 -22.98 -34.36 22.41
N LEU B 397 -21.71 -34.72 22.39
CA LEU B 397 -21.12 -35.42 21.24
C LEU B 397 -20.26 -36.53 21.83
N ALA B 398 -20.27 -37.70 21.18
CA ALA B 398 -19.48 -38.83 21.66
C ALA B 398 -18.89 -39.53 20.47
N ALA B 399 -17.72 -40.14 20.67
CA ALA B 399 -17.12 -40.91 19.62
C ALA B 399 -16.37 -42.09 20.21
N VAL B 400 -16.41 -43.24 19.56
CA VAL B 400 -15.62 -44.40 19.98
C VAL B 400 -14.47 -44.60 19.02
N PHE B 401 -13.24 -44.64 19.54
CA PHE B 401 -12.09 -44.91 18.69
C PHE B 401 -11.47 -46.25 19.05
N GLU B 402 -10.97 -46.95 18.04
CA GLU B 402 -10.36 -48.26 18.24
C GLU B 402 -8.91 -48.21 17.87
N ARG B 403 -8.07 -48.81 18.70
CA ARG B 403 -6.64 -48.85 18.42
C ARG B 403 -6.38 -49.66 17.15
N VAL B 404 -5.50 -49.15 16.30
CA VAL B 404 -5.18 -49.84 15.06
C VAL B 404 -4.00 -50.77 15.25
N ARG C 4 -19.60 49.34 39.12
CA ARG C 4 -20.00 49.35 37.71
C ARG C 4 -21.05 48.27 37.44
N ASP C 5 -21.96 48.55 36.51
CA ASP C 5 -22.99 47.59 36.19
C ASP C 5 -22.51 46.53 35.18
N ALA C 6 -23.19 45.39 35.18
CA ALA C 6 -23.06 44.44 34.09
C ALA C 6 -24.36 44.45 33.28
N VAL C 7 -24.28 44.84 32.00
CA VAL C 7 -25.46 44.83 31.14
C VAL C 7 -25.39 43.75 30.06
N ILE C 8 -26.56 43.33 29.59
CA ILE C 8 -26.70 42.24 28.62
C ILE C 8 -27.02 42.78 27.21
N CYS C 9 -26.17 42.52 26.22
CA CYS C 9 -26.48 43.00 24.87
C CYS C 9 -26.72 41.91 23.83
N GLU C 10 -27.78 42.12 23.04
CA GLU C 10 -28.07 41.31 21.87
C GLU C 10 -28.07 39.83 22.21
N PRO C 11 -28.86 39.44 23.20
CA PRO C 11 -28.83 37.99 23.46
C PRO C 11 -29.60 37.26 22.38
N VAL C 12 -28.94 36.32 21.71
CA VAL C 12 -29.56 35.59 20.61
C VAL C 12 -29.49 34.07 20.82
N ARG C 13 -30.14 33.32 19.93
CA ARG C 13 -30.04 31.86 19.95
C ARG C 13 -30.26 31.28 18.55
N THR C 14 -29.93 30.01 18.37
CA THR C 14 -30.32 29.27 17.17
C THR C 14 -31.82 28.98 17.21
N PRO C 15 -32.39 28.42 16.12
CA PRO C 15 -33.69 27.80 16.38
C PRO C 15 -33.45 26.58 17.25
N ILE C 16 -34.51 26.00 17.78
CA ILE C 16 -34.35 24.81 18.59
C ILE C 16 -34.86 23.58 17.84
N GLY C 17 -33.96 22.65 17.52
CA GLY C 17 -34.36 21.40 16.90
C GLY C 17 -34.75 20.34 17.92
N ARG C 18 -35.59 19.39 17.50
CA ARG C 18 -35.93 18.25 18.35
C ARG C 18 -34.77 17.26 18.34
N TYR C 19 -34.79 16.31 19.27
CA TYR C 19 -33.82 15.23 19.33
C TYR C 19 -33.94 14.33 18.11
N GLY C 20 -32.83 14.14 17.40
CA GLY C 20 -32.84 13.36 16.19
C GLY C 20 -33.61 14.09 15.10
N GLY C 21 -33.56 15.41 15.14
CA GLY C 21 -34.33 16.22 14.21
C GLY C 21 -33.49 17.01 13.24
N MET C 22 -33.90 18.25 12.96
CA MET C 22 -33.30 19.06 11.92
C MET C 22 -31.84 19.50 12.15
N PHE C 23 -31.38 19.49 13.39
CA PHE C 23 -29.99 19.89 13.64
C PHE C 23 -29.16 18.69 14.03
N ARG C 24 -29.61 17.51 13.63
CA ARG C 24 -28.99 16.28 14.09
C ARG C 24 -27.64 15.99 13.46
N SER C 25 -27.36 16.57 12.30
CA SER C 25 -26.03 16.41 11.72
C SER C 25 -25.11 17.51 12.22
N LEU C 26 -25.62 18.35 13.11
CA LEU C 26 -24.86 19.49 13.61
C LEU C 26 -24.41 19.24 15.03
N THR C 27 -23.12 19.46 15.27
CA THR C 27 -22.54 19.35 16.61
C THR C 27 -22.83 20.54 17.51
N ALA C 28 -22.54 20.39 18.80
CA ALA C 28 -22.68 21.48 19.76
C ALA C 28 -21.84 22.67 19.37
N VAL C 29 -20.67 22.41 18.78
CA VAL C 29 -19.78 23.49 18.34
C VAL C 29 -20.33 24.18 17.11
N ASP C 30 -20.90 23.42 16.19
CA ASP C 30 -21.55 23.98 15.03
C ASP C 30 -22.57 25.00 15.44
N LEU C 31 -23.43 24.60 16.36
CA LEU C 31 -24.56 25.42 16.79
C LEU C 31 -24.12 26.69 17.52
N GLY C 32 -23.12 26.58 18.38
CA GLY C 32 -22.56 27.71 19.09
C GLY C 32 -21.82 28.67 18.17
N VAL C 33 -21.14 28.13 17.17
CA VAL C 33 -20.43 28.96 16.21
C VAL C 33 -21.41 29.80 15.41
N THR C 34 -22.48 29.17 14.94
CA THR C 34 -23.52 29.92 14.25
C THR C 34 -24.03 31.07 15.10
N ALA C 35 -24.51 30.75 16.30
CA ALA C 35 -25.02 31.71 17.26
C ALA C 35 -24.03 32.84 17.58
N LEU C 36 -22.78 32.48 17.89
CA LEU C 36 -21.74 33.47 18.15
C LEU C 36 -21.47 34.36 16.94
N LYS C 37 -21.28 33.74 15.78
CA LYS C 37 -21.09 34.47 14.54
C LYS C 37 -22.27 35.41 14.29
N GLY C 38 -23.48 34.95 14.60
CA GLY C 38 -24.64 35.79 14.46
C GLY C 38 -24.59 36.97 15.43
N LEU C 39 -24.15 36.73 16.65
CA LEU C 39 -24.06 37.80 17.65
C LEU C 39 -23.10 38.90 17.19
N LEU C 40 -21.92 38.52 16.74
CA LEU C 40 -20.95 39.53 16.31
C LEU C 40 -21.38 40.28 15.04
N GLU C 41 -22.16 39.61 14.19
CA GLU C 41 -22.61 40.20 12.94
C GLU C 41 -23.63 41.30 13.20
N ARG C 42 -24.48 41.08 14.20
CA ARG C 42 -25.51 42.06 14.52
C ARG C 42 -24.92 43.23 15.26
N THR C 43 -24.03 42.93 16.21
CA THR C 43 -23.42 43.94 17.04
C THR C 43 -22.23 44.65 16.38
N GLY C 44 -21.69 44.06 15.32
CA GLY C 44 -20.61 44.70 14.58
C GLY C 44 -19.33 45.01 15.34
N ILE C 45 -19.15 44.42 16.51
CA ILE C 45 -17.94 44.67 17.33
C ILE C 45 -16.71 43.97 16.74
N ALA C 46 -15.55 44.59 16.90
CA ALA C 46 -14.32 43.93 16.49
C ALA C 46 -14.13 42.69 17.35
N ALA C 47 -13.64 41.62 16.75
CA ALA C 47 -13.52 40.35 17.44
C ALA C 47 -12.44 40.36 18.51
N ASP C 48 -11.58 41.37 18.51
CA ASP C 48 -10.53 41.41 19.53
C ASP C 48 -11.03 42.06 20.81
N GLN C 49 -12.30 42.44 20.80
CA GLN C 49 -12.93 43.05 21.96
C GLN C 49 -13.44 42.04 22.96
N VAL C 50 -13.56 40.80 22.51
CA VAL C 50 -14.04 39.72 23.38
C VAL C 50 -12.91 39.21 24.26
N GLU C 51 -13.15 39.18 25.57
CA GLU C 51 -12.09 38.84 26.49
C GLU C 51 -12.27 37.43 27.07
N ASP C 52 -13.44 36.85 26.87
CA ASP C 52 -13.70 35.53 27.35
C ASP C 52 -15.01 35.03 26.75
N VAL C 53 -15.07 33.74 26.40
CA VAL C 53 -16.31 33.09 25.97
C VAL C 53 -16.71 31.97 26.96
N ILE C 54 -17.72 32.25 27.78
CA ILE C 54 -18.12 31.35 28.85
C ILE C 54 -19.42 30.64 28.50
N LEU C 55 -19.37 29.32 28.32
CA LEU C 55 -20.53 28.59 27.86
C LEU C 55 -21.02 27.55 28.86
N GLY C 56 -22.32 27.54 29.08
CA GLY C 56 -22.96 26.43 29.74
C GLY C 56 -23.14 25.30 28.73
N HIS C 57 -22.81 24.09 29.17
CA HIS C 57 -22.66 22.94 28.30
C HIS C 57 -22.63 21.71 29.21
N CYS C 58 -23.71 20.93 29.16
CA CYS C 58 -23.96 19.88 30.14
C CYS C 58 -23.54 18.45 29.79
N TYR C 59 -23.30 18.14 28.52
CA TYR C 59 -22.73 16.83 28.19
C TYR C 59 -21.43 16.97 27.42
N PRO C 60 -20.42 17.60 28.05
CA PRO C 60 -19.15 17.74 27.36
C PRO C 60 -18.46 16.38 27.10
N ASN C 61 -17.67 16.34 26.04
CA ASN C 61 -16.78 15.23 25.76
C ASN C 61 -15.56 15.83 25.09
N SER C 62 -14.56 15.01 24.79
CA SER C 62 -13.30 15.48 24.20
C SER C 62 -13.38 15.82 22.72
N GLU C 63 -14.58 15.84 22.16
CA GLU C 63 -14.76 16.41 20.83
C GLU C 63 -14.66 17.93 20.89
N ALA C 64 -14.83 18.49 22.09
CA ALA C 64 -14.72 19.94 22.30
C ALA C 64 -14.47 20.23 23.77
N PRO C 65 -13.20 20.12 24.20
CA PRO C 65 -12.77 20.49 25.56
C PRO C 65 -12.92 22.00 25.81
N ALA C 66 -13.06 22.42 27.07
CA ALA C 66 -13.36 23.81 27.45
C ALA C 66 -14.13 24.55 26.36
N ILE C 67 -15.33 24.07 26.07
CA ILE C 67 -16.02 24.33 24.80
C ILE C 67 -16.05 25.80 24.35
N GLY C 68 -16.18 26.73 25.30
CA GLY C 68 -16.19 28.14 24.95
C GLY C 68 -14.99 28.54 24.10
N ARG C 69 -13.84 27.93 24.38
CA ARG C 69 -12.63 28.23 23.62
C ARG C 69 -12.76 27.72 22.21
N VAL C 70 -13.31 26.52 22.07
CA VAL C 70 -13.42 25.89 20.78
C VAL C 70 -14.43 26.61 19.90
N VAL C 71 -15.56 27.02 20.49
CA VAL C 71 -16.54 27.82 19.78
C VAL C 71 -15.90 29.12 19.30
N ALA C 72 -15.12 29.75 20.17
CA ALA C 72 -14.40 30.98 19.83
C ALA C 72 -13.51 30.80 18.61
N LEU C 73 -12.62 29.81 18.67
CA LEU C 73 -11.73 29.52 17.55
C LEU C 73 -12.47 29.13 16.27
N ASP C 74 -13.40 28.18 16.38
CA ASP C 74 -14.10 27.69 15.19
C ASP C 74 -15.01 28.76 14.57
N ALA C 75 -15.27 29.84 15.32
CA ALA C 75 -15.99 31.00 14.79
C ALA C 75 -15.02 31.95 14.10
N GLY C 76 -13.73 31.70 14.29
CA GLY C 76 -12.72 32.52 13.67
C GLY C 76 -12.41 33.73 14.51
N LEU C 77 -12.50 33.56 15.83
CA LEU C 77 -12.09 34.60 16.76
C LEU C 77 -10.58 34.52 16.94
N PRO C 78 -9.95 35.66 17.21
CA PRO C 78 -8.50 35.69 17.42
C PRO C 78 -8.10 34.64 18.43
N ILE C 79 -6.92 34.03 18.29
CA ILE C 79 -6.47 33.01 19.23
C ILE C 79 -6.09 33.66 20.56
N THR C 80 -6.37 34.95 20.67
CA THR C 80 -6.09 35.69 21.90
C THR C 80 -7.29 35.61 22.85
N VAL C 81 -8.41 35.12 22.34
CA VAL C 81 -9.66 35.02 23.09
C VAL C 81 -9.80 33.70 23.86
N PRO C 82 -9.81 33.77 25.20
CA PRO C 82 -10.00 32.61 26.08
C PRO C 82 -11.45 32.16 26.12
N GLY C 83 -11.71 31.04 26.76
CA GLY C 83 -13.06 30.53 26.83
C GLY C 83 -13.03 29.32 27.74
N MET C 84 -14.20 28.88 28.18
CA MET C 84 -14.27 27.79 29.14
C MET C 84 -15.68 27.20 29.17
N GLN C 85 -15.89 26.24 30.05
CA GLN C 85 -17.15 25.51 30.10
C GLN C 85 -17.63 25.32 31.55
N VAL C 86 -18.93 25.49 31.78
CA VAL C 86 -19.49 25.36 33.14
C VAL C 86 -20.70 24.41 33.12
N ASP C 87 -20.89 23.65 34.20
CA ASP C 87 -22.01 22.73 34.31
C ASP C 87 -22.70 22.90 35.66
N ARG C 88 -23.92 23.42 35.62
CA ARG C 88 -24.85 23.26 36.75
C ARG C 88 -26.19 22.80 36.18
N ARG C 89 -26.13 21.77 35.34
CA ARG C 89 -27.26 21.18 34.63
C ARG C 89 -28.13 22.22 33.96
N CYS C 90 -29.42 22.21 34.25
CA CYS C 90 -30.37 23.13 33.62
C CYS C 90 -29.95 24.60 33.74
N GLY C 91 -29.39 24.97 34.90
CA GLY C 91 -29.07 26.35 35.14
C GLY C 91 -27.77 26.86 34.55
N SER C 92 -27.18 26.11 33.62
CA SER C 92 -25.80 26.39 33.17
C SER C 92 -25.66 27.60 32.23
N GLY C 93 -26.71 27.96 31.53
CA GLY C 93 -26.65 29.11 30.64
C GLY C 93 -26.71 30.41 31.42
N LEU C 94 -27.42 30.38 32.56
CA LEU C 94 -27.52 31.54 33.42
C LEU C 94 -26.32 31.62 34.32
N GLN C 95 -25.86 30.46 34.74
CA GLN C 95 -24.60 30.36 35.47
C GLN C 95 -23.50 31.04 34.67
N ALA C 96 -23.40 30.73 33.39
CA ALA C 96 -22.43 31.35 32.50
C ALA C 96 -22.63 32.87 32.39
N VAL C 97 -23.88 33.33 32.43
CA VAL C 97 -24.15 34.76 32.46
C VAL C 97 -23.69 35.41 33.77
N ILE C 98 -24.17 34.87 34.89
CA ILE C 98 -23.79 35.40 36.20
C ILE C 98 -22.30 35.50 36.32
N GLN C 99 -21.58 34.45 35.95
CA GLN C 99 -20.11 34.50 35.99
C GLN C 99 -19.58 35.59 35.09
N ALA C 100 -20.21 35.78 33.93
CA ALA C 100 -19.80 36.85 33.03
C ALA C 100 -20.01 38.20 33.71
N CYS C 101 -21.15 38.37 34.36
CA CYS C 101 -21.40 39.60 35.08
C CYS C 101 -20.42 39.83 36.23
N LEU C 102 -20.08 38.78 36.98
CA LEU C 102 -19.19 38.94 38.12
C LEU C 102 -17.81 39.42 37.69
N GLN C 103 -17.26 38.85 36.63
CA GLN C 103 -15.89 39.21 36.24
C GLN C 103 -15.89 40.48 35.41
N VAL C 104 -17.06 40.90 34.98
CA VAL C 104 -17.15 42.19 34.30
C VAL C 104 -17.46 43.30 35.29
N ARG C 105 -18.29 43.00 36.30
CA ARG C 105 -18.63 43.99 37.29
C ARG C 105 -17.43 44.19 38.21
N SER C 106 -16.57 43.19 38.30
CA SER C 106 -15.37 43.27 39.15
C SER C 106 -14.33 44.22 38.61
N GLY C 107 -14.45 44.57 37.34
CA GLY C 107 -13.46 45.43 36.69
C GLY C 107 -12.38 44.66 35.97
N ASP C 108 -12.39 43.33 36.09
CA ASP C 108 -11.38 42.52 35.42
C ASP C 108 -11.56 42.55 33.91
N HIS C 109 -12.80 42.51 33.43
CA HIS C 109 -13.08 42.50 31.99
C HIS C 109 -14.11 43.56 31.61
N ASP C 110 -14.06 44.05 30.37
CA ASP C 110 -15.05 45.02 29.93
C ASP C 110 -16.11 44.38 29.04
N LEU C 111 -15.75 43.27 28.40
CA LEU C 111 -16.68 42.59 27.50
C LEU C 111 -16.35 41.12 27.39
N VAL C 112 -17.36 40.29 27.60
CA VAL C 112 -17.21 38.87 27.42
C VAL C 112 -18.47 38.34 26.77
N VAL C 113 -18.39 37.11 26.28
CA VAL C 113 -19.54 36.44 25.74
C VAL C 113 -20.02 35.36 26.71
N ALA C 114 -21.30 35.37 27.04
CA ALA C 114 -21.87 34.28 27.82
C ALA C 114 -22.96 33.60 27.00
N GLY C 115 -23.02 32.28 27.11
CA GLY C 115 -24.04 31.54 26.38
C GLY C 115 -24.11 30.10 26.80
N GLY C 116 -24.71 29.29 25.93
CA GLY C 116 -24.74 27.87 26.16
C GLY C 116 -24.83 27.17 24.82
N ALA C 117 -24.53 25.88 24.79
CA ALA C 117 -24.62 25.10 23.57
C ALA C 117 -24.91 23.64 23.89
N GLU C 118 -25.98 23.11 23.31
CA GLU C 118 -26.27 21.72 23.53
C GLU C 118 -26.78 21.02 22.25
N SER C 119 -26.14 19.92 21.91
CA SER C 119 -26.64 19.00 20.91
C SER C 119 -26.94 17.72 21.65
N MET C 120 -28.19 17.53 22.02
CA MET C 120 -28.55 16.32 22.75
C MET C 120 -28.57 15.12 21.78
N SER C 121 -28.74 15.43 20.49
CA SER C 121 -28.73 14.44 19.43
C SER C 121 -27.41 13.70 19.34
N ASN C 122 -26.32 14.38 19.67
CA ASN C 122 -24.98 13.80 19.50
C ASN C 122 -24.23 13.56 20.80
N VAL C 123 -24.97 13.47 21.91
CA VAL C 123 -24.35 13.18 23.20
C VAL C 123 -23.76 11.78 23.16
N ALA C 124 -22.50 11.65 23.56
CA ALA C 124 -21.80 10.39 23.36
C ALA C 124 -22.36 9.22 24.19
N PHE C 125 -21.93 8.02 23.82
CA PHE C 125 -22.01 6.84 24.66
C PHE C 125 -20.62 6.63 25.19
N TYR C 126 -20.50 6.20 26.43
CA TYR C 126 -19.18 6.10 27.02
C TYR C 126 -19.04 4.86 27.89
N SER C 127 -17.80 4.50 28.19
CA SER C 127 -17.55 3.37 29.05
C SER C 127 -16.37 3.64 29.95
N THR C 128 -16.49 3.16 31.18
CA THR C 128 -15.39 3.24 32.11
C THR C 128 -14.66 1.89 32.19
N ASP C 129 -14.98 0.97 31.29
CA ASP C 129 -14.40 -0.38 31.30
C ASP C 129 -13.42 -0.73 30.19
N MET C 130 -13.06 0.21 29.33
CA MET C 130 -12.19 -0.14 28.21
C MET C 130 -10.72 0.14 28.43
N ARG C 131 -10.41 0.98 29.41
CA ARG C 131 -9.04 1.45 29.61
C ARG C 131 -8.14 0.35 30.16
N TRP C 132 -8.71 -0.47 31.03
CA TRP C 132 -7.95 -1.51 31.70
C TRP C 132 -8.42 -2.89 31.30
N GLY C 133 -9.55 -2.94 30.60
CA GLY C 133 -10.03 -4.17 30.00
C GLY C 133 -11.22 -4.79 30.72
N GLY C 134 -12.18 -5.33 29.96
CA GLY C 134 -13.32 -6.00 30.55
C GLY C 134 -13.16 -7.51 30.75
N ALA C 135 -11.91 -7.97 30.76
CA ALA C 135 -11.59 -9.40 30.90
C ALA C 135 -12.40 -10.13 31.98
N ARG C 136 -12.67 -9.46 33.09
CA ARG C 136 -13.39 -10.09 34.21
C ARG C 136 -14.76 -9.45 34.49
N THR C 137 -14.88 -8.15 34.22
CA THR C 137 -16.08 -7.39 34.59
C THR C 137 -17.07 -7.22 33.47
N GLY C 138 -16.63 -7.44 32.23
CA GLY C 138 -17.40 -7.04 31.07
C GLY C 138 -17.20 -5.57 30.72
N VAL C 139 -17.90 -5.10 29.70
CA VAL C 139 -17.86 -3.70 29.28
C VAL C 139 -19.26 -3.11 29.19
N GLN C 140 -19.61 -2.28 30.17
CA GLN C 140 -20.84 -1.52 30.12
C GLN C 140 -20.64 -0.21 29.34
N ILE C 141 -21.53 0.06 28.38
CA ILE C 141 -21.59 1.37 27.70
C ILE C 141 -22.85 2.11 28.12
N HIS C 142 -22.69 3.37 28.51
CA HIS C 142 -23.81 4.17 29.00
C HIS C 142 -24.24 5.20 27.98
N ASP C 143 -25.54 5.49 27.96
CA ASP C 143 -26.08 6.65 27.27
C ASP C 143 -25.88 7.86 28.20
N GLY C 144 -25.13 8.86 27.74
CA GLY C 144 -24.90 10.03 28.56
C GLY C 144 -26.21 10.68 29.00
N LEU C 145 -27.20 10.72 28.11
CA LEU C 145 -28.50 11.30 28.42
C LEU C 145 -29.25 10.49 29.47
N ALA C 146 -29.29 9.18 29.28
CA ALA C 146 -30.01 8.29 30.18
C ALA C 146 -29.28 8.10 31.49
N ARG C 147 -27.98 7.91 31.42
CA ARG C 147 -27.21 7.66 32.63
C ARG C 147 -27.28 8.85 33.57
N GLY C 148 -27.24 10.05 32.99
CA GLY C 148 -27.10 11.26 33.78
C GLY C 148 -28.36 11.65 34.52
N ARG C 149 -29.49 11.03 34.19
CA ARG C 149 -30.71 11.34 34.90
C ARG C 149 -30.80 10.57 36.23
N THR C 150 -29.94 9.55 36.37
CA THR C 150 -29.84 8.70 37.58
C THR C 150 -28.83 9.18 38.65
N THR C 151 -27.77 9.84 38.19
CA THR C 151 -26.57 10.02 38.98
C THR C 151 -26.45 11.36 39.67
N ALA C 152 -27.20 12.34 39.21
CA ALA C 152 -27.00 13.73 39.60
C ALA C 152 -27.14 13.99 41.11
N GLY C 153 -27.87 13.12 41.82
CA GLY C 153 -28.04 13.26 43.25
C GLY C 153 -27.08 12.41 44.07
N GLY C 154 -26.14 11.75 43.40
CA GLY C 154 -25.18 10.93 44.11
C GLY C 154 -25.71 9.56 44.53
N LYS C 155 -24.94 8.88 45.35
CA LYS C 155 -25.29 7.54 45.80
C LYS C 155 -26.25 7.51 47.00
N PHE C 156 -26.30 8.60 47.77
CA PHE C 156 -27.20 8.67 48.94
C PHE C 156 -28.61 9.23 48.68
N HIS C 157 -28.87 9.67 47.46
CA HIS C 157 -30.16 10.30 47.14
C HIS C 157 -30.66 9.79 45.80
N PRO C 158 -30.86 8.47 45.70
CA PRO C 158 -31.08 7.74 44.44
C PRO C 158 -32.39 8.12 43.78
N VAL C 159 -32.40 8.24 42.44
CA VAL C 159 -33.62 8.52 41.68
C VAL C 159 -33.60 7.78 40.34
N PRO C 160 -34.01 6.49 40.35
CA PRO C 160 -34.02 5.62 39.17
C PRO C 160 -34.76 6.21 37.97
N GLY C 161 -35.78 7.02 38.22
CA GLY C 161 -36.59 7.59 37.15
C GLY C 161 -36.18 9.00 36.81
N GLY C 162 -35.18 9.51 37.53
CA GLY C 162 -34.59 10.79 37.21
C GLY C 162 -35.48 11.99 37.42
N MET C 163 -35.33 12.99 36.56
CA MET C 163 -36.02 14.25 36.80
C MET C 163 -37.52 14.07 36.69
N LEU C 164 -37.96 13.15 35.84
CA LEU C 164 -39.38 12.91 35.65
C LEU C 164 -40.02 12.26 36.87
N GLU C 165 -39.30 11.32 37.45
CA GLU C 165 -39.80 10.67 38.65
C GLU C 165 -40.00 11.75 39.72
N THR C 166 -39.13 12.76 39.77
CA THR C 166 -39.30 13.88 40.71
C THR C 166 -40.44 14.77 40.29
N ALA C 167 -40.79 14.76 39.02
CA ALA C 167 -41.88 15.60 38.52
C ALA C 167 -43.21 14.99 38.91
N GLU C 168 -43.22 13.66 38.96
CA GLU C 168 -44.36 12.94 39.48
C GLU C 168 -44.54 13.21 40.98
N ASN C 169 -43.43 13.20 41.72
CA ASN C 169 -43.47 13.45 43.17
C ASN C 169 -44.11 14.79 43.51
N LEU C 170 -43.91 15.77 42.63
CA LEU C 170 -44.46 17.10 42.84
C LEU C 170 -45.96 17.11 42.55
N ARG C 171 -46.37 16.42 41.49
CA ARG C 171 -47.78 16.19 41.18
C ARG C 171 -48.49 15.64 42.41
N ARG C 172 -47.78 14.73 43.09
CA ARG C 172 -48.37 13.95 44.17
C ARG C 172 -48.44 14.77 45.44
N GLU C 173 -47.33 15.40 45.80
CA GLU C 173 -47.32 16.22 46.98
C GLU C 173 -48.16 17.47 46.78
N TYR C 174 -48.36 17.90 45.55
CA TYR C 174 -49.12 19.14 45.31
C TYR C 174 -50.55 18.95 44.76
N HIS C 175 -50.98 17.70 44.60
CA HIS C 175 -52.34 17.41 44.15
C HIS C 175 -52.58 17.98 42.75
N ILE C 176 -51.69 17.68 41.80
CA ILE C 176 -51.79 18.30 40.48
C ILE C 176 -52.41 17.39 39.42
N SER C 177 -53.48 17.89 38.81
CA SER C 177 -54.24 17.08 37.86
C SER C 177 -53.60 17.07 36.49
N ARG C 178 -53.81 15.98 35.74
CA ARG C 178 -53.26 15.87 34.40
C ARG C 178 -53.83 16.96 33.54
N THR C 179 -55.11 17.25 33.74
CA THR C 179 -55.82 18.26 32.96
C THR C 179 -55.09 19.58 33.04
N GLU C 180 -54.79 20.02 34.25
CA GLU C 180 -54.13 21.29 34.42
C GLU C 180 -52.72 21.24 33.84
N GLN C 181 -52.06 20.10 34.01
CA GLN C 181 -50.75 19.91 33.40
C GLN C 181 -50.83 20.07 31.89
N ASP C 182 -51.80 19.40 31.27
CA ASP C 182 -51.96 19.49 29.83
C ASP C 182 -52.49 20.84 29.42
N GLU C 183 -53.24 21.51 30.30
CA GLU C 183 -53.69 22.88 30.02
C GLU C 183 -52.53 23.84 29.89
N LEU C 184 -51.46 23.57 30.64
CA LEU C 184 -50.28 24.41 30.63
C LEU C 184 -49.50 24.21 29.35
N ALA C 185 -49.24 22.95 29.02
CA ALA C 185 -48.57 22.61 27.78
C ALA C 185 -49.24 23.30 26.58
N VAL C 186 -50.58 23.26 26.55
CA VAL C 186 -51.35 23.83 25.46
C VAL C 186 -51.12 25.33 25.36
N ARG C 187 -51.27 25.99 26.50
CA ARG C 187 -50.92 27.40 26.64
C ARG C 187 -49.50 27.63 26.16
N SER C 188 -48.61 26.70 26.46
CA SER C 188 -47.21 26.85 26.09
C SER C 188 -47.00 26.90 24.58
N HIS C 189 -47.63 26.00 23.86
CA HIS C 189 -47.46 25.98 22.42
C HIS C 189 -48.05 27.21 21.73
N GLN C 190 -49.24 27.65 22.12
CA GLN C 190 -49.80 28.81 21.44
C GLN C 190 -49.22 30.13 21.90
N ARG C 191 -48.46 30.17 22.99
CA ARG C 191 -47.68 31.39 23.20
C ARG C 191 -46.46 31.39 22.31
N ALA C 192 -45.87 30.23 22.10
CA ALA C 192 -44.74 30.11 21.18
C ALA C 192 -45.22 30.34 19.75
N VAL C 193 -46.25 29.60 19.37
CA VAL C 193 -46.86 29.75 18.05
C VAL C 193 -47.36 31.18 17.82
N ALA C 194 -47.88 31.81 18.86
CA ALA C 194 -48.24 33.22 18.74
C ALA C 194 -46.98 33.95 18.38
N ALA C 195 -46.02 33.89 19.29
CA ALA C 195 -44.79 34.64 19.20
C ALA C 195 -44.06 34.43 17.87
N GLN C 196 -44.29 33.28 17.23
CA GLN C 196 -43.78 33.05 15.88
C GLN C 196 -44.47 33.96 14.84
N SER C 197 -45.79 33.92 14.80
CA SER C 197 -46.55 34.68 13.80
C SER C 197 -46.45 36.19 14.03
N GLU C 198 -46.23 36.59 15.28
CA GLU C 198 -46.11 38.01 15.60
C GLU C 198 -44.76 38.51 15.13
N GLY C 199 -43.87 37.59 14.78
CA GLY C 199 -42.55 37.94 14.25
C GLY C 199 -41.54 38.44 15.26
N VAL C 200 -41.71 38.08 16.54
CA VAL C 200 -40.80 38.53 17.58
C VAL C 200 -39.64 37.56 17.81
N LEU C 201 -39.81 36.30 17.43
CA LEU C 201 -38.72 35.32 17.50
C LEU C 201 -37.64 35.68 16.49
N ALA C 202 -37.98 36.58 15.57
CA ALA C 202 -37.07 37.04 14.55
C ALA C 202 -35.89 37.75 15.16
N GLU C 203 -36.14 38.61 16.14
CA GLU C 203 -35.07 39.34 16.82
C GLU C 203 -34.16 38.42 17.63
N GLU C 204 -34.74 37.32 18.08
CA GLU C 204 -34.12 36.35 18.96
C GLU C 204 -33.18 35.36 18.31
N ILE C 205 -33.50 35.00 17.07
CA ILE C 205 -33.00 33.77 16.47
C ILE C 205 -31.97 33.99 15.37
N ILE C 206 -30.86 33.28 15.48
CA ILE C 206 -29.86 33.22 14.43
C ILE C 206 -30.18 32.05 13.50
N PRO C 207 -30.64 32.36 12.29
CA PRO C 207 -31.02 31.29 11.34
C PRO C 207 -29.86 30.35 11.05
N VAL C 208 -30.11 29.04 11.10
CA VAL C 208 -29.04 28.07 10.96
C VAL C 208 -29.06 27.33 9.62
N PRO C 209 -28.03 27.57 8.81
CA PRO C 209 -27.89 26.87 7.53
C PRO C 209 -27.42 25.43 7.71
N VAL C 210 -28.07 24.52 6.98
CA VAL C 210 -27.70 23.10 7.03
C VAL C 210 -27.53 22.55 5.61
N ARG C 211 -26.58 21.64 5.41
CA ARG C 211 -26.38 21.02 4.10
C ARG C 211 -27.55 20.11 3.73
N THR C 212 -28.02 20.22 2.49
CA THR C 212 -29.11 19.39 2.00
C THR C 212 -28.69 18.57 0.79
N GLU C 216 -28.15 23.10 0.31
CA GLU C 216 -28.07 23.80 1.60
C GLU C 216 -29.30 24.69 1.84
N GLU C 217 -29.93 24.53 3.01
CA GLU C 217 -31.10 25.32 3.39
C GLU C 217 -30.77 26.14 4.62
N THR C 218 -31.51 27.23 4.85
CA THR C 218 -31.40 27.96 6.11
C THR C 218 -32.64 27.73 6.95
N ILE C 219 -32.47 27.19 8.15
CA ILE C 219 -33.57 26.98 9.08
C ILE C 219 -33.63 28.13 10.07
N SER C 220 -34.83 28.70 10.24
CA SER C 220 -34.99 29.84 11.14
C SER C 220 -36.23 29.74 12.01
N VAL C 221 -36.91 28.59 11.96
CA VAL C 221 -38.09 28.37 12.81
C VAL C 221 -37.86 27.19 13.77
N ASP C 222 -38.34 27.31 15.01
CA ASP C 222 -38.22 26.24 15.98
C ASP C 222 -39.00 24.98 15.60
N GLU C 223 -38.41 23.82 15.86
CA GLU C 223 -38.94 22.53 15.37
C GLU C 223 -40.05 21.94 16.22
N HIS C 224 -40.06 22.20 17.52
CA HIS C 224 -41.09 21.57 18.36
C HIS C 224 -42.44 22.28 18.50
N PRO C 225 -42.52 23.62 18.43
CA PRO C 225 -43.88 24.12 18.65
C PRO C 225 -44.91 23.53 17.67
N ARG C 226 -46.13 23.28 18.16
CA ARG C 226 -47.20 22.67 17.36
C ARG C 226 -48.49 23.45 17.54
N ALA C 227 -49.04 23.93 16.42
CA ALA C 227 -50.23 24.77 16.45
C ALA C 227 -51.49 24.01 16.85
N ASP C 228 -51.50 22.71 16.52
CA ASP C 228 -52.69 21.87 16.70
C ASP C 228 -52.74 21.23 18.07
N THR C 229 -52.06 21.81 19.05
CA THR C 229 -52.05 21.23 20.40
C THR C 229 -53.33 21.60 21.17
N THR C 230 -53.96 20.60 21.78
CA THR C 230 -55.15 20.81 22.63
C THR C 230 -55.18 19.80 23.78
N VAL C 231 -55.89 20.17 24.84
CA VAL C 231 -55.96 19.36 26.06
C VAL C 231 -56.44 17.95 25.74
N GLU C 232 -57.44 17.89 24.89
CA GLU C 232 -58.02 16.62 24.45
C GLU C 232 -56.98 15.69 23.84
N ALA C 233 -56.18 16.20 22.91
CA ALA C 233 -55.17 15.40 22.22
C ALA C 233 -54.12 14.86 23.19
N LEU C 234 -53.80 15.65 24.21
CA LEU C 234 -52.79 15.31 25.22
C LEU C 234 -53.26 14.25 26.20
N ALA C 235 -54.56 14.27 26.47
CA ALA C 235 -55.15 13.30 27.38
C ALA C 235 -54.94 11.89 26.86
N LYS C 236 -54.77 11.78 25.55
CA LYS C 236 -54.53 10.49 24.91
C LYS C 236 -53.16 9.93 25.24
N LEU C 237 -52.30 10.76 25.83
CA LEU C 237 -50.90 10.38 25.96
C LEU C 237 -50.63 9.53 27.19
N LYS C 238 -49.82 8.50 26.99
CA LYS C 238 -49.45 7.55 28.01
C LYS C 238 -48.44 8.16 28.96
N PRO C 239 -48.76 8.23 30.26
CA PRO C 239 -47.74 8.67 31.21
C PRO C 239 -46.53 7.75 31.16
N VAL C 240 -45.34 8.37 31.16
CA VAL C 240 -44.07 7.68 30.95
C VAL C 240 -43.81 6.67 32.04
N LEU C 241 -44.28 6.99 33.25
CA LEU C 241 -44.09 6.11 34.40
C LEU C 241 -45.42 5.53 34.87
N LEU C 242 -46.34 5.31 33.94
CA LEU C 242 -47.62 4.70 34.26
C LEU C 242 -47.45 3.26 34.76
N LYS C 243 -46.63 2.48 34.06
CA LYS C 243 -46.35 1.08 34.42
C LYS C 243 -45.86 0.86 35.85
N GLN C 244 -45.32 1.91 36.47
CA GLN C 244 -44.92 1.81 37.86
C GLN C 244 -45.88 2.60 38.75
N ASP C 245 -46.61 3.54 38.16
CA ASP C 245 -47.45 4.45 38.94
C ASP C 245 -48.86 4.63 38.38
N PRO C 246 -49.87 4.33 39.20
CA PRO C 246 -51.28 4.41 38.85
C PRO C 246 -51.74 5.85 38.65
N GLU C 247 -51.35 6.73 39.56
CA GLU C 247 -51.79 8.12 39.50
C GLU C 247 -50.88 9.01 38.65
N ALA C 248 -49.90 8.40 37.99
CA ALA C 248 -48.96 9.10 37.12
C ALA C 248 -49.61 9.99 36.07
N THR C 249 -49.10 11.21 35.91
CA THR C 249 -49.66 12.19 34.97
C THR C 249 -48.68 12.73 33.90
N VAL C 250 -47.37 12.52 34.11
CA VAL C 250 -46.37 13.22 33.30
C VAL C 250 -46.03 12.47 32.01
N THR C 251 -46.35 13.11 30.87
CA THR C 251 -46.16 12.53 29.55
C THR C 251 -45.21 13.37 28.69
N ALA C 252 -44.88 12.86 27.51
CA ALA C 252 -44.14 13.59 26.52
C ALA C 252 -44.83 14.90 26.14
N GLY C 253 -46.14 14.99 26.38
CA GLY C 253 -46.91 16.16 25.98
C GLY C 253 -46.87 17.30 26.97
N ASN C 254 -46.69 16.99 28.25
CA ASN C 254 -46.50 18.04 29.24
C ASN C 254 -45.08 17.98 29.82
N SER C 255 -44.16 17.40 29.06
CA SER C 255 -42.74 17.43 29.40
C SER C 255 -41.96 18.18 28.35
N SER C 256 -40.86 18.78 28.77
CA SER C 256 -39.92 19.36 27.84
C SER C 256 -39.18 18.22 27.16
N GLY C 257 -38.85 18.40 25.88
CA GLY C 257 -38.15 17.36 25.15
C GLY C 257 -36.65 17.44 25.29
N GLN C 258 -35.94 16.61 24.55
CA GLN C 258 -34.50 16.74 24.43
C GLN C 258 -34.25 17.44 23.11
N ASN C 259 -33.32 18.39 23.09
CA ASN C 259 -33.25 19.33 21.98
C ASN C 259 -31.84 19.82 21.65
N ASP C 260 -31.72 20.47 20.51
CA ASP C 260 -30.45 20.92 19.98
C ASP C 260 -30.52 22.42 19.74
N ALA C 261 -29.56 23.18 20.30
CA ALA C 261 -29.50 24.64 20.14
C ALA C 261 -28.26 25.24 20.78
N ALA C 262 -28.10 26.54 20.58
CA ALA C 262 -27.06 27.33 21.25
C ALA C 262 -27.59 28.75 21.52
N SER C 263 -27.13 29.37 22.61
CA SER C 263 -27.54 30.70 22.99
C SER C 263 -26.29 31.55 23.12
N MET C 264 -26.34 32.80 22.65
CA MET C 264 -25.20 33.69 22.84
C MET C 264 -25.63 35.08 23.24
N CYS C 265 -24.74 35.76 23.96
CA CYS C 265 -25.05 37.02 24.61
C CYS C 265 -23.78 37.78 24.91
N ILE C 266 -23.85 39.11 24.88
CA ILE C 266 -22.74 40.00 25.24
C ILE C 266 -22.90 40.50 26.66
N VAL C 267 -21.92 40.24 27.51
CA VAL C 267 -21.92 40.83 28.84
C VAL C 267 -20.83 41.90 28.95
N THR C 268 -21.25 43.15 29.12
CA THR C 268 -20.34 44.27 29.18
C THR C 268 -20.82 45.34 30.17
N THR C 269 -20.12 46.48 30.20
CA THR C 269 -20.51 47.61 31.05
C THR C 269 -21.27 48.64 30.20
N PRO C 270 -22.10 49.48 30.85
CA PRO C 270 -22.81 50.52 30.09
C PRO C 270 -21.87 51.45 29.32
N GLU C 271 -20.72 51.74 29.90
CA GLU C 271 -19.72 52.57 29.24
C GLU C 271 -19.18 51.91 27.96
N LYS C 272 -18.55 50.74 28.10
CA LYS C 272 -18.04 49.96 26.96
C LYS C 272 -19.05 49.79 25.82
N ALA C 273 -20.32 49.58 26.16
CA ALA C 273 -21.37 49.38 25.18
C ALA C 273 -21.70 50.68 24.43
N ALA C 274 -21.64 51.80 25.17
CA ALA C 274 -21.76 53.14 24.58
C ALA C 274 -20.56 53.39 23.68
N GLU C 275 -19.38 53.07 24.19
CA GLU C 275 -18.15 53.13 23.43
C GLU C 275 -18.16 52.24 22.16
N LEU C 276 -18.95 51.17 22.14
CA LEU C 276 -19.01 50.29 20.96
C LEU C 276 -20.32 50.36 20.20
N GLY C 277 -21.23 51.23 20.63
CA GLY C 277 -22.43 51.45 19.87
C GLY C 277 -23.43 50.34 20.13
N LEU C 278 -23.23 49.64 21.23
CA LEU C 278 -24.12 48.57 21.64
C LEU C 278 -25.41 49.11 22.24
N LYS C 279 -26.42 48.25 22.32
CA LYS C 279 -27.70 48.60 22.94
C LYS C 279 -27.98 47.65 24.10
N PRO C 280 -27.52 48.02 25.31
CA PRO C 280 -27.82 47.25 26.52
C PRO C 280 -29.32 47.15 26.75
N LEU C 281 -29.82 45.94 27.00
CA LEU C 281 -31.24 45.74 27.24
C LEU C 281 -31.56 45.66 28.73
N VAL C 282 -30.91 44.73 29.43
CA VAL C 282 -31.13 44.59 30.86
C VAL C 282 -29.80 44.66 31.60
N ARG C 283 -29.86 44.94 32.89
CA ARG C 283 -28.68 44.82 33.74
C ARG C 283 -28.96 43.79 34.82
N LEU C 284 -27.91 43.15 35.34
CA LEU C 284 -28.10 42.17 36.40
C LEU C 284 -28.37 42.89 37.71
N VAL C 285 -29.49 42.57 38.33
CA VAL C 285 -29.82 43.15 39.63
C VAL C 285 -29.36 42.22 40.74
N SER C 286 -29.76 40.96 40.65
CA SER C 286 -29.36 40.01 41.67
C SER C 286 -29.50 38.62 41.12
N TRP C 287 -28.89 37.67 41.84
CA TRP C 287 -29.08 36.27 41.51
C TRP C 287 -29.08 35.44 42.80
N GLY C 288 -29.48 34.18 42.71
CA GLY C 288 -29.47 33.32 43.87
C GLY C 288 -29.39 31.87 43.46
N SER C 289 -28.82 31.04 44.33
CA SER C 289 -28.78 29.62 44.10
C SER C 289 -29.20 28.88 45.38
N ALA C 290 -29.75 27.68 45.21
CA ALA C 290 -30.34 26.99 46.33
C ALA C 290 -30.21 25.48 46.17
N GLY C 291 -30.02 24.77 47.28
CA GLY C 291 -29.99 23.33 47.23
C GLY C 291 -31.25 22.73 47.84
N VAL C 292 -31.96 21.89 47.07
CA VAL C 292 -33.15 21.23 47.58
C VAL C 292 -32.94 19.72 47.49
N ALA C 293 -33.96 18.94 47.80
CA ALA C 293 -33.80 17.48 47.78
C ALA C 293 -33.72 16.95 46.36
N PRO C 294 -32.78 16.02 46.11
CA PRO C 294 -32.65 15.48 44.77
C PRO C 294 -33.91 14.79 44.26
N ASP C 295 -34.77 14.27 45.14
CA ASP C 295 -36.05 13.70 44.71
C ASP C 295 -37.14 14.75 44.49
N LEU C 296 -36.84 16.00 44.84
CA LEU C 296 -37.81 17.09 44.63
C LEU C 296 -37.20 18.31 43.99
N MET C 297 -36.22 18.11 43.11
CA MET C 297 -35.56 19.17 42.37
C MET C 297 -36.41 20.31 41.85
N GLY C 298 -37.70 20.07 41.66
CA GLY C 298 -38.49 20.88 40.74
C GLY C 298 -38.83 22.16 41.43
N ILE C 299 -38.74 22.09 42.74
CA ILE C 299 -39.15 23.17 43.60
C ILE C 299 -37.96 24.10 43.90
N GLY C 300 -36.81 23.75 43.32
CA GLY C 300 -35.59 24.56 43.43
C GLY C 300 -35.68 26.04 43.10
N PRO C 301 -36.47 26.40 42.08
CA PRO C 301 -36.67 27.82 41.78
C PRO C 301 -37.23 28.60 42.95
N VAL C 302 -37.98 27.98 43.84
CA VAL C 302 -38.66 28.73 44.89
C VAL C 302 -37.65 29.31 45.90
N PRO C 303 -36.78 28.48 46.50
CA PRO C 303 -35.78 29.12 47.36
C PRO C 303 -34.77 30.01 46.63
N ALA C 304 -34.41 29.64 45.41
CA ALA C 304 -33.43 30.40 44.63
C ALA C 304 -33.98 31.77 44.29
N THR C 305 -35.23 31.81 43.87
CA THR C 305 -35.87 33.08 43.53
C THR C 305 -35.91 34.00 44.76
N GLU C 306 -36.28 33.46 45.92
CA GLU C 306 -36.36 34.26 47.14
C GLU C 306 -35.01 34.79 47.53
N VAL C 307 -33.95 34.04 47.23
CA VAL C 307 -32.60 34.52 47.52
C VAL C 307 -32.32 35.70 46.61
N ALA C 308 -32.53 35.49 45.31
CA ALA C 308 -32.36 36.55 44.32
C ALA C 308 -33.22 37.79 44.61
N LEU C 309 -34.49 37.57 44.95
CA LEU C 309 -35.39 38.66 45.34
C LEU C 309 -34.91 39.37 46.61
N ALA C 310 -34.52 38.59 47.62
CA ALA C 310 -34.03 39.18 48.86
C ALA C 310 -32.87 40.14 48.61
N LYS C 311 -31.83 39.67 47.92
CA LYS C 311 -30.68 40.53 47.64
C LYS C 311 -31.04 41.78 46.87
N ALA C 312 -32.11 41.71 46.08
CA ALA C 312 -32.50 42.82 45.22
C ALA C 312 -33.30 43.85 46.01
N GLY C 313 -33.90 43.40 47.12
CA GLY C 313 -34.81 44.25 47.86
C GLY C 313 -36.18 44.27 47.20
N LEU C 314 -36.56 43.17 46.56
CA LEU C 314 -37.81 43.12 45.82
C LEU C 314 -38.70 42.04 46.38
N THR C 315 -39.94 41.97 45.87
CA THR C 315 -40.81 40.84 46.11
C THR C 315 -41.20 40.32 44.74
N LEU C 316 -42.00 39.26 44.69
CA LEU C 316 -42.48 38.73 43.42
C LEU C 316 -43.53 39.63 42.83
N ALA C 317 -43.94 40.63 43.59
CA ALA C 317 -44.89 41.61 43.10
C ALA C 317 -44.16 42.66 42.29
N ASP C 318 -42.91 42.91 42.67
CA ASP C 318 -42.05 43.88 41.99
C ASP C 318 -41.63 43.41 40.60
N ILE C 319 -41.79 42.12 40.33
CA ILE C 319 -41.34 41.51 39.09
C ILE C 319 -42.45 41.56 38.03
N ASP C 320 -42.20 42.24 36.92
CA ASP C 320 -43.22 42.36 35.87
C ASP C 320 -43.26 41.22 34.85
N LEU C 321 -42.11 40.65 34.51
CA LEU C 321 -42.06 39.54 33.55
C LEU C 321 -41.30 38.33 34.10
N ILE C 322 -41.84 37.13 33.90
CA ILE C 322 -41.18 35.96 34.44
C ILE C 322 -40.91 34.88 33.39
N GLU C 323 -39.67 34.40 33.39
CA GLU C 323 -39.29 33.20 32.68
C GLU C 323 -39.07 32.08 33.69
N LEU C 324 -39.88 31.03 33.62
CA LEU C 324 -39.60 29.80 34.36
C LEU C 324 -39.43 28.70 33.33
N ASN C 325 -38.33 27.96 33.37
CA ASN C 325 -38.24 26.85 32.45
C ASN C 325 -39.21 25.80 32.89
N GLU C 326 -40.04 25.35 31.97
CA GLU C 326 -41.05 24.40 32.33
C GLU C 326 -40.51 23.03 32.01
N ALA C 327 -39.75 22.49 32.96
CA ALA C 327 -39.13 21.18 32.83
C ALA C 327 -40.21 20.13 32.68
N PHE C 328 -41.23 20.24 33.53
CA PHE C 328 -42.46 19.46 33.42
C PHE C 328 -43.59 20.37 33.88
N ALA C 329 -44.82 20.11 33.42
CA ALA C 329 -45.95 20.92 33.83
C ALA C 329 -46.15 20.83 35.35
N ALA C 330 -46.18 19.60 35.86
CA ALA C 330 -46.31 19.37 37.29
C ALA C 330 -45.24 20.12 38.07
N GLN C 331 -44.01 20.05 37.58
CA GLN C 331 -42.90 20.73 38.22
C GLN C 331 -43.16 22.24 38.27
N ALA C 332 -43.57 22.80 37.13
CA ALA C 332 -43.80 24.23 37.00
C ALA C 332 -44.97 24.70 37.83
N LEU C 333 -46.06 23.93 37.80
CA LEU C 333 -47.26 24.27 38.54
C LEU C 333 -46.96 24.30 40.04
N ALA C 334 -46.22 23.30 40.51
CA ALA C 334 -45.79 23.23 41.91
C ALA C 334 -45.03 24.49 42.36
N VAL C 335 -44.18 25.04 41.50
CA VAL C 335 -43.50 26.30 41.81
C VAL C 335 -44.51 27.45 41.86
N MET C 336 -45.38 27.52 40.86
CA MET C 336 -46.43 28.55 40.82
C MET C 336 -47.39 28.42 42.01
N ARG C 337 -47.68 27.18 42.41
CA ARG C 337 -48.46 26.96 43.63
C ARG C 337 -47.71 27.47 44.86
N GLU C 338 -46.40 27.24 44.91
CA GLU C 338 -45.60 27.84 45.97
C GLU C 338 -45.54 29.35 45.85
N TRP C 339 -45.70 29.88 44.64
CA TRP C 339 -45.70 31.34 44.44
C TRP C 339 -47.10 31.91 44.63
N LYS C 340 -48.01 31.05 45.06
CA LYS C 340 -49.39 31.41 45.32
C LYS C 340 -49.93 32.15 44.11
N PHE C 341 -49.82 31.51 42.95
CA PHE C 341 -50.09 32.15 41.69
C PHE C 341 -51.58 32.20 41.42
N GLY C 342 -51.99 33.20 40.64
CA GLY C 342 -53.35 33.30 40.15
C GLY C 342 -53.37 33.18 38.65
N GLU C 343 -54.43 33.70 38.03
CA GLU C 343 -54.62 33.62 36.58
C GLU C 343 -53.91 34.74 35.83
N ALA C 344 -53.84 35.91 36.47
CA ALA C 344 -53.19 37.05 35.86
C ALA C 344 -51.66 36.92 35.92
N ASP C 345 -51.19 36.21 36.94
CA ASP C 345 -49.77 35.86 37.09
C ASP C 345 -49.28 35.04 35.89
N HIS C 346 -50.13 34.17 35.36
CA HIS C 346 -49.78 33.40 34.17
C HIS C 346 -49.55 34.29 32.94
N GLU C 347 -50.22 35.43 32.88
CA GLU C 347 -50.09 36.33 31.73
C GLU C 347 -48.73 37.04 31.70
N ARG C 348 -48.03 37.07 32.84
CA ARG C 348 -46.69 37.66 32.90
C ARG C 348 -45.60 36.59 32.92
N THR C 349 -46.01 35.32 32.93
CA THR C 349 -45.05 34.24 33.00
C THR C 349 -44.99 33.51 31.68
N ASN C 350 -43.80 33.41 31.09
CA ASN C 350 -43.55 32.63 29.86
C ASN C 350 -44.40 33.06 28.68
N VAL C 351 -44.16 34.28 28.22
CA VAL C 351 -45.02 34.91 27.23
C VAL C 351 -44.70 34.57 25.77
N ARG C 352 -43.57 33.90 25.52
CA ARG C 352 -43.22 33.45 24.17
C ARG C 352 -43.11 31.93 24.10
N GLY C 353 -43.64 31.26 25.11
CA GLY C 353 -43.47 29.82 25.24
C GLY C 353 -42.52 29.47 26.38
N SER C 354 -42.21 28.18 26.49
CA SER C 354 -41.23 27.73 27.48
C SER C 354 -40.66 26.39 27.06
N GLY C 355 -40.21 25.61 28.05
CA GLY C 355 -39.56 24.33 27.81
C GLY C 355 -40.35 23.27 27.07
N ILE C 356 -41.64 23.16 27.36
CA ILE C 356 -42.47 22.10 26.81
C ILE C 356 -42.78 22.32 25.32
N SER C 357 -43.00 23.58 24.95
CA SER C 357 -43.27 23.96 23.57
C SER C 357 -42.02 24.16 22.72
N LEU C 358 -41.05 24.88 23.27
CA LEU C 358 -39.84 25.23 22.53
C LEU C 358 -38.76 24.17 22.58
N GLY C 359 -38.73 23.40 23.66
CA GLY C 359 -37.65 22.46 23.86
C GLY C 359 -36.69 22.91 24.96
N HIS C 360 -35.86 21.97 25.41
CA HIS C 360 -34.98 22.18 26.53
C HIS C 360 -33.58 21.67 26.22
N PRO C 361 -32.87 22.35 25.30
CA PRO C 361 -31.48 21.98 25.04
C PRO C 361 -30.66 22.47 26.22
N VAL C 362 -30.42 21.57 27.18
CA VAL C 362 -30.08 21.93 28.56
C VAL C 362 -29.15 23.14 28.63
N GLY C 363 -27.93 23.00 28.09
CA GLY C 363 -26.95 24.07 28.15
C GLY C 363 -27.37 25.41 27.56
N ALA C 364 -28.20 25.40 26.53
CA ALA C 364 -28.56 26.64 25.85
C ALA C 364 -29.81 27.29 26.43
N THR C 365 -30.47 26.61 27.36
CA THR C 365 -31.77 27.05 27.89
C THR C 365 -31.74 28.39 28.68
N GLY C 366 -30.75 28.57 29.54
CA GLY C 366 -30.63 29.83 30.26
C GLY C 366 -30.44 31.02 29.35
N GLY C 367 -29.94 30.78 28.14
CA GLY C 367 -29.72 31.86 27.19
C GLY C 367 -30.89 32.12 26.25
N ARG C 368 -31.74 31.10 26.02
CA ARG C 368 -33.04 31.31 25.40
C ARG C 368 -33.94 32.17 26.28
N MET C 369 -34.04 31.77 27.56
CA MET C 369 -34.85 32.49 28.52
C MET C 369 -34.40 33.92 28.67
N LEU C 370 -33.09 34.13 28.68
CA LEU C 370 -32.51 35.47 28.73
C LEU C 370 -32.83 36.25 27.48
N ALA C 371 -32.77 35.59 26.33
CA ALA C 371 -33.08 36.28 25.07
C ALA C 371 -34.52 36.77 25.12
N THR C 372 -35.41 35.94 25.62
CA THR C 372 -36.82 36.29 25.69
C THR C 372 -37.05 37.35 26.76
N LEU C 373 -36.53 37.09 27.97
CA LEU C 373 -36.76 38.00 29.09
C LEU C 373 -36.36 39.40 28.71
N ALA C 374 -35.13 39.55 28.21
CA ALA C 374 -34.57 40.86 27.90
C ALA C 374 -35.30 41.57 26.77
N ARG C 375 -35.70 40.81 25.76
CA ARG C 375 -36.31 41.39 24.58
C ARG C 375 -37.76 41.77 24.83
N GLU C 376 -38.42 41.00 25.68
CA GLU C 376 -39.82 41.22 25.97
C GLU C 376 -40.00 42.29 27.02
N LEU C 377 -39.04 42.38 27.94
CA LEU C 377 -39.04 43.46 28.92
C LEU C 377 -38.98 44.78 28.16
N HIS C 378 -38.10 44.82 27.17
CA HIS C 378 -37.94 46.00 26.34
C HIS C 378 -39.21 46.27 25.53
N ARG C 379 -39.81 45.21 25.03
CA ARG C 379 -40.96 45.32 24.17
C ARG C 379 -42.12 45.93 24.94
N ARG C 380 -42.28 45.53 26.19
CA ARG C 380 -43.41 45.98 26.99
C ARG C 380 -43.07 47.19 27.83
N GLU C 381 -41.84 47.67 27.72
CA GLU C 381 -41.30 48.66 28.65
C GLU C 381 -41.65 48.32 30.11
N ALA C 382 -41.44 47.06 30.46
CA ALA C 382 -41.56 46.61 31.85
C ALA C 382 -40.21 46.78 32.53
N ARG C 383 -40.15 46.71 33.86
CA ARG C 383 -38.91 47.01 34.57
C ARG C 383 -38.12 45.78 34.99
N TYR C 384 -38.72 44.95 35.83
CA TYR C 384 -38.03 43.78 36.35
C TYR C 384 -38.47 42.49 35.68
N GLY C 385 -37.48 41.65 35.40
CA GLY C 385 -37.72 40.31 34.91
C GLY C 385 -37.00 39.33 35.82
N LEU C 386 -37.55 38.12 35.90
CA LEU C 386 -37.00 37.06 36.72
C LEU C 386 -36.81 35.84 35.87
N GLU C 387 -35.58 35.33 35.84
CA GLU C 387 -35.30 34.08 35.17
C GLU C 387 -34.89 33.10 36.24
N THR C 388 -35.55 31.96 36.27
CA THR C 388 -35.27 30.93 37.25
C THR C 388 -35.57 29.56 36.65
N MET C 389 -34.99 28.53 37.25
CA MET C 389 -34.99 27.20 36.67
C MET C 389 -34.71 26.17 37.72
N CYS C 390 -35.43 25.05 37.67
CA CYS C 390 -35.07 23.90 38.46
C CYS C 390 -33.81 23.26 37.87
N ILE C 391 -33.08 22.51 38.69
CA ILE C 391 -31.80 22.00 38.26
C ILE C 391 -31.64 20.53 38.68
N GLY C 392 -31.38 19.66 37.72
CA GLY C 392 -31.17 18.25 38.01
C GLY C 392 -30.22 18.06 39.15
N GLY C 393 -30.43 17.04 39.99
CA GLY C 393 -29.59 16.87 41.15
C GLY C 393 -30.15 17.61 42.35
N GLY C 394 -31.02 18.58 42.11
CA GLY C 394 -31.69 19.26 43.21
C GLY C 394 -31.06 20.59 43.52
N GLN C 395 -31.21 21.53 42.60
CA GLN C 395 -30.74 22.89 42.82
C GLN C 395 -31.72 23.84 42.18
N GLY C 396 -31.49 25.13 42.35
CA GLY C 396 -32.26 26.14 41.66
C GLY C 396 -31.35 27.34 41.48
N LEU C 397 -31.55 28.07 40.39
CA LEU C 397 -30.79 29.28 40.13
C LEU C 397 -31.81 30.30 39.70
N ALA C 398 -31.57 31.56 40.01
CA ALA C 398 -32.50 32.59 39.63
C ALA C 398 -31.73 33.88 39.51
N ALA C 399 -32.04 34.69 38.50
CA ALA C 399 -31.44 36.01 38.46
C ALA C 399 -32.55 37.03 38.29
N VAL C 400 -32.34 38.23 38.82
CA VAL C 400 -33.27 39.30 38.58
C VAL C 400 -32.61 40.28 37.64
N PHE C 401 -33.28 40.58 36.54
CA PHE C 401 -32.77 41.54 35.58
C PHE C 401 -33.65 42.77 35.58
N GLU C 402 -33.03 43.93 35.36
CA GLU C 402 -33.76 45.17 35.24
C GLU C 402 -33.52 45.82 33.89
N ARG C 403 -34.58 46.34 33.27
CA ARG C 403 -34.45 47.00 31.96
C ARG C 403 -33.62 48.27 32.02
N VAL C 404 -33.00 48.62 30.90
CA VAL C 404 -32.15 49.81 30.87
C VAL C 404 -32.78 50.97 30.08
N ARG D 4 -14.94 43.77 49.35
CA ARG D 4 -14.32 43.11 50.49
C ARG D 4 -13.30 42.07 50.02
N ASP D 5 -12.48 41.57 50.95
CA ASP D 5 -11.45 40.58 50.64
C ASP D 5 -11.93 39.14 50.72
N ALA D 6 -11.37 38.30 49.85
CA ALA D 6 -11.58 36.85 49.90
C ALA D 6 -10.26 36.22 50.23
N VAL D 7 -10.26 35.47 51.33
CA VAL D 7 -9.04 34.85 51.77
C VAL D 7 -9.14 33.37 51.56
N ILE D 8 -7.98 32.73 51.47
CA ILE D 8 -7.87 31.30 51.28
C ILE D 8 -7.50 30.66 52.62
N CYS D 9 -8.33 29.75 53.08
CA CYS D 9 -8.04 29.03 54.29
C CYS D 9 -7.92 27.54 54.01
N GLU D 10 -7.00 26.88 54.70
CA GLU D 10 -6.90 25.44 54.68
C GLU D 10 -6.96 24.80 53.28
N PRO D 11 -6.06 25.22 52.40
CA PRO D 11 -6.04 24.55 51.10
C PRO D 11 -5.36 23.18 51.20
N VAL D 12 -6.13 22.12 50.98
CA VAL D 12 -5.62 20.77 51.13
C VAL D 12 -5.74 19.98 49.82
N ARG D 13 -5.14 18.80 49.78
CA ARG D 13 -5.27 17.88 48.66
C ARG D 13 -5.07 16.45 49.15
N THR D 14 -5.55 15.50 48.37
CA THR D 14 -5.23 14.10 48.55
C THR D 14 -3.81 13.91 48.07
N PRO D 15 -3.19 12.77 48.43
CA PRO D 15 -1.95 12.49 47.69
C PRO D 15 -2.24 12.39 46.18
N ILE D 16 -1.21 12.49 45.36
CA ILE D 16 -1.42 12.38 43.93
C ILE D 16 -1.01 10.96 43.51
N GLY D 17 -1.95 10.22 42.93
CA GLY D 17 -1.68 8.86 42.50
C GLY D 17 -1.19 8.83 41.07
N ARG D 18 -0.52 7.74 40.69
CA ARG D 18 -0.15 7.55 39.30
C ARG D 18 -1.38 7.13 38.49
N TYR D 19 -1.26 7.21 37.18
CA TYR D 19 -2.25 6.71 36.25
C TYR D 19 -2.20 5.17 36.30
N GLY D 20 -3.30 4.54 36.75
CA GLY D 20 -3.36 3.10 36.85
C GLY D 20 -2.71 2.58 38.12
N GLY D 21 -2.50 3.49 39.07
CA GLY D 21 -1.70 3.20 40.24
C GLY D 21 -2.50 3.05 41.52
N MET D 22 -2.02 3.70 42.58
CA MET D 22 -2.54 3.45 43.93
C MET D 22 -4.02 3.81 44.06
N PHE D 23 -4.49 4.67 43.17
CA PHE D 23 -5.84 5.19 43.30
C PHE D 23 -6.77 4.71 42.18
N ARG D 24 -6.27 3.83 41.32
CA ARG D 24 -7.04 3.35 40.17
C ARG D 24 -8.41 2.82 40.57
N SER D 25 -8.60 2.53 41.85
CA SER D 25 -9.87 2.03 42.37
C SER D 25 -10.89 3.14 42.63
N LEU D 26 -10.42 4.38 42.76
CA LEU D 26 -11.30 5.44 43.19
C LEU D 26 -11.69 6.37 42.06
N THR D 27 -12.97 6.75 42.06
CA THR D 27 -13.52 7.70 41.12
C THR D 27 -13.08 9.10 41.46
N ALA D 28 -13.25 10.04 40.53
CA ALA D 28 -13.05 11.46 40.83
C ALA D 28 -13.85 11.87 42.06
N VAL D 29 -15.11 11.43 42.13
CA VAL D 29 -15.96 11.74 43.27
C VAL D 29 -15.40 11.17 44.56
N ASP D 30 -14.80 9.98 44.50
CA ASP D 30 -14.25 9.36 45.70
C ASP D 30 -13.15 10.22 46.28
N LEU D 31 -12.17 10.54 45.44
CA LEU D 31 -11.10 11.46 45.80
C LEU D 31 -11.60 12.84 46.25
N GLY D 32 -12.58 13.39 45.55
CA GLY D 32 -13.13 14.68 45.92
C GLY D 32 -13.82 14.68 47.27
N VAL D 33 -14.61 13.63 47.52
CA VAL D 33 -15.31 13.47 48.78
C VAL D 33 -14.33 13.44 49.94
N THR D 34 -13.26 12.69 49.75
CA THR D 34 -12.26 12.52 50.78
C THR D 34 -11.56 13.82 51.12
N ALA D 35 -11.23 14.61 50.11
CA ALA D 35 -10.60 15.90 50.35
C ALA D 35 -11.57 16.88 51.00
N LEU D 36 -12.84 16.79 50.63
CA LEU D 36 -13.83 17.68 51.20
C LEU D 36 -14.16 17.37 52.68
N LYS D 37 -14.31 16.09 53.00
CA LYS D 37 -14.53 15.69 54.40
C LYS D 37 -13.28 15.95 55.22
N GLY D 38 -12.12 15.78 54.59
CA GLY D 38 -10.87 16.10 55.23
C GLY D 38 -10.81 17.57 55.55
N LEU D 39 -11.25 18.40 54.60
CA LEU D 39 -11.30 19.85 54.77
C LEU D 39 -12.21 20.30 55.89
N LEU D 40 -13.44 19.80 55.91
CA LEU D 40 -14.37 20.13 56.98
C LEU D 40 -13.92 19.62 58.34
N GLU D 41 -13.16 18.53 58.34
CA GLU D 41 -12.62 17.96 59.57
C GLU D 41 -11.58 18.88 60.23
N ARG D 42 -10.71 19.47 59.42
CA ARG D 42 -9.65 20.34 59.93
C ARG D 42 -10.17 21.67 60.42
N THR D 43 -11.05 22.27 59.62
CA THR D 43 -11.64 23.55 59.91
C THR D 43 -12.70 23.43 60.99
N GLY D 44 -13.31 22.26 61.10
CA GLY D 44 -14.34 22.02 62.09
C GLY D 44 -15.57 22.86 61.83
N ILE D 45 -15.74 23.36 60.61
CA ILE D 45 -16.85 24.27 60.36
C ILE D 45 -18.10 23.49 59.96
N ALA D 46 -19.26 24.00 60.38
CA ALA D 46 -20.53 23.34 60.11
C ALA D 46 -20.70 23.21 58.61
N ALA D 47 -21.26 22.09 58.17
CA ALA D 47 -21.45 21.83 56.74
C ALA D 47 -22.39 22.86 56.08
N ASP D 48 -23.37 23.38 56.81
CA ASP D 48 -24.25 24.39 56.23
C ASP D 48 -23.62 25.79 56.30
N GLN D 49 -22.33 25.87 56.55
CA GLN D 49 -21.59 27.11 56.36
C GLN D 49 -21.18 27.26 54.90
N VAL D 50 -21.23 26.14 54.18
CA VAL D 50 -20.77 26.06 52.81
C VAL D 50 -21.89 26.45 51.85
N GLU D 51 -21.63 27.48 51.06
CA GLU D 51 -22.65 28.05 50.22
C GLU D 51 -22.54 27.59 48.76
N ASP D 52 -21.39 27.01 48.39
CA ASP D 52 -21.21 26.43 47.07
C ASP D 52 -19.97 25.54 47.11
N VAL D 53 -20.00 24.45 46.34
CA VAL D 53 -18.81 23.63 46.09
C VAL D 53 -18.54 23.73 44.59
N ILE D 54 -17.57 24.55 44.22
CA ILE D 54 -17.25 24.74 42.82
C ILE D 54 -15.97 24.01 42.52
N LEU D 55 -16.03 23.05 41.61
CA LEU D 55 -14.86 22.23 41.33
C LEU D 55 -14.43 22.28 39.87
N GLY D 56 -13.12 22.29 39.66
CA GLY D 56 -12.55 22.03 38.36
C GLY D 56 -12.42 20.53 38.13
N HIS D 57 -12.68 20.13 36.90
CA HIS D 57 -12.92 18.74 36.53
C HIS D 57 -12.89 18.78 35.02
N CYS D 58 -11.84 18.21 34.42
CA CYS D 58 -11.61 18.40 33.00
C CYS D 58 -12.14 17.28 32.11
N TYR D 59 -12.39 16.12 32.71
CA TYR D 59 -12.94 14.99 31.99
C TYR D 59 -14.26 14.54 32.59
N PRO D 60 -15.21 15.47 32.72
CA PRO D 60 -16.50 15.04 33.23
C PRO D 60 -17.21 13.98 32.38
N ASN D 61 -18.05 13.17 33.03
CA ASN D 61 -18.98 12.30 32.33
C ASN D 61 -20.22 12.15 33.23
N SER D 62 -21.23 11.43 32.77
CA SER D 62 -22.49 11.36 33.50
C SER D 62 -22.45 10.50 34.76
N GLU D 63 -21.33 9.85 35.05
CA GLU D 63 -21.16 9.23 36.35
C GLU D 63 -21.35 10.26 37.48
N ALA D 64 -21.03 11.52 37.19
CA ALA D 64 -21.06 12.59 38.19
C ALA D 64 -21.32 13.94 37.54
N PRO D 65 -22.57 14.20 37.14
CA PRO D 65 -22.96 15.47 36.53
C PRO D 65 -22.81 16.59 37.52
N ALA D 66 -22.44 17.80 37.08
CA ALA D 66 -22.25 18.94 37.98
C ALA D 66 -21.50 18.52 39.25
N ILE D 67 -20.29 18.00 39.06
CA ILE D 67 -19.66 17.21 40.11
C ILE D 67 -19.60 17.82 41.52
N GLY D 68 -19.44 19.15 41.63
CA GLY D 68 -19.29 19.76 42.93
C GLY D 68 -20.45 19.48 43.86
N ARG D 69 -21.65 19.42 43.28
CA ARG D 69 -22.88 19.05 43.97
C ARG D 69 -22.92 17.56 44.32
N VAL D 70 -22.34 16.73 43.46
CA VAL D 70 -22.25 15.30 43.72
C VAL D 70 -21.24 15.02 44.83
N VAL D 71 -20.07 15.66 44.75
CA VAL D 71 -19.07 15.54 45.81
C VAL D 71 -19.60 16.08 47.15
N ALA D 72 -20.39 17.14 47.08
CA ALA D 72 -21.09 17.68 48.25
C ALA D 72 -22.06 16.67 48.86
N LEU D 73 -22.95 16.09 48.06
CA LEU D 73 -23.90 15.10 48.58
C LEU D 73 -23.23 13.80 49.01
N ASP D 74 -22.22 13.35 48.26
CA ASP D 74 -21.52 12.12 48.60
C ASP D 74 -20.62 12.27 49.84
N ALA D 75 -20.29 13.52 50.22
CA ALA D 75 -19.51 13.75 51.43
C ALA D 75 -20.44 13.95 52.62
N GLY D 76 -21.74 13.90 52.36
CA GLY D 76 -22.73 13.99 53.40
C GLY D 76 -23.16 15.41 53.71
N LEU D 77 -22.79 16.36 52.87
CA LEU D 77 -23.17 17.74 53.13
C LEU D 77 -24.67 17.83 52.89
N PRO D 78 -25.36 18.73 53.61
CA PRO D 78 -26.81 18.76 53.53
C PRO D 78 -27.30 19.06 52.11
N ILE D 79 -28.56 18.72 51.80
CA ILE D 79 -29.09 18.91 50.47
C ILE D 79 -29.21 20.38 50.08
N THR D 80 -28.98 21.27 51.05
CA THR D 80 -29.02 22.71 50.80
C THR D 80 -27.78 23.28 50.12
N VAL D 81 -26.68 22.51 50.11
CA VAL D 81 -25.42 22.97 49.55
C VAL D 81 -25.38 22.77 48.04
N PRO D 82 -25.36 23.85 47.27
CA PRO D 82 -25.20 23.75 45.81
C PRO D 82 -23.77 23.40 45.36
N GLY D 83 -23.62 23.03 44.09
CA GLY D 83 -22.32 22.67 43.56
C GLY D 83 -22.32 22.66 42.04
N MET D 84 -21.16 22.86 41.43
CA MET D 84 -21.07 22.88 39.97
C MET D 84 -19.72 22.42 39.48
N GLN D 85 -19.54 22.42 38.17
CA GLN D 85 -18.35 21.89 37.53
C GLN D 85 -17.80 22.94 36.57
N VAL D 86 -16.48 23.15 36.56
CA VAL D 86 -15.89 24.06 35.58
C VAL D 86 -14.74 23.36 34.88
N ASP D 87 -14.48 23.81 33.65
CA ASP D 87 -13.43 23.25 32.80
C ASP D 87 -12.71 24.33 31.98
N ARG D 88 -11.53 24.71 32.42
CA ARG D 88 -10.63 25.47 31.58
C ARG D 88 -9.31 24.71 31.46
N ARG D 89 -9.43 23.42 31.13
CA ARG D 89 -8.31 22.45 31.15
C ARG D 89 -7.43 22.63 32.40
N CYS D 90 -6.11 22.63 32.20
CA CYS D 90 -5.15 22.74 33.30
C CYS D 90 -5.46 23.84 34.33
N GLY D 91 -6.11 24.91 33.90
CA GLY D 91 -6.36 26.04 34.75
C GLY D 91 -7.60 25.90 35.63
N SER D 92 -8.42 24.90 35.32
CA SER D 92 -9.73 24.67 35.94
C SER D 92 -9.77 24.88 37.43
N GLY D 93 -8.78 24.33 38.14
CA GLY D 93 -8.71 24.48 39.59
C GLY D 93 -8.47 25.89 40.10
N LEU D 94 -7.72 26.70 39.34
CA LEU D 94 -7.50 28.10 39.70
C LEU D 94 -8.73 28.88 39.30
N GLN D 95 -9.36 28.44 38.21
CA GLN D 95 -10.58 29.07 37.74
C GLN D 95 -11.68 28.92 38.79
N ALA D 96 -11.76 27.76 39.41
CA ALA D 96 -12.78 27.53 40.43
C ALA D 96 -12.47 28.32 41.70
N VAL D 97 -11.19 28.59 41.96
CA VAL D 97 -10.78 29.50 43.04
C VAL D 97 -11.05 30.97 42.71
N ILE D 98 -10.83 31.37 41.46
CA ILE D 98 -11.08 32.76 41.10
C ILE D 98 -12.57 33.05 41.11
N GLN D 99 -13.37 32.11 40.63
CA GLN D 99 -14.82 32.31 40.64
C GLN D 99 -15.32 32.42 42.05
N ALA D 100 -14.84 31.53 42.90
CA ALA D 100 -15.25 31.50 44.28
C ALA D 100 -14.85 32.82 44.94
N CYS D 101 -13.69 33.37 44.57
CA CYS D 101 -13.29 34.66 45.10
C CYS D 101 -14.20 35.74 44.60
N LEU D 102 -14.59 35.68 43.33
CA LEU D 102 -15.51 36.68 42.81
C LEU D 102 -16.85 36.71 43.52
N GLN D 103 -17.40 35.56 43.87
CA GLN D 103 -18.73 35.57 44.47
C GLN D 103 -18.69 35.79 45.97
N VAL D 104 -17.50 35.69 46.56
CA VAL D 104 -17.32 36.07 47.95
C VAL D 104 -17.09 37.57 48.05
N ARG D 105 -16.14 38.09 47.28
CA ARG D 105 -15.84 39.52 47.30
C ARG D 105 -17.00 40.42 46.88
N SER D 106 -17.96 39.86 46.14
CA SER D 106 -19.09 40.63 45.63
C SER D 106 -20.22 40.71 46.64
N GLY D 107 -20.08 40.00 47.75
CA GLY D 107 -21.10 39.98 48.77
C GLY D 107 -22.19 38.92 48.56
N ASP D 108 -22.18 38.24 47.43
CA ASP D 108 -23.18 37.20 47.21
C ASP D 108 -22.99 36.07 48.24
N HIS D 109 -21.76 35.60 48.42
CA HIS D 109 -21.52 34.48 49.31
C HIS D 109 -20.50 34.88 50.35
N ASP D 110 -20.54 34.22 51.52
CA ASP D 110 -19.61 34.46 52.60
C ASP D 110 -18.56 33.35 52.70
N LEU D 111 -18.95 32.16 52.28
CA LEU D 111 -18.06 31.00 52.37
C LEU D 111 -18.44 30.00 51.28
N VAL D 112 -17.42 29.57 50.55
CA VAL D 112 -17.57 28.64 49.45
C VAL D 112 -16.44 27.67 49.55
N VAL D 113 -16.62 26.49 48.95
CA VAL D 113 -15.51 25.58 48.71
C VAL D 113 -15.14 25.63 47.23
N ALA D 114 -13.86 25.85 46.98
CA ALA D 114 -13.35 25.85 45.63
C ALA D 114 -12.30 24.78 45.57
N GLY D 115 -12.37 23.94 44.55
CA GLY D 115 -11.49 22.80 44.49
C GLY D 115 -11.44 22.20 43.12
N GLY D 116 -11.04 20.95 43.06
CA GLY D 116 -10.96 20.23 41.81
C GLY D 116 -10.83 18.75 42.08
N ALA D 117 -11.19 17.93 41.09
CA ALA D 117 -11.12 16.48 41.24
C ALA D 117 -10.84 15.81 39.90
N GLU D 118 -9.79 15.01 39.84
CA GLU D 118 -9.52 14.27 38.60
C GLU D 118 -9.07 12.85 38.89
N SER D 119 -9.76 11.88 38.27
CA SER D 119 -9.25 10.51 38.24
C SER D 119 -8.92 10.15 36.80
N MET D 120 -7.68 10.38 36.41
CA MET D 120 -7.31 10.16 35.03
C MET D 120 -7.15 8.66 34.73
N SER D 121 -7.04 7.85 35.77
CA SER D 121 -7.09 6.38 35.62
C SER D 121 -8.45 5.90 35.13
N ASN D 122 -9.48 6.70 35.32
CA ASN D 122 -10.82 6.26 34.99
C ASN D 122 -11.58 7.17 34.04
N VAL D 123 -10.83 8.00 33.31
CA VAL D 123 -11.42 8.82 32.25
C VAL D 123 -12.00 7.89 31.17
N ALA D 124 -13.24 8.13 30.79
CA ALA D 124 -13.96 7.27 29.86
C ALA D 124 -13.38 7.17 28.43
N PHE D 125 -13.68 6.05 27.77
CA PHE D 125 -13.66 5.99 26.31
C PHE D 125 -15.08 6.28 25.88
N TYR D 126 -15.25 6.81 24.67
CA TYR D 126 -16.58 7.28 24.23
C TYR D 126 -16.70 7.33 22.72
N SER D 127 -17.92 7.52 22.27
CA SER D 127 -18.26 7.49 20.86
C SER D 127 -19.44 8.39 20.55
N THR D 128 -19.35 9.08 19.41
CA THR D 128 -20.42 9.94 18.95
C THR D 128 -20.97 9.37 17.67
N ASP D 129 -20.81 8.05 17.52
CA ASP D 129 -21.17 7.34 16.29
C ASP D 129 -22.15 6.20 16.51
N MET D 130 -22.68 6.07 17.71
CA MET D 130 -23.43 4.88 18.10
C MET D 130 -24.91 5.14 18.26
N ARG D 131 -25.32 6.38 18.06
CA ARG D 131 -26.71 6.73 18.32
C ARG D 131 -27.55 6.67 17.05
N TRP D 132 -26.98 7.10 15.92
CA TRP D 132 -27.74 7.19 14.68
C TRP D 132 -27.24 6.24 13.61
N GLY D 133 -26.21 5.46 13.92
CA GLY D 133 -25.71 4.52 12.94
C GLY D 133 -24.27 4.75 12.54
N GLY D 134 -23.49 3.68 12.51
CA GLY D 134 -22.12 3.73 12.04
C GLY D 134 -22.05 3.07 10.69
N ALA D 135 -23.22 2.80 10.12
CA ALA D 135 -23.30 2.14 8.82
C ALA D 135 -22.43 2.82 7.76
N ARG D 136 -22.74 4.09 7.48
CA ARG D 136 -21.99 4.86 6.48
C ARG D 136 -20.62 5.28 6.99
N THR D 137 -20.61 6.02 8.10
CA THR D 137 -19.39 6.62 8.63
C THR D 137 -18.39 5.70 9.33
N GLY D 138 -18.83 4.52 9.74
CA GLY D 138 -18.03 3.70 10.64
C GLY D 138 -18.20 4.22 12.06
N VAL D 139 -17.67 3.47 13.03
CA VAL D 139 -17.75 3.83 14.44
C VAL D 139 -16.36 4.09 15.00
N GLN D 140 -16.23 5.18 15.76
CA GLN D 140 -15.01 5.44 16.49
C GLN D 140 -15.23 5.45 17.99
N ILE D 141 -14.19 5.06 18.73
CA ILE D 141 -14.21 5.03 20.18
C ILE D 141 -12.94 5.70 20.63
N HIS D 142 -13.08 6.84 21.29
CA HIS D 142 -11.96 7.72 21.56
C HIS D 142 -11.49 7.56 22.98
N ASP D 143 -10.19 7.64 23.19
CA ASP D 143 -9.63 7.74 24.53
C ASP D 143 -9.84 9.17 24.96
N GLY D 144 -10.77 9.40 25.87
CA GLY D 144 -10.96 10.75 26.42
C GLY D 144 -9.70 11.58 26.65
N LEU D 145 -8.62 10.95 27.11
CA LEU D 145 -7.40 11.70 27.38
C LEU D 145 -6.72 12.09 26.06
N ALA D 146 -6.34 11.10 25.27
CA ALA D 146 -5.68 11.34 23.99
C ALA D 146 -6.49 12.29 23.11
N ARG D 147 -7.71 11.92 22.82
CA ARG D 147 -8.56 12.68 21.91
C ARG D 147 -8.65 14.16 22.27
N GLY D 148 -9.00 14.44 23.52
CA GLY D 148 -9.13 15.81 23.96
C GLY D 148 -7.86 16.62 23.78
N ARG D 149 -6.74 15.94 23.58
CA ARG D 149 -5.48 16.65 23.48
C ARG D 149 -5.11 16.98 22.04
N THR D 150 -5.90 16.49 21.08
CA THR D 150 -5.74 16.94 19.70
C THR D 150 -6.86 17.89 19.26
N THR D 151 -7.98 17.90 19.97
CA THR D 151 -9.16 18.68 19.58
C THR D 151 -9.38 20.03 20.25
N ALA D 152 -8.46 20.42 21.12
CA ALA D 152 -8.73 21.52 22.05
C ALA D 152 -8.68 22.89 21.38
N GLY D 153 -7.86 23.00 20.32
CA GLY D 153 -7.81 24.20 19.50
C GLY D 153 -8.83 24.27 18.38
N GLY D 154 -9.76 23.31 18.32
CA GLY D 154 -10.83 23.40 17.35
C GLY D 154 -10.39 22.86 16.00
N LYS D 155 -11.26 22.91 15.00
CA LYS D 155 -10.96 22.25 13.74
C LYS D 155 -9.93 22.95 12.85
N PHE D 156 -9.56 24.18 13.20
CA PHE D 156 -8.66 24.96 12.34
C PHE D 156 -7.27 25.03 12.88
N HIS D 157 -7.06 24.23 13.91
CA HIS D 157 -5.94 24.35 14.86
C HIS D 157 -5.58 23.01 15.46
N PRO D 158 -5.59 21.96 14.62
CA PRO D 158 -5.42 20.63 15.18
C PRO D 158 -3.98 20.40 15.60
N VAL D 159 -3.76 19.57 16.62
CA VAL D 159 -2.41 19.21 17.01
C VAL D 159 -2.36 17.71 17.22
N PRO D 160 -2.17 16.95 16.13
CA PRO D 160 -2.17 15.49 16.07
C PRO D 160 -1.38 14.84 17.20
N GLY D 161 -0.26 15.46 17.56
CA GLY D 161 0.61 14.96 18.60
C GLY D 161 0.30 15.52 19.98
N GLY D 162 -0.81 16.24 20.09
CA GLY D 162 -1.25 16.73 21.36
C GLY D 162 -0.27 17.66 22.06
N MET D 163 -0.35 17.63 23.39
CA MET D 163 0.46 18.46 24.26
C MET D 163 1.96 18.25 24.14
N LEU D 164 2.38 17.02 23.80
CA LEU D 164 3.80 16.73 23.59
C LEU D 164 4.32 17.34 22.29
N GLU D 165 3.51 17.32 21.24
CA GLU D 165 3.86 18.03 20.04
C GLU D 165 4.05 19.51 20.32
N THR D 166 3.17 20.11 21.12
CA THR D 166 3.33 21.53 21.46
C THR D 166 4.62 21.75 22.26
N ALA D 167 4.95 20.82 23.15
CA ALA D 167 6.17 20.95 23.97
C ALA D 167 7.43 20.82 23.12
N GLU D 168 7.36 20.05 22.04
CA GLU D 168 8.46 19.97 21.09
C GLU D 168 8.50 21.23 20.22
N ASN D 169 7.34 21.77 19.87
CA ASN D 169 7.30 23.07 19.20
C ASN D 169 8.13 24.09 19.98
N LEU D 170 7.89 24.20 21.28
CA LEU D 170 8.60 25.17 22.12
C LEU D 170 10.08 24.83 22.26
N ARG D 171 10.38 23.56 22.48
CA ARG D 171 11.76 23.09 22.52
C ARG D 171 12.51 23.58 21.28
N ARG D 172 11.88 23.44 20.13
CA ARG D 172 12.49 23.80 18.86
C ARG D 172 12.61 25.30 18.69
N GLU D 173 11.55 26.02 19.06
CA GLU D 173 11.55 27.47 19.00
C GLU D 173 12.60 28.07 19.91
N TYR D 174 12.73 27.53 21.12
CA TYR D 174 13.55 28.17 22.14
C TYR D 174 14.93 27.54 22.31
N HIS D 175 15.25 26.56 21.47
CA HIS D 175 16.54 25.90 21.48
C HIS D 175 16.87 25.37 22.87
N ILE D 176 15.95 24.56 23.40
CA ILE D 176 16.15 24.01 24.74
C ILE D 176 16.75 22.61 24.67
N SER D 177 17.95 22.45 25.20
CA SER D 177 18.69 21.18 25.07
C SER D 177 17.99 20.07 25.80
N ARG D 178 18.27 18.82 25.44
CA ARG D 178 17.64 17.72 26.16
C ARG D 178 18.16 17.62 27.57
N THR D 179 19.37 18.08 27.77
CA THR D 179 19.98 18.04 29.08
C THR D 179 19.34 19.09 29.98
N GLU D 180 19.00 20.23 29.41
CA GLU D 180 18.32 21.30 30.14
C GLU D 180 17.00 20.81 30.72
N GLN D 181 16.31 19.97 29.95
CA GLN D 181 15.00 19.44 30.32
C GLN D 181 15.10 18.35 31.40
N ASP D 182 16.08 17.47 31.27
CA ASP D 182 16.29 16.42 32.26
C ASP D 182 16.84 17.01 33.58
N GLU D 183 17.56 18.12 33.46
CA GLU D 183 18.06 18.84 34.62
C GLU D 183 16.91 19.38 35.46
N LEU D 184 15.95 20.00 34.79
CA LEU D 184 14.76 20.49 35.48
C LEU D 184 14.00 19.33 36.11
N ALA D 185 13.91 18.22 35.39
CA ALA D 185 13.18 17.05 35.86
C ALA D 185 13.78 16.52 37.15
N VAL D 186 15.10 16.38 37.20
CA VAL D 186 15.73 15.81 38.39
C VAL D 186 15.50 16.75 39.55
N ARG D 187 15.71 18.05 39.32
CA ARG D 187 15.58 19.01 40.40
C ARG D 187 14.16 19.09 40.91
N SER D 188 13.21 18.94 40.00
CA SER D 188 11.81 18.86 40.38
C SER D 188 11.52 17.72 41.38
N HIS D 189 12.20 16.58 41.19
CA HIS D 189 12.07 15.41 42.05
C HIS D 189 12.72 15.60 43.40
N GLN D 190 13.86 16.29 43.39
CA GLN D 190 14.60 16.57 44.60
C GLN D 190 13.75 17.35 45.57
N ARG D 191 13.14 18.42 45.08
CA ARG D 191 12.31 19.32 45.88
C ARG D 191 11.14 18.61 46.54
N ALA D 192 10.51 17.73 45.77
CA ALA D 192 9.35 17.00 46.25
C ALA D 192 9.78 15.93 47.26
N VAL D 193 10.84 15.20 46.95
CA VAL D 193 11.41 14.25 47.89
C VAL D 193 11.88 14.96 49.18
N ALA D 194 12.56 16.10 49.02
CA ALA D 194 12.96 16.93 50.17
C ALA D 194 11.76 17.44 50.98
N ALA D 195 10.73 17.90 50.28
CA ALA D 195 9.53 18.39 50.93
C ALA D 195 8.85 17.26 51.68
N GLN D 196 8.90 16.06 51.12
CA GLN D 196 8.34 14.88 51.77
C GLN D 196 9.04 14.65 53.09
N SER D 197 10.36 14.49 53.05
CA SER D 197 11.16 14.18 54.22
C SER D 197 11.13 15.30 55.27
N GLU D 198 10.99 16.54 54.81
CA GLU D 198 10.88 17.68 55.71
C GLU D 198 9.55 17.70 56.45
N GLY D 199 8.58 16.98 55.92
CA GLY D 199 7.28 16.87 56.57
C GLY D 199 6.34 18.03 56.36
N VAL D 200 6.64 18.89 55.39
CA VAL D 200 5.76 20.02 55.10
C VAL D 200 4.60 19.60 54.20
N LEU D 201 4.66 18.39 53.66
CA LEU D 201 3.57 17.89 52.81
C LEU D 201 2.41 17.27 53.58
N ALA D 202 2.66 16.86 54.82
CA ALA D 202 1.59 16.37 55.67
C ALA D 202 0.61 17.49 55.95
N GLU D 203 1.07 18.72 55.77
CA GLU D 203 0.26 19.90 56.01
C GLU D 203 -0.75 20.16 54.90
N GLU D 204 -0.45 19.71 53.68
CA GLU D 204 -1.38 19.79 52.55
C GLU D 204 -2.23 18.54 52.37
N ILE D 205 -1.71 17.39 52.80
CA ILE D 205 -2.27 16.13 52.34
C ILE D 205 -3.33 15.55 53.26
N ILE D 206 -4.50 15.33 52.68
CA ILE D 206 -5.59 14.60 53.32
C ILE D 206 -5.47 13.13 52.97
N PRO D 207 -4.98 12.29 53.92
CA PRO D 207 -4.79 10.88 53.54
C PRO D 207 -6.07 10.19 53.06
N VAL D 208 -5.88 9.13 52.28
CA VAL D 208 -6.95 8.46 51.58
C VAL D 208 -6.90 6.96 51.90
N PRO D 209 -8.03 6.39 52.33
CA PRO D 209 -8.15 4.95 52.59
C PRO D 209 -8.53 4.17 51.34
N VAL D 210 -7.84 3.07 51.06
CA VAL D 210 -8.17 2.28 49.89
C VAL D 210 -8.42 0.80 50.25
N ARG D 211 -9.30 0.15 49.51
CA ARG D 211 -9.55 -1.29 49.68
C ARG D 211 -8.58 -2.11 48.84
N GLU D 216 -7.72 -3.09 53.17
CA GLU D 216 -7.81 -1.65 53.42
C GLU D 216 -6.48 -1.07 53.90
N GLU D 217 -6.09 0.06 53.32
CA GLU D 217 -4.85 0.77 53.65
C GLU D 217 -5.02 2.29 53.49
N THR D 218 -4.35 3.07 54.34
CA THR D 218 -4.47 4.52 54.26
C THR D 218 -3.21 5.20 53.75
N ILE D 219 -3.30 5.78 52.57
CA ILE D 219 -2.16 6.34 51.87
C ILE D 219 -2.09 7.83 52.13
N SER D 220 -0.89 8.35 52.36
CA SER D 220 -0.71 9.76 52.65
C SER D 220 0.50 10.33 51.89
N VAL D 221 1.20 9.48 51.14
CA VAL D 221 2.39 9.91 50.39
C VAL D 221 2.05 9.95 48.90
N ASP D 222 2.69 10.84 48.15
CA ASP D 222 2.50 10.90 46.70
C ASP D 222 3.20 9.78 45.96
N GLU D 223 2.60 9.32 44.87
CA GLU D 223 3.09 8.16 44.15
C GLU D 223 4.24 8.40 43.17
N HIS D 224 4.30 9.54 42.53
CA HIS D 224 5.31 9.72 41.48
C HIS D 224 6.73 10.18 41.89
N PRO D 225 6.87 11.02 42.93
CA PRO D 225 8.25 11.49 43.09
C PRO D 225 9.21 10.34 43.43
N ARG D 226 10.36 10.30 42.78
CA ARG D 226 11.35 9.24 43.01
C ARG D 226 12.60 9.84 43.61
N ALA D 227 13.16 9.17 44.62
CA ALA D 227 14.36 9.64 45.27
C ALA D 227 15.60 9.41 44.38
N ASP D 228 15.60 8.30 43.66
CA ASP D 228 16.77 7.84 42.89
C ASP D 228 16.92 8.45 41.48
N THR D 229 16.04 9.36 41.11
CA THR D 229 16.10 10.04 39.81
C THR D 229 17.41 10.82 39.60
N THR D 230 18.05 10.58 38.45
CA THR D 230 19.32 11.25 38.10
C THR D 230 19.35 11.71 36.65
N VAL D 231 20.26 12.63 36.34
CA VAL D 231 20.39 13.12 34.97
C VAL D 231 20.82 12.01 34.01
N GLU D 232 21.80 11.21 34.40
CA GLU D 232 22.28 10.15 33.52
C GLU D 232 21.18 9.11 33.31
N ALA D 233 20.37 8.89 34.34
CA ALA D 233 19.30 7.90 34.24
C ALA D 233 18.25 8.35 33.26
N LEU D 234 17.96 9.65 33.28
CA LEU D 234 16.95 10.22 32.40
C LEU D 234 17.41 10.21 30.95
N ALA D 235 18.72 10.23 30.78
CA ALA D 235 19.31 10.21 29.45
C ALA D 235 18.92 8.96 28.66
N LYS D 236 18.67 7.85 29.34
CA LYS D 236 18.36 6.59 28.64
C LYS D 236 16.92 6.44 28.15
N LEU D 237 16.07 7.44 28.38
CA LEU D 237 14.67 7.34 27.95
C LEU D 237 14.46 7.81 26.50
N LYS D 238 13.50 7.19 25.84
CA LYS D 238 13.15 7.51 24.47
C LYS D 238 12.14 8.65 24.42
N PRO D 239 12.45 9.71 23.65
CA PRO D 239 11.49 10.77 23.35
C PRO D 239 10.26 10.22 22.66
N VAL D 240 9.09 10.44 23.26
CA VAL D 240 7.82 9.87 22.79
C VAL D 240 7.58 10.03 21.29
N LEU D 241 7.91 11.19 20.73
CA LEU D 241 7.64 11.45 19.32
C LEU D 241 8.90 11.33 18.48
N LEU D 242 9.86 10.52 18.94
CA LEU D 242 11.15 10.44 18.27
C LEU D 242 11.03 9.90 16.85
N LYS D 243 10.07 9.02 16.61
CA LYS D 243 9.86 8.55 15.25
C LYS D 243 9.56 9.73 14.34
N GLN D 244 8.54 10.50 14.70
CA GLN D 244 8.15 11.65 13.91
C GLN D 244 9.26 12.71 13.81
N ASP D 245 10.13 12.74 14.81
CA ASP D 245 11.05 13.86 14.99
C ASP D 245 12.40 13.47 15.56
N PRO D 246 13.42 13.30 14.70
CA PRO D 246 14.77 12.92 15.11
C PRO D 246 15.33 13.80 16.22
N GLU D 247 14.86 15.05 16.32
CA GLU D 247 15.40 15.96 17.30
C GLU D 247 14.48 16.16 18.50
N ALA D 248 13.52 15.24 18.65
CA ALA D 248 12.65 15.21 19.83
C ALA D 248 13.47 15.13 21.10
N THR D 249 12.98 15.76 22.16
CA THR D 249 13.65 15.71 23.46
C THR D 249 12.70 15.28 24.56
N VAL D 250 11.41 15.45 24.33
CA VAL D 250 10.44 15.30 25.40
C VAL D 250 10.09 13.83 25.63
N THR D 251 10.31 13.40 26.86
CA THR D 251 10.13 12.00 27.24
C THR D 251 9.19 11.91 28.43
N ALA D 252 8.93 10.68 28.86
CA ALA D 252 8.17 10.46 30.08
C ALA D 252 8.86 11.06 31.31
N GLY D 253 10.18 11.23 31.22
CA GLY D 253 10.96 11.67 32.37
C GLY D 253 10.96 13.17 32.60
N ASN D 254 10.88 13.94 31.51
CA ASN D 254 10.81 15.39 31.59
C ASN D 254 9.44 15.93 31.18
N SER D 255 8.41 15.12 31.39
CA SER D 255 7.02 15.49 31.14
C SER D 255 6.23 15.29 32.41
N SER D 256 5.18 16.08 32.62
CA SER D 256 4.26 15.80 33.70
C SER D 256 3.50 14.51 33.38
N GLY D 257 3.20 13.70 34.38
CA GLY D 257 2.50 12.45 34.12
C GLY D 257 1.00 12.63 34.08
N GLN D 258 0.27 11.52 34.03
CA GLN D 258 -1.18 11.52 34.24
C GLN D 258 -1.44 10.91 35.60
N ASN D 259 -2.44 11.44 36.31
CA ASN D 259 -2.51 11.25 37.76
C ASN D 259 -3.91 11.43 38.34
N ASP D 260 -4.12 10.91 39.54
CA ASP D 260 -5.40 11.01 40.22
C ASP D 260 -5.24 11.78 41.55
N ALA D 261 -6.11 12.76 41.78
CA ALA D 261 -6.09 13.56 43.01
C ALA D 261 -7.34 14.41 43.10
N ALA D 262 -7.55 15.00 44.28
CA ALA D 262 -8.55 16.03 44.43
C ALA D 262 -7.96 17.11 45.31
N SER D 263 -8.51 18.31 45.21
CA SER D 263 -8.03 19.47 45.95
C SER D 263 -9.21 20.25 46.44
N MET D 264 -9.11 20.81 47.65
CA MET D 264 -10.18 21.62 48.21
C MET D 264 -9.59 22.72 49.03
N CYS D 265 -10.32 23.82 49.15
CA CYS D 265 -9.97 24.89 50.08
C CYS D 265 -11.22 25.65 50.41
N ILE D 266 -11.16 26.47 51.46
CA ILE D 266 -12.25 27.34 51.83
C ILE D 266 -11.94 28.69 51.24
N VAL D 267 -12.88 29.32 50.55
CA VAL D 267 -12.75 30.74 50.23
C VAL D 267 -13.76 31.54 51.03
N THR D 268 -13.29 32.49 51.81
CA THR D 268 -14.18 33.23 52.70
C THR D 268 -13.67 34.66 52.89
N THR D 269 -14.29 35.38 53.82
CA THR D 269 -13.90 36.75 54.12
C THR D 269 -13.05 36.75 55.39
N PRO D 270 -12.34 37.87 55.67
CA PRO D 270 -11.61 37.90 56.93
C PRO D 270 -12.52 37.85 58.15
N GLU D 271 -13.62 38.59 58.14
CA GLU D 271 -14.57 38.57 59.27
C GLU D 271 -15.05 37.15 59.54
N LYS D 272 -15.57 36.47 58.52
CA LYS D 272 -16.11 35.14 58.74
C LYS D 272 -15.06 34.12 59.12
N ALA D 273 -13.87 34.28 58.58
CA ALA D 273 -12.76 33.41 58.93
C ALA D 273 -12.43 33.58 60.41
N ALA D 274 -12.39 34.84 60.86
CA ALA D 274 -12.17 35.15 62.26
C ALA D 274 -13.27 34.56 63.13
N GLU D 275 -14.51 34.81 62.75
CA GLU D 275 -15.67 34.22 63.42
C GLU D 275 -15.57 32.69 63.58
N LEU D 276 -15.13 31.99 62.54
CA LEU D 276 -15.16 30.52 62.52
C LEU D 276 -13.85 29.91 63.05
N GLY D 277 -12.90 30.75 63.44
CA GLY D 277 -11.66 30.29 64.03
C GLY D 277 -10.67 29.82 62.98
N LEU D 278 -10.89 30.24 61.74
CA LEU D 278 -10.05 29.85 60.63
C LEU D 278 -8.77 30.69 60.58
N LYS D 279 -7.73 30.15 59.95
CA LYS D 279 -6.47 30.85 59.74
C LYS D 279 -6.26 31.18 58.27
N PRO D 280 -6.69 32.36 57.84
CA PRO D 280 -6.48 32.82 56.46
C PRO D 280 -5.01 32.89 56.10
N LEU D 281 -4.62 32.23 55.01
CA LEU D 281 -3.21 32.18 54.61
C LEU D 281 -2.89 33.28 53.63
N VAL D 282 -3.71 33.40 52.58
CA VAL D 282 -3.46 34.34 51.51
C VAL D 282 -4.75 35.01 51.12
N ARG D 283 -4.64 36.13 50.41
CA ARG D 283 -5.79 36.74 49.78
C ARG D 283 -5.51 36.90 48.29
N LEU D 284 -6.55 36.81 47.47
CA LEU D 284 -6.38 37.06 46.06
C LEU D 284 -6.08 38.52 45.85
N VAL D 285 -5.04 38.82 45.07
CA VAL D 285 -4.75 40.21 44.71
C VAL D 285 -5.28 40.54 43.31
N SER D 286 -4.79 39.80 42.31
CA SER D 286 -5.19 40.00 40.93
C SER D 286 -5.22 38.66 40.19
N TRP D 287 -5.78 38.65 38.98
CA TRP D 287 -5.62 37.49 38.11
C TRP D 287 -5.66 37.91 36.65
N GLY D 288 -5.20 37.02 35.77
CA GLY D 288 -5.22 37.30 34.35
C GLY D 288 -5.42 36.05 33.50
N SER D 289 -6.11 36.22 32.39
CA SER D 289 -6.27 35.14 31.44
C SER D 289 -5.85 35.58 30.04
N ALA D 290 -5.26 34.65 29.30
CA ALA D 290 -4.70 34.96 28.01
C ALA D 290 -5.00 33.83 27.04
N GLY D 291 -5.00 34.12 25.75
CA GLY D 291 -5.11 33.08 24.77
C GLY D 291 -3.87 33.12 23.90
N VAL D 292 -3.35 31.95 23.57
CA VAL D 292 -2.21 31.83 22.66
C VAL D 292 -2.52 30.81 21.57
N ALA D 293 -1.60 30.60 20.64
CA ALA D 293 -1.80 29.55 19.65
C ALA D 293 -1.82 28.21 20.34
N PRO D 294 -2.81 27.38 20.01
CA PRO D 294 -2.89 26.02 20.55
C PRO D 294 -1.58 25.23 20.38
N ASP D 295 -0.87 25.40 19.28
CA ASP D 295 0.36 24.64 19.03
C ASP D 295 1.55 25.21 19.78
N LEU D 296 1.31 26.28 20.55
CA LEU D 296 2.32 26.88 21.40
C LEU D 296 1.72 27.20 22.75
N MET D 297 0.66 26.47 23.12
CA MET D 297 -0.04 26.57 24.42
C MET D 297 0.87 26.85 25.61
N GLY D 298 2.13 26.39 25.55
CA GLY D 298 2.93 26.18 26.73
C GLY D 298 3.42 27.51 27.21
N ILE D 299 3.34 28.46 26.30
CA ILE D 299 3.76 29.81 26.54
C ILE D 299 2.58 30.65 27.07
N GLY D 300 1.42 30.03 27.24
CA GLY D 300 0.29 30.70 27.87
C GLY D 300 0.60 31.48 29.15
N PRO D 301 1.41 30.92 30.07
CA PRO D 301 1.71 31.61 31.33
C PRO D 301 2.31 33.00 31.17
N VAL D 302 2.90 33.32 30.02
CA VAL D 302 3.55 34.61 29.87
C VAL D 302 2.57 35.77 29.66
N PRO D 303 1.65 35.66 28.68
CA PRO D 303 0.71 36.77 28.60
C PRO D 303 -0.27 36.86 29.77
N ALA D 304 -0.65 35.74 30.37
CA ALA D 304 -1.56 35.78 31.51
C ALA D 304 -0.88 36.40 32.74
N THR D 305 0.37 36.04 32.98
CA THR D 305 1.11 36.56 34.14
C THR D 305 1.28 38.08 33.99
N GLU D 306 1.53 38.50 32.77
CA GLU D 306 1.63 39.91 32.45
C GLU D 306 0.41 40.67 32.93
N VAL D 307 -0.76 40.22 32.49
CA VAL D 307 -2.04 40.80 32.87
C VAL D 307 -2.30 40.79 34.38
N ALA D 308 -1.99 39.69 35.06
CA ALA D 308 -2.21 39.62 36.50
C ALA D 308 -1.29 40.58 37.26
N LEU D 309 -0.01 40.61 36.87
CA LEU D 309 0.95 41.50 37.50
C LEU D 309 0.52 42.93 37.26
N ALA D 310 0.23 43.25 36.01
CA ALA D 310 -0.21 44.59 35.66
C ALA D 310 -1.42 45.02 36.47
N LYS D 311 -2.40 44.13 36.68
CA LYS D 311 -3.60 44.47 37.44
C LYS D 311 -3.22 44.80 38.86
N ALA D 312 -2.21 44.10 39.38
CA ALA D 312 -1.80 44.25 40.76
C ALA D 312 -0.72 45.33 40.91
N GLY D 313 -0.43 46.02 39.82
CA GLY D 313 0.63 47.01 39.80
C GLY D 313 1.94 46.49 40.35
N LEU D 314 2.28 45.23 40.07
CA LEU D 314 3.59 44.68 40.44
C LEU D 314 4.36 44.27 39.20
N THR D 315 5.62 43.91 39.40
CA THR D 315 6.39 43.25 38.38
C THR D 315 6.79 41.87 38.90
N LEU D 316 7.27 41.02 38.01
CA LEU D 316 7.68 39.69 38.44
C LEU D 316 8.78 39.80 39.49
N ALA D 317 9.37 40.99 39.58
CA ALA D 317 10.40 41.29 40.57
C ALA D 317 9.82 41.37 41.98
N ASP D 318 8.55 41.74 42.07
CA ASP D 318 7.88 41.89 43.35
C ASP D 318 7.38 40.57 43.90
N ILE D 319 7.43 39.54 43.06
CA ILE D 319 6.93 38.21 43.45
C ILE D 319 7.98 37.39 44.21
N ASP D 320 7.59 36.94 45.39
CA ASP D 320 8.48 36.16 46.24
C ASP D 320 8.49 34.67 45.90
N LEU D 321 7.32 34.13 45.59
CA LEU D 321 7.20 32.70 45.30
C LEU D 321 6.41 32.45 44.06
N ILE D 322 6.84 31.46 43.27
CA ILE D 322 6.12 31.13 42.06
C ILE D 322 5.73 29.65 41.99
N GLU D 323 4.48 29.42 41.62
CA GLU D 323 4.03 28.11 41.20
C GLU D 323 3.71 28.18 39.72
N LEU D 324 4.55 27.51 38.93
CA LEU D 324 4.34 27.30 37.50
C LEU D 324 4.26 25.80 37.33
N ASN D 325 3.20 25.33 36.69
CA ASN D 325 2.90 23.91 36.74
C ASN D 325 3.94 22.99 36.13
N GLU D 326 4.54 23.43 35.03
CA GLU D 326 5.43 22.58 34.27
C GLU D 326 4.70 21.36 33.74
N ALA D 327 3.87 21.57 32.74
CA ALA D 327 3.29 20.47 31.99
C ALA D 327 4.42 19.63 31.40
N PHE D 328 5.48 20.32 30.96
CA PHE D 328 6.71 19.68 30.49
C PHE D 328 7.88 20.59 30.80
N ALA D 329 9.04 20.01 31.10
CA ALA D 329 10.27 20.77 31.26
C ALA D 329 10.45 21.82 30.16
N ALA D 330 10.39 21.36 28.91
CA ALA D 330 10.60 22.22 27.75
C ALA D 330 9.70 23.44 27.77
N GLN D 331 8.45 23.23 28.14
CA GLN D 331 7.46 24.29 28.20
C GLN D 331 7.84 25.25 29.31
N ALA D 332 8.15 24.69 30.47
CA ALA D 332 8.51 25.47 31.65
C ALA D 332 9.73 26.34 31.41
N LEU D 333 10.71 25.75 30.75
CA LEU D 333 11.93 26.44 30.39
C LEU D 333 11.64 27.55 29.38
N ALA D 334 10.65 27.35 28.53
CA ALA D 334 10.30 28.38 27.59
C ALA D 334 9.65 29.59 28.29
N VAL D 335 8.94 29.34 29.39
CA VAL D 335 8.27 30.40 30.14
C VAL D 335 9.27 31.18 30.95
N MET D 336 10.23 30.46 31.53
CA MET D 336 11.29 31.03 32.34
C MET D 336 12.31 31.78 31.48
N ARG D 337 12.43 31.38 30.22
CA ARG D 337 13.24 32.14 29.28
C ARG D 337 12.63 33.50 28.98
N GLU D 338 11.32 33.53 28.69
CA GLU D 338 10.60 34.78 28.52
C GLU D 338 10.76 35.70 29.70
N TRP D 339 10.78 35.08 30.88
CA TRP D 339 10.88 35.77 32.15
C TRP D 339 12.33 36.17 32.43
N LYS D 340 13.23 35.68 31.58
CA LYS D 340 14.68 35.98 31.69
C LYS D 340 15.26 35.58 33.03
N PHE D 341 15.05 34.31 33.40
CA PHE D 341 15.35 33.85 34.76
C PHE D 341 16.80 33.50 35.04
N GLY D 342 17.22 33.78 36.26
CA GLY D 342 18.52 33.36 36.72
C GLY D 342 18.41 32.17 37.64
N GLU D 343 19.53 31.51 37.90
CA GLU D 343 19.59 30.35 38.80
C GLU D 343 18.91 30.63 40.14
N ALA D 344 19.07 31.86 40.64
CA ALA D 344 18.43 32.24 41.88
C ALA D 344 16.90 32.23 41.79
N ASP D 345 16.37 32.59 40.62
CA ASP D 345 14.94 32.61 40.41
C ASP D 345 14.40 31.19 40.53
N HIS D 346 15.24 30.24 40.14
CA HIS D 346 14.84 28.85 40.22
C HIS D 346 14.61 28.47 41.68
N GLU D 347 15.27 29.18 42.59
CA GLU D 347 15.16 28.86 44.01
C GLU D 347 13.92 29.50 44.65
N ARG D 348 13.08 30.16 43.86
CA ARG D 348 11.85 30.70 44.41
C ARG D 348 10.67 30.25 43.55
N THR D 349 10.96 29.32 42.64
CA THR D 349 9.96 28.74 41.76
C THR D 349 9.73 27.25 42.08
N ASN D 350 8.47 26.86 42.27
CA ASN D 350 8.11 25.45 42.53
C ASN D 350 9.00 24.74 43.56
N VAL D 351 9.05 25.27 44.77
CA VAL D 351 10.04 24.83 45.76
C VAL D 351 9.62 23.63 46.61
N ARG D 352 8.54 22.96 46.22
CA ARG D 352 8.16 21.71 46.85
C ARG D 352 7.88 20.67 45.78
N GLY D 353 8.18 21.04 44.54
CA GLY D 353 7.95 20.17 43.40
C GLY D 353 7.09 20.85 42.36
N SER D 354 6.67 20.09 41.35
CA SER D 354 5.83 20.58 40.26
C SER D 354 5.20 19.39 39.56
N GLY D 355 4.53 19.64 38.45
CA GLY D 355 3.82 18.59 37.75
C GLY D 355 4.63 17.40 37.29
N ILE D 356 5.94 17.58 37.10
CA ILE D 356 6.78 16.49 36.61
C ILE D 356 7.05 15.47 37.71
N SER D 357 7.27 15.99 38.90
CA SER D 357 7.60 15.17 40.06
C SER D 357 6.38 14.77 40.87
N LEU D 358 5.44 15.70 41.02
CA LEU D 358 4.26 15.42 41.84
C LEU D 358 3.14 14.83 41.02
N GLY D 359 3.17 15.05 39.71
CA GLY D 359 2.10 14.60 38.84
C GLY D 359 1.14 15.72 38.45
N HIS D 360 0.29 15.45 37.48
CA HIS D 360 -0.59 16.47 36.96
C HIS D 360 -2.01 15.93 36.82
N PRO D 361 -2.70 15.77 37.95
CA PRO D 361 -4.12 15.40 37.97
C PRO D 361 -4.96 16.60 37.60
N VAL D 362 -5.06 16.87 36.31
CA VAL D 362 -5.35 18.19 35.75
C VAL D 362 -6.30 19.13 36.51
N GLY D 363 -7.52 18.71 36.79
CA GLY D 363 -8.47 19.59 37.45
C GLY D 363 -8.13 19.86 38.89
N ALA D 364 -7.22 19.06 39.44
CA ALA D 364 -6.80 19.15 40.83
C ALA D 364 -5.45 19.86 40.95
N THR D 365 -4.84 20.18 39.81
CA THR D 365 -3.52 20.80 39.81
C THR D 365 -3.54 22.25 40.29
N GLY D 366 -4.56 23.01 39.91
CA GLY D 366 -4.69 24.40 40.33
C GLY D 366 -4.73 24.53 41.85
N GLY D 367 -5.47 23.62 42.49
CA GLY D 367 -5.62 23.65 43.94
C GLY D 367 -4.43 23.09 44.70
N ARG D 368 -3.56 22.36 44.01
CA ARG D 368 -2.35 21.84 44.63
C ARG D 368 -1.29 22.94 44.67
N MET D 369 -1.11 23.64 43.56
CA MET D 369 -0.19 24.76 43.52
C MET D 369 -0.58 25.80 44.55
N LEU D 370 -1.88 25.98 44.75
CA LEU D 370 -2.40 26.90 45.75
C LEU D 370 -2.07 26.47 47.18
N ALA D 371 -2.15 25.17 47.43
CA ALA D 371 -1.85 24.66 48.76
C ALA D 371 -0.40 24.98 49.14
N THR D 372 0.52 24.64 48.25
CA THR D 372 1.94 24.92 48.49
C THR D 372 2.24 26.42 48.45
N LEU D 373 1.71 27.14 47.46
CA LEU D 373 1.97 28.58 47.37
C LEU D 373 1.53 29.29 48.63
N ALA D 374 0.26 29.12 49.02
CA ALA D 374 -0.28 29.77 50.21
C ALA D 374 0.53 29.40 51.43
N ARG D 375 0.80 28.11 51.59
CA ARG D 375 1.51 27.60 52.77
C ARG D 375 2.99 27.95 52.80
N GLU D 376 3.66 27.89 51.66
CA GLU D 376 5.09 28.19 51.63
C GLU D 376 5.32 29.69 51.83
N LEU D 377 4.31 30.49 51.56
CA LEU D 377 4.41 31.93 51.78
C LEU D 377 4.45 32.28 53.28
N HIS D 378 3.61 31.64 54.07
CA HIS D 378 3.47 31.92 55.50
C HIS D 378 4.68 31.41 56.30
N ARG D 379 5.25 30.31 55.86
CA ARG D 379 6.41 29.71 56.50
C ARG D 379 7.68 30.46 56.11
N ARG D 380 7.65 31.09 54.94
CA ARG D 380 8.76 31.92 54.48
C ARG D 380 8.56 33.35 54.96
N GLU D 381 7.35 33.64 55.41
CA GLU D 381 6.96 34.99 55.80
C GLU D 381 7.20 35.97 54.64
N ALA D 382 6.97 35.50 53.42
CA ALA D 382 7.14 36.32 52.23
C ALA D 382 5.84 37.03 51.96
N ARG D 383 5.79 37.86 50.92
CA ARG D 383 4.62 38.70 50.73
C ARG D 383 3.74 38.32 49.55
N TYR D 384 4.31 38.32 48.35
CA TYR D 384 3.54 38.05 47.14
C TYR D 384 3.79 36.67 46.54
N GLY D 385 2.72 36.06 46.03
CA GLY D 385 2.79 34.77 45.38
C GLY D 385 2.09 34.77 44.05
N LEU D 386 2.70 34.11 43.08
CA LEU D 386 2.15 33.97 41.75
C LEU D 386 1.83 32.51 41.44
N GLU D 387 0.62 32.27 40.93
CA GLU D 387 0.26 30.94 40.47
C GLU D 387 -0.09 31.00 39.00
N THR D 388 0.54 30.18 38.18
CA THR D 388 0.27 30.21 36.74
C THR D 388 0.53 28.86 36.08
N MET D 389 -0.09 28.66 34.93
CA MET D 389 -0.23 27.35 34.29
C MET D 389 -0.53 27.55 32.81
N CYS D 390 0.15 26.82 31.95
CA CYS D 390 -0.29 26.71 30.57
C CYS D 390 -1.52 25.81 30.46
N ILE D 391 -2.31 26.04 29.43
CA ILE D 391 -3.62 25.42 29.28
C ILE D 391 -3.83 24.88 27.86
N GLY D 392 -4.10 23.58 27.71
CA GLY D 392 -4.48 23.02 26.43
C GLY D 392 -5.48 23.80 25.59
N GLY D 393 -5.19 23.90 24.30
CA GLY D 393 -6.03 24.66 23.41
C GLY D 393 -5.55 26.10 23.31
N GLY D 394 -4.52 26.41 24.10
CA GLY D 394 -3.87 27.70 24.00
C GLY D 394 -4.47 28.78 24.87
N GLN D 395 -4.30 28.63 26.18
CA GLN D 395 -4.71 29.66 27.13
C GLN D 395 -3.65 29.75 28.21
N GLY D 396 -3.69 30.81 29.00
CA GLY D 396 -2.88 30.87 30.20
C GLY D 396 -3.76 31.39 31.33
N LEU D 397 -3.34 31.19 32.58
CA LEU D 397 -4.07 31.69 33.73
C LEU D 397 -3.06 31.97 34.82
N ALA D 398 -3.15 33.15 35.44
CA ALA D 398 -2.30 33.50 36.57
C ALA D 398 -3.09 34.26 37.60
N ALA D 399 -2.88 33.92 38.86
CA ALA D 399 -3.42 34.69 39.96
C ALA D 399 -2.25 35.20 40.79
N VAL D 400 -2.38 36.41 41.35
CA VAL D 400 -1.42 36.87 42.36
C VAL D 400 -2.07 36.83 43.72
N PHE D 401 -1.40 36.13 44.63
CA PHE D 401 -1.89 36.02 45.99
C PHE D 401 -0.99 36.81 46.95
N GLU D 402 -1.58 37.35 48.01
CA GLU D 402 -0.79 38.04 49.04
C GLU D 402 -0.98 37.39 50.41
N ARG D 403 0.10 37.20 51.16
CA ARG D 403 -0.03 36.66 52.52
C ARG D 403 -0.87 37.52 53.47
N VAL D 404 -1.66 36.86 54.31
CA VAL D 404 -2.39 37.54 55.36
C VAL D 404 -1.68 37.31 56.70
N ARG E 4 68.36 -20.56 50.25
CA ARG E 4 68.42 -19.34 49.44
C ARG E 4 67.04 -18.91 49.03
N ASP E 5 66.87 -17.63 48.71
CA ASP E 5 65.60 -17.14 48.20
C ASP E 5 65.43 -17.35 46.69
N ALA E 6 64.18 -17.48 46.26
CA ALA E 6 63.85 -17.43 44.85
C ALA E 6 63.01 -16.19 44.61
N VAL E 7 63.43 -15.36 43.67
CA VAL E 7 62.77 -14.08 43.42
C VAL E 7 62.24 -13.97 41.99
N ILE E 8 61.09 -13.33 41.86
CA ILE E 8 60.39 -13.26 40.59
C ILE E 8 60.83 -12.02 39.80
N CYS E 9 61.47 -12.24 38.65
CA CYS E 9 61.90 -11.15 37.78
C CYS E 9 61.02 -11.09 36.55
N GLU E 10 60.59 -9.90 36.19
CA GLU E 10 59.93 -9.67 34.91
C GLU E 10 58.83 -10.68 34.57
N PRO E 11 57.77 -10.72 35.38
CA PRO E 11 56.65 -11.59 34.99
C PRO E 11 55.81 -10.89 33.93
N VAL E 12 55.75 -11.50 32.76
CA VAL E 12 55.05 -10.91 31.63
C VAL E 12 54.04 -11.88 31.03
N ARG E 13 53.18 -11.36 30.16
CA ARG E 13 52.22 -12.17 29.44
C ARG E 13 51.91 -11.58 28.05
N THR E 14 51.43 -12.41 27.14
CA THR E 14 50.82 -11.93 25.90
C THR E 14 49.50 -11.29 26.26
N PRO E 15 48.87 -10.54 25.33
CA PRO E 15 47.48 -10.19 25.58
C PRO E 15 46.64 -11.46 25.66
N ILE E 16 45.43 -11.35 26.19
CA ILE E 16 44.60 -12.51 26.36
C ILE E 16 43.45 -12.44 25.37
N GLY E 17 43.43 -13.37 24.41
CA GLY E 17 42.39 -13.38 23.39
C GLY E 17 41.18 -14.22 23.77
N ARG E 18 40.01 -13.88 23.23
CA ARG E 18 38.83 -14.70 23.41
C ARG E 18 38.99 -16.03 22.71
N TYR E 19 38.18 -17.01 23.13
CA TYR E 19 38.14 -18.31 22.49
C TYR E 19 37.58 -18.11 21.09
N GLY E 20 38.36 -18.44 20.07
CA GLY E 20 37.90 -18.28 18.71
C GLY E 20 38.01 -16.84 18.26
N GLY E 21 38.74 -16.02 19.01
CA GLY E 21 38.88 -14.61 18.72
C GLY E 21 40.18 -14.22 18.02
N MET E 22 40.94 -13.30 18.62
CA MET E 22 42.06 -12.64 17.94
C MET E 22 43.34 -13.46 17.82
N PHE E 23 43.42 -14.55 18.57
CA PHE E 23 44.63 -15.37 18.57
C PHE E 23 44.37 -16.77 18.01
N ARG E 24 43.16 -16.98 17.52
CA ARG E 24 42.69 -18.28 17.01
C ARG E 24 43.69 -18.99 16.11
N SER E 25 44.30 -18.24 15.21
CA SER E 25 45.32 -18.77 14.32
C SER E 25 46.53 -19.31 15.06
N LEU E 26 46.86 -18.73 16.20
CA LEU E 26 48.08 -19.10 16.93
C LEU E 26 47.92 -20.34 17.81
N THR E 27 48.92 -21.21 17.81
CA THR E 27 48.98 -22.36 18.73
C THR E 27 49.43 -21.95 20.14
N ALA E 28 49.38 -22.88 21.10
CA ALA E 28 49.82 -22.57 22.43
C ALA E 28 51.33 -22.44 22.43
N VAL E 29 51.98 -23.05 21.45
CA VAL E 29 53.42 -22.94 21.30
C VAL E 29 53.80 -21.55 20.83
N ASP E 30 53.03 -21.03 19.88
CA ASP E 30 53.26 -19.69 19.36
C ASP E 30 53.25 -18.65 20.46
N LEU E 31 52.15 -18.63 21.20
CA LEU E 31 51.97 -17.72 22.32
C LEU E 31 53.11 -17.84 23.33
N GLY E 32 53.48 -19.07 23.67
CA GLY E 32 54.56 -19.31 24.61
C GLY E 32 55.90 -18.80 24.12
N VAL E 33 56.22 -19.09 22.87
CA VAL E 33 57.44 -18.58 22.26
C VAL E 33 57.45 -17.05 22.25
N THR E 34 56.31 -16.44 21.92
CA THR E 34 56.19 -15.00 21.86
C THR E 34 56.46 -14.36 23.22
N ALA E 35 55.80 -14.84 24.25
CA ALA E 35 56.04 -14.34 25.60
C ALA E 35 57.45 -14.65 26.12
N LEU E 36 57.99 -15.81 25.77
CA LEU E 36 59.33 -16.17 26.24
C LEU E 36 60.41 -15.31 25.61
N LYS E 37 60.30 -15.06 24.31
CA LYS E 37 61.22 -14.16 23.61
C LYS E 37 61.06 -12.74 24.11
N GLY E 38 59.86 -12.38 24.50
CA GLY E 38 59.63 -11.08 25.09
C GLY E 38 60.32 -10.97 26.44
N LEU E 39 60.36 -12.07 27.16
CA LEU E 39 60.98 -12.07 28.48
C LEU E 39 62.47 -11.90 28.35
N LEU E 40 63.06 -12.62 27.40
CA LEU E 40 64.51 -12.62 27.25
C LEU E 40 64.99 -11.33 26.62
N GLU E 41 64.15 -10.74 25.79
CA GLU E 41 64.44 -9.47 25.16
C GLU E 41 64.50 -8.38 26.22
N ARG E 42 63.41 -8.22 26.96
CA ARG E 42 63.31 -7.21 28.01
C ARG E 42 64.43 -7.30 29.05
N THR E 43 64.68 -8.52 29.53
CA THR E 43 65.67 -8.79 30.56
C THR E 43 67.09 -8.75 29.98
N GLY E 44 67.24 -9.25 28.76
CA GLY E 44 68.52 -9.22 28.08
C GLY E 44 69.48 -10.32 28.47
N ILE E 45 68.98 -11.39 29.09
CA ILE E 45 69.88 -12.40 29.61
C ILE E 45 70.20 -13.49 28.56
N ALA E 46 71.46 -13.93 28.61
CA ALA E 46 71.93 -14.97 27.72
C ALA E 46 71.09 -16.22 27.88
N ALA E 47 70.53 -16.70 26.78
CA ALA E 47 69.67 -17.87 26.82
C ALA E 47 70.29 -19.03 27.57
N ASP E 48 71.61 -19.18 27.46
CA ASP E 48 72.27 -20.31 28.08
C ASP E 48 72.27 -20.20 29.60
N GLN E 49 71.75 -19.09 30.12
CA GLN E 49 71.52 -18.95 31.55
C GLN E 49 70.31 -19.74 32.01
N VAL E 50 69.33 -19.89 31.13
CA VAL E 50 68.13 -20.65 31.45
C VAL E 50 68.44 -22.11 31.68
N GLU E 51 68.04 -22.64 32.84
CA GLU E 51 68.38 -24.01 33.21
C GLU E 51 67.19 -24.99 33.19
N ASP E 52 65.98 -24.44 33.07
CA ASP E 52 64.78 -25.23 32.90
C ASP E 52 63.68 -24.29 32.43
N VAL E 53 62.75 -24.80 31.61
CA VAL E 53 61.55 -24.05 31.25
C VAL E 53 60.35 -24.88 31.66
N ILE E 54 59.74 -24.49 32.77
CA ILE E 54 58.64 -25.23 33.38
C ILE E 54 57.33 -24.54 33.07
N LEU E 55 56.45 -25.19 32.29
CA LEU E 55 55.23 -24.52 31.83
C LEU E 55 53.94 -25.18 32.30
N GLY E 56 53.03 -24.35 32.80
CA GLY E 56 51.69 -24.78 33.09
C GLY E 56 50.90 -24.91 31.80
N HIS E 57 50.25 -26.05 31.61
CA HIS E 57 49.61 -26.37 30.34
C HIS E 57 48.55 -27.44 30.56
N CYS E 58 47.27 -27.08 30.38
CA CYS E 58 46.16 -27.93 30.81
C CYS E 58 45.43 -28.69 29.71
N TYR E 59 45.74 -28.39 28.47
CA TYR E 59 45.16 -29.17 27.39
C TYR E 59 46.25 -29.66 26.46
N PRO E 60 47.22 -30.42 27.02
CA PRO E 60 48.37 -30.78 26.18
C PRO E 60 48.00 -31.84 25.18
N ASN E 61 48.75 -31.91 24.09
CA ASN E 61 48.65 -32.99 23.12
C ASN E 61 50.00 -33.22 22.46
N SER E 62 50.09 -34.26 21.62
CA SER E 62 51.35 -34.65 21.00
C SER E 62 51.84 -33.71 19.92
N GLU E 63 51.17 -32.56 19.78
CA GLU E 63 51.67 -31.51 18.90
C GLU E 63 52.79 -30.76 19.58
N ALA E 64 52.85 -30.90 20.91
CA ALA E 64 53.87 -30.26 21.72
C ALA E 64 53.96 -30.99 23.05
N PRO E 65 54.67 -32.13 23.04
CA PRO E 65 54.90 -32.92 24.26
C PRO E 65 55.98 -32.27 25.13
N ALA E 66 55.84 -32.35 26.46
CA ALA E 66 56.75 -31.68 27.39
C ALA E 66 56.91 -30.24 26.97
N ILE E 67 55.80 -29.53 26.90
CA ILE E 67 55.72 -28.29 26.13
C ILE E 67 56.80 -27.25 26.45
N GLY E 68 57.23 -27.17 27.71
CA GLY E 68 58.25 -26.20 28.06
C GLY E 68 59.54 -26.36 27.27
N ARG E 69 59.84 -27.61 26.89
CA ARG E 69 60.99 -27.93 26.05
C ARG E 69 60.77 -27.49 24.61
N VAL E 70 59.59 -27.78 24.09
CA VAL E 70 59.21 -27.40 22.74
C VAL E 70 59.23 -25.90 22.60
N VAL E 71 58.54 -25.22 23.51
CA VAL E 71 58.56 -23.77 23.56
C VAL E 71 59.99 -23.19 23.65
N ALA E 72 60.83 -23.78 24.48
CA ALA E 72 62.21 -23.33 24.55
C ALA E 72 62.89 -23.42 23.19
N LEU E 73 62.85 -24.59 22.58
CA LEU E 73 63.51 -24.82 21.29
C LEU E 73 62.97 -23.95 20.17
N ASP E 74 61.65 -23.80 20.13
CA ASP E 74 61.01 -22.96 19.12
C ASP E 74 61.27 -21.48 19.33
N ALA E 75 61.79 -21.13 20.51
CA ALA E 75 62.14 -19.74 20.82
C ALA E 75 63.62 -19.51 20.57
N GLY E 76 64.31 -20.51 20.05
CA GLY E 76 65.70 -20.35 19.71
C GLY E 76 66.64 -20.56 20.87
N LEU E 77 66.12 -21.00 22.00
CA LEU E 77 66.99 -21.34 23.13
C LEU E 77 67.85 -22.52 22.74
N PRO E 78 69.05 -22.62 23.33
CA PRO E 78 69.94 -23.73 22.98
C PRO E 78 69.32 -25.10 23.26
N ILE E 79 69.82 -26.14 22.62
CA ILE E 79 69.32 -27.51 22.83
C ILE E 79 69.69 -28.00 24.22
N THR E 80 70.49 -27.21 24.92
CA THR E 80 70.91 -27.56 26.26
C THR E 80 69.82 -27.26 27.30
N VAL E 81 68.78 -26.54 26.91
CA VAL E 81 67.76 -26.14 27.87
C VAL E 81 66.62 -27.15 28.01
N PRO E 82 66.49 -27.75 29.21
CA PRO E 82 65.42 -28.69 29.53
C PRO E 82 64.08 -28.01 29.70
N GLY E 83 63.00 -28.79 29.64
CA GLY E 83 61.67 -28.22 29.76
C GLY E 83 60.64 -29.30 29.98
N MET E 84 59.51 -28.92 30.56
CA MET E 84 58.50 -29.89 30.97
C MET E 84 57.15 -29.22 31.10
N GLN E 85 56.14 -30.01 31.43
CA GLN E 85 54.77 -29.55 31.43
C GLN E 85 54.12 -29.95 32.75
N VAL E 86 53.30 -29.07 33.31
CA VAL E 86 52.57 -29.41 34.54
C VAL E 86 51.11 -29.05 34.38
N ASP E 87 50.25 -29.87 34.96
CA ASP E 87 48.81 -29.65 34.94
C ASP E 87 48.22 -29.78 36.34
N ARG E 88 47.89 -28.65 36.93
CA ARG E 88 47.05 -28.64 38.11
C ARG E 88 45.81 -27.81 37.83
N ARG E 89 45.22 -28.02 36.66
CA ARG E 89 44.10 -27.22 36.14
C ARG E 89 44.38 -25.74 36.30
N CYS E 90 43.43 -25.02 36.91
CA CYS E 90 43.56 -23.58 37.10
C CYS E 90 44.88 -23.13 37.71
N GLY E 91 45.36 -23.82 38.73
CA GLY E 91 46.62 -23.47 39.38
C GLY E 91 47.93 -23.76 38.66
N SER E 92 47.86 -24.34 37.45
CA SER E 92 49.05 -24.81 36.73
C SER E 92 50.15 -23.77 36.62
N GLY E 93 49.77 -22.53 36.33
CA GLY E 93 50.75 -21.46 36.18
C GLY E 93 51.53 -21.28 37.45
N LEU E 94 50.83 -21.22 38.58
CA LEU E 94 51.48 -21.05 39.88
C LEU E 94 52.25 -22.32 40.25
N GLN E 95 51.67 -23.47 39.95
CA GLN E 95 52.35 -24.73 40.23
C GLN E 95 53.71 -24.77 39.53
N ALA E 96 53.81 -24.08 38.41
CA ALA E 96 55.07 -24.05 37.69
C ALA E 96 56.01 -23.07 38.36
N VAL E 97 55.49 -21.95 38.85
CA VAL E 97 56.33 -21.02 39.60
C VAL E 97 56.82 -21.64 40.92
N ILE E 98 55.92 -22.32 41.63
CA ILE E 98 56.28 -22.98 42.88
C ILE E 98 57.34 -24.05 42.66
N GLN E 99 57.20 -24.84 41.61
CA GLN E 99 58.23 -25.79 41.24
C GLN E 99 59.52 -25.06 40.95
N ALA E 100 59.41 -23.99 40.18
CA ALA E 100 60.56 -23.22 39.76
C ALA E 100 61.30 -22.70 41.00
N CYS E 101 60.55 -22.09 41.90
CA CYS E 101 61.13 -21.63 43.17
C CYS E 101 61.75 -22.75 44.02
N LEU E 102 61.17 -23.96 44.02
CA LEU E 102 61.77 -25.07 44.76
C LEU E 102 63.10 -25.53 44.22
N GLN E 103 63.25 -25.65 42.91
CA GLN E 103 64.49 -26.19 42.36
C GLN E 103 65.57 -25.12 42.28
N VAL E 104 65.14 -23.86 42.44
CA VAL E 104 66.06 -22.75 42.62
C VAL E 104 66.47 -22.60 44.10
N ARG E 105 65.50 -22.63 45.00
CA ARG E 105 65.80 -22.55 46.42
C ARG E 105 66.66 -23.69 46.91
N SER E 106 66.42 -24.88 46.38
CA SER E 106 67.20 -26.05 46.74
C SER E 106 68.68 -25.88 46.36
N GLY E 107 68.93 -25.03 45.38
CA GLY E 107 70.30 -24.80 44.96
C GLY E 107 70.69 -25.58 43.72
N ASP E 108 69.82 -26.47 43.24
CA ASP E 108 70.15 -27.25 42.05
C ASP E 108 70.22 -26.38 40.78
N HIS E 109 69.43 -25.31 40.74
CA HIS E 109 69.42 -24.38 39.61
C HIS E 109 69.52 -22.93 40.09
N ASP E 110 70.13 -22.06 39.28
CA ASP E 110 70.27 -20.65 39.63
C ASP E 110 69.24 -19.77 38.91
N LEU E 111 68.74 -20.28 37.78
CA LEU E 111 67.79 -19.54 36.97
C LEU E 111 67.01 -20.48 36.07
N VAL E 112 65.70 -20.43 36.17
CA VAL E 112 64.86 -21.20 35.27
C VAL E 112 63.75 -20.25 34.83
N VAL E 113 63.03 -20.63 33.78
CA VAL E 113 61.87 -19.87 33.37
C VAL E 113 60.64 -20.63 33.78
N ALA E 114 59.70 -19.91 34.38
CA ALA E 114 58.44 -20.48 34.82
C ALA E 114 57.32 -19.74 34.12
N GLY E 115 56.36 -20.46 33.59
CA GLY E 115 55.25 -19.79 32.98
C GLY E 115 54.13 -20.74 32.68
N GLY E 116 53.26 -20.34 31.78
CA GLY E 116 52.14 -21.16 31.37
C GLY E 116 51.77 -20.80 29.96
N ALA E 117 51.00 -21.66 29.31
CA ALA E 117 50.58 -21.44 27.93
C ALA E 117 49.29 -22.21 27.64
N GLU E 118 48.35 -21.55 26.99
CA GLU E 118 47.05 -22.15 26.70
C GLU E 118 46.39 -21.55 25.46
N SER E 119 46.03 -22.42 24.51
CA SER E 119 45.22 -22.03 23.39
C SER E 119 43.96 -22.85 23.44
N MET E 120 42.92 -22.29 24.05
CA MET E 120 41.67 -23.00 24.16
C MET E 120 40.92 -23.03 22.82
N SER E 121 41.28 -22.13 21.92
CA SER E 121 40.76 -22.13 20.54
C SER E 121 41.26 -23.34 19.78
N ASN E 122 42.34 -23.95 20.24
CA ASN E 122 42.92 -25.05 19.49
C ASN E 122 43.02 -26.37 20.24
N VAL E 123 42.23 -26.53 21.29
CA VAL E 123 42.23 -27.79 22.01
C VAL E 123 41.75 -28.88 21.06
N ALA E 124 42.38 -30.04 21.12
CA ALA E 124 42.11 -31.12 20.20
C ALA E 124 40.76 -31.79 20.42
N PHE E 125 40.26 -32.43 19.37
CA PHE E 125 39.18 -33.39 19.47
C PHE E 125 39.91 -34.70 19.55
N TYR E 126 39.42 -35.67 20.31
CA TYR E 126 40.20 -36.88 20.51
C TYR E 126 39.26 -38.09 20.69
N SER E 127 39.77 -39.28 20.37
CA SER E 127 38.99 -40.50 20.49
C SER E 127 39.80 -41.66 21.04
N THR E 128 39.16 -42.52 21.85
CA THR E 128 39.83 -43.71 22.35
C THR E 128 39.26 -44.99 21.75
N ASP E 129 38.53 -44.84 20.63
CA ASP E 129 37.93 -45.97 19.90
C ASP E 129 38.63 -46.29 18.58
N MET E 130 39.64 -45.52 18.20
CA MET E 130 40.28 -45.73 16.90
C MET E 130 41.53 -46.62 16.89
N ARG E 131 41.96 -47.12 18.05
CA ARG E 131 43.17 -47.95 18.07
C ARG E 131 42.91 -49.44 17.87
N TRP E 132 41.87 -49.97 18.49
CA TRP E 132 41.70 -51.42 18.53
C TRP E 132 40.50 -52.00 17.77
N GLY E 133 39.70 -51.16 17.11
CA GLY E 133 38.54 -51.66 16.41
C GLY E 133 37.26 -50.96 16.82
N GLY E 134 36.59 -50.33 15.85
CA GLY E 134 35.39 -49.55 16.15
C GLY E 134 34.07 -50.14 15.69
N ALA E 135 34.10 -51.29 15.04
CA ALA E 135 32.87 -51.89 14.49
C ALA E 135 31.88 -52.31 15.57
N ARG E 136 32.36 -52.85 16.68
CA ARG E 136 31.47 -53.32 17.72
C ARG E 136 30.99 -52.24 18.67
N THR E 137 31.82 -51.22 18.89
CA THR E 137 31.48 -50.14 19.81
C THR E 137 31.01 -48.89 19.10
N GLY E 138 31.44 -48.73 17.85
CA GLY E 138 31.28 -47.47 17.16
C GLY E 138 32.41 -46.55 17.55
N VAL E 139 32.53 -45.41 16.88
CA VAL E 139 33.59 -44.48 17.20
C VAL E 139 33.08 -43.11 17.68
N GLN E 140 33.57 -42.67 18.84
CA GLN E 140 33.25 -41.37 19.40
C GLN E 140 34.45 -40.41 19.41
N ILE E 141 34.24 -39.16 18.99
CA ILE E 141 35.23 -38.11 19.20
C ILE E 141 34.70 -37.00 20.12
N HIS E 142 35.52 -36.66 21.11
CA HIS E 142 35.12 -35.70 22.12
C HIS E 142 35.79 -34.37 21.90
N ASP E 143 35.04 -33.30 22.10
CA ASP E 143 35.60 -31.97 22.31
C ASP E 143 36.40 -32.05 23.60
N GLY E 144 37.71 -31.82 23.53
CA GLY E 144 38.54 -31.92 24.72
C GLY E 144 38.14 -30.98 25.84
N LEU E 145 37.62 -29.81 25.46
CA LEU E 145 37.12 -28.78 26.38
C LEU E 145 35.87 -29.22 27.10
N ALA E 146 34.90 -29.68 26.32
CA ALA E 146 33.63 -30.11 26.85
C ALA E 146 33.80 -31.32 27.72
N ARG E 147 34.72 -32.19 27.33
CA ARG E 147 34.92 -33.46 28.04
C ARG E 147 35.59 -33.29 29.40
N GLY E 148 36.53 -32.36 29.49
CA GLY E 148 37.21 -32.11 30.75
C GLY E 148 36.28 -31.51 31.79
N ARG E 149 35.08 -31.12 31.36
CA ARG E 149 34.10 -30.48 32.24
C ARG E 149 33.53 -31.41 33.28
N THR E 150 33.38 -32.68 32.91
CA THR E 150 32.66 -33.63 33.75
C THR E 150 33.56 -34.65 34.45
N THR E 151 34.77 -34.81 33.93
CA THR E 151 35.65 -35.90 34.33
C THR E 151 36.64 -35.58 35.44
N ALA E 152 36.90 -34.29 35.67
CA ALA E 152 38.00 -33.88 36.56
C ALA E 152 37.84 -34.33 38.02
N GLY E 153 36.64 -34.76 38.39
CA GLY E 153 36.39 -35.23 39.74
C GLY E 153 36.28 -36.74 39.88
N GLY E 154 36.55 -37.47 38.81
CA GLY E 154 36.55 -38.93 38.86
C GLY E 154 35.17 -39.56 38.85
N LYS E 155 35.10 -40.89 38.88
CA LYS E 155 33.83 -41.61 38.85
C LYS E 155 32.91 -41.36 40.04
N PHE E 156 33.47 -40.91 41.16
CA PHE E 156 32.73 -40.89 42.41
C PHE E 156 32.23 -39.51 42.79
N HIS E 157 32.71 -38.51 42.08
CA HIS E 157 32.27 -37.16 42.36
C HIS E 157 31.82 -36.47 41.07
N PRO E 158 30.80 -37.06 40.41
CA PRO E 158 30.37 -36.51 39.12
C PRO E 158 29.75 -35.14 39.25
N VAL E 159 30.08 -34.24 38.33
CA VAL E 159 29.40 -32.96 38.23
C VAL E 159 29.17 -32.71 36.74
N PRO E 160 27.95 -33.03 36.27
CA PRO E 160 27.64 -32.98 34.84
C PRO E 160 27.74 -31.57 34.27
N GLY E 161 27.51 -30.57 35.14
CA GLY E 161 27.55 -29.19 34.75
C GLY E 161 28.94 -28.59 34.87
N GLY E 162 29.88 -29.42 35.34
CA GLY E 162 31.26 -29.00 35.49
C GLY E 162 31.46 -27.83 36.42
N MET E 163 32.41 -26.97 36.07
CA MET E 163 32.82 -25.86 36.93
C MET E 163 31.72 -24.86 37.17
N LEU E 164 30.89 -24.67 36.15
CA LEU E 164 29.77 -23.76 36.24
C LEU E 164 28.76 -24.21 37.29
N GLU E 165 28.29 -25.45 37.17
CA GLU E 165 27.41 -26.09 38.18
C GLU E 165 27.98 -26.00 39.58
N THR E 166 29.30 -25.99 39.67
CA THR E 166 29.95 -25.84 40.95
C THR E 166 29.77 -24.41 41.48
N ALA E 167 29.60 -23.47 40.56
CA ALA E 167 29.41 -22.09 40.96
C ALA E 167 27.98 -21.88 41.39
N GLU E 168 27.05 -22.59 40.76
CA GLU E 168 25.66 -22.51 41.16
C GLU E 168 25.46 -23.19 42.51
N ASN E 169 26.28 -24.18 42.81
CA ASN E 169 26.25 -24.79 44.13
C ASN E 169 26.77 -23.82 45.20
N LEU E 170 27.80 -23.04 44.87
CA LEU E 170 28.35 -22.06 45.83
C LEU E 170 27.38 -20.90 46.01
N ARG E 171 26.62 -20.62 44.95
CA ARG E 171 25.61 -19.58 44.98
C ARG E 171 24.49 -19.90 45.96
N ARG E 172 23.90 -21.08 45.78
CA ARG E 172 22.80 -21.56 46.61
C ARG E 172 23.19 -21.60 48.09
N GLU E 173 24.36 -22.15 48.38
CA GLU E 173 24.78 -22.35 49.75
C GLU E 173 25.05 -21.03 50.45
N TYR E 174 25.59 -20.07 49.72
CA TYR E 174 25.99 -18.81 50.31
C TYR E 174 24.95 -17.73 50.09
N HIS E 175 23.85 -18.10 49.43
CA HIS E 175 22.71 -17.20 49.19
C HIS E 175 23.17 -15.89 48.55
N ILE E 176 23.82 -15.99 47.41
CA ILE E 176 24.34 -14.81 46.73
C ILE E 176 23.41 -14.45 45.58
N SER E 177 23.02 -13.19 45.51
CA SER E 177 22.09 -12.74 44.50
C SER E 177 22.80 -12.51 43.18
N ARG E 178 22.04 -12.51 42.10
CA ARG E 178 22.64 -12.31 40.79
C ARG E 178 23.30 -10.94 40.68
N THR E 179 22.57 -9.92 41.07
CA THR E 179 22.98 -8.53 40.89
C THR E 179 24.29 -8.24 41.60
N GLU E 180 24.51 -8.86 42.75
CA GLU E 180 25.79 -8.72 43.41
C GLU E 180 26.87 -9.32 42.53
N GLN E 181 26.59 -10.48 41.96
CA GLN E 181 27.54 -11.12 41.07
C GLN E 181 27.88 -10.22 39.88
N ASP E 182 26.85 -9.76 39.17
CA ASP E 182 27.03 -8.91 37.99
C ASP E 182 27.71 -7.60 38.36
N GLU E 183 27.50 -7.17 39.61
CA GLU E 183 28.15 -5.99 40.18
C GLU E 183 29.67 -6.19 40.26
N LEU E 184 30.08 -7.37 40.70
CA LEU E 184 31.49 -7.74 40.76
C LEU E 184 32.09 -7.81 39.36
N ALA E 185 31.30 -8.29 38.42
CA ALA E 185 31.73 -8.33 37.03
C ALA E 185 32.13 -6.94 36.52
N VAL E 186 31.27 -5.95 36.72
CA VAL E 186 31.54 -4.58 36.25
C VAL E 186 32.82 -4.02 36.88
N ARG E 187 33.04 -4.27 38.16
CA ARG E 187 34.23 -3.77 38.80
C ARG E 187 35.45 -4.42 38.18
N SER E 188 35.35 -5.70 37.90
CA SER E 188 36.40 -6.39 37.16
C SER E 188 36.69 -5.68 35.84
N HIS E 189 35.64 -5.47 35.04
CA HIS E 189 35.80 -4.84 33.75
C HIS E 189 36.31 -3.42 33.90
N GLN E 190 35.79 -2.70 34.87
CA GLN E 190 36.18 -1.30 35.06
C GLN E 190 37.64 -1.22 35.47
N ARG E 191 38.09 -2.21 36.23
CA ARG E 191 39.46 -2.21 36.71
C ARG E 191 40.45 -2.63 35.64
N ALA E 192 40.05 -3.57 34.79
CA ALA E 192 40.85 -3.95 33.65
C ALA E 192 41.01 -2.77 32.70
N VAL E 193 39.88 -2.18 32.31
CA VAL E 193 39.85 -0.99 31.44
C VAL E 193 40.63 0.16 32.05
N ALA E 194 40.37 0.44 33.32
CA ALA E 194 41.13 1.46 34.04
C ALA E 194 42.62 1.25 33.88
N ALA E 195 43.04 -0.01 34.01
CA ALA E 195 44.43 -0.37 33.95
C ALA E 195 45.03 -0.12 32.57
N GLN E 196 44.23 -0.36 31.53
CA GLN E 196 44.68 -0.13 30.15
C GLN E 196 44.97 1.34 29.94
N SER E 197 43.98 2.19 30.18
CA SER E 197 44.11 3.62 29.91
C SER E 197 45.20 4.27 30.75
N GLU E 198 45.48 3.71 31.92
CA GLU E 198 46.52 4.26 32.79
C GLU E 198 47.92 3.79 32.38
N GLY E 199 47.99 2.84 31.45
CA GLY E 199 49.27 2.41 30.90
C GLY E 199 50.08 1.45 31.74
N VAL E 200 49.47 0.87 32.76
CA VAL E 200 50.16 -0.08 33.63
C VAL E 200 50.30 -1.44 32.95
N LEU E 201 49.28 -1.84 32.18
CA LEU E 201 49.30 -3.11 31.45
C LEU E 201 50.47 -3.21 30.50
N ALA E 202 51.01 -2.07 30.11
CA ALA E 202 52.11 -2.03 29.17
C ALA E 202 53.32 -2.76 29.68
N GLU E 203 53.53 -2.76 30.99
CA GLU E 203 54.68 -3.46 31.55
C GLU E 203 54.40 -4.96 31.67
N GLU E 204 53.11 -5.31 31.71
CA GLU E 204 52.70 -6.70 31.72
C GLU E 204 52.73 -7.37 30.34
N ILE E 205 52.36 -6.62 29.30
CA ILE E 205 52.06 -7.24 28.02
C ILE E 205 53.19 -7.25 26.99
N ILE E 206 53.51 -8.45 26.53
CA ILE E 206 54.39 -8.66 25.40
C ILE E 206 53.50 -8.73 24.18
N PRO E 207 53.62 -7.76 23.26
CA PRO E 207 52.76 -7.71 22.08
C PRO E 207 52.85 -8.95 21.18
N VAL E 208 51.74 -9.35 20.59
CA VAL E 208 51.72 -10.52 19.72
C VAL E 208 51.40 -10.14 18.29
N PRO E 209 52.35 -10.39 17.39
CA PRO E 209 52.21 -10.18 15.93
C PRO E 209 51.40 -11.28 15.30
N VAL E 210 50.35 -10.92 14.58
CA VAL E 210 49.48 -11.89 13.95
C VAL E 210 49.27 -11.54 12.48
N ARG E 211 49.19 -12.54 11.62
CA ARG E 211 48.74 -12.35 10.24
C ARG E 211 47.26 -12.00 10.21
N GLU E 216 49.93 -8.55 8.22
CA GLU E 216 50.44 -8.71 9.58
C GLU E 216 50.24 -7.44 10.40
N GLU E 217 49.92 -7.62 11.68
CA GLU E 217 49.77 -6.49 12.59
C GLU E 217 50.05 -6.91 14.03
N THR E 218 50.17 -5.93 14.91
CA THR E 218 50.56 -6.21 16.28
C THR E 218 49.43 -5.93 17.26
N ILE E 219 49.09 -6.93 18.05
CA ILE E 219 48.08 -6.81 19.08
C ILE E 219 48.78 -6.66 20.44
N SER E 220 48.34 -5.70 21.23
CA SER E 220 48.94 -5.47 22.53
C SER E 220 47.87 -5.12 23.56
N VAL E 221 46.60 -5.29 23.16
CA VAL E 221 45.47 -5.04 24.04
C VAL E 221 44.63 -6.32 24.19
N ASP E 222 44.13 -6.55 25.40
CA ASP E 222 43.34 -7.72 25.70
C ASP E 222 42.01 -7.65 24.99
N GLU E 223 41.45 -8.81 24.68
CA GLU E 223 40.28 -8.89 23.81
C GLU E 223 38.97 -8.76 24.56
N HIS E 224 38.90 -9.35 25.74
CA HIS E 224 37.63 -9.37 26.43
C HIS E 224 37.21 -8.08 27.18
N PRO E 225 38.13 -7.42 27.91
CA PRO E 225 37.64 -6.31 28.75
C PRO E 225 36.75 -5.31 27.99
N ARG E 226 35.74 -4.76 28.65
CA ARG E 226 34.77 -3.87 27.99
C ARG E 226 34.45 -2.61 28.81
N ALA E 227 34.60 -1.45 28.18
CA ALA E 227 34.37 -0.16 28.85
C ALA E 227 32.95 0.03 29.35
N ASP E 228 32.00 -0.50 28.59
CA ASP E 228 30.59 -0.13 28.74
C ASP E 228 29.76 -1.10 29.56
N THR E 229 30.40 -2.08 30.18
CA THR E 229 29.65 -3.13 30.87
C THR E 229 28.89 -2.54 32.07
N THR E 230 27.59 -2.79 32.15
CA THR E 230 26.73 -2.28 33.22
C THR E 230 25.92 -3.40 33.87
N VAL E 231 25.53 -3.21 35.13
CA VAL E 231 24.69 -4.20 35.81
C VAL E 231 23.37 -4.34 35.06
N GLU E 232 22.91 -3.24 34.48
CA GLU E 232 21.68 -3.25 33.70
C GLU E 232 21.88 -4.14 32.49
N ALA E 233 22.99 -3.93 31.77
CA ALA E 233 23.32 -4.78 30.64
C ALA E 233 23.40 -6.27 31.04
N LEU E 234 24.10 -6.54 32.14
CA LEU E 234 24.30 -7.91 32.61
C LEU E 234 23.00 -8.56 33.05
N ALA E 235 22.09 -7.76 33.58
CA ALA E 235 20.80 -8.27 34.03
C ALA E 235 20.02 -8.95 32.89
N LYS E 236 20.35 -8.60 31.66
CA LYS E 236 19.62 -9.13 30.50
C LYS E 236 20.10 -10.49 30.05
N LEU E 237 21.22 -10.96 30.59
CA LEU E 237 21.75 -12.26 30.16
C LEU E 237 21.08 -13.44 30.84
N LYS E 238 20.92 -14.50 30.05
CA LYS E 238 20.32 -15.74 30.56
C LYS E 238 21.38 -16.61 31.22
N PRO E 239 21.11 -17.03 32.46
CA PRO E 239 21.96 -17.98 33.16
C PRO E 239 22.01 -19.27 32.39
N VAL E 240 23.22 -19.72 32.06
CA VAL E 240 23.41 -20.80 31.09
C VAL E 240 22.78 -22.09 31.60
N LEU E 241 22.57 -22.19 32.90
CA LEU E 241 21.95 -23.38 33.48
C LEU E 241 20.52 -23.15 33.98
N LEU E 242 19.85 -22.13 33.46
CA LEU E 242 18.52 -21.77 33.96
C LEU E 242 17.40 -22.78 33.66
N LYS E 243 17.57 -23.60 32.62
CA LYS E 243 16.56 -24.59 32.30
C LYS E 243 16.43 -25.66 33.39
N GLN E 244 17.55 -26.09 33.94
CA GLN E 244 17.60 -27.14 34.97
C GLN E 244 17.35 -26.61 36.38
N ASP E 245 17.69 -25.34 36.61
CA ASP E 245 17.41 -24.68 37.88
C ASP E 245 16.74 -23.33 37.67
N PRO E 246 15.43 -23.27 37.95
CA PRO E 246 14.63 -22.04 37.85
C PRO E 246 15.22 -20.82 38.57
N GLU E 247 16.16 -21.04 39.48
CA GLU E 247 16.76 -19.93 40.22
C GLU E 247 18.23 -19.66 39.89
N ALA E 248 18.67 -20.08 38.71
CA ALA E 248 20.07 -19.98 38.30
C ALA E 248 20.52 -18.53 38.08
N THR E 249 21.78 -18.24 38.38
CA THR E 249 22.33 -16.89 38.25
C THR E 249 23.60 -16.86 37.41
N THR E 251 25.84 -16.85 34.45
CA THR E 251 25.80 -16.34 33.08
C THR E 251 27.18 -16.10 32.52
N ALA E 252 27.25 -15.99 31.19
CA ALA E 252 28.47 -15.68 30.47
C ALA E 252 29.01 -14.30 30.83
N GLY E 253 28.16 -13.47 31.42
CA GLY E 253 28.56 -12.13 31.80
C GLY E 253 29.39 -12.09 33.08
N ASN E 254 28.94 -12.79 34.12
CA ASN E 254 29.63 -12.82 35.40
C ASN E 254 30.51 -14.07 35.60
N SER E 255 30.96 -14.66 34.50
CA SER E 255 31.86 -15.80 34.56
C SER E 255 33.09 -15.51 33.77
N SER E 256 34.21 -16.11 34.15
CA SER E 256 35.40 -15.95 33.31
C SER E 256 35.11 -16.73 32.03
N GLY E 257 35.84 -16.43 30.97
CA GLY E 257 35.61 -17.12 29.71
C GLY E 257 36.69 -18.15 29.37
N GLN E 258 36.48 -18.83 28.24
CA GLN E 258 37.52 -19.49 27.44
C GLN E 258 38.41 -18.55 26.67
N ASN E 259 39.74 -18.72 26.77
CA ASN E 259 40.68 -17.72 26.29
C ASN E 259 42.04 -18.27 25.85
N ASP E 260 42.84 -17.42 25.17
CA ASP E 260 44.15 -17.84 24.67
C ASP E 260 45.27 -16.89 25.13
N ALA E 261 46.38 -17.45 25.60
CA ALA E 261 47.49 -16.65 26.15
C ALA E 261 48.71 -17.49 26.58
N ALA E 262 49.83 -16.80 26.81
CA ALA E 262 50.99 -17.37 27.49
C ALA E 262 51.52 -16.37 28.51
N SER E 263 52.16 -16.89 29.56
CA SER E 263 52.81 -16.09 30.59
C SER E 263 54.19 -16.68 30.83
N MET E 264 55.17 -15.84 31.16
CA MET E 264 56.49 -16.32 31.56
C MET E 264 57.09 -15.41 32.60
N CYS E 265 58.08 -15.91 33.32
CA CYS E 265 58.85 -15.08 34.22
C CYS E 265 60.15 -15.76 34.51
N ILE E 266 61.14 -14.98 34.95
CA ILE E 266 62.37 -15.54 35.48
C ILE E 266 62.17 -15.88 36.94
N VAL E 267 62.69 -17.04 37.34
CA VAL E 267 62.79 -17.39 38.75
C VAL E 267 64.26 -17.54 39.03
N THR E 268 64.81 -16.67 39.88
CA THR E 268 66.24 -16.71 40.13
C THR E 268 66.61 -16.35 41.57
N THR E 269 67.90 -16.45 41.89
CA THR E 269 68.42 -16.04 43.19
C THR E 269 68.89 -14.60 43.12
N PRO E 270 68.69 -13.86 44.23
CA PRO E 270 69.15 -12.49 44.40
C PRO E 270 70.58 -12.32 43.95
N GLU E 271 71.49 -13.19 44.39
CA GLU E 271 72.88 -13.11 43.97
C GLU E 271 72.98 -13.22 42.45
N LYS E 272 72.18 -14.10 41.85
CA LYS E 272 72.21 -14.29 40.40
C LYS E 272 71.56 -13.15 39.66
N ALA E 273 70.48 -12.62 40.23
CA ALA E 273 69.77 -11.50 39.63
C ALA E 273 70.66 -10.26 39.58
N ALA E 274 71.41 -10.06 40.66
CA ALA E 274 72.35 -8.95 40.73
C ALA E 274 73.40 -9.10 39.65
N GLU E 275 73.92 -10.32 39.53
CA GLU E 275 74.85 -10.70 38.49
C GLU E 275 74.40 -10.31 37.08
N LEU E 276 73.10 -10.46 36.79
CA LEU E 276 72.59 -10.23 35.45
C LEU E 276 71.75 -8.95 35.34
N GLY E 277 71.69 -8.17 36.41
CA GLY E 277 71.06 -6.86 36.34
C GLY E 277 69.55 -6.91 36.28
N LEU E 278 68.99 -8.08 36.56
CA LEU E 278 67.56 -8.23 36.64
C LEU E 278 67.09 -7.43 37.83
N LYS E 279 65.85 -6.94 37.81
CA LYS E 279 65.30 -6.32 38.99
C LYS E 279 64.20 -7.15 39.61
N PRO E 280 64.56 -7.97 40.60
CA PRO E 280 63.62 -8.84 41.31
C PRO E 280 62.45 -8.06 41.89
N LEU E 281 61.23 -8.57 41.76
CA LEU E 281 60.05 -7.86 42.25
C LEU E 281 59.53 -8.38 43.58
N VAL E 282 59.37 -9.70 43.68
CA VAL E 282 58.85 -10.32 44.89
C VAL E 282 59.64 -11.58 45.13
N ARG E 283 59.36 -12.23 46.26
CA ARG E 283 59.94 -13.53 46.56
C ARG E 283 58.89 -14.42 47.20
N LEU E 284 59.05 -15.73 47.02
CA LEU E 284 58.10 -16.66 47.58
C LEU E 284 58.31 -16.75 49.07
N VAL E 285 57.33 -16.29 49.84
CA VAL E 285 57.36 -16.51 51.27
C VAL E 285 56.88 -17.92 51.51
N SER E 286 55.71 -18.23 50.95
CA SER E 286 55.13 -19.54 51.16
C SER E 286 54.14 -19.91 50.09
N TRP E 287 53.62 -21.13 50.19
CA TRP E 287 52.56 -21.59 49.32
C TRP E 287 51.83 -22.72 50.03
N GLY E 288 50.72 -23.16 49.45
CA GLY E 288 49.95 -24.25 50.04
C GLY E 288 48.90 -24.78 49.09
N SER E 289 48.53 -26.04 49.26
CA SER E 289 47.48 -26.65 48.45
C SER E 289 46.48 -27.40 49.32
N ALA E 290 45.30 -27.58 48.77
CA ALA E 290 44.23 -28.25 49.48
C ALA E 290 43.27 -28.92 48.50
N GLY E 291 42.61 -29.97 48.94
CA GLY E 291 41.51 -30.50 48.16
C GLY E 291 40.20 -30.10 48.81
N VAL E 292 39.15 -29.94 48.01
CA VAL E 292 37.80 -29.75 48.53
C VAL E 292 36.90 -30.64 47.71
N ALA E 293 35.63 -30.69 48.05
CA ALA E 293 34.68 -31.48 47.27
C ALA E 293 34.61 -30.94 45.86
N PRO E 294 34.71 -31.83 44.87
CA PRO E 294 34.58 -31.38 43.48
C PRO E 294 33.32 -30.54 43.25
N ASP E 295 32.23 -30.82 43.97
CA ASP E 295 30.97 -30.08 43.77
C ASP E 295 30.92 -28.72 44.47
N LEU E 296 31.97 -28.40 45.23
CA LEU E 296 32.09 -27.09 45.83
C LEU E 296 33.50 -26.52 45.60
N MET E 297 34.11 -26.92 44.49
CA MET E 297 35.46 -26.56 44.08
C MET E 297 35.92 -25.13 44.42
N GLY E 298 35.05 -24.17 44.12
CA GLY E 298 35.45 -22.78 44.08
C GLY E 298 35.83 -22.23 45.43
N ILE E 299 35.64 -23.08 46.43
CA ILE E 299 36.00 -22.74 47.78
C ILE E 299 37.49 -23.05 47.99
N GLY E 300 38.05 -23.81 47.04
CA GLY E 300 39.48 -24.07 46.97
C GLY E 300 40.46 -23.12 47.64
N PRO E 301 40.43 -21.83 47.27
CA PRO E 301 41.41 -20.89 47.81
C PRO E 301 41.36 -20.69 49.31
N VAL E 302 40.26 -21.01 49.99
CA VAL E 302 40.20 -20.71 51.42
C VAL E 302 41.13 -21.64 52.22
N PRO E 303 40.94 -22.97 52.09
CA PRO E 303 41.87 -23.82 52.85
C PRO E 303 43.30 -23.67 52.36
N ALA E 304 43.47 -23.48 51.06
CA ALA E 304 44.78 -23.33 50.44
C ALA E 304 45.51 -22.12 50.97
N THR E 305 44.78 -21.01 51.08
CA THR E 305 45.31 -19.75 51.58
C THR E 305 45.61 -19.90 53.07
N GLU E 306 44.73 -20.59 53.77
CA GLU E 306 44.96 -20.91 55.17
C GLU E 306 46.33 -21.55 55.34
N VAL E 307 46.60 -22.60 54.56
CA VAL E 307 47.85 -23.35 54.65
C VAL E 307 49.05 -22.47 54.25
N ALA E 308 48.86 -21.57 53.30
CA ALA E 308 49.91 -20.64 52.87
C ALA E 308 50.22 -19.57 53.91
N LEU E 309 49.19 -19.14 54.64
CA LEU E 309 49.37 -18.10 55.65
C LEU E 309 50.03 -18.67 56.90
N ALA E 310 49.62 -19.87 57.30
CA ALA E 310 50.24 -20.54 58.44
C ALA E 310 51.73 -20.76 58.27
N LYS E 311 52.15 -21.23 57.11
CA LYS E 311 53.55 -21.53 56.90
C LYS E 311 54.41 -20.28 56.83
N ALA E 312 53.78 -19.16 56.49
CA ALA E 312 54.46 -17.88 56.54
C ALA E 312 54.31 -17.35 57.96
N GLY E 313 53.43 -17.98 58.74
CA GLY E 313 53.10 -17.51 60.06
C GLY E 313 52.40 -16.16 59.97
N LEU E 314 51.56 -15.98 58.96
CA LEU E 314 50.85 -14.73 58.75
C LEU E 314 49.35 -14.93 58.85
N THR E 315 48.62 -13.83 58.75
CA THR E 315 47.17 -13.93 58.59
C THR E 315 46.75 -13.09 57.40
N LEU E 316 45.50 -13.24 56.99
CA LEU E 316 45.01 -12.51 55.84
C LEU E 316 45.10 -11.00 56.08
N ALA E 317 45.05 -10.60 57.34
CA ALA E 317 45.07 -9.19 57.68
C ALA E 317 46.46 -8.59 57.45
N ASP E 318 47.43 -9.47 57.23
CA ASP E 318 48.78 -9.03 56.97
C ASP E 318 49.01 -8.89 55.49
N ILE E 319 48.04 -9.31 54.70
CA ILE E 319 48.17 -9.31 53.25
C ILE E 319 47.68 -7.97 52.70
N ASP E 320 48.54 -7.32 51.93
CA ASP E 320 48.24 -6.00 51.40
C ASP E 320 47.56 -6.04 50.04
N LEU E 321 47.90 -7.03 49.23
CA LEU E 321 47.26 -7.23 47.92
C LEU E 321 46.84 -8.67 47.71
N ILE E 322 45.66 -8.86 47.13
CA ILE E 322 45.21 -10.20 46.85
C ILE E 322 44.90 -10.34 45.38
N GLU E 323 45.43 -11.39 44.77
CA GLU E 323 44.97 -11.79 43.45
C GLU E 323 44.19 -13.07 43.63
N LEU E 324 42.92 -13.03 43.25
CA LEU E 324 42.01 -14.16 43.32
C LEU E 324 41.34 -14.24 41.94
N ASN E 325 41.45 -15.37 41.26
CA ASN E 325 41.09 -15.45 39.85
C ASN E 325 39.65 -15.15 39.48
N GLU E 326 38.72 -15.53 40.34
CA GLU E 326 37.29 -15.44 40.06
C GLU E 326 36.93 -16.21 38.81
N ALA E 327 36.89 -17.53 38.92
CA ALA E 327 36.41 -18.39 37.85
C ALA E 327 34.99 -17.98 37.52
N PHE E 328 34.25 -17.64 38.57
CA PHE E 328 32.89 -17.15 38.44
C PHE E 328 32.71 -16.05 39.48
N ALA E 329 31.67 -15.24 39.36
CA ALA E 329 31.42 -14.19 40.34
C ALA E 329 30.85 -14.76 41.63
N ALA E 330 30.08 -15.84 41.52
CA ALA E 330 29.51 -16.49 42.68
C ALA E 330 30.56 -17.25 43.47
N GLN E 331 31.53 -17.83 42.76
CA GLN E 331 32.66 -18.51 43.37
C GLN E 331 33.52 -17.51 44.17
N ALA E 332 33.93 -16.44 43.50
CA ALA E 332 34.84 -15.48 44.10
C ALA E 332 34.19 -14.80 45.28
N LEU E 333 32.89 -14.60 45.19
CA LEU E 333 32.10 -14.00 46.25
C LEU E 333 32.06 -14.89 47.48
N ALA E 334 31.74 -16.17 47.29
CA ALA E 334 31.69 -17.11 48.41
C ALA E 334 33.02 -17.21 49.15
N VAL E 335 34.13 -17.15 48.42
CA VAL E 335 35.45 -17.12 49.03
C VAL E 335 35.60 -15.86 49.86
N MET E 336 35.15 -14.75 49.29
CA MET E 336 35.26 -13.47 49.95
C MET E 336 34.38 -13.47 51.19
N ARG E 337 33.29 -14.21 51.18
CA ARG E 337 32.45 -14.27 52.37
C ARG E 337 33.05 -15.14 53.46
N GLU E 338 33.73 -16.21 53.08
CA GLU E 338 34.49 -17.00 54.03
C GLU E 338 35.59 -16.16 54.65
N TRP E 339 36.18 -15.29 53.82
CA TRP E 339 37.28 -14.43 54.23
C TRP E 339 36.80 -13.24 55.05
N LYS E 340 35.49 -13.20 55.27
CA LYS E 340 34.83 -12.11 56.02
C LYS E 340 35.15 -10.75 55.40
N PHE E 341 34.85 -10.61 54.11
CA PHE E 341 35.21 -9.40 53.39
C PHE E 341 34.22 -8.26 53.55
N GLY E 342 34.76 -7.06 53.62
CA GLY E 342 33.98 -5.83 53.62
C GLY E 342 34.45 -5.00 52.45
N GLU E 343 33.68 -3.98 52.07
CA GLU E 343 33.93 -3.22 50.84
C GLU E 343 35.32 -2.57 50.74
N ALA E 344 36.03 -2.43 51.84
CA ALA E 344 37.39 -1.89 51.82
C ALA E 344 38.41 -2.94 51.38
N ASP E 345 38.10 -4.20 51.63
CA ASP E 345 38.93 -5.33 51.17
C ASP E 345 38.96 -5.37 49.65
N HIS E 346 37.82 -5.08 49.04
CA HIS E 346 37.65 -5.06 47.59
C HIS E 346 38.60 -4.07 46.91
N GLU E 347 39.02 -3.05 47.65
CA GLU E 347 40.00 -2.10 47.12
C GLU E 347 41.36 -2.76 46.90
N ARG E 348 41.61 -3.85 47.62
CA ARG E 348 42.92 -4.50 47.62
C ARG E 348 42.96 -5.79 46.80
N THR E 349 41.87 -6.09 46.11
CA THR E 349 41.73 -7.40 45.47
C THR E 349 41.42 -7.35 43.97
N ASN E 350 42.29 -8.01 43.17
CA ASN E 350 42.16 -8.04 41.73
C ASN E 350 42.07 -6.64 41.16
N VAL E 351 43.06 -5.82 41.50
CA VAL E 351 42.99 -4.39 41.26
C VAL E 351 43.36 -4.00 39.83
N ARG E 352 43.70 -4.96 38.98
CA ARG E 352 43.85 -4.67 37.56
C ARG E 352 42.91 -5.53 36.74
N GLY E 353 41.90 -6.05 37.41
CA GLY E 353 40.94 -6.93 36.78
C GLY E 353 41.10 -8.36 37.23
N SER E 354 40.34 -9.24 36.61
CA SER E 354 40.31 -10.66 36.96
C SER E 354 39.81 -11.51 35.79
N GLY E 355 39.80 -12.83 35.96
CA GLY E 355 39.32 -13.74 34.94
C GLY E 355 38.04 -13.34 34.24
N ILE E 356 37.18 -12.62 34.95
CA ILE E 356 35.89 -12.27 34.42
C ILE E 356 35.98 -11.23 33.29
N SER E 357 36.92 -10.29 33.43
CA SER E 357 37.12 -9.23 32.44
C SER E 357 38.23 -9.55 31.45
N LEU E 358 39.31 -10.12 31.98
CA LEU E 358 40.48 -10.48 31.19
C LEU E 358 40.38 -11.84 30.53
N GLY E 359 39.74 -12.78 31.20
CA GLY E 359 39.65 -14.14 30.71
C GLY E 359 40.45 -15.12 31.56
N HIS E 360 40.14 -16.41 31.41
CA HIS E 360 40.85 -17.49 32.10
C HIS E 360 41.47 -18.50 31.12
N PRO E 361 42.64 -18.16 30.54
CA PRO E 361 43.43 -19.04 29.66
C PRO E 361 44.21 -20.02 30.51
N VAL E 362 43.53 -21.08 30.91
CA VAL E 362 43.79 -21.82 32.14
C VAL E 362 45.23 -21.91 32.57
N GLY E 363 46.11 -22.39 31.69
CA GLY E 363 47.51 -22.56 32.06
C GLY E 363 48.28 -21.27 32.20
N ALA E 364 47.82 -20.22 31.53
CA ALA E 364 48.52 -18.94 31.54
C ALA E 364 48.10 -18.03 32.69
N THR E 365 46.85 -18.16 33.14
CA THR E 365 46.27 -17.42 34.25
C THR E 365 47.15 -17.25 35.50
N GLY E 366 47.84 -18.31 35.91
CA GLY E 366 48.66 -18.27 37.11
C GLY E 366 49.74 -17.21 37.03
N GLY E 367 50.32 -17.06 35.84
CA GLY E 367 51.43 -16.15 35.63
C GLY E 367 50.94 -14.75 35.29
N ARG E 368 49.64 -14.66 34.96
CA ARG E 368 49.00 -13.39 34.77
C ARG E 368 48.89 -12.74 36.13
N MET E 369 48.33 -13.49 37.06
CA MET E 369 48.07 -13.00 38.41
C MET E 369 49.37 -12.63 39.10
N LEU E 370 50.41 -13.38 38.79
CA LEU E 370 51.73 -13.11 39.35
C LEU E 370 52.28 -11.81 38.80
N ALA E 371 52.01 -11.56 37.52
CA ALA E 371 52.52 -10.37 36.85
C ALA E 371 51.87 -9.12 37.41
N THR E 372 50.59 -9.22 37.75
CA THR E 372 49.90 -8.06 38.32
C THR E 372 50.25 -7.94 39.79
N LEU E 373 50.37 -9.06 40.49
CA LEU E 373 50.63 -9.02 41.93
C LEU E 373 52.03 -8.50 42.28
N ALA E 374 53.04 -8.89 41.50
CA ALA E 374 54.40 -8.46 41.79
C ALA E 374 54.57 -6.99 41.45
N ARG E 375 54.02 -6.59 40.32
CA ARG E 375 54.17 -5.23 39.83
C ARG E 375 53.25 -4.25 40.56
N GLU E 376 52.17 -4.73 41.14
CA GLU E 376 51.30 -3.86 41.92
C GLU E 376 51.81 -3.72 43.35
N LEU E 377 52.39 -4.77 43.88
CA LEU E 377 53.08 -4.71 45.17
C LEU E 377 54.19 -3.65 45.12
N HIS E 378 54.90 -3.60 44.00
CA HIS E 378 55.95 -2.63 43.80
C HIS E 378 55.41 -1.22 43.62
N ARG E 379 54.38 -1.07 42.80
CA ARG E 379 53.80 0.24 42.48
C ARG E 379 53.14 0.86 43.70
N ARG E 380 52.58 0.01 44.56
CA ARG E 380 51.89 0.45 45.77
C ARG E 380 52.83 0.48 46.96
N GLU E 381 54.02 -0.11 46.76
CA GLU E 381 55.03 -0.25 47.81
C GLU E 381 54.48 -1.07 48.98
N ALA E 382 53.66 -2.06 48.67
CA ALA E 382 53.09 -2.93 49.70
C ALA E 382 54.09 -4.02 50.05
N ARG E 383 53.73 -4.90 50.98
CA ARG E 383 54.70 -5.90 51.41
C ARG E 383 54.34 -7.34 51.02
N TYR E 384 53.08 -7.73 51.23
CA TYR E 384 52.69 -9.12 50.99
C TYR E 384 51.53 -9.23 50.02
N GLY E 385 51.72 -10.04 48.99
CA GLY E 385 50.64 -10.35 48.08
C GLY E 385 50.22 -11.79 48.27
N LEU E 386 48.95 -12.06 48.01
CA LEU E 386 48.42 -13.40 48.01
C LEU E 386 47.94 -13.76 46.61
N GLU E 387 48.46 -14.86 46.08
CA GLU E 387 47.95 -15.41 44.83
C GLU E 387 47.24 -16.71 45.12
N THR E 388 45.92 -16.72 44.90
CA THR E 388 45.16 -17.92 45.20
C THR E 388 44.00 -18.08 44.21
N MET E 389 43.44 -19.28 44.16
CA MET E 389 42.73 -19.69 42.97
C MET E 389 42.07 -21.04 43.15
N CYS E 390 40.82 -21.15 42.75
CA CYS E 390 40.13 -22.42 42.86
C CYS E 390 40.51 -23.32 41.70
N ILE E 391 40.33 -24.63 41.81
CA ILE E 391 40.86 -25.51 40.79
C ILE E 391 39.93 -26.63 40.40
N GLY E 392 39.63 -26.72 39.10
CA GLY E 392 38.77 -27.72 38.51
C GLY E 392 39.00 -29.12 39.06
N GLY E 393 37.96 -29.66 39.67
CA GLY E 393 38.05 -30.99 40.28
C GLY E 393 38.16 -30.93 41.80
N GLY E 394 38.06 -29.71 42.33
CA GLY E 394 38.05 -29.53 43.76
C GLY E 394 39.38 -29.31 44.45
N GLN E 395 40.14 -28.33 43.98
CA GLN E 395 41.44 -28.03 44.58
C GLN E 395 41.64 -26.55 44.82
N GLY E 396 42.68 -26.21 45.57
CA GLY E 396 43.05 -24.82 45.81
C GLY E 396 44.55 -24.61 45.84
N LEU E 397 45.01 -23.49 45.32
CA LEU E 397 46.43 -23.20 45.33
C LEU E 397 46.62 -21.80 45.84
N ALA E 398 47.57 -21.63 46.76
CA ALA E 398 47.88 -20.32 47.27
C ALA E 398 49.38 -20.16 47.33
N ALA E 399 49.87 -18.98 46.96
CA ALA E 399 51.24 -18.60 47.25
C ALA E 399 51.22 -17.25 47.94
N VAL E 400 52.20 -17.02 48.81
CA VAL E 400 52.38 -15.71 49.42
C VAL E 400 53.71 -15.12 49.00
N PHE E 401 53.67 -13.91 48.48
CA PHE E 401 54.88 -13.27 48.00
C PHE E 401 55.20 -12.06 48.85
N GLU E 402 56.49 -11.83 49.09
CA GLU E 402 56.91 -10.61 49.76
C GLU E 402 57.71 -9.74 48.81
N ARG E 403 57.41 -8.44 48.81
CA ARG E 403 58.06 -7.51 47.90
C ARG E 403 59.56 -7.39 48.22
N VAL E 404 60.34 -6.93 47.25
CA VAL E 404 61.78 -6.74 47.42
C VAL E 404 62.20 -5.30 47.19
CA ARG F 4 65.84 -32.59 56.11
C ARG F 4 66.06 -33.39 54.83
N ASP F 5 66.18 -34.70 54.96
CA ASP F 5 66.31 -35.56 53.79
C ASP F 5 64.98 -35.84 53.13
N ALA F 6 65.04 -36.45 51.95
CA ALA F 6 63.88 -37.07 51.37
C ALA F 6 64.14 -38.56 51.25
N VAL F 7 63.36 -39.36 51.96
CA VAL F 7 63.49 -40.80 51.86
C VAL F 7 62.33 -41.37 51.08
N ILE F 8 62.57 -42.51 50.42
CA ILE F 8 61.58 -43.21 49.64
C ILE F 8 61.07 -44.42 50.42
N CYS F 9 59.75 -44.54 50.60
CA CYS F 9 59.19 -45.73 51.27
C CYS F 9 58.29 -46.55 50.36
N GLU F 10 58.42 -47.87 50.47
CA GLU F 10 57.60 -48.84 49.74
C GLU F 10 57.31 -48.42 48.30
N PRO F 11 58.38 -48.36 47.49
CA PRO F 11 58.16 -48.15 46.05
C PRO F 11 57.61 -49.41 45.41
N VAL F 12 56.39 -49.32 44.88
CA VAL F 12 55.73 -50.46 44.25
C VAL F 12 55.22 -50.10 42.88
N ARG F 13 54.65 -51.10 42.21
CA ARG F 13 54.03 -50.93 40.89
C ARG F 13 53.02 -52.03 40.65
N THR F 14 52.16 -51.83 39.65
CA THR F 14 51.32 -52.89 39.10
C THR F 14 52.18 -53.75 38.19
N PRO F 15 51.69 -54.94 37.79
CA PRO F 15 52.42 -55.62 36.72
C PRO F 15 52.43 -54.79 35.46
N ILE F 16 53.27 -55.12 34.49
CA ILE F 16 53.36 -54.33 33.27
C ILE F 16 52.73 -55.09 32.10
N GLY F 17 51.64 -54.54 31.57
CA GLY F 17 50.91 -55.22 30.52
C GLY F 17 51.41 -54.93 29.12
N ARG F 18 51.14 -55.85 28.19
CA ARG F 18 51.48 -55.61 26.79
C ARG F 18 50.56 -54.60 26.14
N TYR F 19 51.09 -53.95 25.10
CA TYR F 19 50.35 -53.05 24.20
C TYR F 19 49.19 -53.81 23.59
N GLY F 20 47.98 -53.49 24.03
CA GLY F 20 46.79 -54.20 23.62
C GLY F 20 46.69 -55.54 24.32
N GLY F 21 47.34 -55.64 25.46
CA GLY F 21 47.46 -56.91 26.16
C GLY F 21 46.53 -57.04 27.34
N MET F 22 47.02 -57.66 28.42
CA MET F 22 46.17 -58.06 29.54
C MET F 22 45.42 -56.92 30.22
N PHE F 23 45.94 -55.70 30.07
CA PHE F 23 45.37 -54.53 30.74
C PHE F 23 44.66 -53.56 29.79
N ARG F 24 44.39 -54.02 28.57
CA ARG F 24 43.70 -53.20 27.56
C ARG F 24 42.34 -52.70 28.06
N SER F 25 41.74 -53.46 28.97
CA SER F 25 40.44 -53.14 29.56
C SER F 25 40.52 -51.96 30.49
N LEU F 26 41.73 -51.70 30.98
CA LEU F 26 41.94 -50.75 32.06
C LEU F 26 42.48 -49.43 31.57
N THR F 27 42.14 -48.36 32.29
CA THR F 27 42.62 -47.03 31.95
C THR F 27 43.84 -46.70 32.82
N ALA F 28 44.55 -45.63 32.45
CA ALA F 28 45.67 -45.16 33.24
C ALA F 28 45.25 -44.84 34.68
N VAL F 29 44.01 -44.37 34.84
CA VAL F 29 43.46 -44.14 36.17
C VAL F 29 43.25 -45.45 36.92
N ASP F 30 42.70 -46.46 36.24
CA ASP F 30 42.40 -47.75 36.87
C ASP F 30 43.66 -48.38 37.41
N LEU F 31 44.75 -48.18 36.69
CA LEU F 31 46.03 -48.75 37.08
C LEU F 31 46.65 -47.97 38.24
N GLY F 32 46.53 -46.65 38.18
CA GLY F 32 47.07 -45.79 39.21
C GLY F 32 46.32 -45.95 40.51
N VAL F 33 45.01 -46.13 40.38
CA VAL F 33 44.17 -46.39 41.53
C VAL F 33 44.59 -47.70 42.21
N THR F 34 44.91 -48.72 41.42
CA THR F 34 45.29 -50.02 41.95
C THR F 34 46.62 -49.95 42.67
N ALA F 35 47.59 -49.24 42.09
CA ALA F 35 48.91 -49.12 42.71
C ALA F 35 48.86 -48.24 43.94
N LEU F 36 48.00 -47.22 43.93
CA LEU F 36 47.90 -46.32 45.08
C LEU F 36 47.22 -47.00 46.24
N LYS F 37 46.20 -47.80 45.94
CA LYS F 37 45.50 -48.59 46.96
C LYS F 37 46.41 -49.65 47.59
N GLY F 38 47.25 -50.26 46.77
CA GLY F 38 48.21 -51.23 47.27
C GLY F 38 49.25 -50.61 48.18
N LEU F 39 49.80 -49.47 47.76
CA LEU F 39 50.78 -48.75 48.56
C LEU F 39 50.29 -48.48 49.98
N LEU F 40 49.03 -48.05 50.12
CA LEU F 40 48.49 -47.66 51.41
C LEU F 40 48.07 -48.85 52.26
N GLU F 41 47.74 -49.96 51.59
CA GLU F 41 47.38 -51.21 52.23
C GLU F 41 48.61 -51.90 52.85
N ARG F 42 49.75 -51.79 52.19
CA ARG F 42 51.00 -52.29 52.74
C ARG F 42 51.55 -51.44 53.87
N THR F 43 51.46 -50.13 53.72
CA THR F 43 52.08 -49.21 54.67
C THR F 43 51.18 -48.90 55.83
N GLY F 44 49.88 -48.92 55.61
CA GLY F 44 48.96 -48.56 56.65
C GLY F 44 48.94 -47.07 56.94
N ILE F 45 49.58 -46.32 56.05
CA ILE F 45 49.53 -44.87 56.08
C ILE F 45 48.10 -44.37 55.95
N ALA F 46 47.66 -43.62 56.95
CA ALA F 46 46.39 -42.90 56.89
C ALA F 46 46.35 -41.97 55.67
N ALA F 47 45.27 -42.04 54.90
CA ALA F 47 45.22 -41.27 53.66
C ALA F 47 45.37 -39.76 53.83
N ASP F 48 44.94 -39.20 54.95
CA ASP F 48 45.04 -37.75 55.07
C ASP F 48 46.45 -37.32 55.46
N GLN F 49 47.38 -38.28 55.57
CA GLN F 49 48.79 -37.95 55.74
C GLN F 49 49.42 -37.61 54.39
N VAL F 50 48.79 -38.09 53.32
CA VAL F 50 49.23 -37.85 51.94
C VAL F 50 48.87 -36.44 51.50
N GLU F 51 49.88 -35.57 51.35
CA GLU F 51 49.64 -34.15 51.12
C GLU F 51 49.60 -33.80 49.62
N ASP F 52 49.90 -34.79 48.78
CA ASP F 52 49.93 -34.61 47.34
C ASP F 52 50.01 -35.97 46.70
N VAL F 53 49.41 -36.14 45.53
CA VAL F 53 49.65 -37.30 44.69
C VAL F 53 50.19 -36.78 43.38
N ILE F 54 51.51 -36.87 43.20
CA ILE F 54 52.16 -36.29 42.03
C ILE F 54 52.51 -37.38 41.02
N LEU F 55 51.91 -37.31 39.83
CA LEU F 55 51.97 -38.40 38.88
C LEU F 55 52.53 -38.04 37.52
N GLY F 56 53.53 -38.81 37.11
CA GLY F 56 54.08 -38.73 35.76
C GLY F 56 53.20 -39.42 34.75
N HIS F 57 53.02 -38.78 33.60
CA HIS F 57 51.94 -39.13 32.67
C HIS F 57 52.18 -38.40 31.37
N CYS F 58 52.61 -39.11 30.34
CA CYS F 58 52.99 -38.47 29.07
C CYS F 58 51.93 -38.40 27.97
N TYR F 59 50.80 -39.10 28.16
CA TYR F 59 49.70 -38.97 27.20
C TYR F 59 48.41 -38.57 27.88
N PRO F 60 48.43 -37.42 28.58
CA PRO F 60 47.20 -36.94 29.22
C PRO F 60 46.12 -36.57 28.21
N ASN F 61 44.87 -36.75 28.61
CA ASN F 61 43.73 -36.26 27.87
C ASN F 61 42.62 -36.01 28.86
N SER F 62 41.51 -35.46 28.38
CA SER F 62 40.44 -35.00 29.25
C SER F 62 39.69 -36.09 29.96
N GLU F 63 40.04 -37.35 29.69
CA GLU F 63 39.44 -38.44 30.43
C GLU F 63 39.93 -38.40 31.85
N ALA F 64 41.08 -37.77 32.03
CA ALA F 64 41.71 -37.70 33.35
C ALA F 64 42.58 -36.47 33.46
N PRO F 65 41.97 -35.31 33.69
CA PRO F 65 42.65 -34.05 33.96
C PRO F 65 43.37 -34.12 35.29
N ALA F 66 44.55 -33.50 35.39
CA ALA F 66 45.34 -33.47 36.62
C ALA F 66 45.33 -34.83 37.31
N ILE F 67 45.85 -35.85 36.62
CA ILE F 67 45.44 -37.24 36.88
C ILE F 67 45.70 -37.75 38.29
N GLY F 68 46.70 -37.20 38.96
CA GLY F 68 47.03 -37.62 40.31
C GLY F 68 45.87 -37.40 41.25
N ARG F 69 45.16 -36.29 41.02
CA ARG F 69 44.01 -35.96 41.82
C ARG F 69 42.87 -36.90 41.52
N VAL F 70 42.73 -37.24 40.26
CA VAL F 70 41.69 -38.16 39.84
C VAL F 70 41.98 -39.54 40.39
N VAL F 71 43.21 -40.02 40.20
CA VAL F 71 43.64 -41.29 40.80
C VAL F 71 43.45 -41.28 42.31
N ALA F 72 43.69 -40.13 42.94
CA ALA F 72 43.54 -40.00 44.38
C ALA F 72 42.09 -40.19 44.76
N LEU F 73 41.20 -39.51 44.04
CA LEU F 73 39.78 -39.57 44.36
C LEU F 73 39.16 -40.91 44.04
N ASP F 74 39.52 -41.48 42.88
CA ASP F 74 39.02 -42.80 42.49
C ASP F 74 39.61 -43.90 43.35
N ALA F 75 40.70 -43.58 44.05
CA ALA F 75 41.28 -44.49 45.04
C ALA F 75 40.54 -44.40 46.36
N GLY F 76 39.58 -43.49 46.46
CA GLY F 76 38.84 -43.32 47.71
C GLY F 76 39.59 -42.61 48.84
N LEU F 77 40.67 -41.92 48.51
CA LEU F 77 41.28 -40.98 49.43
C LEU F 77 40.30 -39.86 49.76
N PRO F 78 40.46 -39.20 50.92
CA PRO F 78 39.67 -38.01 51.22
C PRO F 78 39.83 -36.87 50.21
N ILE F 79 38.71 -36.20 49.91
CA ILE F 79 38.66 -35.05 49.00
C ILE F 79 39.68 -33.94 49.30
N THR F 80 40.38 -34.04 50.44
CA THR F 80 41.34 -33.04 50.85
C THR F 80 42.73 -33.31 50.27
N VAL F 81 42.91 -34.51 49.71
CA VAL F 81 44.16 -34.88 49.05
C VAL F 81 44.21 -34.27 47.65
N PRO F 82 45.22 -33.43 47.41
CA PRO F 82 45.44 -32.78 46.12
C PRO F 82 46.14 -33.73 45.17
N GLY F 83 46.19 -33.40 43.88
CA GLY F 83 46.95 -34.18 42.93
C GLY F 83 47.24 -33.36 41.67
N MET F 84 48.09 -33.89 40.80
CA MET F 84 48.46 -33.17 39.59
C MET F 84 49.15 -34.09 38.59
N GLN F 85 49.58 -33.52 37.47
CA GLN F 85 50.21 -34.27 36.41
C GLN F 85 51.47 -33.56 35.92
N VAL F 86 52.52 -34.34 35.62
CA VAL F 86 53.77 -33.79 35.08
C VAL F 86 54.27 -34.60 33.86
N ASP F 87 54.93 -33.92 32.91
CA ASP F 87 55.45 -34.53 31.69
C ASP F 87 56.83 -34.00 31.35
N ARG F 88 57.79 -34.91 31.40
CA ARG F 88 59.11 -34.70 30.87
C ARG F 88 59.37 -35.98 30.09
N ARG F 89 58.33 -36.41 29.37
CA ARG F 89 58.34 -37.68 28.61
C ARG F 89 58.87 -38.84 29.46
N CYS F 90 59.83 -39.64 28.97
CA CYS F 90 60.28 -40.83 29.72
C CYS F 90 60.81 -40.57 31.14
N GLY F 91 61.21 -39.33 31.44
CA GLY F 91 61.68 -38.96 32.76
C GLY F 91 60.57 -38.67 33.75
N SER F 92 59.32 -38.73 33.31
CA SER F 92 58.19 -38.27 34.11
C SER F 92 58.10 -38.87 35.50
N GLY F 93 58.34 -40.17 35.61
CA GLY F 93 58.23 -40.81 36.90
C GLY F 93 59.30 -40.39 37.91
N LEU F 94 60.51 -40.15 37.43
CA LEU F 94 61.61 -39.68 38.27
C LEU F 94 61.45 -38.21 38.56
N GLN F 95 61.03 -37.47 37.55
CA GLN F 95 60.67 -36.08 37.75
C GLN F 95 59.66 -35.96 38.87
N ALA F 96 58.70 -36.89 38.94
CA ALA F 96 57.69 -36.84 39.98
C ALA F 96 58.29 -37.13 41.36
N VAL F 97 59.24 -38.06 41.41
CA VAL F 97 59.92 -38.32 42.67
C VAL F 97 60.74 -37.10 43.08
N ILE F 98 61.49 -36.56 42.13
CA ILE F 98 62.37 -35.44 42.39
C ILE F 98 61.55 -34.27 42.91
N GLN F 99 60.46 -33.94 42.24
CA GLN F 99 59.61 -32.88 42.73
C GLN F 99 59.07 -33.20 44.10
N ALA F 100 58.61 -34.43 44.29
CA ALA F 100 58.13 -34.85 45.59
C ALA F 100 59.22 -34.63 46.62
N CYS F 101 60.43 -35.07 46.30
CA CYS F 101 61.55 -34.87 47.19
C CYS F 101 61.85 -33.40 47.44
N LEU F 102 61.53 -32.53 46.49
CA LEU F 102 61.79 -31.11 46.66
C LEU F 102 60.88 -30.47 47.67
N GLN F 103 59.58 -30.75 47.55
CA GLN F 103 58.62 -30.06 48.39
C GLN F 103 58.59 -30.64 49.80
N VAL F 104 59.18 -31.81 49.98
CA VAL F 104 59.32 -32.42 51.29
C VAL F 104 60.60 -31.97 52.02
N ARG F 105 61.73 -32.07 51.31
CA ARG F 105 62.99 -31.51 51.76
C ARG F 105 62.86 -30.05 52.20
N SER F 106 61.99 -29.30 51.54
CA SER F 106 61.80 -27.89 51.83
C SER F 106 60.99 -27.67 53.09
N GLY F 107 60.27 -28.68 53.54
CA GLY F 107 59.43 -28.51 54.71
C GLY F 107 58.04 -28.02 54.38
N ASP F 108 57.79 -27.78 53.09
CA ASP F 108 56.47 -27.39 52.64
C ASP F 108 55.49 -28.54 52.81
N HIS F 109 55.95 -29.76 52.58
CA HIS F 109 55.14 -30.97 52.72
C HIS F 109 55.89 -32.02 53.54
N ASP F 110 55.19 -32.87 54.28
CA ASP F 110 55.90 -33.87 55.07
C ASP F 110 55.82 -35.24 54.43
N LEU F 111 54.69 -35.53 53.78
CA LEU F 111 54.48 -36.79 53.11
C LEU F 111 53.71 -36.57 51.84
N VAL F 112 54.26 -37.04 50.72
CA VAL F 112 53.53 -37.02 49.46
C VAL F 112 53.74 -38.33 48.72
N VAL F 113 52.83 -38.62 47.79
CA VAL F 113 52.98 -39.78 46.91
C VAL F 113 53.55 -39.34 45.57
N ALA F 114 54.69 -39.91 45.21
CA ALA F 114 55.27 -39.72 43.89
C ALA F 114 54.99 -40.93 43.02
N GLY F 115 54.40 -40.73 41.84
CA GLY F 115 54.09 -41.89 41.02
C GLY F 115 54.05 -41.70 39.51
N GLY F 116 53.53 -42.71 38.82
CA GLY F 116 53.38 -42.65 37.39
C GLY F 116 52.30 -43.61 36.89
N ALA F 117 51.78 -43.34 35.70
CA ALA F 117 50.75 -44.19 35.12
C ALA F 117 50.68 -43.97 33.61
N GLU F 118 50.58 -45.08 32.89
CA GLU F 118 50.44 -45.06 31.45
C GLU F 118 49.63 -46.27 31.00
N SER F 119 48.62 -46.01 30.18
CA SER F 119 47.96 -47.07 29.42
C SER F 119 48.17 -46.78 27.96
N MET F 120 49.37 -47.05 27.44
CA MET F 120 49.67 -46.77 26.05
C MET F 120 48.67 -47.45 25.08
N SER F 121 47.99 -48.49 25.55
CA SER F 121 46.87 -49.13 24.87
C SER F 121 45.69 -48.19 24.60
N ASN F 122 45.52 -47.19 25.45
CA ASN F 122 44.35 -46.37 25.35
C ASN F 122 44.73 -44.92 25.08
N VAL F 123 45.94 -44.74 24.59
CA VAL F 123 46.40 -43.39 24.25
C VAL F 123 45.63 -42.91 23.02
N ALA F 124 45.13 -41.68 23.10
CA ALA F 124 44.14 -41.20 22.14
C ALA F 124 44.69 -40.93 20.76
N PHE F 125 43.79 -40.98 19.78
CA PHE F 125 44.03 -40.39 18.48
C PHE F 125 43.35 -39.03 18.53
N TYR F 126 43.89 -38.05 17.82
CA TYR F 126 43.35 -36.69 17.94
C TYR F 126 43.52 -35.83 16.68
N SER F 127 42.74 -34.77 16.61
CA SER F 127 42.91 -33.78 15.56
C SER F 127 42.77 -32.36 16.08
N THR F 128 43.66 -31.50 15.61
CA THR F 128 43.52 -30.06 15.83
C THR F 128 42.96 -29.35 14.59
N ASP F 129 42.28 -30.11 13.73
CA ASP F 129 41.69 -29.56 12.51
C ASP F 129 40.17 -29.57 12.48
N MET F 130 39.54 -30.12 13.50
CA MET F 130 38.11 -30.41 13.44
C MET F 130 37.23 -29.35 14.12
N ARG F 131 37.83 -28.57 15.01
CA ARG F 131 37.06 -27.54 15.70
C ARG F 131 36.64 -26.44 14.73
N TRP F 132 37.59 -25.88 13.99
CA TRP F 132 37.25 -24.81 13.07
C TRP F 132 37.07 -25.33 11.65
N GLY F 133 37.32 -26.63 11.45
CA GLY F 133 37.11 -27.24 10.16
C GLY F 133 38.33 -27.25 9.27
N GLY F 134 38.44 -28.31 8.47
CA GLY F 134 39.56 -28.45 7.57
C GLY F 134 39.15 -28.23 6.12
N ALA F 135 38.09 -27.45 5.93
CA ALA F 135 37.59 -27.10 4.59
C ALA F 135 38.70 -26.70 3.61
N ARG F 136 39.78 -26.10 4.10
CA ARG F 136 40.88 -25.65 3.25
C ARG F 136 42.17 -26.36 3.57
N THR F 137 42.34 -26.63 4.85
CA THR F 137 43.56 -27.23 5.37
C THR F 137 43.54 -28.76 5.25
N GLY F 138 42.35 -29.35 5.29
CA GLY F 138 42.23 -30.79 5.29
C GLY F 138 42.32 -31.29 6.72
N VAL F 139 41.96 -32.55 6.95
CA VAL F 139 41.99 -33.09 8.31
C VAL F 139 43.04 -34.17 8.50
N GLN F 140 43.83 -34.02 9.57
CA GLN F 140 44.71 -35.09 10.02
C GLN F 140 44.21 -35.66 11.33
N ILE F 141 44.21 -36.99 11.45
CA ILE F 141 44.09 -37.60 12.76
C ILE F 141 45.46 -38.15 13.12
N HIS F 142 45.89 -37.86 14.34
CA HIS F 142 47.21 -38.19 14.79
C HIS F 142 47.18 -39.27 15.84
N ASP F 143 48.17 -40.15 15.80
CA ASP F 143 48.37 -41.13 16.83
C ASP F 143 49.17 -40.49 17.94
N GLY F 144 48.63 -40.49 19.16
CA GLY F 144 49.30 -39.84 20.26
C GLY F 144 50.72 -40.35 20.48
N LEU F 145 50.92 -41.65 20.27
CA LEU F 145 52.26 -42.25 20.40
C LEU F 145 53.22 -41.79 19.33
N ALA F 146 52.94 -42.18 18.09
CA ALA F 146 53.82 -41.91 16.96
C ALA F 146 54.05 -40.43 16.72
N ARG F 147 53.00 -39.63 16.90
CA ARG F 147 53.09 -38.19 16.66
C ARG F 147 53.96 -37.53 17.71
N GLY F 148 53.85 -38.00 18.95
CA GLY F 148 54.64 -37.46 20.04
C GLY F 148 56.12 -37.49 19.75
N ARG F 149 56.56 -38.51 19.00
CA ARG F 149 57.98 -38.75 18.86
C ARG F 149 58.65 -37.98 17.71
N THR F 150 57.85 -37.39 16.84
CA THR F 150 58.40 -36.56 15.76
C THR F 150 58.43 -35.07 16.10
N THR F 151 57.56 -34.65 17.01
CA THR F 151 57.37 -33.22 17.32
C THR F 151 58.03 -32.71 18.62
N ALA F 152 58.72 -33.58 19.35
CA ALA F 152 59.16 -33.22 20.69
C ALA F 152 60.35 -32.26 20.63
N GLY F 153 60.96 -32.17 19.45
CA GLY F 153 62.09 -31.29 19.24
C GLY F 153 61.65 -29.97 18.68
N GLY F 154 60.34 -29.80 18.54
CA GLY F 154 59.81 -28.55 18.02
C GLY F 154 59.89 -28.47 16.51
N LYS F 155 59.67 -27.28 15.95
CA LYS F 155 59.61 -27.14 14.50
C LYS F 155 60.96 -26.96 13.81
N PHE F 156 62.03 -26.79 14.57
CA PHE F 156 63.34 -26.65 13.95
C PHE F 156 64.23 -27.87 14.13
N HIS F 157 63.71 -28.87 14.85
CA HIS F 157 64.40 -30.14 15.03
C HIS F 157 63.43 -31.31 14.92
N PRO F 158 62.87 -31.51 13.72
CA PRO F 158 61.91 -32.59 13.53
C PRO F 158 62.60 -33.93 13.32
N VAL F 159 62.03 -34.98 13.87
CA VAL F 159 62.59 -36.32 13.71
C VAL F 159 61.49 -37.22 13.19
N PRO F 160 61.39 -37.33 11.85
CA PRO F 160 60.30 -38.02 11.13
C PRO F 160 60.17 -39.50 11.46
N GLY F 161 61.28 -40.12 11.84
CA GLY F 161 61.26 -41.50 12.26
C GLY F 161 61.21 -41.65 13.78
N GLY F 162 60.87 -40.56 14.45
CA GLY F 162 60.66 -40.59 15.88
C GLY F 162 61.86 -41.09 16.63
N MET F 163 61.61 -41.81 17.72
CA MET F 163 62.66 -42.34 18.56
C MET F 163 63.49 -43.37 17.84
N LEU F 164 62.82 -44.16 17.01
CA LEU F 164 63.46 -45.25 16.28
C LEU F 164 64.59 -44.68 15.46
N GLU F 165 64.33 -43.59 14.78
CA GLU F 165 65.34 -42.90 13.98
C GLU F 165 66.52 -42.41 14.82
N THR F 166 66.24 -41.82 15.98
CA THR F 166 67.29 -41.39 16.91
C THR F 166 68.16 -42.54 17.39
N ALA F 167 67.57 -43.71 17.57
CA ALA F 167 68.32 -44.92 17.94
C ALA F 167 69.24 -45.41 16.83
N GLU F 168 68.81 -45.26 15.58
CA GLU F 168 69.65 -45.65 14.46
C GLU F 168 70.79 -44.67 14.30
N ASN F 169 70.57 -43.42 14.71
CA ASN F 169 71.62 -42.41 14.72
C ASN F 169 72.74 -42.72 15.70
N LEU F 170 72.38 -42.98 16.96
CA LEU F 170 73.34 -43.33 17.99
C LEU F 170 74.18 -44.54 17.60
N ARG F 171 73.53 -45.48 16.95
CA ARG F 171 74.15 -46.75 16.65
C ARG F 171 74.96 -46.63 15.35
N ARG F 172 74.53 -45.79 14.41
CA ARG F 172 75.39 -45.42 13.28
C ARG F 172 76.62 -44.68 13.79
N GLU F 173 76.39 -43.70 14.65
CA GLU F 173 77.47 -42.96 15.28
C GLU F 173 78.43 -43.79 16.11
N TYR F 174 77.90 -44.71 16.93
CA TYR F 174 78.74 -45.50 17.84
C TYR F 174 79.02 -46.90 17.30
N HIS F 175 78.76 -47.09 16.01
CA HIS F 175 79.18 -48.28 15.28
C HIS F 175 78.77 -49.55 16.00
N ILE F 176 77.51 -49.61 16.41
CA ILE F 176 77.02 -50.70 17.24
C ILE F 176 76.39 -51.81 16.41
N SER F 177 76.91 -53.02 16.56
CA SER F 177 76.45 -54.19 15.80
C SER F 177 75.01 -54.58 16.12
N ARG F 178 74.33 -55.15 15.13
CA ARG F 178 73.04 -55.77 15.37
C ARG F 178 73.14 -56.84 16.46
N THR F 179 74.23 -57.59 16.43
CA THR F 179 74.47 -58.67 17.38
C THR F 179 74.61 -58.17 18.82
N GLU F 180 75.35 -57.08 19.01
CA GLU F 180 75.50 -56.47 20.34
C GLU F 180 74.17 -55.98 20.89
N GLN F 181 73.34 -55.41 20.02
CA GLN F 181 72.00 -54.96 20.41
C GLN F 181 71.11 -56.13 20.77
N ASP F 182 71.08 -57.14 19.91
CA ASP F 182 70.24 -58.29 20.15
C ASP F 182 70.77 -59.11 21.34
N GLU F 183 72.08 -59.13 21.53
CA GLU F 183 72.65 -59.79 22.70
C GLU F 183 72.23 -59.07 23.98
N LEU F 184 72.18 -57.74 23.94
CA LEU F 184 71.69 -56.97 25.08
C LEU F 184 70.23 -57.30 25.40
N ALA F 185 69.41 -57.46 24.37
CA ALA F 185 68.00 -57.83 24.54
C ALA F 185 67.80 -59.20 25.17
N VAL F 186 68.64 -60.16 24.80
CA VAL F 186 68.58 -61.50 25.35
C VAL F 186 68.87 -61.46 26.86
N ARG F 187 69.99 -60.83 27.23
CA ARG F 187 70.35 -60.63 28.61
C ARG F 187 69.18 -60.05 29.42
N SER F 188 68.72 -58.86 29.01
CA SER F 188 67.62 -58.17 29.69
C SER F 188 66.42 -59.09 29.95
N HIS F 189 66.04 -59.87 28.93
CA HIS F 189 64.96 -60.82 29.10
C HIS F 189 65.33 -61.89 30.10
N GLN F 190 66.58 -62.35 30.03
CA GLN F 190 67.06 -63.39 30.90
C GLN F 190 67.01 -62.96 32.37
N ARG F 191 67.48 -61.76 32.65
CA ARG F 191 67.49 -61.24 34.02
C ARG F 191 66.09 -60.98 34.54
N ALA F 192 65.19 -60.71 33.60
CA ALA F 192 63.81 -60.42 33.93
C ALA F 192 63.13 -61.68 34.38
N VAL F 193 63.31 -62.74 33.61
CA VAL F 193 62.71 -64.03 33.87
C VAL F 193 63.25 -64.63 35.16
N ALA F 194 64.52 -64.37 35.46
CA ALA F 194 65.10 -64.87 36.69
C ALA F 194 64.55 -64.14 37.89
N ALA F 195 64.36 -62.83 37.76
CA ALA F 195 63.80 -62.00 38.82
C ALA F 195 62.42 -62.47 39.25
N GLN F 196 61.55 -62.76 38.28
CA GLN F 196 60.22 -63.31 38.59
C GLN F 196 60.38 -64.63 39.31
N SER F 197 61.18 -65.52 38.76
CA SER F 197 61.30 -66.88 39.25
C SER F 197 61.95 -66.95 40.62
N GLU F 198 62.83 -66.02 40.92
CA GLU F 198 63.42 -65.93 42.26
C GLU F 198 62.42 -65.36 43.27
N GLY F 199 61.35 -64.77 42.77
CA GLY F 199 60.30 -64.24 43.63
C GLY F 199 60.42 -62.79 44.02
N VAL F 200 61.45 -62.09 43.55
CA VAL F 200 61.71 -60.72 44.00
C VAL F 200 60.80 -59.66 43.38
N LEU F 201 60.28 -59.93 42.19
CA LEU F 201 59.46 -58.93 41.51
C LEU F 201 58.14 -58.79 42.28
N ALA F 202 57.78 -59.83 43.01
CA ALA F 202 56.61 -59.82 43.88
C ALA F 202 56.75 -58.80 45.00
N GLU F 203 57.97 -58.35 45.26
CA GLU F 203 58.25 -57.31 46.25
C GLU F 203 57.70 -55.96 45.79
N GLU F 204 57.67 -55.76 44.48
CA GLU F 204 57.32 -54.48 43.89
C GLU F 204 55.90 -54.47 43.45
N ILE F 205 55.35 -55.64 43.20
CA ILE F 205 54.12 -55.74 42.44
C ILE F 205 52.84 -55.72 43.29
N ILE F 206 51.94 -54.82 42.92
CA ILE F 206 50.57 -54.82 43.38
C ILE F 206 49.66 -55.47 42.34
N PRO F 207 49.22 -56.71 42.59
CA PRO F 207 48.38 -57.50 41.69
C PRO F 207 47.12 -56.74 41.25
N VAL F 208 46.70 -56.91 40.00
CA VAL F 208 45.60 -56.13 39.45
C VAL F 208 44.43 -57.02 39.05
N PRO F 209 43.26 -56.76 39.64
CA PRO F 209 42.01 -57.45 39.31
C PRO F 209 41.46 -57.01 37.96
N VAL F 210 41.20 -57.93 37.04
CA VAL F 210 40.55 -57.58 35.79
C VAL F 210 39.34 -58.47 35.55
N ARG F 211 38.37 -58.01 34.76
CA ARG F 211 37.16 -58.80 34.54
C ARG F 211 37.07 -59.40 33.14
N THR F 212 36.48 -60.59 33.03
CA THR F 212 36.28 -61.26 31.75
C THR F 212 35.42 -60.43 30.80
N GLU F 216 36.53 -62.72 36.17
CA GLU F 216 37.45 -62.10 37.12
C GLU F 216 38.76 -62.86 37.24
N GLU F 217 39.85 -62.10 37.31
CA GLU F 217 41.20 -62.65 37.40
C GLU F 217 42.16 -61.63 37.99
N THR F 218 42.92 -62.05 38.98
CA THR F 218 43.96 -61.21 39.55
C THR F 218 45.29 -61.49 38.86
N ILE F 219 45.86 -60.48 38.21
CA ILE F 219 47.08 -60.67 37.45
C ILE F 219 48.26 -60.15 38.26
N SER F 220 49.28 -61.00 38.48
CA SER F 220 50.41 -60.65 39.36
C SER F 220 51.76 -60.63 38.64
N VAL F 221 51.80 -61.16 37.42
CA VAL F 221 53.05 -61.40 36.72
C VAL F 221 53.09 -60.54 35.48
N ASP F 222 54.27 -60.02 35.16
CA ASP F 222 54.44 -59.20 33.97
C ASP F 222 54.17 -59.98 32.71
N GLU F 223 53.68 -59.28 31.68
CA GLU F 223 53.27 -59.93 30.46
C GLU F 223 54.37 -59.95 29.42
N HIS F 224 55.19 -58.90 29.41
CA HIS F 224 56.21 -58.70 28.37
C HIS F 224 57.44 -59.65 28.32
N PRO F 225 57.98 -60.07 29.47
CA PRO F 225 59.21 -60.89 29.37
C PRO F 225 59.03 -62.30 28.79
N ARG F 226 60.01 -62.73 27.99
CA ARG F 226 60.04 -64.04 27.34
C ARG F 226 61.16 -64.95 27.87
N ALA F 227 60.80 -66.17 28.25
CA ALA F 227 61.79 -67.13 28.74
C ALA F 227 62.60 -67.67 27.58
N ASP F 228 62.01 -67.60 26.39
CA ASP F 228 62.56 -68.30 25.23
C ASP F 228 63.23 -67.40 24.19
N THR F 229 63.82 -66.29 24.60
CA THR F 229 64.44 -65.40 23.63
C THR F 229 65.90 -65.81 23.36
N THR F 230 66.27 -65.79 22.08
CA THR F 230 67.58 -66.24 21.61
C THR F 230 68.20 -65.19 20.72
N VAL F 231 69.52 -65.20 20.57
CA VAL F 231 70.12 -64.37 19.53
C VAL F 231 69.64 -64.85 18.17
N GLU F 232 69.45 -66.16 18.04
CA GLU F 232 69.03 -66.78 16.78
C GLU F 232 67.67 -66.30 16.31
N ALA F 233 66.72 -66.20 17.22
CA ALA F 233 65.40 -65.71 16.84
C ALA F 233 65.42 -64.20 16.58
N LEU F 234 66.09 -63.45 17.44
CA LEU F 234 66.17 -61.99 17.28
C LEU F 234 66.85 -61.64 15.98
N ALA F 235 67.79 -62.47 15.56
CA ALA F 235 68.47 -62.26 14.29
C ALA F 235 67.48 -62.30 13.13
N LYS F 236 66.35 -62.98 13.33
CA LYS F 236 65.39 -63.20 12.26
C LYS F 236 64.46 -62.02 12.06
N LEU F 237 64.61 -60.98 12.88
CA LEU F 237 63.66 -59.88 12.86
C LEU F 237 64.10 -58.70 12.00
N LYS F 238 63.10 -57.95 11.56
CA LYS F 238 63.28 -56.90 10.59
C LYS F 238 63.40 -55.55 11.26
N PRO F 239 64.50 -54.83 11.01
CA PRO F 239 64.68 -53.45 11.44
C PRO F 239 63.56 -52.56 10.94
N VAL F 240 62.82 -51.96 11.86
CA VAL F 240 61.57 -51.29 11.52
C VAL F 240 61.78 -50.16 10.49
N LEU F 241 62.99 -49.64 10.39
CA LEU F 241 63.28 -48.59 9.43
C LEU F 241 64.17 -49.10 8.28
N LEU F 242 64.03 -50.39 7.95
CA LEU F 242 64.91 -51.02 6.97
C LEU F 242 64.76 -50.45 5.57
N LYS F 243 63.53 -50.08 5.21
CA LYS F 243 63.27 -49.53 3.90
C LYS F 243 64.09 -48.27 3.68
N GLN F 244 64.12 -47.40 4.67
CA GLN F 244 64.89 -46.17 4.55
C GLN F 244 66.38 -46.46 4.73
N ASP F 245 66.70 -47.50 5.48
CA ASP F 245 68.10 -47.77 5.79
C ASP F 245 68.47 -49.23 5.63
N PRO F 246 69.23 -49.55 4.59
CA PRO F 246 69.79 -50.89 4.37
C PRO F 246 70.57 -51.39 5.59
N GLU F 247 71.17 -50.48 6.33
CA GLU F 247 71.97 -50.85 7.47
C GLU F 247 71.23 -50.77 8.81
N ALA F 248 69.94 -50.47 8.80
CA ALA F 248 69.14 -50.48 10.01
C ALA F 248 69.27 -51.78 10.84
N THR F 249 69.20 -51.65 12.17
CA THR F 249 69.21 -52.81 13.07
C THR F 249 68.15 -52.75 14.15
N VAL F 250 67.57 -51.58 14.35
CA VAL F 250 66.63 -51.40 15.45
C VAL F 250 65.32 -52.10 15.11
N THR F 251 65.12 -53.25 15.74
CA THR F 251 63.93 -54.07 15.54
C THR F 251 63.02 -53.99 16.76
N ALA F 252 61.86 -54.63 16.70
CA ALA F 252 60.97 -54.69 17.85
C ALA F 252 61.56 -55.62 18.90
N GLY F 253 62.55 -56.41 18.48
CA GLY F 253 63.25 -57.32 19.37
C GLY F 253 64.21 -56.63 20.31
N ASN F 254 64.93 -55.61 19.81
CA ASN F 254 65.85 -54.85 20.65
C ASN F 254 65.37 -53.41 20.96
N SER F 255 64.11 -53.11 20.69
CA SER F 255 63.50 -51.88 21.18
C SER F 255 62.72 -52.16 22.46
N SER F 256 62.47 -51.11 23.24
CA SER F 256 61.58 -51.21 24.37
C SER F 256 60.14 -51.47 23.90
N GLY F 257 59.34 -52.13 24.72
CA GLY F 257 57.95 -52.32 24.39
C GLY F 257 57.08 -51.09 24.60
N GLN F 258 55.81 -51.21 24.23
CA GLN F 258 54.80 -50.22 24.59
C GLN F 258 53.82 -50.90 25.53
N ASN F 259 53.53 -50.29 26.67
CA ASN F 259 53.00 -51.06 27.79
C ASN F 259 52.08 -50.30 28.74
N ASP F 260 51.39 -51.06 29.61
CA ASP F 260 50.42 -50.52 30.55
C ASP F 260 50.81 -50.83 31.99
N ALA F 261 51.01 -49.80 32.82
CA ALA F 261 51.28 -50.00 34.24
C ALA F 261 51.14 -48.71 35.03
N ALA F 262 51.32 -48.83 36.34
CA ALA F 262 51.30 -47.70 37.23
C ALA F 262 52.36 -47.91 38.31
N SER F 263 52.94 -46.82 38.81
CA SER F 263 53.90 -46.93 39.89
C SER F 263 53.54 -45.93 40.96
N MET F 264 53.80 -46.28 42.23
CA MET F 264 53.64 -45.36 43.35
C MET F 264 54.71 -45.60 44.41
N CYS F 265 55.00 -44.56 45.19
CA CYS F 265 55.91 -44.67 46.31
C CYS F 265 55.62 -43.54 47.28
N ILE F 266 56.12 -43.66 48.51
CA ILE F 266 55.99 -42.62 49.50
C ILE F 266 57.24 -41.77 49.56
N VAL F 267 57.11 -40.48 49.31
CA VAL F 267 58.24 -39.59 49.53
C VAL F 267 57.99 -38.77 50.79
N THR F 268 58.88 -38.94 51.76
CA THR F 268 58.73 -38.27 53.05
C THR F 268 60.09 -37.92 53.65
N THR F 269 60.12 -37.63 54.96
CA THR F 269 61.35 -37.38 55.73
C THR F 269 61.55 -38.49 56.77
N PRO F 270 62.82 -38.73 57.18
CA PRO F 270 63.07 -39.78 58.18
C PRO F 270 62.27 -39.60 59.47
N GLU F 271 62.14 -38.38 59.97
CA GLU F 271 61.37 -38.11 61.19
C GLU F 271 59.91 -38.50 61.04
N LYS F 272 59.31 -38.11 59.93
CA LYS F 272 57.92 -38.44 59.67
C LYS F 272 57.75 -39.96 59.52
N ALA F 273 58.67 -40.60 58.78
CA ALA F 273 58.64 -42.05 58.64
C ALA F 273 58.79 -42.71 60.01
N ALA F 274 59.57 -42.07 60.89
CA ALA F 274 59.76 -42.55 62.25
C ALA F 274 58.44 -42.55 63.04
N GLU F 275 57.70 -41.44 62.94
CA GLU F 275 56.36 -41.31 63.53
C GLU F 275 55.32 -42.32 63.01
N LEU F 276 55.29 -42.54 61.70
CA LEU F 276 54.30 -43.41 61.10
C LEU F 276 54.78 -44.85 61.05
N GLY F 277 55.97 -45.09 61.57
CA GLY F 277 56.52 -46.45 61.60
C GLY F 277 56.76 -47.02 60.24
N LEU F 278 57.34 -46.22 59.34
CA LEU F 278 57.62 -46.64 57.98
C LEU F 278 59.07 -47.13 57.80
N LYS F 279 59.30 -47.92 56.77
CA LYS F 279 60.62 -48.42 56.48
C LYS F 279 61.12 -47.76 55.19
N PRO F 280 61.91 -46.68 55.34
CA PRO F 280 62.50 -45.98 54.20
C PRO F 280 63.63 -46.79 53.59
N LEU F 281 63.72 -46.87 52.26
CA LEU F 281 64.75 -47.71 51.64
C LEU F 281 65.94 -46.91 51.12
N VAL F 282 65.68 -45.75 50.55
CA VAL F 282 66.77 -44.91 50.11
C VAL F 282 66.45 -43.47 50.43
N ARG F 283 67.46 -42.62 50.30
CA ARG F 283 67.25 -41.18 50.30
C ARG F 283 67.81 -40.61 49.02
N LEU F 284 67.19 -39.55 48.54
CA LEU F 284 67.71 -38.88 47.37
C LEU F 284 69.05 -38.27 47.73
N VAL F 285 70.08 -38.58 46.96
CA VAL F 285 71.37 -37.95 47.18
C VAL F 285 71.56 -36.73 46.28
N SER F 286 71.24 -36.88 45.00
CA SER F 286 71.35 -35.78 44.04
C SER F 286 70.62 -36.10 42.74
N TRP F 287 70.27 -35.06 42.00
CA TRP F 287 69.67 -35.26 40.69
C TRP F 287 70.25 -34.30 39.66
N GLY F 288 70.27 -34.74 38.40
CA GLY F 288 70.74 -33.90 37.32
C GLY F 288 69.83 -34.00 36.12
N SER F 289 69.59 -32.88 35.46
CA SER F 289 68.83 -32.83 34.22
C SER F 289 69.69 -32.17 33.13
N ALA F 290 69.47 -32.56 31.87
CA ALA F 290 70.30 -32.08 30.77
C ALA F 290 69.56 -32.01 29.45
N GLY F 291 69.95 -31.08 28.58
CA GLY F 291 69.42 -31.03 27.23
C GLY F 291 70.42 -31.46 26.17
N VAL F 292 70.05 -32.42 25.32
CA VAL F 292 70.89 -32.85 24.19
C VAL F 292 70.14 -32.63 22.87
N ALA F 293 70.81 -32.85 21.74
CA ALA F 293 70.14 -32.69 20.44
C ALA F 293 69.04 -33.73 20.30
N PRO F 294 67.84 -33.27 19.89
CA PRO F 294 66.66 -34.12 19.76
C PRO F 294 66.86 -35.40 18.93
N ASP F 295 67.68 -35.34 17.88
CA ASP F 295 67.87 -36.52 17.06
C ASP F 295 68.92 -37.45 17.64
N LEU F 296 69.67 -36.99 18.64
CA LEU F 296 70.57 -37.86 19.37
C LEU F 296 70.03 -38.07 20.75
N MET F 297 68.71 -37.98 20.83
CA MET F 297 67.94 -38.46 21.96
C MET F 297 68.54 -39.80 22.36
N GLY F 298 68.72 -40.05 23.64
CA GLY F 298 69.21 -41.35 23.98
C GLY F 298 70.52 -41.27 24.69
N ILE F 299 71.32 -40.28 24.34
CA ILE F 299 72.60 -40.09 24.99
C ILE F 299 72.40 -39.12 26.16
N GLY F 300 71.17 -38.65 26.31
CA GLY F 300 70.78 -37.76 27.41
C GLY F 300 71.20 -38.18 28.81
N PRO F 301 71.19 -39.49 29.11
CA PRO F 301 71.69 -39.90 30.42
C PRO F 301 73.14 -39.53 30.69
N VAL F 302 73.98 -39.38 29.68
CA VAL F 302 75.39 -39.09 29.91
C VAL F 302 75.52 -37.67 30.50
N PRO F 303 74.99 -36.65 29.82
CA PRO F 303 75.11 -35.36 30.49
C PRO F 303 74.34 -35.25 31.80
N ALA F 304 73.22 -35.96 31.94
CA ALA F 304 72.43 -35.87 33.17
C ALA F 304 73.15 -36.55 34.33
N THR F 305 73.68 -37.73 34.08
CA THR F 305 74.40 -38.48 35.10
C THR F 305 75.60 -37.70 35.64
N GLU F 306 76.28 -36.95 34.77
CA GLU F 306 77.44 -36.20 35.18
C GLU F 306 77.09 -35.19 36.26
N VAL F 307 76.04 -34.42 35.98
CA VAL F 307 75.54 -33.43 36.92
C VAL F 307 75.14 -34.07 38.24
N ALA F 308 74.38 -35.15 38.16
CA ALA F 308 73.90 -35.84 39.35
C ALA F 308 75.08 -36.21 40.23
N LEU F 309 76.05 -36.90 39.64
CA LEU F 309 77.22 -37.39 40.35
C LEU F 309 78.10 -36.27 40.86
N ALA F 310 78.18 -35.17 40.11
CA ALA F 310 78.97 -34.01 40.50
C ALA F 310 78.43 -33.34 41.75
N LYS F 311 77.12 -33.15 41.80
CA LYS F 311 76.49 -32.59 42.99
C LYS F 311 76.65 -33.56 44.14
N ALA F 312 76.80 -34.84 43.81
CA ALA F 312 76.86 -35.88 44.83
C ALA F 312 78.27 -36.00 45.36
N GLY F 313 79.22 -35.42 44.62
CA GLY F 313 80.62 -35.60 44.94
C GLY F 313 81.10 -37.00 44.69
N LEU F 314 80.42 -37.72 43.79
CA LEU F 314 80.76 -39.09 43.45
C LEU F 314 81.26 -39.19 42.02
N THR F 315 81.73 -40.39 41.67
CA THR F 315 81.95 -40.73 40.27
C THR F 315 81.09 -41.94 39.95
N LEU F 316 81.17 -42.46 38.74
CA LEU F 316 80.40 -43.65 38.43
C LEU F 316 80.99 -44.83 39.18
N ALA F 317 82.26 -44.71 39.56
CA ALA F 317 82.93 -45.83 40.22
C ALA F 317 82.36 -46.05 41.61
N ASP F 318 81.83 -44.99 42.20
CA ASP F 318 81.27 -45.04 43.53
C ASP F 318 79.85 -45.57 43.53
N ILE F 319 79.32 -45.85 42.34
CA ILE F 319 77.92 -46.28 42.21
C ILE F 319 77.78 -47.80 42.16
N ASP F 320 77.05 -48.38 43.10
CA ASP F 320 76.92 -49.84 43.18
C ASP F 320 75.85 -50.45 42.26
N LEU F 321 74.77 -49.73 42.00
CA LEU F 321 73.73 -50.27 41.16
C LEU F 321 73.15 -49.20 40.27
N ILE F 322 72.88 -49.58 39.03
CA ILE F 322 72.48 -48.63 38.02
C ILE F 322 71.20 -49.05 37.31
N GLU F 323 70.20 -48.18 37.32
CA GLU F 323 69.03 -48.38 36.49
C GLU F 323 69.10 -47.42 35.32
N LEU F 324 69.36 -47.99 34.15
CA LEU F 324 69.36 -47.27 32.90
C LEU F 324 68.27 -47.90 32.05
N ASN F 325 67.18 -47.16 31.84
CA ASN F 325 66.11 -47.68 31.00
C ASN F 325 66.58 -47.84 29.57
N GLU F 326 66.34 -49.02 29.02
CA GLU F 326 66.75 -49.30 27.67
C GLU F 326 65.58 -49.01 26.73
N ALA F 327 65.48 -47.76 26.29
CA ALA F 327 64.49 -47.36 25.29
C ALA F 327 64.69 -48.20 24.04
N PHE F 328 65.96 -48.41 23.73
CA PHE F 328 66.45 -49.24 22.64
C PHE F 328 67.83 -49.71 23.05
N ALA F 329 68.20 -50.96 22.74
CA ALA F 329 69.54 -51.42 23.09
C ALA F 329 70.63 -50.56 22.44
N ALA F 330 70.38 -50.10 21.22
CA ALA F 330 71.36 -49.27 20.52
C ALA F 330 71.61 -47.96 21.26
N GLN F 331 70.53 -47.39 21.80
CA GLN F 331 70.60 -46.20 22.63
C GLN F 331 71.36 -46.43 23.93
N ALA F 332 71.06 -47.56 24.58
CA ALA F 332 71.66 -47.91 25.85
C ALA F 332 73.14 -48.20 25.72
N LEU F 333 73.50 -48.92 24.66
CA LEU F 333 74.88 -49.26 24.44
C LEU F 333 75.70 -48.00 24.17
N ALA F 334 75.10 -47.00 23.55
CA ALA F 334 75.77 -45.72 23.33
C ALA F 334 76.08 -45.00 24.66
N VAL F 335 75.12 -45.01 25.59
CA VAL F 335 75.34 -44.40 26.89
C VAL F 335 76.38 -45.21 27.64
N MET F 336 76.26 -46.53 27.60
CA MET F 336 77.24 -47.38 28.25
C MET F 336 78.61 -47.26 27.60
N ARG F 337 78.64 -47.10 26.28
CA ARG F 337 79.90 -46.97 25.59
C ARG F 337 80.63 -45.70 26.01
N GLU F 338 79.88 -44.64 26.23
CA GLU F 338 80.44 -43.38 26.74
C GLU F 338 80.87 -43.51 28.19
N TRP F 339 80.27 -44.47 28.89
CA TRP F 339 80.63 -44.76 30.26
C TRP F 339 81.82 -45.70 30.34
N LYS F 340 82.41 -46.03 29.18
CA LYS F 340 83.60 -46.87 29.15
C LYS F 340 83.31 -48.23 29.78
N PHE F 341 82.05 -48.64 29.69
CA PHE F 341 81.59 -49.85 30.38
C PHE F 341 82.33 -51.09 29.95
N GLY F 342 82.47 -52.02 30.90
CA GLY F 342 82.97 -53.33 30.61
C GLY F 342 81.91 -54.32 31.02
N GLU F 343 82.07 -55.57 30.61
CA GLU F 343 81.14 -56.65 30.94
C GLU F 343 80.79 -56.69 32.43
N ALA F 344 81.74 -56.35 33.30
CA ALA F 344 81.46 -56.32 34.74
C ALA F 344 80.48 -55.22 35.12
N ASP F 345 80.39 -54.18 34.32
CA ASP F 345 79.48 -53.11 34.68
C ASP F 345 78.08 -53.53 34.30
N HIS F 346 77.98 -54.59 33.52
CA HIS F 346 76.70 -55.17 33.15
C HIS F 346 76.13 -56.06 34.26
N GLU F 347 76.95 -56.53 35.18
CA GLU F 347 76.39 -57.30 36.30
C GLU F 347 75.84 -56.34 37.38
N ARG F 348 76.12 -55.04 37.25
CA ARG F 348 75.52 -54.07 38.17
C ARG F 348 74.46 -53.18 37.50
N THR F 349 74.19 -53.43 36.22
CA THR F 349 73.28 -52.62 35.44
C THR F 349 72.01 -53.35 35.07
N ASN F 350 70.86 -52.85 35.50
CA ASN F 350 69.56 -53.44 35.18
C ASN F 350 69.47 -54.91 35.56
N VAL F 351 69.77 -55.21 36.82
CA VAL F 351 69.94 -56.59 37.28
C VAL F 351 68.67 -57.39 37.31
N ARG F 352 67.51 -56.73 37.28
CA ARG F 352 66.25 -57.44 37.19
C ARG F 352 65.54 -57.19 35.83
N GLY F 353 66.25 -56.55 34.90
CA GLY F 353 65.69 -56.21 33.60
C GLY F 353 65.47 -54.72 33.32
N SER F 354 64.96 -54.41 32.13
CA SER F 354 64.70 -53.02 31.72
C SER F 354 63.57 -52.92 30.72
N GLY F 355 63.54 -51.79 30.02
CA GLY F 355 62.51 -51.49 29.04
C GLY F 355 62.31 -52.48 27.90
N ILE F 356 63.34 -53.26 27.56
CA ILE F 356 63.25 -54.22 26.47
C ILE F 356 62.54 -55.51 26.89
N SER F 357 62.80 -55.92 28.12
CA SER F 357 62.26 -57.12 28.70
C SER F 357 60.96 -56.90 29.45
N LEU F 358 60.97 -55.98 30.41
CA LEU F 358 59.81 -55.75 31.26
C LEU F 358 58.74 -54.89 30.59
N GLY F 359 59.13 -54.12 29.59
CA GLY F 359 58.24 -53.15 28.99
C GLY F 359 58.52 -51.72 29.43
N HIS F 360 57.96 -50.75 28.70
CA HIS F 360 58.22 -49.33 28.92
C HIS F 360 56.95 -48.48 28.93
N PRO F 361 56.15 -48.59 30.01
CA PRO F 361 54.91 -47.81 30.12
C PRO F 361 55.26 -46.39 30.50
N VAL F 362 55.66 -45.58 29.51
CA VAL F 362 56.53 -44.42 29.69
C VAL F 362 56.48 -43.75 31.06
N GLY F 363 55.34 -43.12 31.40
CA GLY F 363 55.18 -42.35 32.62
C GLY F 363 55.44 -43.06 33.94
N ALA F 364 55.10 -44.34 34.00
CA ALA F 364 55.34 -45.15 35.18
C ALA F 364 56.69 -45.89 35.15
N THR F 365 57.57 -45.55 34.20
CA THR F 365 58.88 -46.23 34.13
C THR F 365 59.80 -45.73 35.27
N GLY F 366 59.89 -44.42 35.45
CA GLY F 366 60.62 -43.83 36.56
C GLY F 366 60.40 -44.49 37.91
N GLY F 367 59.17 -44.90 38.18
CA GLY F 367 58.86 -45.55 39.44
C GLY F 367 59.11 -47.05 39.42
N ARG F 368 59.28 -47.60 38.23
CA ARG F 368 59.67 -49.00 38.06
C ARG F 368 61.12 -49.18 38.41
N MET F 369 61.95 -48.30 37.87
CA MET F 369 63.39 -48.34 38.10
C MET F 369 63.75 -48.06 39.55
N LEU F 370 63.10 -47.08 40.16
CA LEU F 370 63.23 -46.81 41.59
C LEU F 370 62.89 -48.03 42.45
N ALA F 371 61.84 -48.76 42.08
CA ALA F 371 61.33 -49.84 42.92
C ALA F 371 62.33 -50.98 42.96
N THR F 372 62.89 -51.30 41.80
CA THR F 372 63.94 -52.29 41.71
C THR F 372 65.22 -51.77 42.36
N LEU F 373 65.60 -50.52 42.05
CA LEU F 373 66.86 -49.98 42.51
C LEU F 373 66.86 -49.87 44.02
N ALA F 374 65.74 -49.46 44.60
CA ALA F 374 65.62 -49.31 46.04
C ALA F 374 65.77 -50.63 46.76
N ARG F 375 65.03 -51.63 46.31
CA ARG F 375 64.98 -52.89 46.99
C ARG F 375 66.26 -53.68 46.80
N GLU F 376 66.82 -53.61 45.59
CA GLU F 376 68.02 -54.35 45.24
C GLU F 376 69.24 -53.83 46.00
N LEU F 377 69.27 -52.53 46.23
CA LEU F 377 70.26 -51.96 47.12
C LEU F 377 70.11 -52.54 48.52
N HIS F 378 68.92 -52.86 49.00
CA HIS F 378 68.96 -53.49 50.32
C HIS F 378 69.44 -54.92 50.22
N ARG F 379 69.06 -55.57 49.11
CA ARG F 379 69.33 -56.99 48.92
C ARG F 379 70.82 -57.29 48.85
N ARG F 380 71.55 -56.40 48.21
CA ARG F 380 73.01 -56.53 48.07
C ARG F 380 73.71 -55.76 49.19
N GLU F 381 72.91 -55.11 50.03
CA GLU F 381 73.42 -54.31 51.13
C GLU F 381 74.46 -53.33 50.60
N ALA F 382 74.16 -52.78 49.43
CA ALA F 382 75.01 -51.78 48.79
C ALA F 382 74.57 -50.39 49.21
N ARG F 383 75.28 -49.38 48.72
CA ARG F 383 75.11 -48.03 49.21
C ARG F 383 74.47 -47.12 48.17
N TYR F 384 75.13 -47.00 47.01
CA TYR F 384 74.70 -46.02 46.02
C TYR F 384 74.00 -46.65 44.83
N GLY F 385 72.93 -45.99 44.40
CA GLY F 385 72.25 -46.38 43.19
C GLY F 385 72.09 -45.16 42.30
N LEU F 386 72.21 -45.39 40.99
CA LEU F 386 71.93 -44.38 39.99
C LEU F 386 70.71 -44.78 39.19
N GLU F 387 69.80 -43.82 38.98
CA GLU F 387 68.65 -44.02 38.11
C GLU F 387 68.68 -42.98 37.00
N THR F 388 68.73 -43.45 35.76
CA THR F 388 68.84 -42.55 34.63
C THR F 388 68.16 -43.07 33.36
N MET F 389 67.83 -42.14 32.48
CA MET F 389 66.84 -42.32 31.41
C MET F 389 67.02 -41.28 30.32
N CYS F 390 67.01 -41.70 29.06
CA CYS F 390 66.90 -40.74 27.97
C CYS F 390 65.47 -40.27 27.78
N ILE F 391 65.31 -39.06 27.27
CA ILE F 391 63.98 -38.47 27.16
C ILE F 391 63.75 -37.95 25.75
N GLY F 392 62.77 -38.52 25.05
CA GLY F 392 62.38 -38.02 23.75
C GLY F 392 62.19 -36.51 23.72
N GLY F 393 62.81 -35.86 22.75
CA GLY F 393 62.77 -34.42 22.68
C GLY F 393 64.14 -33.83 22.97
N GLY F 394 65.09 -34.69 23.34
CA GLY F 394 66.45 -34.25 23.58
C GLY F 394 66.69 -33.80 25.01
N GLN F 395 66.42 -34.69 25.96
CA GLN F 395 66.68 -34.43 27.37
C GLN F 395 67.27 -35.69 28.04
N GLY F 396 67.74 -35.53 29.27
CA GLY F 396 68.22 -36.64 30.07
C GLY F 396 67.97 -36.36 31.54
N LEU F 397 67.71 -37.40 32.33
CA LEU F 397 67.45 -37.21 33.75
C LEU F 397 68.19 -38.26 34.56
N ALA F 398 68.77 -37.86 35.67
CA ALA F 398 69.45 -38.80 36.57
C ALA F 398 69.25 -38.40 38.02
N ALA F 399 69.06 -39.41 38.87
CA ALA F 399 69.05 -39.19 40.31
C ALA F 399 69.96 -40.21 40.95
N VAL F 400 70.69 -39.79 41.97
CA VAL F 400 71.51 -40.71 42.74
C VAL F 400 70.85 -41.00 44.07
N PHE F 401 70.72 -42.27 44.42
CA PHE F 401 70.13 -42.63 45.71
C PHE F 401 71.14 -43.39 46.53
N GLU F 402 70.97 -43.34 47.85
CA GLU F 402 71.83 -44.04 48.79
C GLU F 402 70.96 -44.86 49.72
N ARG F 403 71.42 -46.03 50.15
CA ARG F 403 70.62 -46.87 51.05
C ARG F 403 70.46 -46.24 52.45
N VAL F 404 69.40 -46.63 53.16
CA VAL F 404 69.12 -46.10 54.48
C VAL F 404 69.29 -47.17 55.57
N GLN F 405 70.21 -46.96 56.52
CA GLN F 405 70.40 -47.85 57.66
C GLN F 405 69.23 -47.76 58.64
N MET G 3 9.59 -49.69 -30.90
CA MET G 3 9.87 -49.18 -29.56
C MET G 3 9.41 -47.74 -29.43
N ARG G 4 9.11 -47.35 -28.18
CA ARG G 4 8.49 -46.06 -27.86
C ARG G 4 9.50 -44.93 -27.76
N ASP G 5 9.03 -43.70 -27.76
CA ASP G 5 9.94 -42.57 -27.58
C ASP G 5 10.10 -42.28 -26.10
N ALA G 6 11.25 -41.70 -25.76
CA ALA G 6 11.48 -41.23 -24.41
C ALA G 6 11.53 -39.72 -24.48
N VAL G 7 10.56 -39.05 -23.86
CA VAL G 7 10.54 -37.59 -23.92
C VAL G 7 10.83 -36.93 -22.57
N ILE G 8 11.57 -35.83 -22.65
CA ILE G 8 11.98 -35.08 -21.49
C ILE G 8 11.01 -33.93 -21.23
N CYS G 9 10.37 -33.94 -20.06
CA CYS G 9 9.45 -32.86 -19.68
C CYS G 9 9.96 -32.06 -18.48
N GLU G 10 9.79 -30.74 -18.53
CA GLU G 10 10.06 -29.87 -17.38
C GLU G 10 11.41 -30.15 -16.73
N PRO G 11 12.50 -30.06 -17.51
CA PRO G 11 13.79 -30.24 -16.85
C PRO G 11 14.16 -28.99 -16.05
N VAL G 12 14.32 -29.16 -14.75
CA VAL G 12 14.60 -28.02 -13.89
C VAL G 12 15.84 -28.25 -13.03
N ARG G 13 16.21 -27.22 -12.28
CA ARG G 13 17.32 -27.29 -11.33
C ARG G 13 17.13 -26.27 -10.24
N THR G 14 17.92 -26.39 -9.18
CA THR G 14 18.08 -25.33 -8.21
C THR G 14 19.15 -24.37 -8.74
N PRO G 15 19.26 -23.18 -8.13
CA PRO G 15 20.41 -22.32 -8.39
C PRO G 15 21.68 -23.04 -8.00
N ILE G 16 22.81 -22.66 -8.55
CA ILE G 16 24.03 -23.36 -8.25
C ILE G 16 24.88 -22.55 -7.28
N GLY G 17 24.98 -23.06 -6.05
CA GLY G 17 25.70 -22.37 -5.00
C GLY G 17 27.18 -22.71 -5.08
N ARG G 18 28.01 -21.93 -4.38
CA ARG G 18 29.43 -22.18 -4.35
C ARG G 18 29.74 -23.10 -3.21
N TYR G 19 30.86 -23.81 -3.33
CA TYR G 19 31.46 -24.56 -2.23
C TYR G 19 31.74 -23.65 -1.05
N GLY G 20 31.13 -23.95 0.09
CA GLY G 20 31.21 -23.09 1.25
C GLY G 20 30.31 -21.87 1.18
N GLY G 21 29.56 -21.77 0.09
CA GLY G 21 28.77 -20.58 -0.20
C GLY G 21 27.35 -20.56 0.34
N MET G 22 26.39 -20.29 -0.54
CA MET G 22 25.04 -19.95 -0.11
C MET G 22 24.15 -21.13 0.30
N PHE G 23 24.59 -22.35 0.01
CA PHE G 23 23.79 -23.53 0.34
C PHE G 23 24.52 -24.47 1.28
N ARG G 24 25.57 -23.95 1.90
CA ARG G 24 26.49 -24.71 2.73
C ARG G 24 25.84 -25.57 3.78
N SER G 25 24.68 -25.14 4.27
CA SER G 25 23.96 -25.80 5.34
C SER G 25 22.84 -26.70 4.83
N LEU G 26 22.74 -26.82 3.51
CA LEU G 26 21.78 -27.75 2.94
C LEU G 26 22.54 -28.97 2.51
N THR G 27 21.93 -30.15 2.68
CA THR G 27 22.50 -31.39 2.17
C THR G 27 22.11 -31.62 0.72
N ALA G 28 22.78 -32.57 0.08
CA ALA G 28 22.43 -33.00 -1.27
C ALA G 28 20.97 -33.39 -1.35
N VAL G 29 20.48 -34.03 -0.28
CA VAL G 29 19.08 -34.44 -0.18
C VAL G 29 18.17 -33.23 -0.14
N ASP G 30 18.54 -32.25 0.69
CA ASP G 30 17.79 -31.01 0.81
C ASP G 30 17.49 -30.41 -0.55
N LEU G 31 18.52 -30.28 -1.36
CA LEU G 31 18.41 -29.65 -2.67
C LEU G 31 17.65 -30.52 -3.64
N GLY G 32 17.87 -31.84 -3.54
CA GLY G 32 17.18 -32.79 -4.38
C GLY G 32 15.71 -32.67 -4.13
N VAL G 33 15.34 -32.71 -2.85
CA VAL G 33 13.96 -32.54 -2.45
C VAL G 33 13.35 -31.23 -2.95
N THR G 34 14.12 -30.15 -2.93
CA THR G 34 13.61 -28.89 -3.46
C THR G 34 13.32 -29.03 -4.94
N ALA G 35 14.30 -29.49 -5.70
CA ALA G 35 14.16 -29.58 -7.15
C ALA G 35 13.03 -30.54 -7.56
N LEU G 36 12.87 -31.64 -6.82
CA LEU G 36 11.82 -32.59 -7.10
C LEU G 36 10.43 -32.06 -6.76
N LYS G 37 10.35 -31.28 -5.69
CA LYS G 37 9.08 -30.67 -5.28
C LYS G 37 8.64 -29.61 -6.26
N GLY G 38 9.59 -28.82 -6.74
CA GLY G 38 9.30 -27.85 -7.76
C GLY G 38 8.85 -28.54 -9.04
N LEU G 39 9.52 -29.65 -9.37
CA LEU G 39 9.19 -30.38 -10.59
C LEU G 39 7.73 -30.78 -10.58
N LEU G 40 7.32 -31.52 -9.56
CA LEU G 40 5.94 -32.00 -9.46
C LEU G 40 4.92 -30.86 -9.26
N GLU G 41 5.35 -29.74 -8.71
CA GLU G 41 4.49 -28.58 -8.52
C GLU G 41 4.11 -27.94 -9.85
N ARG G 42 5.07 -27.87 -10.77
CA ARG G 42 4.88 -27.25 -12.08
C ARG G 42 4.15 -28.17 -13.03
N THR G 43 4.48 -29.46 -12.97
CA THR G 43 3.84 -30.45 -13.81
C THR G 43 2.43 -30.70 -13.31
N GLY G 44 2.24 -30.63 -12.00
CA GLY G 44 0.93 -30.89 -11.42
C GLY G 44 0.49 -32.33 -11.53
N ILE G 45 1.43 -33.24 -11.77
CA ILE G 45 1.10 -34.66 -11.93
C ILE G 45 0.97 -35.34 -10.57
N ALA G 46 0.18 -36.41 -10.50
CA ALA G 46 0.03 -37.16 -9.26
C ALA G 46 1.35 -37.82 -8.88
N ALA G 47 1.75 -37.70 -7.62
CA ALA G 47 3.03 -38.24 -7.19
C ALA G 47 3.15 -39.74 -7.42
N ASP G 48 2.04 -40.48 -7.43
CA ASP G 48 2.15 -41.92 -7.61
C ASP G 48 2.28 -42.28 -9.08
N GLN G 49 2.41 -41.28 -9.93
CA GLN G 49 2.73 -41.48 -11.34
C GLN G 49 4.20 -41.81 -11.54
N VAL G 50 5.00 -41.53 -10.53
CA VAL G 50 6.45 -41.69 -10.59
C VAL G 50 6.84 -43.11 -10.26
N GLU G 51 7.48 -43.78 -11.21
CA GLU G 51 7.78 -45.21 -11.06
C GLU G 51 9.23 -45.50 -10.63
N ASP G 52 10.10 -44.50 -10.76
CA ASP G 52 11.47 -44.61 -10.30
C ASP G 52 11.94 -43.21 -10.05
N VAL G 53 12.94 -43.07 -9.17
CA VAL G 53 13.70 -41.83 -9.06
C VAL G 53 15.17 -42.16 -9.25
N ILE G 54 15.69 -41.85 -10.43
CA ILE G 54 17.07 -42.21 -10.75
C ILE G 54 17.97 -40.97 -10.69
N LEU G 55 18.91 -40.98 -9.75
CA LEU G 55 19.70 -39.81 -9.42
C LEU G 55 21.21 -40.03 -9.54
N GLY G 56 21.86 -39.24 -10.38
CA GLY G 56 23.31 -39.22 -10.37
C GLY G 56 23.86 -38.47 -9.16
N HIS G 57 24.89 -39.03 -8.53
CA HIS G 57 25.35 -38.57 -7.23
C HIS G 57 26.77 -39.09 -7.08
N CYS G 58 27.75 -38.18 -7.04
CA CYS G 58 29.15 -38.58 -7.16
C CYS G 58 29.90 -38.75 -5.87
N TYR G 59 29.38 -38.20 -4.78
CA TYR G 59 29.98 -38.41 -3.46
C TYR G 59 28.98 -38.94 -2.45
N PRO G 60 28.44 -40.14 -2.72
CA PRO G 60 27.41 -40.74 -1.85
C PRO G 60 27.99 -41.25 -0.53
N ASN G 61 27.17 -41.26 0.51
CA ASN G 61 27.52 -41.92 1.78
C ASN G 61 26.27 -42.34 2.53
N SER G 62 26.47 -42.93 3.70
CA SER G 62 25.39 -43.56 4.43
C SER G 62 24.40 -42.54 5.01
N GLU G 63 24.70 -41.25 4.89
CA GLU G 63 23.72 -40.21 5.23
C GLU G 63 22.53 -40.26 4.26
N ALA G 64 22.73 -40.94 3.13
CA ALA G 64 21.71 -41.01 2.08
C ALA G 64 22.02 -42.10 1.07
N PRO G 65 21.81 -43.36 1.47
CA PRO G 65 21.96 -44.55 0.61
C PRO G 65 20.92 -44.59 -0.49
N ALA G 66 21.33 -44.97 -1.69
CA ALA G 66 20.44 -44.94 -2.86
C ALA G 66 19.64 -43.65 -2.90
N ILE G 67 20.33 -42.54 -3.09
CA ILE G 67 19.80 -41.21 -2.79
C ILE G 67 18.48 -40.89 -3.52
N GLY G 68 18.23 -41.53 -4.65
CA GLY G 68 17.00 -41.29 -5.37
C GLY G 68 15.76 -41.66 -4.56
N ARG G 69 15.86 -42.77 -3.85
CA ARG G 69 14.82 -43.20 -2.93
C ARG G 69 14.65 -42.20 -1.79
N VAL G 70 15.75 -41.91 -1.11
CA VAL G 70 15.75 -40.97 0.00
C VAL G 70 15.13 -39.66 -0.42
N VAL G 71 15.58 -39.10 -1.54
CA VAL G 71 14.98 -37.89 -2.10
C VAL G 71 13.47 -38.03 -2.27
N ALA G 72 12.99 -39.20 -2.72
CA ALA G 72 11.55 -39.39 -2.92
C ALA G 72 10.79 -39.25 -1.62
N LEU G 73 11.26 -39.93 -0.57
CA LEU G 73 10.57 -39.91 0.70
C LEU G 73 10.67 -38.57 1.43
N ASP G 74 11.81 -37.88 1.32
CA ASP G 74 11.95 -36.57 1.97
C ASP G 74 11.18 -35.45 1.25
N ALA G 75 10.73 -35.72 0.03
CA ALA G 75 9.87 -34.83 -0.77
C ALA G 75 8.41 -35.24 -0.62
N GLY G 76 8.16 -36.32 0.10
CA GLY G 76 6.81 -36.65 0.47
C GLY G 76 6.08 -37.49 -0.54
N LEU G 77 6.82 -38.09 -1.45
CA LEU G 77 6.23 -39.00 -2.43
C LEU G 77 5.85 -40.26 -1.69
N PRO G 78 4.84 -40.98 -2.21
CA PRO G 78 4.45 -42.22 -1.56
C PRO G 78 5.63 -43.18 -1.39
N ILE G 79 5.48 -44.15 -0.49
CA ILE G 79 6.56 -45.06 -0.18
C ILE G 79 6.60 -46.21 -1.18
N THR G 80 5.77 -46.09 -2.21
CA THR G 80 5.72 -47.05 -3.31
C THR G 80 6.63 -46.61 -4.46
N VAL G 81 7.25 -45.45 -4.31
CA VAL G 81 8.19 -44.93 -5.29
C VAL G 81 9.61 -45.43 -5.03
N PRO G 82 10.12 -46.30 -5.93
CA PRO G 82 11.50 -46.76 -5.81
C PRO G 82 12.47 -45.67 -6.26
N GLY G 83 13.75 -45.83 -5.98
CA GLY G 83 14.72 -44.81 -6.30
C GLY G 83 16.13 -45.35 -6.16
N MET G 84 17.08 -44.73 -6.84
CA MET G 84 18.44 -45.25 -6.82
C MET G 84 19.50 -44.21 -7.12
N GLN G 85 20.75 -44.62 -6.94
CA GLN G 85 21.91 -43.76 -7.17
C GLN G 85 22.82 -44.39 -8.24
N VAL G 86 23.31 -43.55 -9.16
CA VAL G 86 24.25 -43.99 -10.18
C VAL G 86 25.42 -43.01 -10.21
N ASP G 87 26.61 -43.50 -10.51
CA ASP G 87 27.80 -42.65 -10.61
C ASP G 87 28.69 -43.07 -11.79
N ARG G 88 28.83 -42.14 -12.72
CA ARG G 88 29.76 -42.26 -13.84
C ARG G 88 30.53 -40.92 -13.86
N ARG G 89 30.98 -40.52 -12.67
CA ARG G 89 31.51 -39.17 -12.36
C ARG G 89 30.71 -38.03 -12.99
N CYS G 90 31.41 -37.14 -13.68
CA CYS G 90 30.81 -35.97 -14.30
C CYS G 90 29.63 -36.26 -15.24
N GLY G 91 29.48 -37.50 -15.70
CA GLY G 91 28.35 -37.85 -16.56
C GLY G 91 27.16 -38.50 -15.86
N SER G 92 27.14 -38.49 -14.53
CA SER G 92 26.12 -39.18 -13.73
C SER G 92 24.69 -38.67 -13.94
N GLY G 93 24.54 -37.36 -14.12
CA GLY G 93 23.22 -36.82 -14.36
C GLY G 93 22.69 -37.15 -15.74
N LEU G 94 23.59 -37.26 -16.73
CA LEU G 94 23.20 -37.68 -18.08
C LEU G 94 23.01 -39.17 -18.10
N GLN G 95 23.82 -39.86 -17.32
CA GLN G 95 23.69 -41.31 -17.19
C GLN G 95 22.36 -41.70 -16.57
N ALA G 96 21.88 -40.93 -15.60
CA ALA G 96 20.60 -41.22 -14.97
C ALA G 96 19.47 -40.94 -15.94
N VAL G 97 19.64 -39.94 -16.80
CA VAL G 97 18.67 -39.63 -17.85
C VAL G 97 18.64 -40.72 -18.91
N ILE G 98 19.83 -41.16 -19.30
CA ILE G 98 19.96 -42.27 -20.24
C ILE G 98 19.27 -43.50 -19.69
N GLN G 99 19.60 -43.87 -18.46
CA GLN G 99 19.00 -45.03 -17.83
C GLN G 99 17.49 -44.90 -17.81
N ALA G 100 17.00 -43.78 -17.29
CA ALA G 100 15.58 -43.52 -17.28
C ALA G 100 14.97 -43.72 -18.67
N CYS G 101 15.59 -43.16 -19.69
CA CYS G 101 15.10 -43.31 -21.05
C CYS G 101 15.10 -44.79 -21.47
N LEU G 102 16.13 -45.54 -21.15
CA LEU G 102 16.17 -46.97 -21.50
C LEU G 102 14.97 -47.72 -20.96
N GLN G 103 14.73 -47.63 -19.65
CA GLN G 103 13.66 -48.41 -19.02
C GLN G 103 12.27 -47.82 -19.28
N VAL G 104 12.20 -46.69 -19.98
CA VAL G 104 10.92 -46.16 -20.44
C VAL G 104 10.62 -46.64 -21.87
N ARG G 105 11.55 -46.41 -22.79
CA ARG G 105 11.45 -46.89 -24.16
C ARG G 105 11.21 -48.41 -24.25
N SER G 106 11.63 -49.13 -23.23
CA SER G 106 11.52 -50.59 -23.23
C SER G 106 10.13 -51.07 -22.85
N GLY G 107 9.34 -50.17 -22.28
CA GLY G 107 7.98 -50.51 -21.90
C GLY G 107 7.91 -50.87 -20.44
N ASP G 108 9.08 -51.00 -19.81
CA ASP G 108 9.14 -51.34 -18.39
C ASP G 108 8.54 -50.27 -17.46
N HIS G 109 8.73 -48.99 -17.76
CA HIS G 109 8.13 -47.88 -16.98
C HIS G 109 7.47 -46.84 -17.91
N ASP G 110 6.43 -46.16 -17.44
CA ASP G 110 5.80 -45.06 -18.20
C ASP G 110 6.32 -43.67 -17.85
N LEU G 111 6.64 -43.48 -16.58
CA LEU G 111 7.10 -42.20 -16.06
C LEU G 111 8.03 -42.40 -14.89
N VAL G 112 9.22 -41.82 -15.01
CA VAL G 112 10.13 -41.80 -13.89
C VAL G 112 10.74 -40.41 -13.81
N VAL G 113 11.46 -40.16 -12.72
CA VAL G 113 12.22 -38.93 -12.55
C VAL G 113 13.68 -39.23 -12.84
N ALA G 114 14.36 -38.35 -13.58
CA ALA G 114 15.80 -38.47 -13.72
C ALA G 114 16.44 -37.19 -13.19
N GLY G 115 17.51 -37.34 -12.42
CA GLY G 115 18.14 -36.16 -11.86
C GLY G 115 19.52 -36.41 -11.32
N GLY G 116 20.03 -35.43 -10.59
CA GLY G 116 21.32 -35.54 -9.93
C GLY G 116 21.39 -34.55 -8.79
N ALA G 117 22.08 -34.91 -7.71
CA ALA G 117 22.21 -34.00 -6.57
C ALA G 117 23.62 -34.05 -6.04
N GLU G 118 24.17 -32.91 -5.69
CA GLU G 118 25.50 -32.88 -5.11
C GLU G 118 25.68 -31.72 -4.15
N SER G 119 25.98 -32.05 -2.90
CA SER G 119 26.46 -31.04 -1.97
C SER G 119 27.95 -31.25 -1.83
N MET G 120 28.74 -30.54 -2.63
CA MET G 120 30.18 -30.69 -2.53
C MET G 120 30.68 -30.00 -1.24
N SER G 121 29.87 -29.08 -0.74
CA SER G 121 30.19 -28.36 0.50
C SER G 121 30.17 -29.30 1.68
N ASN G 122 29.53 -30.44 1.50
CA ASN G 122 29.32 -31.37 2.60
C ASN G 122 29.76 -32.79 2.29
N VAL G 123 30.60 -32.95 1.26
CA VAL G 123 31.25 -34.22 0.99
C VAL G 123 31.97 -34.64 2.25
N ALA G 124 31.99 -35.94 2.53
CA ALA G 124 32.50 -36.41 3.81
C ALA G 124 34.03 -36.57 3.84
N PHE G 125 34.60 -36.47 5.04
CA PHE G 125 35.95 -36.97 5.31
C PHE G 125 35.75 -38.40 5.79
N TYR G 126 36.62 -39.32 5.38
CA TYR G 126 36.45 -40.74 5.70
C TYR G 126 37.77 -41.41 5.94
N SER G 127 37.72 -42.53 6.64
CA SER G 127 38.90 -43.35 6.86
C SER G 127 38.54 -44.82 6.85
N THR G 128 39.47 -45.64 6.36
CA THR G 128 39.34 -47.09 6.36
C THR G 128 40.29 -47.76 7.36
N ASP G 129 40.66 -47.01 8.41
CA ASP G 129 41.60 -47.46 9.43
C ASP G 129 40.97 -47.63 10.80
N MET G 130 39.73 -47.18 10.96
CA MET G 130 39.06 -47.15 12.27
C MET G 130 38.18 -48.35 12.50
N ARG G 131 37.93 -49.13 11.46
CA ARG G 131 37.08 -50.30 11.63
C ARG G 131 37.81 -51.32 12.45
N TRP G 132 39.06 -51.60 12.06
CA TRP G 132 39.88 -52.61 12.71
C TRP G 132 41.05 -52.02 13.50
N GLY G 133 41.28 -50.72 13.38
CA GLY G 133 42.27 -50.03 14.21
C GLY G 133 43.60 -49.62 13.58
N GLY G 134 44.17 -48.50 14.05
CA GLY G 134 45.44 -48.01 13.53
C GLY G 134 46.59 -48.17 14.52
N ALA G 135 46.42 -49.12 15.43
CA ALA G 135 47.44 -49.49 16.41
C ALA G 135 48.82 -49.74 15.81
N ARG G 136 48.86 -50.14 14.53
CA ARG G 136 50.10 -50.35 13.82
C ARG G 136 50.27 -49.39 12.65
N THR G 137 49.19 -49.21 11.88
CA THR G 137 49.24 -48.46 10.63
C THR G 137 49.03 -46.96 10.79
N GLY G 138 48.48 -46.55 11.93
CA GLY G 138 47.98 -45.20 12.06
C GLY G 138 46.65 -45.02 11.33
N VAL G 139 46.04 -43.85 11.48
CA VAL G 139 44.71 -43.57 10.93
C VAL G 139 44.77 -42.41 9.97
N GLN G 140 44.70 -42.68 8.67
CA GLN G 140 44.60 -41.60 7.73
C GLN G 140 43.15 -41.18 7.58
N ILE G 141 42.94 -39.91 7.24
CA ILE G 141 41.62 -39.34 7.00
C ILE G 141 41.64 -38.71 5.62
N HIS G 142 40.64 -39.06 4.80
CA HIS G 142 40.57 -38.55 3.44
C HIS G 142 39.41 -37.58 3.20
N ASP G 143 39.71 -36.49 2.50
CA ASP G 143 38.70 -35.65 1.89
C ASP G 143 38.16 -36.37 0.65
N GLY G 144 36.86 -36.63 0.62
CA GLY G 144 36.24 -37.28 -0.53
C GLY G 144 36.52 -36.55 -1.84
N LEU G 145 36.63 -35.23 -1.78
CA LEU G 145 36.83 -34.40 -2.96
C LEU G 145 38.25 -34.53 -3.51
N ALA G 146 39.21 -34.12 -2.69
CA ALA G 146 40.63 -34.20 -2.99
C ALA G 146 41.10 -35.61 -3.34
N ARG G 147 40.82 -36.58 -2.48
CA ARG G 147 41.32 -37.93 -2.69
C ARG G 147 40.77 -38.54 -3.97
N GLY G 148 39.49 -38.31 -4.25
CA GLY G 148 38.88 -38.77 -5.47
C GLY G 148 39.61 -38.36 -6.72
N ARG G 149 40.15 -37.15 -6.76
CA ARG G 149 40.79 -36.66 -7.97
C ARG G 149 42.09 -37.41 -8.22
N THR G 150 42.49 -38.20 -7.23
CA THR G 150 43.72 -38.99 -7.29
C THR G 150 43.49 -40.40 -7.84
N THR G 151 42.30 -40.95 -7.57
CA THR G 151 42.09 -42.39 -7.67
C THR G 151 41.18 -42.90 -8.79
N ALA G 152 40.70 -42.00 -9.64
CA ALA G 152 39.65 -42.33 -10.58
C ALA G 152 40.16 -43.27 -11.68
N GLY G 153 41.47 -43.23 -11.92
CA GLY G 153 42.11 -44.05 -12.93
C GLY G 153 42.78 -45.30 -12.38
N GLY G 154 42.50 -45.60 -11.11
CA GLY G 154 43.04 -46.82 -10.52
C GLY G 154 44.55 -46.83 -10.37
N LYS G 155 45.11 -48.00 -10.08
CA LYS G 155 46.50 -48.16 -9.69
C LYS G 155 47.48 -47.85 -10.81
N PHE G 156 47.09 -48.17 -12.03
CA PHE G 156 48.05 -48.22 -13.13
C PHE G 156 48.07 -46.97 -14.01
N HIS G 157 47.11 -46.08 -13.83
CA HIS G 157 47.10 -44.83 -14.60
C HIS G 157 46.95 -43.62 -13.67
N PRO G 158 47.91 -43.43 -12.75
CA PRO G 158 47.77 -42.41 -11.70
C PRO G 158 47.86 -40.98 -12.21
N VAL G 159 47.12 -40.07 -11.57
CA VAL G 159 47.23 -38.63 -11.84
C VAL G 159 47.36 -37.89 -10.53
N PRO G 160 48.59 -37.52 -10.18
CA PRO G 160 48.87 -36.85 -8.90
C PRO G 160 48.13 -35.54 -8.73
N GLY G 161 47.92 -34.82 -9.83
CA GLY G 161 47.28 -33.52 -9.83
C GLY G 161 45.88 -33.53 -10.39
N GLY G 162 45.18 -34.64 -10.14
CA GLY G 162 43.78 -34.79 -10.44
C GLY G 162 43.30 -34.35 -11.80
N MET G 163 42.08 -33.84 -11.84
CA MET G 163 41.50 -33.47 -13.10
C MET G 163 42.29 -32.32 -13.73
N LEU G 164 42.79 -31.41 -12.89
CA LEU G 164 43.50 -30.23 -13.38
C LEU G 164 44.83 -30.56 -14.06
N GLU G 165 45.50 -31.59 -13.57
CA GLU G 165 46.71 -32.04 -14.23
C GLU G 165 46.36 -32.37 -15.67
N THR G 166 45.38 -33.25 -15.88
CA THR G 166 44.96 -33.63 -17.25
C THR G 166 44.51 -32.45 -18.11
N ALA G 167 44.07 -31.37 -17.48
CA ALA G 167 43.67 -30.20 -18.26
C ALA G 167 44.95 -29.57 -18.77
N GLU G 168 45.96 -29.55 -17.90
CA GLU G 168 47.27 -29.13 -18.31
C GLU G 168 47.88 -30.04 -19.39
N ASN G 169 47.51 -31.32 -19.54
CA ASN G 169 48.25 -32.00 -20.63
C ASN G 169 47.51 -31.76 -21.95
N LEU G 170 46.21 -31.49 -21.89
CA LEU G 170 45.50 -31.12 -23.12
C LEU G 170 45.93 -29.73 -23.60
N ARG G 171 46.24 -28.85 -22.66
CA ARG G 171 46.78 -27.53 -23.02
C ARG G 171 48.15 -27.67 -23.65
N ARG G 172 48.95 -28.55 -23.07
CA ARG G 172 50.31 -28.77 -23.54
C ARG G 172 50.26 -29.33 -24.94
N GLU G 173 49.55 -30.45 -25.07
CA GLU G 173 49.53 -31.18 -26.32
C GLU G 173 48.81 -30.43 -27.44
N TYR G 174 47.78 -29.66 -27.08
CA TYR G 174 47.05 -28.90 -28.09
C TYR G 174 47.58 -27.49 -28.27
N HIS G 175 48.52 -27.12 -27.41
CA HIS G 175 49.11 -25.78 -27.44
C HIS G 175 48.02 -24.72 -27.46
N ILE G 176 47.39 -24.53 -26.30
CA ILE G 176 46.32 -23.55 -26.15
C ILE G 176 46.80 -22.41 -25.26
N SER G 177 46.60 -21.17 -25.72
CA SER G 177 47.10 -20.00 -25.00
C SER G 177 46.25 -19.63 -23.81
N ARG G 178 46.91 -19.17 -22.75
CA ARG G 178 46.27 -18.69 -21.54
C ARG G 178 45.19 -17.68 -21.83
N THR G 179 45.46 -16.80 -22.78
CA THR G 179 44.52 -15.74 -23.12
C THR G 179 43.26 -16.38 -23.67
N GLU G 180 43.44 -17.34 -24.57
CA GLU G 180 42.31 -18.04 -25.15
C GLU G 180 41.51 -18.76 -24.08
N GLN G 181 42.21 -19.36 -23.12
CA GLN G 181 41.53 -20.04 -22.02
C GLN G 181 40.69 -19.05 -21.21
N ASP G 182 41.23 -17.85 -20.98
CA ASP G 182 40.48 -16.84 -20.23
C ASP G 182 39.43 -16.13 -21.09
N GLU G 183 39.67 -15.99 -22.40
CA GLU G 183 38.64 -15.45 -23.30
C GLU G 183 37.38 -16.28 -23.24
N LEU G 184 37.55 -17.60 -23.24
CA LEU G 184 36.43 -18.54 -23.21
C LEU G 184 35.71 -18.43 -21.88
N ALA G 185 36.48 -18.24 -20.82
CA ALA G 185 35.92 -18.03 -19.51
C ALA G 185 35.07 -16.74 -19.49
N VAL G 186 35.56 -15.69 -20.15
CA VAL G 186 34.85 -14.42 -20.20
C VAL G 186 33.52 -14.63 -20.88
N ARG G 187 33.56 -15.26 -22.05
CA ARG G 187 32.34 -15.55 -22.80
C ARG G 187 31.35 -16.28 -21.92
N SER G 188 31.80 -17.27 -21.17
CA SER G 188 30.92 -18.08 -20.35
C SER G 188 30.24 -17.28 -19.24
N HIS G 189 30.98 -16.36 -18.64
CA HIS G 189 30.41 -15.50 -17.61
C HIS G 189 29.35 -14.54 -18.16
N GLN G 190 29.64 -13.95 -19.32
CA GLN G 190 28.71 -12.99 -19.93
C GLN G 190 27.43 -13.67 -20.34
N ARG G 191 27.55 -14.84 -20.97
CA ARG G 191 26.37 -15.56 -21.42
C ARG G 191 25.48 -16.03 -20.26
N ALA G 192 26.06 -16.17 -19.07
CA ALA G 192 25.30 -16.58 -17.90
C ALA G 192 24.52 -15.42 -17.30
N VAL G 193 25.18 -14.27 -17.18
CA VAL G 193 24.51 -13.08 -16.68
C VAL G 193 23.50 -12.56 -17.70
N ALA G 194 23.80 -12.75 -18.99
CA ALA G 194 22.83 -12.45 -20.04
C ALA G 194 21.62 -13.37 -19.96
N ALA G 195 21.80 -14.57 -19.40
CA ALA G 195 20.69 -15.49 -19.18
C ALA G 195 19.92 -15.07 -17.94
N GLN G 196 20.63 -14.49 -16.97
CA GLN G 196 20.00 -13.93 -15.78
C GLN G 196 19.19 -12.68 -16.12
N SER G 197 19.78 -11.77 -16.89
CA SER G 197 19.13 -10.49 -17.17
C SER G 197 17.96 -10.60 -18.15
N GLU G 198 18.04 -11.55 -19.06
CA GLU G 198 17.00 -11.72 -20.08
C GLU G 198 15.78 -12.46 -19.55
N GLY G 199 15.90 -13.01 -18.34
CA GLY G 199 14.80 -13.71 -17.71
C GLY G 199 14.56 -15.11 -18.25
N VAL G 200 15.62 -15.75 -18.75
CA VAL G 200 15.47 -17.09 -19.32
C VAL G 200 15.77 -18.16 -18.29
N LEU G 201 16.74 -17.90 -17.41
CA LEU G 201 17.08 -18.85 -16.36
C LEU G 201 15.89 -19.12 -15.48
N ALA G 202 15.01 -18.12 -15.37
CA ALA G 202 13.78 -18.22 -14.59
C ALA G 202 12.97 -19.47 -14.86
N GLU G 203 12.97 -19.96 -16.10
CA GLU G 203 12.21 -21.17 -16.38
C GLU G 203 12.95 -22.46 -15.97
N GLU G 204 14.27 -22.40 -15.88
CA GLU G 204 15.04 -23.54 -15.42
C GLU G 204 14.94 -23.77 -13.92
N ILE G 205 14.93 -22.68 -13.16
CA ILE G 205 15.31 -22.71 -11.76
C ILE G 205 14.16 -22.81 -10.78
N ILE G 206 14.17 -23.88 -9.99
CA ILE G 206 13.34 -23.96 -8.80
C ILE G 206 14.07 -23.17 -7.71
N PRO G 207 13.41 -22.16 -7.13
CA PRO G 207 14.07 -21.38 -6.07
C PRO G 207 14.24 -22.18 -4.78
N VAL G 208 15.31 -21.88 -4.04
CA VAL G 208 15.58 -22.57 -2.78
C VAL G 208 15.34 -21.68 -1.57
N PRO G 209 14.60 -22.19 -0.58
CA PRO G 209 14.38 -21.50 0.69
C PRO G 209 15.48 -21.81 1.71
N VAL G 210 16.05 -20.76 2.30
CA VAL G 210 17.10 -20.90 3.29
C VAL G 210 16.69 -20.21 4.60
N ARG G 211 17.00 -20.84 5.74
CA ARG G 211 16.69 -20.28 7.05
C ARG G 211 17.62 -19.12 7.40
N THR G 212 17.08 -17.93 7.62
CA THR G 212 17.94 -16.76 7.84
C THR G 212 18.39 -16.65 9.31
N ARG G 213 19.56 -16.02 9.50
CA ARG G 213 20.07 -15.63 10.80
C ARG G 213 19.40 -14.35 11.29
N GLU G 216 14.29 -15.48 6.56
CA GLU G 216 14.03 -16.75 5.89
C GLU G 216 13.88 -16.52 4.38
N GLU G 217 15.01 -16.33 3.70
CA GLU G 217 14.98 -15.89 2.30
C GLU G 217 14.85 -17.03 1.29
N THR G 218 14.54 -16.64 0.05
CA THR G 218 14.36 -17.57 -1.05
C THR G 218 15.30 -17.24 -2.18
N ILE G 219 16.20 -18.17 -2.48
CA ILE G 219 17.25 -17.92 -3.45
C ILE G 219 16.98 -18.52 -4.81
N SER G 220 17.02 -17.69 -5.84
CA SER G 220 16.74 -18.12 -7.19
C SER G 220 17.81 -17.67 -8.16
N VAL G 221 18.97 -17.26 -7.66
CA VAL G 221 20.00 -16.75 -8.55
C VAL G 221 21.31 -17.49 -8.32
N ASP G 222 22.02 -17.80 -9.41
CA ASP G 222 23.26 -18.57 -9.34
C ASP G 222 24.36 -17.73 -8.73
N GLU G 223 25.12 -18.34 -7.83
CA GLU G 223 26.10 -17.62 -7.03
C GLU G 223 27.36 -17.29 -7.78
N HIS G 224 27.69 -18.10 -8.76
CA HIS G 224 29.00 -17.84 -9.33
C HIS G 224 29.10 -17.03 -10.63
N PRO G 225 28.06 -16.94 -11.48
CA PRO G 225 28.34 -16.00 -12.59
C PRO G 225 28.55 -14.53 -12.16
N ARG G 226 29.65 -13.89 -12.57
CA ARG G 226 29.93 -12.47 -12.25
C ARG G 226 30.12 -11.62 -13.50
N ALA G 227 29.64 -10.38 -13.47
CA ALA G 227 29.57 -9.55 -14.67
C ALA G 227 30.80 -8.66 -14.89
N ASP G 228 31.62 -8.49 -13.86
CA ASP G 228 32.85 -7.71 -13.98
C ASP G 228 34.00 -8.55 -14.54
N THR G 229 33.68 -9.76 -15.00
CA THR G 229 34.69 -10.69 -15.49
C THR G 229 35.29 -10.28 -16.83
N THR G 230 36.61 -10.05 -16.82
CA THR G 230 37.34 -9.61 -18.02
C THR G 230 38.60 -10.41 -18.24
N VAL G 231 39.19 -10.24 -19.42
CA VAL G 231 40.43 -10.93 -19.77
C VAL G 231 41.58 -10.44 -18.91
N GLU G 232 41.56 -9.16 -18.56
CA GLU G 232 42.61 -8.59 -17.75
C GLU G 232 42.53 -9.07 -16.31
N ALA G 233 41.32 -9.10 -15.76
CA ALA G 233 41.11 -9.56 -14.38
C ALA G 233 41.52 -11.03 -14.20
N LEU G 234 41.41 -11.80 -15.28
CA LEU G 234 41.77 -13.21 -15.26
C LEU G 234 43.25 -13.44 -15.52
N ALA G 235 43.85 -12.55 -16.29
CA ALA G 235 45.29 -12.64 -16.55
C ALA G 235 46.05 -12.38 -15.26
N LYS G 236 45.33 -11.91 -14.24
CA LYS G 236 45.90 -11.69 -12.93
C LYS G 236 46.25 -12.98 -12.19
N LEU G 237 45.43 -14.01 -12.39
CA LEU G 237 45.46 -15.21 -11.53
C LEU G 237 46.65 -16.13 -11.77
N LYS G 238 47.08 -16.81 -10.71
CA LYS G 238 48.21 -17.71 -10.80
C LYS G 238 47.76 -19.16 -10.96
N PRO G 239 48.24 -19.80 -12.02
CA PRO G 239 48.02 -21.22 -12.31
C PRO G 239 48.27 -22.11 -11.10
N VAL G 240 47.34 -23.02 -10.82
CA VAL G 240 47.32 -23.80 -9.59
C VAL G 240 48.56 -24.68 -9.45
N LEU G 241 49.10 -25.09 -10.58
CA LEU G 241 50.26 -25.96 -10.59
C LEU G 241 51.51 -25.23 -11.10
N LEU G 242 51.48 -23.90 -11.02
CA LEU G 242 52.55 -23.07 -11.50
C LEU G 242 53.90 -23.63 -11.23
N LYS G 243 54.25 -23.67 -9.95
CA LYS G 243 55.57 -24.09 -9.55
C LYS G 243 56.02 -25.32 -10.25
N GLN G 244 55.07 -26.07 -10.80
CA GLN G 244 55.41 -27.34 -11.36
C GLN G 244 55.51 -27.25 -12.85
N ASP G 245 55.00 -26.18 -13.41
CA ASP G 245 55.02 -26.04 -14.85
C ASP G 245 55.07 -24.61 -15.25
N PRO G 246 56.28 -24.12 -15.29
CA PRO G 246 56.55 -22.75 -15.75
C PRO G 246 55.64 -22.34 -16.89
N GLU G 247 55.00 -23.32 -17.53
CA GLU G 247 54.06 -23.06 -18.61
C GLU G 247 52.60 -23.41 -18.25
N ALA G 248 52.34 -23.70 -16.98
CA ALA G 248 50.98 -23.95 -16.52
C ALA G 248 50.10 -22.71 -16.74
N THR G 249 48.88 -22.90 -17.26
CA THR G 249 47.96 -21.79 -17.49
C THR G 249 46.66 -21.88 -16.70
N VAL G 250 46.36 -23.06 -16.15
CA VAL G 250 45.02 -23.28 -15.63
C VAL G 250 44.85 -22.70 -14.22
N THR G 251 44.01 -21.67 -14.15
CA THR G 251 43.74 -20.97 -12.91
C THR G 251 42.38 -21.35 -12.30
N ALA G 252 42.06 -20.76 -11.16
CA ALA G 252 40.73 -20.90 -10.59
C ALA G 252 39.72 -20.16 -11.47
N GLY G 253 40.25 -19.29 -12.34
CA GLY G 253 39.45 -18.39 -13.14
C GLY G 253 39.11 -18.91 -14.53
N ASN G 254 39.89 -19.87 -15.03
CA ASN G 254 39.48 -20.56 -16.25
C ASN G 254 39.15 -22.04 -15.98
N SER G 255 38.65 -22.32 -14.79
CA SER G 255 38.21 -23.67 -14.46
C SER G 255 36.82 -23.70 -13.84
N SER G 256 36.18 -24.86 -13.92
CA SER G 256 34.95 -25.07 -13.19
C SER G 256 35.30 -25.18 -11.72
N GLY G 257 34.35 -24.82 -10.86
CA GLY G 257 34.59 -24.86 -9.44
C GLY G 257 33.83 -25.98 -8.76
N GLN G 258 33.80 -25.95 -7.44
CA GLN G 258 33.07 -26.95 -6.68
C GLN G 258 31.81 -26.30 -6.16
N ASN G 259 30.68 -27.00 -6.28
CA ASN G 259 29.37 -26.38 -6.21
C ASN G 259 28.31 -27.29 -5.60
N ASP G 260 27.16 -26.70 -5.24
CA ASP G 260 26.06 -27.42 -4.63
C ASP G 260 24.76 -27.16 -5.41
N ALA G 261 24.05 -28.22 -5.80
CA ALA G 261 22.80 -28.07 -6.56
C ALA G 261 22.11 -29.41 -6.76
N ALA G 262 20.87 -29.38 -7.23
CA ALA G 262 20.19 -30.58 -7.71
C ALA G 262 19.48 -30.27 -9.03
N SER G 263 19.19 -31.30 -9.83
CA SER G 263 18.46 -31.10 -11.07
C SER G 263 17.50 -32.25 -11.22
N MET G 264 16.34 -31.97 -11.79
CA MET G 264 15.32 -32.99 -11.95
C MET G 264 14.60 -32.83 -13.27
N CYS G 265 14.20 -33.93 -13.90
CA CYS G 265 13.26 -33.85 -15.01
C CYS G 265 12.36 -35.05 -15.03
N ILE G 266 11.35 -35.02 -15.89
CA ILE G 266 10.49 -36.16 -16.09
C ILE G 266 10.89 -36.85 -17.36
N VAL G 267 11.09 -38.16 -17.29
CA VAL G 267 11.27 -38.93 -18.50
C VAL G 267 10.05 -39.78 -18.67
N THR G 268 9.35 -39.58 -19.78
CA THR G 268 8.14 -40.33 -20.02
C THR G 268 7.98 -40.70 -21.49
N THR G 269 6.77 -41.12 -21.84
CA THR G 269 6.43 -41.43 -23.22
C THR G 269 5.57 -40.31 -23.77
N PRO G 270 5.58 -40.13 -25.10
CA PRO G 270 4.68 -39.12 -25.67
C PRO G 270 3.21 -39.36 -25.31
N GLU G 271 2.79 -40.62 -25.26
CA GLU G 271 1.40 -40.95 -24.97
C GLU G 271 1.02 -40.68 -23.50
N LYS G 272 1.95 -40.94 -22.58
CA LYS G 272 1.67 -40.69 -21.17
C LYS G 272 1.69 -39.21 -20.81
N ALA G 273 2.56 -38.44 -21.45
CA ALA G 273 2.61 -36.99 -21.21
C ALA G 273 1.32 -36.30 -21.66
N ALA G 274 0.78 -36.76 -22.78
CA ALA G 274 -0.46 -36.20 -23.32
C ALA G 274 -1.58 -36.47 -22.33
N GLU G 275 -1.50 -37.64 -21.68
CA GLU G 275 -2.44 -38.06 -20.66
C GLU G 275 -2.46 -37.12 -19.44
N LEU G 276 -1.29 -36.63 -19.03
CA LEU G 276 -1.21 -35.87 -17.78
C LEU G 276 -1.03 -34.36 -18.00
N GLY G 277 -0.98 -33.93 -19.25
CA GLY G 277 -0.90 -32.51 -19.52
C GLY G 277 0.54 -32.04 -19.52
N LEU G 278 1.45 -32.97 -19.77
CA LEU G 278 2.87 -32.64 -19.79
C LEU G 278 3.26 -32.12 -21.18
N LYS G 279 4.24 -31.22 -21.20
CA LYS G 279 4.67 -30.59 -22.44
C LYS G 279 6.10 -31.01 -22.80
N PRO G 280 6.23 -32.11 -23.58
CA PRO G 280 7.56 -32.61 -23.97
C PRO G 280 8.40 -31.56 -24.67
N LEU G 281 9.63 -31.41 -24.21
CA LEU G 281 10.55 -30.49 -24.85
C LEU G 281 11.44 -31.23 -25.85
N VAL G 282 11.96 -32.41 -25.47
CA VAL G 282 12.84 -33.18 -26.36
C VAL G 282 12.66 -34.66 -26.20
N ARG G 283 13.17 -35.42 -27.17
CA ARG G 283 13.28 -36.86 -27.06
C ARG G 283 14.73 -37.28 -27.20
N LEU G 284 15.11 -38.41 -26.62
CA LEU G 284 16.46 -38.90 -26.81
C LEU G 284 16.56 -39.44 -28.22
N VAL G 285 17.61 -39.05 -28.95
CA VAL G 285 17.80 -39.61 -30.28
C VAL G 285 18.80 -40.75 -30.21
N SER G 286 19.91 -40.48 -29.55
CA SER G 286 20.91 -41.51 -29.27
C SER G 286 21.80 -41.08 -28.12
N TRP G 287 22.79 -41.91 -27.79
CA TRP G 287 23.84 -41.52 -26.86
C TRP G 287 25.09 -42.33 -27.16
N GLY G 288 26.21 -41.97 -26.54
CA GLY G 288 27.40 -42.75 -26.71
C GLY G 288 28.23 -42.66 -25.45
N SER G 289 28.99 -43.71 -25.18
CA SER G 289 29.95 -43.65 -24.09
C SER G 289 31.32 -44.08 -24.61
N ALA G 290 32.39 -43.63 -23.97
CA ALA G 290 33.71 -43.92 -24.47
C ALA G 290 34.73 -43.93 -23.35
N GLY G 291 35.84 -44.63 -23.57
CA GLY G 291 36.92 -44.64 -22.60
C GLY G 291 38.12 -43.96 -23.23
N VAL G 292 38.85 -43.18 -22.44
CA VAL G 292 40.08 -42.54 -22.91
C VAL G 292 41.13 -42.64 -21.83
N ALA G 293 42.38 -42.33 -22.18
CA ALA G 293 43.45 -42.24 -21.20
C ALA G 293 43.11 -41.30 -20.06
N PRO G 294 43.09 -41.83 -18.84
CA PRO G 294 42.81 -41.05 -17.64
C PRO G 294 43.51 -39.68 -17.60
N ASP G 295 44.74 -39.61 -18.13
CA ASP G 295 45.48 -38.35 -18.10
C ASP G 295 45.10 -37.43 -19.26
N LEU G 296 44.32 -37.95 -20.20
CA LEU G 296 43.73 -37.09 -21.23
C LEU G 296 42.22 -37.15 -21.13
N MET G 297 41.72 -37.29 -19.91
CA MET G 297 40.29 -37.41 -19.64
C MET G 297 39.44 -36.45 -20.43
N GLY G 298 39.96 -35.24 -20.53
CA GLY G 298 39.20 -34.09 -20.97
C GLY G 298 38.74 -34.23 -22.40
N ILE G 299 39.36 -35.17 -23.12
CA ILE G 299 39.09 -35.28 -24.54
C ILE G 299 37.98 -36.31 -24.83
N GLY G 300 37.48 -36.94 -23.75
CA GLY G 300 36.35 -37.86 -23.78
C GLY G 300 35.10 -37.45 -24.53
N PRO G 301 34.76 -36.15 -24.55
CA PRO G 301 33.62 -35.77 -25.38
C PRO G 301 33.79 -36.10 -26.87
N VAL G 302 35.03 -36.22 -27.34
CA VAL G 302 35.28 -36.44 -28.76
C VAL G 302 34.94 -37.87 -29.20
N PRO G 303 35.45 -38.89 -28.48
CA PRO G 303 35.00 -40.19 -29.00
C PRO G 303 33.58 -40.50 -28.57
N ALA G 304 33.18 -39.95 -27.43
CA ALA G 304 31.82 -40.17 -26.94
C ALA G 304 30.78 -39.62 -27.91
N THR G 305 31.00 -38.42 -28.43
CA THR G 305 30.04 -37.79 -29.32
C THR G 305 29.98 -38.51 -30.66
N GLU G 306 31.14 -38.99 -31.12
CA GLU G 306 31.24 -39.72 -32.37
C GLU G 306 30.32 -40.92 -32.34
N VAL G 307 30.29 -41.62 -31.20
CA VAL G 307 29.38 -42.76 -31.06
C VAL G 307 27.92 -42.33 -31.12
N ALA G 308 27.57 -41.24 -30.45
CA ALA G 308 26.18 -40.77 -30.41
C ALA G 308 25.68 -40.27 -31.77
N LEU G 309 26.53 -39.58 -32.50
CA LEU G 309 26.17 -39.08 -33.82
C LEU G 309 26.02 -40.23 -34.81
N ALA G 310 26.95 -41.17 -34.74
CA ALA G 310 26.91 -42.36 -35.60
C ALA G 310 25.63 -43.17 -35.38
N LYS G 311 25.18 -43.28 -34.13
CA LYS G 311 23.92 -43.97 -33.85
C LYS G 311 22.70 -43.23 -34.36
N ALA G 312 22.77 -41.90 -34.31
CA ALA G 312 21.68 -41.05 -34.74
C ALA G 312 21.74 -40.94 -36.27
N GLY G 313 22.92 -41.17 -36.83
CA GLY G 313 23.11 -41.00 -38.25
C GLY G 313 23.19 -39.51 -38.52
N LEU G 314 24.05 -38.83 -37.77
CA LEU G 314 24.21 -37.40 -37.87
C LEU G 314 25.68 -37.02 -37.89
N THR G 315 25.91 -35.74 -38.15
CA THR G 315 27.24 -35.20 -38.07
C THR G 315 27.14 -33.99 -37.17
N LEU G 316 28.27 -33.49 -36.70
CA LEU G 316 28.24 -32.37 -35.80
C LEU G 316 27.49 -31.23 -36.45
N ALA G 317 27.56 -31.15 -37.78
CA ALA G 317 26.93 -30.08 -38.52
C ALA G 317 25.42 -30.11 -38.35
N ASP G 318 24.85 -31.31 -38.22
CA ASP G 318 23.40 -31.46 -38.05
C ASP G 318 22.91 -30.88 -36.73
N ILE G 319 23.84 -30.61 -35.82
CA ILE G 319 23.55 -30.23 -34.45
C ILE G 319 23.41 -28.72 -34.31
N ASP G 320 22.18 -28.26 -34.08
CA ASP G 320 21.90 -26.84 -33.88
C ASP G 320 22.42 -26.27 -32.56
N LEU G 321 22.34 -27.05 -31.49
CA LEU G 321 22.81 -26.60 -30.17
C LEU G 321 23.74 -27.60 -29.53
N ILE G 322 24.74 -27.12 -28.83
CA ILE G 322 25.63 -28.00 -28.10
C ILE G 322 25.70 -27.56 -26.64
N GLU G 323 25.69 -28.54 -25.73
CA GLU G 323 26.10 -28.30 -24.35
C GLU G 323 27.36 -29.10 -24.09
N LEU G 324 28.46 -28.40 -23.84
CA LEU G 324 29.72 -29.03 -23.44
C LEU G 324 30.03 -28.45 -22.07
N ASN G 325 30.25 -29.32 -21.08
CA ASN G 325 30.34 -28.85 -19.70
C ASN G 325 31.44 -27.84 -19.42
N GLU G 326 32.56 -27.96 -20.11
CA GLU G 326 33.71 -27.10 -19.85
C GLU G 326 34.22 -27.31 -18.43
N ALA G 327 34.81 -28.47 -18.19
CA ALA G 327 35.40 -28.79 -16.89
C ALA G 327 36.60 -27.88 -16.68
N PHE G 328 37.36 -27.69 -17.74
CA PHE G 328 38.46 -26.74 -17.73
C PHE G 328 38.45 -26.02 -19.09
N ALA G 329 38.84 -24.75 -19.11
CA ALA G 329 38.86 -24.01 -20.38
C ALA G 329 39.82 -24.62 -21.39
N ALA G 330 40.96 -25.10 -20.90
CA ALA G 330 41.89 -25.81 -21.76
C ALA G 330 41.26 -27.10 -22.29
N GLN G 331 40.50 -27.75 -21.42
CA GLN G 331 39.85 -29.02 -21.76
C GLN G 331 38.80 -28.84 -22.84
N ALA G 332 38.03 -27.77 -22.75
CA ALA G 332 36.92 -27.54 -23.66
C ALA G 332 37.41 -27.07 -25.00
N LEU G 333 38.48 -26.28 -24.99
CA LEU G 333 39.03 -25.75 -26.23
C LEU G 333 39.64 -26.89 -27.06
N ALA G 334 40.43 -27.73 -26.40
CA ALA G 334 40.97 -28.96 -27.02
C ALA G 334 39.89 -29.81 -27.71
N VAL G 335 38.75 -29.96 -27.05
CA VAL G 335 37.62 -30.68 -27.61
C VAL G 335 37.07 -29.95 -28.83
N MET G 336 37.05 -28.63 -28.75
CA MET G 336 36.49 -27.83 -29.84
C MET G 336 37.41 -27.74 -31.06
N ARG G 337 38.70 -27.92 -30.86
CA ARG G 337 39.62 -28.00 -31.98
C ARG G 337 39.53 -29.33 -32.70
N GLU G 338 39.34 -30.41 -31.93
CA GLU G 338 39.01 -31.70 -32.54
C GLU G 338 37.73 -31.61 -33.35
N TRP G 339 36.86 -30.68 -32.97
CA TRP G 339 35.55 -30.51 -33.59
C TRP G 339 35.64 -29.61 -34.79
N LYS G 340 36.85 -29.13 -35.07
CA LYS G 340 37.08 -28.19 -36.17
C LYS G 340 36.19 -26.96 -36.02
N PHE G 341 36.14 -26.40 -34.81
CA PHE G 341 35.18 -25.35 -34.54
C PHE G 341 35.63 -24.03 -35.13
N GLY G 342 34.68 -23.35 -35.75
CA GLY G 342 34.89 -21.97 -36.19
C GLY G 342 34.26 -21.04 -35.16
N GLU G 343 34.53 -19.74 -35.27
CA GLU G 343 34.00 -18.77 -34.32
C GLU G 343 32.48 -18.78 -34.31
N ALA G 344 31.89 -19.20 -35.43
CA ALA G 344 30.44 -19.32 -35.53
C ALA G 344 29.90 -20.44 -34.64
N ASP G 345 30.72 -21.46 -34.42
CA ASP G 345 30.34 -22.62 -33.63
C ASP G 345 30.21 -22.27 -32.14
N HIS G 346 31.01 -21.30 -31.69
CA HIS G 346 30.85 -20.77 -30.35
C HIS G 346 29.49 -20.09 -30.13
N GLU G 347 28.79 -19.79 -31.23
CA GLU G 347 27.46 -19.18 -31.14
C GLU G 347 26.33 -20.20 -30.87
N ARG G 348 26.62 -21.47 -31.09
CA ARG G 348 25.64 -22.51 -30.89
C ARG G 348 26.09 -23.46 -29.77
N THR G 349 27.11 -23.03 -29.04
CA THR G 349 27.68 -23.81 -27.96
C THR G 349 27.58 -23.12 -26.61
N ASN G 350 27.00 -23.78 -25.62
CA ASN G 350 26.95 -23.28 -24.24
C ASN G 350 26.39 -21.88 -24.17
N VAL G 351 25.24 -21.69 -24.78
CA VAL G 351 24.67 -20.36 -24.97
C VAL G 351 24.32 -19.64 -23.66
N ARG G 352 24.00 -20.38 -22.60
CA ARG G 352 23.64 -19.80 -21.31
C ARG G 352 24.73 -19.94 -20.25
N GLY G 353 25.95 -20.23 -20.69
CA GLY G 353 27.04 -20.45 -19.76
C GLY G 353 27.51 -21.90 -19.71
N SER G 354 28.36 -22.19 -18.74
CA SER G 354 28.94 -23.52 -18.57
C SER G 354 29.49 -23.70 -17.16
N GLY G 355 30.21 -24.79 -16.93
CA GLY G 355 30.80 -25.07 -15.64
C GLY G 355 31.64 -23.96 -15.03
N ILE G 356 32.40 -23.27 -15.87
CA ILE G 356 33.27 -22.21 -15.42
C ILE G 356 32.47 -21.04 -14.80
N SER G 357 31.37 -20.68 -15.44
CA SER G 357 30.52 -19.58 -14.98
C SER G 357 29.45 -20.02 -13.98
N LEU G 358 28.76 -21.11 -14.28
CA LEU G 358 27.69 -21.58 -13.41
C LEU G 358 28.13 -22.56 -12.34
N GLY G 359 29.35 -23.07 -12.43
CA GLY G 359 29.79 -24.06 -11.46
C GLY G 359 29.51 -25.50 -11.88
N HIS G 360 30.11 -26.45 -11.16
CA HIS G 360 30.10 -27.87 -11.54
C HIS G 360 29.73 -28.76 -10.35
N PRO G 361 28.44 -28.73 -9.94
CA PRO G 361 27.97 -29.63 -8.89
C PRO G 361 27.84 -31.02 -9.47
N VAL G 362 28.95 -31.76 -9.45
CA VAL G 362 29.21 -32.86 -10.36
C VAL G 362 27.98 -33.69 -10.77
N GLY G 363 27.27 -34.26 -9.79
CA GLY G 363 26.10 -35.05 -10.09
C GLY G 363 24.98 -34.27 -10.74
N ALA G 364 24.88 -32.98 -10.41
CA ALA G 364 23.75 -32.18 -10.83
C ALA G 364 23.96 -31.53 -12.20
N THR G 365 25.18 -31.60 -12.71
CA THR G 365 25.59 -30.90 -13.93
C THR G 365 24.91 -31.45 -15.19
N GLY G 366 24.92 -32.77 -15.36
CA GLY G 366 24.21 -33.41 -16.43
C GLY G 366 22.77 -32.95 -16.58
N GLY G 367 22.07 -32.78 -15.45
CA GLY G 367 20.72 -32.25 -15.44
C GLY G 367 20.61 -30.76 -15.76
N ARG G 368 21.64 -29.99 -15.41
CA ARG G 368 21.70 -28.57 -15.77
C ARG G 368 21.82 -28.38 -17.27
N MET G 369 22.79 -29.07 -17.86
CA MET G 369 23.07 -29.00 -19.28
C MET G 369 21.83 -29.36 -20.09
N LEU G 370 21.08 -30.33 -19.63
CA LEU G 370 19.88 -30.76 -20.31
C LEU G 370 18.79 -29.72 -20.16
N ALA G 371 18.68 -29.16 -18.97
CA ALA G 371 17.68 -28.13 -18.68
C ALA G 371 17.83 -27.02 -19.71
N THR G 372 18.99 -26.38 -19.68
CA THR G 372 19.33 -25.38 -20.66
C THR G 372 19.00 -25.82 -22.07
N LEU G 373 19.53 -26.97 -22.49
CA LEU G 373 19.49 -27.39 -23.90
C LEU G 373 18.09 -27.73 -24.41
N ALA G 374 17.28 -28.39 -23.60
CA ALA G 374 15.91 -28.71 -23.96
C ALA G 374 15.13 -27.42 -24.15
N ARG G 375 15.37 -26.47 -23.26
CA ARG G 375 14.63 -25.22 -23.23
C ARG G 375 15.09 -24.24 -24.29
N GLU G 376 16.39 -24.22 -24.55
CA GLU G 376 16.95 -23.35 -25.57
C GLU G 376 16.58 -23.84 -26.96
N LEU G 377 16.53 -25.15 -27.13
CA LEU G 377 16.04 -25.74 -28.36
C LEU G 377 14.64 -25.23 -28.65
N HIS G 378 13.77 -25.32 -27.65
CA HIS G 378 12.37 -24.93 -27.81
C HIS G 378 12.21 -23.46 -28.19
N ARG G 379 12.91 -22.58 -27.49
CA ARG G 379 12.77 -21.15 -27.74
C ARG G 379 13.41 -20.72 -29.05
N ARG G 380 14.45 -21.43 -29.49
CA ARG G 380 15.06 -21.12 -30.78
C ARG G 380 14.38 -21.83 -31.97
N GLU G 381 13.43 -22.72 -31.67
CA GLU G 381 12.86 -23.59 -32.70
C GLU G 381 13.97 -24.29 -33.51
N ALA G 382 14.98 -24.82 -32.82
CA ALA G 382 16.03 -25.62 -33.44
C ALA G 382 15.67 -27.12 -33.35
N ARG G 383 16.47 -28.02 -33.93
CA ARG G 383 16.02 -29.42 -34.00
C ARG G 383 16.88 -30.46 -33.27
N TYR G 384 18.18 -30.25 -33.23
CA TYR G 384 19.03 -31.24 -32.58
C TYR G 384 19.96 -30.64 -31.55
N GLY G 385 19.95 -31.22 -30.36
CA GLY G 385 20.85 -30.81 -29.30
C GLY G 385 21.82 -31.91 -28.93
N LEU G 386 23.06 -31.51 -28.67
CA LEU G 386 24.11 -32.43 -28.27
C LEU G 386 24.54 -32.09 -26.88
N GLU G 387 24.38 -33.03 -25.97
CA GLU G 387 24.88 -32.84 -24.62
C GLU G 387 26.04 -33.78 -24.40
N THR G 388 27.19 -33.23 -24.04
CA THR G 388 28.37 -34.04 -23.81
C THR G 388 29.33 -33.43 -22.80
N MET G 389 30.10 -34.31 -22.17
CA MET G 389 30.89 -33.98 -20.98
C MET G 389 32.12 -34.87 -20.93
N CYS G 390 33.27 -34.33 -20.50
CA CYS G 390 34.43 -35.15 -20.15
C CYS G 390 34.24 -35.76 -18.78
N ILE G 391 34.91 -36.87 -18.49
CA ILE G 391 34.59 -37.58 -17.24
C ILE G 391 35.83 -38.04 -16.44
N GLY G 392 35.85 -37.69 -15.17
CA GLY G 392 36.88 -38.12 -14.25
C GLY G 392 37.18 -39.61 -14.35
N GLY G 393 38.42 -39.91 -14.73
CA GLY G 393 38.89 -41.28 -14.79
C GLY G 393 39.09 -41.76 -16.23
N GLY G 394 38.80 -40.88 -17.18
CA GLY G 394 39.01 -41.22 -18.58
C GLY G 394 37.80 -41.71 -19.38
N GLN G 395 36.64 -41.10 -19.16
CA GLN G 395 35.46 -41.50 -19.90
C GLN G 395 34.85 -40.30 -20.61
N GLY G 396 33.94 -40.55 -21.53
CA GLY G 396 33.15 -39.47 -22.11
C GLY G 396 31.71 -39.93 -22.18
N LEU G 397 30.78 -38.99 -22.30
CA LEU G 397 29.39 -39.31 -22.55
C LEU G 397 28.84 -38.26 -23.49
N ALA G 398 27.85 -38.64 -24.28
CA ALA G 398 27.17 -37.69 -25.14
C ALA G 398 25.75 -38.14 -25.40
N ALA G 399 24.81 -37.22 -25.45
CA ALA G 399 23.47 -37.61 -25.87
C ALA G 399 23.02 -36.64 -26.93
N VAL G 400 22.29 -37.14 -27.91
CA VAL G 400 21.73 -36.30 -28.95
C VAL G 400 20.25 -36.23 -28.73
N PHE G 401 19.72 -35.02 -28.48
CA PHE G 401 18.27 -34.86 -28.31
C PHE G 401 17.65 -34.17 -29.51
N GLU G 402 16.32 -34.31 -29.63
CA GLU G 402 15.57 -33.63 -30.69
C GLU G 402 14.28 -33.00 -30.20
N ARG G 403 14.01 -31.78 -30.61
CA ARG G 403 12.83 -31.05 -30.19
C ARG G 403 11.53 -31.77 -30.55
N VAL G 404 10.52 -31.63 -29.69
CA VAL G 404 9.18 -32.15 -29.95
C VAL G 404 8.27 -30.96 -30.28
N GLN G 405 7.33 -31.13 -31.22
CA GLN G 405 6.68 -29.97 -31.84
C GLN G 405 5.17 -29.82 -31.68
N GLU G 406 4.45 -30.28 -32.70
CA GLU G 406 2.97 -30.28 -32.77
C GLU G 406 2.53 -30.74 -34.16
N ARG H 4 16.11 -57.61 -29.76
CA ARG H 4 17.23 -58.49 -29.45
C ARG H 4 17.11 -59.03 -28.05
N ASP H 5 17.42 -60.30 -27.85
CA ASP H 5 17.48 -60.85 -26.49
C ASP H 5 18.82 -60.55 -25.87
N ALA H 6 18.82 -60.33 -24.56
CA ALA H 6 20.04 -60.16 -23.80
C ALA H 6 20.22 -61.41 -22.99
N VAL H 7 21.37 -62.06 -23.13
CA VAL H 7 21.58 -63.35 -22.51
C VAL H 7 22.77 -63.30 -21.59
N ILE H 8 22.79 -64.18 -20.60
CA ILE H 8 23.81 -64.19 -19.55
C ILE H 8 24.81 -65.30 -19.76
N CYS H 9 26.07 -64.94 -19.98
CA CYS H 9 27.12 -65.92 -20.17
C CYS H 9 28.04 -65.96 -18.97
N GLU H 10 28.42 -67.17 -18.55
CA GLU H 10 29.44 -67.38 -17.52
C GLU H 10 29.25 -66.50 -16.28
N PRO H 11 28.07 -66.56 -15.65
CA PRO H 11 27.96 -65.81 -14.41
C PRO H 11 28.85 -66.44 -13.36
N VAL H 12 29.81 -65.68 -12.82
CA VAL H 12 30.74 -66.19 -11.80
C VAL H 12 30.85 -65.24 -10.59
N ARG H 13 31.48 -65.73 -9.52
CA ARG H 13 31.83 -64.90 -8.34
C ARG H 13 33.12 -65.37 -7.71
N THR H 14 33.63 -64.58 -6.77
CA THR H 14 34.71 -65.03 -5.89
C THR H 14 34.15 -65.94 -4.80
N PRO H 15 35.02 -66.57 -4.01
CA PRO H 15 34.39 -67.11 -2.79
C PRO H 15 33.90 -65.94 -1.94
N ILE H 16 33.10 -66.20 -0.92
CA ILE H 16 32.60 -65.13 -0.08
C ILE H 16 33.29 -65.19 1.28
N GLY H 17 34.00 -64.11 1.61
CA GLY H 17 34.73 -64.04 2.87
C GLY H 17 33.85 -63.55 3.99
N ARG H 18 34.23 -63.88 5.22
CA ARG H 18 33.54 -63.33 6.37
C ARG H 18 34.00 -61.91 6.67
N TYR H 19 33.14 -61.18 7.36
CA TYR H 19 33.46 -59.89 7.93
C TYR H 19 34.67 -60.01 8.86
N GLY H 20 35.76 -59.33 8.54
CA GLY H 20 36.99 -59.44 9.30
C GLY H 20 37.73 -60.74 9.05
N GLY H 21 37.29 -61.47 8.02
CA GLY H 21 37.77 -62.81 7.80
C GLY H 21 38.81 -62.95 6.72
N MET H 22 38.66 -63.97 5.89
CA MET H 22 39.74 -64.38 5.01
C MET H 22 40.08 -63.39 3.89
N PHE H 23 39.19 -62.43 3.62
CA PHE H 23 39.42 -61.53 2.51
C PHE H 23 39.62 -60.10 3.00
N ARG H 24 39.85 -59.92 4.30
CA ARG H 24 39.87 -58.58 4.89
C ARG H 24 41.04 -57.73 4.39
N SER H 25 42.05 -58.40 3.82
CA SER H 25 43.25 -57.75 3.29
C SER H 25 43.00 -57.12 1.95
N LEU H 26 41.82 -57.41 1.41
CA LEU H 26 41.52 -57.09 0.03
C LEU H 26 40.45 -56.05 -0.02
N THR H 27 40.59 -55.12 -0.96
CA THR H 27 39.59 -54.07 -1.22
C THR H 27 38.45 -54.58 -2.10
N ALA H 28 37.46 -53.73 -2.34
CA ALA H 28 36.37 -54.10 -3.22
C ALA H 28 36.90 -54.29 -4.62
N VAL H 29 37.82 -53.42 -5.00
CA VAL H 29 38.39 -53.41 -6.33
C VAL H 29 39.15 -54.69 -6.56
N ASP H 30 39.98 -55.06 -5.57
CA ASP H 30 40.75 -56.29 -5.63
C ASP H 30 39.87 -57.47 -5.96
N LEU H 31 38.75 -57.58 -5.25
CA LEU H 31 37.83 -58.68 -5.45
C LEU H 31 37.16 -58.57 -6.80
N GLY H 32 36.79 -57.37 -7.20
CA GLY H 32 36.17 -57.16 -8.51
C GLY H 32 37.14 -57.50 -9.63
N VAL H 33 38.40 -57.15 -9.43
CA VAL H 33 39.44 -57.44 -10.40
C VAL H 33 39.70 -58.95 -10.55
N THR H 34 39.61 -59.70 -9.46
CA THR H 34 39.88 -61.13 -9.57
C THR H 34 38.71 -61.90 -10.19
N ALA H 35 37.48 -61.45 -9.92
CA ALA H 35 36.32 -62.02 -10.57
C ALA H 35 36.29 -61.69 -12.07
N LEU H 36 36.55 -60.44 -12.45
CA LEU H 36 36.45 -60.04 -13.85
C LEU H 36 37.51 -60.74 -14.68
N LYS H 37 38.72 -60.81 -14.14
CA LYS H 37 39.80 -61.52 -14.77
C LYS H 37 39.45 -62.98 -14.93
N GLY H 38 38.82 -63.54 -13.91
CA GLY H 38 38.40 -64.93 -13.94
C GLY H 38 37.38 -65.20 -15.03
N LEU H 39 36.54 -64.20 -15.31
CA LEU H 39 35.51 -64.25 -16.34
C LEU H 39 36.08 -64.21 -17.75
N LEU H 40 37.01 -63.28 -17.97
CA LEU H 40 37.67 -63.15 -19.26
C LEU H 40 38.56 -64.35 -19.51
N GLU H 41 39.22 -64.81 -18.46
CA GLU H 41 40.07 -65.99 -18.52
C GLU H 41 39.28 -67.23 -18.98
N ARG H 42 38.06 -67.38 -18.47
CA ARG H 42 37.22 -68.52 -18.77
C ARG H 42 36.54 -68.43 -20.13
N THR H 43 36.00 -67.24 -20.41
CA THR H 43 35.35 -66.96 -21.68
C THR H 43 36.38 -66.83 -22.80
N GLY H 44 37.56 -66.35 -22.46
CA GLY H 44 38.61 -66.23 -23.45
C GLY H 44 38.36 -65.10 -24.42
N ILE H 45 37.42 -64.21 -24.11
CA ILE H 45 37.11 -63.12 -25.02
C ILE H 45 38.09 -61.96 -24.86
N ALA H 46 38.35 -61.27 -25.97
CA ALA H 46 39.26 -60.15 -25.99
C ALA H 46 38.72 -59.00 -25.13
N ALA H 47 39.56 -58.49 -24.24
CA ALA H 47 39.14 -57.42 -23.33
C ALA H 47 38.50 -56.24 -24.07
N ASP H 48 38.89 -55.99 -25.31
CA ASP H 48 38.39 -54.84 -26.01
C ASP H 48 36.92 -55.01 -26.42
N GLN H 49 36.43 -56.24 -26.33
CA GLN H 49 35.03 -56.54 -26.64
C GLN H 49 34.08 -55.95 -25.63
N VAL H 50 34.59 -55.70 -24.43
CA VAL H 50 33.77 -55.26 -23.32
C VAL H 50 33.39 -53.79 -23.48
N GLU H 51 32.10 -53.51 -23.66
CA GLU H 51 31.70 -52.14 -23.96
C GLU H 51 31.26 -51.31 -22.75
N ASP H 52 31.16 -51.95 -21.59
CA ASP H 52 30.81 -51.26 -20.35
C ASP H 52 30.90 -52.25 -19.21
N VAL H 53 31.41 -51.81 -18.06
CA VAL H 53 31.46 -52.62 -16.83
C VAL H 53 30.54 -51.96 -15.81
N ILE H 54 29.37 -52.54 -15.61
CA ILE H 54 28.32 -51.97 -14.77
C ILE H 54 28.26 -52.67 -13.40
N LEU H 55 28.74 -52.00 -12.35
CA LEU H 55 28.85 -52.65 -11.04
C LEU H 55 27.95 -52.11 -9.94
N GLY H 56 27.18 -53.02 -9.34
CA GLY H 56 26.55 -52.73 -8.08
C GLY H 56 27.57 -52.68 -6.96
N HIS H 57 27.45 -51.64 -6.14
CA HIS H 57 28.41 -51.33 -5.09
C HIS H 57 27.70 -50.37 -4.16
N CYS H 58 27.48 -50.81 -2.91
CA CYS H 58 26.61 -50.10 -1.98
C CYS H 58 27.34 -49.20 -1.00
N TYR H 59 28.65 -49.41 -0.87
CA TYR H 59 29.40 -48.59 0.07
C TYR H 59 30.59 -47.90 -0.57
N PRO H 60 30.34 -47.17 -1.67
CA PRO H 60 31.41 -46.54 -2.43
C PRO H 60 32.06 -45.37 -1.70
N ASN H 61 33.33 -45.13 -2.00
CA ASN H 61 34.01 -43.96 -1.51
C ASN H 61 35.15 -43.64 -2.49
N SER H 62 35.89 -42.58 -2.23
CA SER H 62 36.83 -42.09 -3.22
C SER H 62 38.08 -42.98 -3.41
N GLU H 63 38.19 -44.08 -2.68
CA GLU H 63 39.21 -45.08 -2.99
C GLU H 63 38.97 -45.65 -4.39
N ALA H 64 37.71 -45.77 -4.75
CA ALA H 64 37.32 -46.29 -6.05
C ALA H 64 36.02 -45.62 -6.47
N PRO H 65 36.14 -44.47 -7.15
CA PRO H 65 35.03 -43.72 -7.73
C PRO H 65 34.60 -44.36 -9.03
N ALA H 66 33.29 -44.43 -9.31
CA ALA H 66 32.75 -45.11 -10.50
C ALA H 66 33.44 -46.44 -10.65
N ILE H 67 33.23 -47.31 -9.65
CA ILE H 67 34.09 -48.46 -9.42
C ILE H 67 34.20 -49.37 -10.63
N GLY H 68 33.18 -49.38 -11.48
CA GLY H 68 33.22 -50.22 -12.66
C GLY H 68 34.43 -49.85 -13.47
N ARG H 69 34.63 -48.56 -13.67
CA ARG H 69 35.79 -48.07 -14.39
C ARG H 69 37.13 -48.46 -13.76
N VAL H 70 37.24 -48.38 -12.44
CA VAL H 70 38.50 -48.68 -11.76
C VAL H 70 38.82 -50.17 -11.85
N VAL H 71 37.82 -51.01 -11.61
CA VAL H 71 37.96 -52.46 -11.76
C VAL H 71 38.36 -52.90 -13.19
N ALA H 72 37.73 -52.32 -14.21
CA ALA H 72 38.16 -52.52 -15.59
C ALA H 72 39.67 -52.25 -15.77
N LEU H 73 40.12 -51.05 -15.45
CA LEU H 73 41.51 -50.69 -15.63
C LEU H 73 42.46 -51.51 -14.77
N ASP H 74 42.15 -51.65 -13.48
CA ASP H 74 42.99 -52.44 -12.59
C ASP H 74 43.02 -53.94 -12.97
N ALA H 75 42.03 -54.40 -13.71
CA ALA H 75 42.05 -55.77 -14.23
C ALA H 75 42.87 -55.85 -15.50
N GLY H 76 43.53 -54.75 -15.85
CA GLY H 76 44.35 -54.71 -17.06
C GLY H 76 43.61 -54.52 -18.37
N LEU H 77 42.32 -54.19 -18.34
CA LEU H 77 41.59 -53.91 -19.56
C LEU H 77 42.06 -52.59 -20.21
N PRO H 78 41.85 -52.47 -21.54
CA PRO H 78 42.19 -51.24 -22.27
C PRO H 78 41.55 -49.97 -21.72
N ILE H 79 42.20 -48.82 -21.88
CA ILE H 79 41.66 -47.53 -21.44
C ILE H 79 40.36 -47.15 -22.13
N THR H 80 39.99 -47.91 -23.14
CA THR H 80 38.85 -47.57 -23.96
C THR H 80 37.55 -48.14 -23.40
N VAL H 81 37.63 -48.86 -22.29
CA VAL H 81 36.46 -49.51 -21.71
C VAL H 81 35.86 -48.65 -20.61
N PRO H 82 34.59 -48.22 -20.78
CA PRO H 82 33.81 -47.43 -19.80
C PRO H 82 33.39 -48.22 -18.55
N GLY H 83 32.95 -47.50 -17.53
CA GLY H 83 32.59 -48.12 -16.26
C GLY H 83 31.87 -47.18 -15.30
N MET H 84 30.97 -47.76 -14.52
CA MET H 84 30.19 -46.98 -13.57
C MET H 84 29.75 -47.81 -12.37
N GLN H 85 29.20 -47.11 -11.39
CA GLN H 85 28.76 -47.70 -10.15
C GLN H 85 27.26 -47.45 -9.99
N VAL H 86 26.51 -48.48 -9.58
CA VAL H 86 25.10 -48.27 -9.29
C VAL H 86 24.76 -48.74 -7.87
N ASP H 87 23.84 -48.00 -7.23
CA ASP H 87 23.35 -48.39 -5.91
C ASP H 87 21.83 -48.33 -5.76
N ARG H 88 21.24 -49.50 -5.75
CA ARG H 88 19.86 -49.67 -5.31
C ARG H 88 19.89 -50.63 -4.13
N ARG H 89 20.84 -50.38 -3.21
CA ARG H 89 21.09 -51.21 -2.03
C ARG H 89 21.22 -52.68 -2.34
N CYS H 90 20.59 -53.52 -1.53
CA CYS H 90 20.69 -54.97 -1.65
C CYS H 90 20.43 -55.52 -3.06
N GLY H 91 19.72 -54.76 -3.89
CA GLY H 91 19.48 -55.16 -5.27
C GLY H 91 20.44 -54.59 -6.28
N SER H 92 21.60 -54.14 -5.82
CA SER H 92 22.57 -53.48 -6.69
C SER H 92 23.03 -54.36 -7.84
N GLY H 93 23.26 -55.64 -7.56
CA GLY H 93 23.80 -56.59 -8.53
C GLY H 93 22.86 -56.94 -9.66
N LEU H 94 21.57 -57.00 -9.34
CA LEU H 94 20.50 -57.29 -10.29
C LEU H 94 20.16 -56.07 -11.11
N GLN H 95 20.27 -54.89 -10.51
CA GLN H 95 20.07 -53.64 -11.22
C GLN H 95 21.16 -53.44 -12.28
N ALA H 96 22.37 -53.85 -11.94
CA ALA H 96 23.51 -53.81 -12.88
C ALA H 96 23.29 -54.72 -14.06
N VAL H 97 22.81 -55.93 -13.79
CA VAL H 97 22.42 -56.87 -14.84
C VAL H 97 21.26 -56.32 -15.68
N ILE H 98 20.26 -55.75 -15.02
CA ILE H 98 19.08 -55.23 -15.72
C ILE H 98 19.44 -54.07 -16.62
N GLN H 99 20.21 -53.14 -16.09
CA GLN H 99 20.71 -52.05 -16.91
C GLN H 99 21.51 -52.57 -18.09
N ALA H 100 22.33 -53.59 -17.84
CA ALA H 100 23.13 -54.19 -18.90
C ALA H 100 22.24 -54.78 -19.97
N CYS H 101 21.18 -55.46 -19.56
CA CYS H 101 20.29 -56.10 -20.52
C CYS H 101 19.55 -55.03 -21.30
N LEU H 102 19.25 -53.92 -20.67
CA LEU H 102 18.54 -52.85 -21.38
C LEU H 102 19.37 -52.23 -22.45
N GLN H 103 20.68 -52.11 -22.23
CA GLN H 103 21.50 -51.41 -23.20
C GLN H 103 22.18 -52.35 -24.19
N VAL H 104 21.97 -53.66 -24.01
CA VAL H 104 22.26 -54.67 -25.02
C VAL H 104 21.04 -54.92 -25.92
N ARG H 105 19.86 -55.08 -25.33
CA ARG H 105 18.64 -55.23 -26.10
C ARG H 105 18.29 -53.98 -26.90
N SER H 106 18.65 -52.82 -26.39
CA SER H 106 18.34 -51.58 -27.10
C SER H 106 19.04 -51.52 -28.46
N GLY H 107 20.20 -52.16 -28.55
CA GLY H 107 21.01 -52.08 -29.75
C GLY H 107 22.31 -51.34 -29.48
N ASP H 108 22.37 -50.61 -28.37
CA ASP H 108 23.49 -49.73 -28.11
C ASP H 108 24.79 -50.49 -27.94
N HIS H 109 24.70 -51.67 -27.33
CA HIS H 109 25.89 -52.44 -26.98
C HIS H 109 25.65 -53.86 -27.37
N ASP H 110 26.71 -54.57 -27.79
CA ASP H 110 26.60 -55.99 -28.08
C ASP H 110 27.12 -56.86 -26.97
N LEU H 111 28.00 -56.29 -26.14
CA LEU H 111 28.55 -57.04 -25.03
C LEU H 111 28.99 -56.11 -23.92
N VAL H 112 28.44 -56.33 -22.73
CA VAL H 112 28.85 -55.57 -21.55
C VAL H 112 29.00 -56.51 -20.36
N VAL H 113 29.74 -56.07 -19.34
CA VAL H 113 29.90 -56.81 -18.10
C VAL H 113 29.09 -56.21 -16.95
N ALA H 114 28.27 -57.05 -16.34
CA ALA H 114 27.46 -56.64 -15.22
C ALA H 114 27.89 -57.42 -14.03
N GLY H 115 27.97 -56.78 -12.87
CA GLY H 115 28.36 -57.51 -11.70
C GLY H 115 28.27 -56.68 -10.45
N GLY H 116 28.98 -57.12 -9.42
CA GLY H 116 29.09 -56.32 -8.22
C GLY H 116 30.34 -56.65 -7.44
N ALA H 117 30.70 -55.75 -6.52
CA ALA H 117 31.80 -56.00 -5.60
C ALA H 117 31.46 -55.34 -4.25
N GLU H 118 31.86 -55.99 -3.16
CA GLU H 118 31.68 -55.39 -1.84
C GLU H 118 32.62 -55.95 -0.80
N SER H 119 33.49 -55.08 -0.29
CA SER H 119 34.30 -55.41 0.87
C SER H 119 33.69 -54.75 2.09
N MET H 120 32.80 -55.47 2.78
CA MET H 120 32.14 -54.88 3.94
C MET H 120 33.13 -54.82 5.10
N SER H 121 34.21 -55.58 5.00
CA SER H 121 35.29 -55.53 6.01
C SER H 121 35.95 -54.19 5.96
N ASN H 122 35.84 -53.51 4.83
CA ASN H 122 36.59 -52.29 4.65
C ASN H 122 35.72 -51.11 4.27
N VAL H 123 34.43 -51.21 4.58
CA VAL H 123 33.54 -50.07 4.42
C VAL H 123 34.08 -49.01 5.35
N ALA H 124 33.96 -47.74 4.94
CA ALA H 124 34.64 -46.65 5.60
C ALA H 124 33.88 -46.14 6.80
N PHE H 125 34.59 -45.50 7.74
CA PHE H 125 33.96 -44.59 8.70
C PHE H 125 34.05 -43.22 8.09
N TYR H 126 33.14 -42.34 8.48
CA TYR H 126 33.08 -41.04 7.82
C TYR H 126 32.45 -39.99 8.73
N SER H 127 32.65 -38.73 8.38
CA SER H 127 32.04 -37.63 9.11
C SER H 127 31.74 -36.45 8.21
N THR H 128 30.68 -35.73 8.55
CA THR H 128 30.25 -34.58 7.77
C THR H 128 30.37 -33.31 8.60
N ASP H 129 31.10 -33.41 9.72
CA ASP H 129 31.27 -32.30 10.66
C ASP H 129 32.65 -31.69 10.63
N MET H 130 33.56 -32.34 9.91
CA MET H 130 34.98 -31.98 9.98
C MET H 130 35.39 -30.90 8.99
N ARG H 131 34.46 -30.53 8.11
CA ARG H 131 34.79 -29.62 7.02
C ARG H 131 34.68 -28.18 7.46
N TRP H 132 33.53 -27.84 8.03
CA TRP H 132 33.24 -26.45 8.35
C TRP H 132 33.38 -26.12 9.83
N GLY H 133 33.47 -27.14 10.67
CA GLY H 133 33.67 -26.90 12.09
C GLY H 133 32.79 -27.78 12.93
N GLY H 134 33.33 -28.28 14.04
CA GLY H 134 32.55 -29.04 14.98
C GLY H 134 32.41 -28.33 16.31
N ALA H 135 32.91 -27.09 16.39
CA ALA H 135 32.86 -26.31 17.62
C ALA H 135 31.46 -26.18 18.17
N ARG H 136 30.53 -25.74 17.32
CA ARG H 136 29.16 -25.46 17.74
C ARG H 136 28.33 -26.72 17.91
N THR H 137 28.50 -27.66 16.98
CA THR H 137 27.62 -28.83 16.89
C THR H 137 28.24 -30.12 17.42
N GLY H 138 29.56 -30.15 17.57
CA GLY H 138 30.23 -31.40 17.88
C GLY H 138 30.53 -32.20 16.62
N VAL H 139 31.39 -33.21 16.76
CA VAL H 139 31.83 -34.02 15.64
C VAL H 139 31.37 -35.46 15.82
N GLN H 140 30.68 -35.99 14.82
CA GLN H 140 30.27 -37.38 14.83
C GLN H 140 30.94 -38.18 13.72
N ILE H 141 31.41 -39.38 14.03
CA ILE H 141 31.91 -40.29 13.00
C ILE H 141 30.97 -41.45 12.86
N HIS H 142 30.56 -41.75 11.63
CA HIS H 142 29.65 -42.88 11.42
C HIS H 142 30.29 -44.11 10.78
N ASP H 143 29.87 -45.28 11.25
CA ASP H 143 30.13 -46.55 10.59
C ASP H 143 29.30 -46.57 9.33
N GLY H 144 29.91 -46.79 8.16
CA GLY H 144 29.16 -46.83 6.92
C GLY H 144 28.04 -47.86 6.96
N LEU H 145 28.32 -49.00 7.59
CA LEU H 145 27.36 -50.09 7.73
C LEU H 145 26.22 -49.77 8.71
N ALA H 146 26.58 -49.46 9.94
CA ALA H 146 25.60 -49.23 11.00
C ALA H 146 24.73 -48.02 10.70
N ARG H 147 25.33 -46.99 10.15
CA ARG H 147 24.61 -45.76 9.88
C ARG H 147 23.68 -45.89 8.67
N GLY H 148 24.09 -46.69 7.71
CA GLY H 148 23.34 -46.86 6.49
C GLY H 148 22.00 -47.50 6.71
N ARG H 149 21.90 -48.42 7.67
CA ARG H 149 20.65 -49.14 7.84
C ARG H 149 19.59 -48.33 8.58
N THR H 150 19.96 -47.19 9.15
CA THR H 150 18.97 -46.34 9.82
C THR H 150 18.49 -45.22 8.90
N THR H 151 19.36 -44.78 8.00
CA THR H 151 19.04 -43.63 7.17
C THR H 151 18.40 -43.94 5.83
N ALA H 152 18.21 -45.22 5.53
CA ALA H 152 17.82 -45.58 4.18
C ALA H 152 16.40 -45.14 3.85
N GLY H 153 15.51 -45.12 4.86
CA GLY H 153 14.16 -44.61 4.67
C GLY H 153 14.03 -43.10 4.77
N GLY H 154 15.15 -42.43 5.02
CA GLY H 154 15.15 -40.98 5.09
C GLY H 154 14.69 -40.37 6.40
N LYS H 155 14.49 -39.05 6.40
CA LYS H 155 14.22 -38.31 7.62
C LYS H 155 12.81 -38.50 8.20
N PHE H 156 11.92 -39.17 7.47
CA PHE H 156 10.57 -39.36 8.01
C PHE H 156 10.25 -40.80 8.37
N HIS H 157 11.15 -41.69 7.99
CA HIS H 157 11.01 -43.11 8.29
C HIS H 157 12.33 -43.70 8.78
N PRO H 158 12.83 -43.21 9.93
CA PRO H 158 14.04 -43.82 10.50
C PRO H 158 13.78 -45.21 11.10
N VAL H 159 14.80 -46.06 11.08
CA VAL H 159 14.75 -47.33 11.80
C VAL H 159 16.04 -47.41 12.62
N PRO H 160 15.95 -47.12 13.93
CA PRO H 160 17.15 -47.04 14.78
C PRO H 160 17.80 -48.40 15.01
N GLY H 161 17.01 -49.46 14.85
CA GLY H 161 17.49 -50.81 14.99
C GLY H 161 17.91 -51.37 13.65
N GLY H 162 17.74 -50.56 12.61
CA GLY H 162 18.20 -50.89 11.28
C GLY H 162 17.50 -52.08 10.68
N MET H 163 18.23 -52.84 9.86
CA MET H 163 17.67 -53.97 9.16
C MET H 163 17.03 -54.98 10.08
N LEU H 164 17.66 -55.20 11.23
CA LEU H 164 17.14 -56.17 12.18
C LEU H 164 15.85 -55.71 12.86
N GLU H 165 15.68 -54.42 13.02
CA GLU H 165 14.41 -53.95 13.53
C GLU H 165 13.28 -54.26 12.55
N THR H 166 13.54 -54.13 11.24
CA THR H 166 12.52 -54.46 10.25
C THR H 166 12.26 -55.96 10.17
N ALA H 167 13.26 -56.77 10.47
CA ALA H 167 13.07 -58.22 10.44
C ALA H 167 12.21 -58.66 11.63
N GLU H 168 12.43 -58.05 12.80
CA GLU H 168 11.60 -58.36 13.94
C GLU H 168 10.19 -57.83 13.71
N ASN H 169 10.06 -56.74 12.96
CA ASN H 169 8.73 -56.24 12.59
C ASN H 169 7.94 -57.30 11.83
N LEU H 170 8.62 -58.01 10.93
CA LEU H 170 7.95 -59.02 10.11
C LEU H 170 7.74 -60.32 10.88
N ARG H 171 8.65 -60.60 11.81
CA ARG H 171 8.47 -61.68 12.78
C ARG H 171 7.18 -61.43 13.55
N ARG H 172 6.97 -60.18 13.92
CA ARG H 172 5.85 -59.77 14.77
C ARG H 172 4.53 -59.70 14.05
N GLU H 173 4.50 -59.16 12.83
CA GLU H 173 3.23 -59.15 12.10
C GLU H 173 2.82 -60.56 11.67
N TYR H 174 3.78 -61.36 11.23
CA TYR H 174 3.47 -62.69 10.70
C TYR H 174 3.54 -63.82 11.72
N HIS H 175 3.86 -63.48 12.96
CA HIS H 175 3.91 -64.48 14.02
C HIS H 175 4.81 -65.65 13.62
N ILE H 176 6.07 -65.35 13.33
CA ILE H 176 6.99 -66.39 12.88
C ILE H 176 7.82 -66.86 14.06
N SER H 177 7.88 -68.15 14.29
CA SER H 177 8.53 -68.69 15.48
C SER H 177 10.05 -68.61 15.38
N ARG H 178 10.71 -68.46 16.52
CA ARG H 178 12.17 -68.51 16.57
C ARG H 178 12.71 -69.83 16.02
N THR H 179 12.03 -70.92 16.35
CA THR H 179 12.44 -72.24 15.89
C THR H 179 12.28 -72.40 14.38
N GLU H 180 11.28 -71.72 13.82
CA GLU H 180 11.05 -71.79 12.37
C GLU H 180 12.14 -71.07 11.62
N GLN H 181 12.58 -69.97 12.19
CA GLN H 181 13.66 -69.19 11.65
C GLN H 181 14.99 -69.94 11.74
N ASP H 182 15.22 -70.61 12.86
CA ASP H 182 16.43 -71.38 13.06
C ASP H 182 16.39 -72.67 12.24
N GLU H 183 15.19 -73.12 11.91
CA GLU H 183 15.02 -74.22 10.97
C GLU H 183 15.41 -73.80 9.56
N LEU H 184 14.89 -72.66 9.11
CA LEU H 184 15.23 -72.16 7.78
C LEU H 184 16.73 -71.89 7.70
N ALA H 185 17.31 -71.44 8.81
CA ALA H 185 18.74 -71.24 8.86
C ALA H 185 19.49 -72.55 8.64
N VAL H 186 19.07 -73.62 9.34
CA VAL H 186 19.78 -74.90 9.28
C VAL H 186 19.80 -75.44 7.86
N ARG H 187 18.63 -75.44 7.24
CA ARG H 187 18.48 -75.89 5.87
C ARG H 187 19.34 -75.08 4.90
N SER H 188 19.45 -73.78 5.13
CA SER H 188 20.27 -72.97 4.25
C SER H 188 21.75 -73.38 4.27
N HIS H 189 22.26 -73.72 5.46
CA HIS H 189 23.64 -74.21 5.58
C HIS H 189 23.82 -75.58 4.96
N GLN H 190 22.80 -76.41 5.07
CA GLN H 190 22.87 -77.76 4.53
C GLN H 190 23.00 -77.74 3.02
N ARG H 191 22.24 -76.85 2.40
CA ARG H 191 22.25 -76.71 0.95
C ARG H 191 23.58 -76.17 0.44
N ALA H 192 24.16 -75.21 1.16
CA ALA H 192 25.46 -74.65 0.84
C ALA H 192 26.59 -75.67 0.97
N VAL H 193 26.66 -76.34 2.10
CA VAL H 193 27.72 -77.30 2.35
C VAL H 193 27.60 -78.46 1.37
N ALA H 194 26.40 -79.03 1.25
CA ALA H 194 26.18 -80.14 0.33
C ALA H 194 26.55 -79.75 -1.09
N ALA H 195 26.27 -78.50 -1.44
CA ALA H 195 26.61 -77.97 -2.76
C ALA H 195 28.11 -77.85 -2.93
N GLN H 196 28.83 -77.58 -1.84
CA GLN H 196 30.27 -77.51 -1.88
C GLN H 196 30.82 -78.88 -2.16
N SER H 197 30.29 -79.87 -1.45
CA SER H 197 30.80 -81.23 -1.56
C SER H 197 30.51 -81.85 -2.91
N GLU H 198 29.38 -81.50 -3.51
CA GLU H 198 29.06 -81.96 -4.86
C GLU H 198 29.87 -81.23 -5.92
N GLY H 199 30.62 -80.22 -5.50
CA GLY H 199 31.50 -79.51 -6.40
C GLY H 199 30.83 -78.58 -7.38
N VAL H 200 29.53 -78.35 -7.21
CA VAL H 200 28.81 -77.48 -8.13
C VAL H 200 29.18 -76.02 -7.89
N LEU H 201 29.88 -75.74 -6.80
CA LEU H 201 30.27 -74.37 -6.46
C LEU H 201 31.50 -73.93 -7.21
N ALA H 202 32.32 -74.89 -7.58
CA ALA H 202 33.49 -74.64 -8.38
C ALA H 202 33.13 -74.11 -9.76
N GLU H 203 31.94 -74.46 -10.26
CA GLU H 203 31.50 -73.91 -11.52
C GLU H 203 31.21 -72.41 -11.40
N GLU H 204 30.79 -71.98 -10.21
CA GLU H 204 30.50 -70.56 -9.95
C GLU H 204 31.72 -69.73 -9.58
N ILE H 205 32.70 -70.35 -8.96
CA ILE H 205 33.70 -69.64 -8.17
C ILE H 205 35.02 -69.38 -8.90
N ILE H 206 35.50 -68.14 -8.77
CA ILE H 206 36.82 -67.76 -9.22
C ILE H 206 37.76 -67.74 -8.03
N PRO H 207 38.76 -68.63 -8.03
CA PRO H 207 39.77 -68.72 -6.96
C PRO H 207 40.39 -67.37 -6.66
N VAL H 208 40.68 -67.10 -5.40
CA VAL H 208 41.24 -65.82 -5.04
C VAL H 208 42.54 -66.02 -4.32
N PRO H 209 43.63 -65.46 -4.86
CA PRO H 209 44.93 -65.47 -4.19
C PRO H 209 45.00 -64.36 -3.16
N VAL H 210 45.47 -64.68 -1.97
CA VAL H 210 45.65 -63.67 -0.93
C VAL H 210 47.00 -63.83 -0.25
N ARG H 211 47.76 -62.75 -0.18
CA ARG H 211 49.03 -62.76 0.54
C ARG H 211 48.81 -63.05 2.02
N GLU H 217 48.44 -67.72 -0.53
CA GLU H 217 47.71 -68.95 -0.88
C GLU H 217 46.36 -68.69 -1.57
N THR H 218 45.91 -69.68 -2.35
CA THR H 218 44.70 -69.56 -3.14
C THR H 218 43.49 -70.11 -2.39
N ILE H 219 42.40 -69.33 -2.40
CA ILE H 219 41.17 -69.71 -1.73
C ILE H 219 40.03 -69.82 -2.74
N SER H 220 39.27 -70.90 -2.64
CA SER H 220 38.18 -71.18 -3.57
C SER H 220 36.91 -71.62 -2.84
N VAL H 221 36.94 -71.65 -1.52
CA VAL H 221 35.80 -72.12 -0.76
C VAL H 221 35.20 -71.03 0.14
N ASP H 222 33.87 -70.96 0.12
CA ASP H 222 33.13 -70.02 0.94
C ASP H 222 33.48 -70.16 2.43
N GLU H 223 33.39 -69.07 3.16
CA GLU H 223 33.84 -69.06 4.55
C GLU H 223 32.70 -69.29 5.53
N HIS H 224 31.52 -68.79 5.19
CA HIS H 224 30.43 -68.83 6.15
C HIS H 224 29.71 -70.17 6.32
N PRO H 225 29.66 -71.03 5.28
CA PRO H 225 28.87 -72.22 5.62
C PRO H 225 29.54 -73.15 6.64
N ARG H 226 28.74 -73.81 7.46
CA ARG H 226 29.19 -74.79 8.45
C ARG H 226 28.32 -76.01 8.38
N ALA H 227 28.93 -77.19 8.37
CA ALA H 227 28.16 -78.42 8.32
C ALA H 227 27.52 -78.72 9.68
N ASP H 228 28.21 -78.29 10.74
CA ASP H 228 27.85 -78.66 12.10
C ASP H 228 26.60 -77.93 12.64
N THR H 229 26.18 -76.87 11.94
CA THR H 229 25.02 -76.07 12.35
C THR H 229 23.74 -76.88 12.59
N THR H 230 23.13 -76.72 13.77
CA THR H 230 21.89 -77.42 14.10
C THR H 230 20.85 -76.48 14.70
N VAL H 231 19.60 -76.96 14.79
CA VAL H 231 18.56 -76.21 15.46
C VAL H 231 18.90 -76.01 16.94
N GLU H 232 19.51 -77.03 17.52
CA GLU H 232 19.76 -77.06 18.94
C GLU H 232 20.86 -76.08 19.35
N ALA H 233 21.88 -75.96 18.51
CA ALA H 233 22.97 -75.04 18.76
C ALA H 233 22.52 -73.60 18.49
N LEU H 234 21.63 -73.45 17.51
CA LEU H 234 21.10 -72.13 17.16
C LEU H 234 20.19 -71.59 18.25
N ALA H 235 19.51 -72.50 18.95
CA ALA H 235 18.61 -72.12 20.03
C ALA H 235 19.32 -71.38 21.15
N LYS H 236 20.64 -71.51 21.24
CA LYS H 236 21.40 -70.90 22.32
C LYS H 236 21.66 -69.41 22.08
N LEU H 237 21.70 -69.01 20.82
CA LEU H 237 22.12 -67.65 20.46
C LEU H 237 21.14 -66.59 20.97
N LYS H 238 21.69 -65.39 21.21
CA LYS H 238 20.90 -64.30 21.76
C LYS H 238 20.35 -63.41 20.63
N PRO H 239 19.04 -63.13 20.68
CA PRO H 239 18.46 -62.17 19.75
C PRO H 239 19.09 -60.80 19.93
N VAL H 240 19.65 -60.25 18.86
CA VAL H 240 20.41 -58.98 18.87
C VAL H 240 19.68 -57.79 19.51
N LEU H 241 18.35 -57.79 19.43
CA LEU H 241 17.57 -56.68 19.95
C LEU H 241 16.71 -57.13 21.12
N LEU H 242 17.15 -58.16 21.82
CA LEU H 242 16.37 -58.75 22.92
C LEU H 242 16.06 -57.73 24.01
N LYS H 243 17.08 -56.99 24.44
CA LYS H 243 16.91 -56.01 25.51
C LYS H 243 15.71 -55.10 25.26
N GLN H 244 15.48 -54.74 24.02
CA GLN H 244 14.39 -53.82 23.69
C GLN H 244 13.10 -54.53 23.36
N ASP H 245 13.19 -55.83 23.09
CA ASP H 245 12.01 -56.63 22.79
C ASP H 245 12.18 -57.99 23.43
N PRO H 246 11.46 -58.22 24.54
CA PRO H 246 11.52 -59.49 25.27
C PRO H 246 11.20 -60.66 24.36
N GLU H 247 10.57 -60.37 23.23
CA GLU H 247 10.18 -61.40 22.27
C GLU H 247 11.06 -61.42 21.03
N ALA H 248 12.19 -60.72 21.06
CA ALA H 248 13.11 -60.69 19.93
C ALA H 248 13.56 -62.09 19.56
N THR H 249 13.68 -62.37 18.27
CA THR H 249 14.06 -63.71 17.81
C THR H 249 15.26 -63.71 16.85
N VAL H 250 15.56 -62.56 16.26
CA VAL H 250 16.58 -62.54 15.21
C VAL H 250 18.01 -62.55 15.77
N THR H 251 18.76 -63.61 15.45
CA THR H 251 20.12 -63.81 15.96
C THR H 251 21.14 -63.69 14.83
N ALA H 252 22.43 -63.75 15.17
CA ALA H 252 23.48 -63.79 14.17
C ALA H 252 23.38 -65.06 13.34
N GLY H 253 22.84 -66.10 13.95
CA GLY H 253 22.66 -67.38 13.28
C GLY H 253 21.49 -67.49 12.31
N ASN H 254 20.41 -66.74 12.55
CA ASN H 254 19.30 -66.72 11.59
C ASN H 254 19.32 -65.43 10.75
N SER H 255 20.45 -64.74 10.75
CA SER H 255 20.65 -63.52 9.99
C SER H 255 21.65 -63.76 8.90
N SER H 256 21.54 -62.96 7.83
CA SER H 256 22.59 -62.91 6.82
C SER H 256 23.81 -62.26 7.42
N GLY H 257 24.99 -62.72 7.06
CA GLY H 257 26.18 -62.10 7.58
C GLY H 257 26.56 -60.88 6.79
N GLN H 258 27.53 -60.12 7.28
CA GLN H 258 28.22 -59.08 6.52
C GLN H 258 29.47 -59.70 5.90
N ASN H 259 29.68 -59.48 4.61
CA ASN H 259 30.64 -60.30 3.88
C ASN H 259 31.36 -59.58 2.75
N ASP H 260 32.32 -60.30 2.15
CA ASP H 260 33.19 -59.78 1.10
C ASP H 260 33.17 -60.73 -0.11
N ALA H 261 32.85 -60.21 -1.29
CA ALA H 261 32.93 -60.98 -2.54
C ALA H 261 32.79 -60.06 -3.74
N ALA H 262 33.00 -60.62 -4.92
CA ALA H 262 32.63 -59.94 -6.14
C ALA H 262 31.84 -60.90 -7.03
N SER H 263 31.06 -60.32 -7.94
CA SER H 263 30.29 -61.07 -8.94
C SER H 263 30.47 -60.46 -10.33
N MET H 264 30.60 -61.31 -11.37
CA MET H 264 30.69 -60.81 -12.76
C MET H 264 29.95 -61.77 -13.72
N CYS H 265 29.37 -61.20 -14.78
CA CYS H 265 28.83 -62.01 -15.87
C CYS H 265 28.85 -61.23 -17.14
N ILE H 266 28.91 -61.93 -18.28
CA ILE H 266 28.78 -61.29 -19.57
C ILE H 266 27.30 -61.16 -19.88
N VAL H 267 26.90 -59.99 -20.35
CA VAL H 267 25.59 -59.81 -20.93
C VAL H 267 25.87 -59.53 -22.39
N THR H 268 25.24 -60.28 -23.29
CA THR H 268 25.47 -60.09 -24.70
C THR H 268 24.25 -60.57 -25.51
N THR H 269 24.39 -60.66 -26.82
CA THR H 269 23.34 -61.19 -27.70
C THR H 269 23.58 -62.66 -28.08
N PRO H 270 22.52 -63.33 -28.54
CA PRO H 270 22.65 -64.69 -29.08
C PRO H 270 23.61 -64.79 -30.25
N GLU H 271 23.46 -63.92 -31.23
CA GLU H 271 24.36 -63.93 -32.37
C GLU H 271 25.81 -63.66 -31.94
N LYS H 272 26.01 -62.78 -30.96
CA LYS H 272 27.37 -62.45 -30.54
C LYS H 272 28.00 -63.51 -29.64
N ALA H 273 27.20 -64.12 -28.76
CA ALA H 273 27.65 -65.24 -27.96
C ALA H 273 28.13 -66.35 -28.86
N ALA H 274 27.41 -66.58 -29.94
CA ALA H 274 27.75 -67.60 -30.91
C ALA H 274 29.14 -67.32 -31.48
N GLU H 275 29.30 -66.14 -32.07
CA GLU H 275 30.56 -65.71 -32.67
C GLU H 275 31.74 -65.91 -31.75
N LEU H 276 31.59 -65.55 -30.48
CA LEU H 276 32.70 -65.60 -29.54
C LEU H 276 32.81 -66.97 -28.86
N GLY H 277 31.94 -67.89 -29.27
CA GLY H 277 31.94 -69.23 -28.73
C GLY H 277 31.50 -69.33 -27.29
N LEU H 278 30.68 -68.39 -26.83
CA LEU H 278 30.17 -68.44 -25.46
C LEU H 278 28.93 -69.32 -25.33
N LYS H 279 28.63 -69.70 -24.10
CA LYS H 279 27.50 -70.57 -23.79
C LYS H 279 26.40 -69.86 -23.04
N PRO H 280 25.48 -69.20 -23.77
CA PRO H 280 24.39 -68.47 -23.11
C PRO H 280 23.58 -69.39 -22.19
N LEU H 281 23.37 -68.96 -20.95
CA LEU H 281 22.71 -69.81 -19.98
C LEU H 281 21.24 -69.46 -19.81
N VAL H 282 20.94 -68.17 -19.79
CA VAL H 282 19.57 -67.70 -19.57
C VAL H 282 19.38 -66.40 -20.32
N ARG H 283 18.12 -65.99 -20.51
CA ARG H 283 17.81 -64.65 -21.01
C ARG H 283 16.81 -63.94 -20.11
N LEU H 284 16.90 -62.63 -20.02
CA LEU H 284 16.02 -61.92 -19.11
C LEU H 284 14.63 -61.85 -19.67
N VAL H 285 13.65 -62.44 -18.99
CA VAL H 285 12.27 -62.38 -19.46
C VAL H 285 11.63 -61.07 -19.05
N SER H 286 11.74 -60.78 -17.76
CA SER H 286 11.06 -59.65 -17.17
C SER H 286 11.73 -59.27 -15.87
N TRP H 287 11.39 -58.09 -15.36
CA TRP H 287 11.85 -57.68 -14.06
C TRP H 287 10.87 -56.72 -13.44
N GLY H 288 10.98 -56.55 -12.13
CA GLY H 288 10.12 -55.61 -11.45
C GLY H 288 10.80 -54.92 -10.28
N SER H 289 10.33 -53.72 -9.98
CA SER H 289 10.78 -52.97 -8.83
C SER H 289 9.57 -52.44 -8.10
N ALA H 290 9.62 -52.49 -6.77
CA ALA H 290 8.50 -51.98 -6.01
C ALA H 290 8.98 -51.28 -4.77
N GLY H 291 8.17 -50.33 -4.28
CA GLY H 291 8.45 -49.63 -3.06
C GLY H 291 7.49 -50.08 -1.98
N VAL H 292 8.02 -50.27 -0.77
CA VAL H 292 7.22 -50.64 0.40
C VAL H 292 7.62 -49.78 1.59
N ALA H 293 6.97 -49.94 2.73
CA ALA H 293 7.35 -49.15 3.89
C ALA H 293 8.78 -49.47 4.33
N PRO H 294 9.52 -48.43 4.69
CA PRO H 294 10.91 -48.64 5.08
C PRO H 294 11.09 -49.48 6.35
N ASP H 295 10.08 -49.57 7.21
CA ASP H 295 10.17 -50.40 8.40
C ASP H 295 9.62 -51.80 8.16
N LEU H 296 9.11 -52.04 6.96
CA LEU H 296 8.63 -53.36 6.55
C LEU H 296 9.28 -53.81 5.28
N MET H 297 10.46 -53.27 4.99
CA MET H 297 11.23 -53.57 3.76
C MET H 297 11.26 -55.03 3.29
N GLY H 298 11.12 -55.98 4.21
CA GLY H 298 11.63 -57.31 3.96
C GLY H 298 10.68 -58.05 3.07
N ILE H 299 9.55 -57.38 2.88
CA ILE H 299 8.43 -57.88 2.14
C ILE H 299 8.45 -57.31 0.71
N GLY H 300 9.49 -56.53 0.40
CA GLY H 300 9.64 -55.95 -0.93
C GLY H 300 9.60 -56.89 -2.13
N PRO H 301 10.03 -58.15 -1.95
CA PRO H 301 9.95 -59.02 -3.12
C PRO H 301 8.54 -59.43 -3.49
N VAL H 302 7.57 -59.26 -2.60
CA VAL H 302 6.21 -59.71 -2.91
C VAL H 302 5.61 -58.82 -4.01
N PRO H 303 5.58 -57.50 -3.79
CA PRO H 303 5.03 -56.69 -4.90
C PRO H 303 5.95 -56.61 -6.08
N ALA H 304 7.25 -56.76 -5.85
CA ALA H 304 8.21 -56.70 -6.94
C ALA H 304 8.12 -57.95 -7.80
N THR H 305 7.90 -59.10 -7.16
CA THR H 305 7.69 -60.33 -7.91
C THR H 305 6.39 -60.22 -8.71
N GLU H 306 5.38 -59.62 -8.08
CA GLU H 306 4.06 -59.56 -8.69
C GLU H 306 4.14 -58.77 -9.99
N VAL H 307 4.89 -57.68 -9.96
CA VAL H 307 5.13 -56.89 -11.16
C VAL H 307 5.87 -57.68 -12.22
N ALA H 308 6.97 -58.33 -11.85
CA ALA H 308 7.72 -59.12 -12.82
C ALA H 308 6.84 -60.19 -13.47
N LEU H 309 6.09 -60.94 -12.67
CA LEU H 309 5.33 -62.07 -13.19
C LEU H 309 4.22 -61.56 -14.08
N ALA H 310 3.72 -60.37 -13.77
CA ALA H 310 2.66 -59.79 -14.57
C ALA H 310 3.18 -59.50 -15.97
N LYS H 311 4.27 -58.76 -16.05
CA LYS H 311 4.93 -58.46 -17.33
C LYS H 311 5.24 -59.72 -18.15
N ALA H 312 5.68 -60.78 -17.49
CA ALA H 312 6.02 -62.01 -18.18
C ALA H 312 4.76 -62.75 -18.65
N GLY H 313 3.64 -62.44 -18.01
CA GLY H 313 2.43 -63.20 -18.25
C GLY H 313 2.54 -64.57 -17.61
N LEU H 314 3.24 -64.64 -16.46
CA LEU H 314 3.35 -65.88 -15.70
C LEU H 314 2.72 -65.80 -14.31
N THR H 315 2.72 -66.93 -13.63
CA THR H 315 2.44 -66.99 -12.21
C THR H 315 3.59 -67.67 -11.52
N LEU H 316 3.62 -67.56 -10.20
CA LEU H 316 4.69 -68.13 -9.41
C LEU H 316 4.75 -69.64 -9.58
N ALA H 317 3.61 -70.23 -9.89
CA ALA H 317 3.50 -71.67 -10.10
C ALA H 317 4.18 -72.10 -11.40
N ASP H 318 4.39 -71.15 -12.30
CA ASP H 318 5.16 -71.38 -13.52
C ASP H 318 6.66 -71.43 -13.27
N ILE H 319 7.10 -70.88 -12.14
CA ILE H 319 8.52 -70.79 -11.82
C ILE H 319 9.10 -72.10 -11.28
N ASP H 320 10.12 -72.61 -11.96
CA ASP H 320 10.73 -73.87 -11.56
C ASP H 320 11.79 -73.71 -10.49
N LEU H 321 12.41 -72.52 -10.43
CA LEU H 321 13.48 -72.25 -9.46
C LEU H 321 13.40 -70.82 -9.01
N ILE H 322 13.65 -70.60 -7.72
CA ILE H 322 13.55 -69.26 -7.17
C ILE H 322 14.86 -68.94 -6.46
N GLU H 323 15.31 -67.70 -6.57
CA GLU H 323 16.39 -67.25 -5.70
C GLU H 323 15.91 -66.04 -4.95
N LEU H 324 15.65 -66.27 -3.67
CA LEU H 324 15.15 -65.26 -2.77
C LEU H 324 16.24 -65.03 -1.77
N ASN H 325 16.76 -63.82 -1.68
CA ASN H 325 17.85 -63.65 -0.74
C ASN H 325 17.33 -63.63 0.68
N GLU H 326 17.95 -64.43 1.52
CA GLU H 326 17.49 -64.53 2.89
C GLU H 326 18.28 -63.58 3.74
N ALA H 327 17.93 -62.30 3.70
CA ALA H 327 18.55 -61.28 4.52
C ALA H 327 18.39 -61.64 6.01
N PHE H 328 17.20 -62.06 6.36
CA PHE H 328 16.91 -62.63 7.67
C PHE H 328 15.87 -63.72 7.47
N ALA H 329 15.84 -64.70 8.36
CA ALA H 329 14.91 -65.82 8.21
C ALA H 329 13.47 -65.36 8.37
N ALA H 330 13.23 -64.48 9.33
CA ALA H 330 11.88 -63.99 9.56
C ALA H 330 11.43 -63.15 8.39
N GLN H 331 12.40 -62.64 7.64
CA GLN H 331 12.11 -61.82 6.48
C GLN H 331 11.75 -62.72 5.32
N ALA H 332 12.60 -63.72 5.07
CA ALA H 332 12.36 -64.66 4.00
C ALA H 332 11.04 -65.36 4.22
N LEU H 333 10.77 -65.73 5.48
CA LEU H 333 9.62 -66.56 5.81
C LEU H 333 8.32 -65.81 5.67
N ALA H 334 8.37 -64.49 5.84
CA ALA H 334 7.18 -63.67 5.63
C ALA H 334 6.81 -63.63 4.14
N VAL H 335 7.83 -63.41 3.29
CA VAL H 335 7.62 -63.39 1.85
C VAL H 335 7.03 -64.71 1.39
N MET H 336 7.57 -65.81 1.91
CA MET H 336 7.13 -67.15 1.54
C MET H 336 5.70 -67.43 2.00
N ARG H 337 5.35 -66.85 3.15
CA ARG H 337 3.99 -66.88 3.68
C ARG H 337 2.99 -66.12 2.80
N GLU H 338 3.43 -65.01 2.22
CA GLU H 338 2.62 -64.26 1.26
C GLU H 338 2.50 -65.00 -0.06
N TRP H 339 3.43 -65.93 -0.27
CA TRP H 339 3.47 -66.76 -1.46
C TRP H 339 2.75 -68.08 -1.22
N LYS H 340 2.26 -68.25 0.01
CA LYS H 340 1.54 -69.46 0.40
C LYS H 340 2.36 -70.72 0.15
N PHE H 341 3.66 -70.64 0.44
CA PHE H 341 4.59 -71.71 0.10
C PHE H 341 4.30 -72.99 0.85
N GLY H 342 4.31 -74.09 0.11
CA GLY H 342 4.25 -75.40 0.72
C GLY H 342 5.66 -75.93 0.89
N GLU H 343 5.79 -77.19 1.26
CA GLU H 343 7.09 -77.75 1.55
C GLU H 343 7.88 -77.98 0.28
N ALA H 344 7.23 -78.46 -0.76
CA ALA H 344 7.92 -78.73 -2.02
C ALA H 344 8.35 -77.43 -2.70
N ASP H 345 7.88 -76.31 -2.16
CA ASP H 345 8.27 -74.99 -2.63
C ASP H 345 9.63 -74.66 -2.09
N HIS H 346 9.93 -75.22 -0.91
CA HIS H 346 11.24 -75.06 -0.31
C HIS H 346 12.27 -75.86 -1.07
N GLU H 347 11.81 -76.83 -1.86
CA GLU H 347 12.70 -77.63 -2.71
C GLU H 347 13.17 -76.89 -3.96
N ARG H 348 12.40 -75.92 -4.43
CA ARG H 348 12.74 -75.19 -5.65
C ARG H 348 13.21 -73.78 -5.34
N THR H 349 13.48 -73.53 -4.06
CA THR H 349 13.88 -72.21 -3.59
C THR H 349 15.22 -72.22 -2.90
N ASN H 350 16.16 -71.39 -3.35
CA ASN H 350 17.49 -71.30 -2.74
C ASN H 350 18.12 -72.68 -2.54
N VAL H 351 18.32 -73.39 -3.63
CA VAL H 351 18.75 -74.78 -3.56
C VAL H 351 20.24 -74.99 -3.24
N ARG H 352 21.07 -73.98 -3.44
CA ARG H 352 22.49 -74.11 -3.13
C ARG H 352 22.84 -73.30 -1.89
N GLY H 353 21.83 -72.89 -1.15
CA GLY H 353 22.03 -72.06 0.02
C GLY H 353 21.47 -70.67 -0.19
N SER H 354 21.90 -69.72 0.64
CA SER H 354 21.39 -68.36 0.59
C SER H 354 22.25 -67.34 1.36
N GLY H 355 21.69 -66.16 1.58
CA GLY H 355 22.37 -65.11 2.32
C GLY H 355 22.78 -65.53 3.71
N ILE H 356 21.91 -66.26 4.41
CA ILE H 356 22.22 -66.67 5.77
C ILE H 356 23.49 -67.51 5.83
N SER H 357 23.61 -68.51 4.96
CA SER H 357 24.73 -69.47 5.05
C SER H 357 25.92 -69.17 4.18
N LEU H 358 25.73 -68.45 3.08
CA LEU H 358 26.84 -68.13 2.21
C LEU H 358 27.36 -66.70 2.42
N GLY H 359 26.52 -65.86 3.01
CA GLY H 359 26.86 -64.48 3.24
C GLY H 359 26.11 -63.47 2.36
N HIS H 360 26.00 -62.25 2.87
CA HIS H 360 25.34 -61.20 2.11
C HIS H 360 26.29 -60.05 1.81
N PRO H 361 27.28 -60.28 0.94
CA PRO H 361 28.18 -59.21 0.51
C PRO H 361 27.45 -58.26 -0.44
N VAL H 362 26.71 -57.31 0.13
CA VAL H 362 25.55 -56.66 -0.47
C VAL H 362 25.58 -56.41 -1.99
N GLY H 363 26.53 -55.61 -2.50
CA GLY H 363 26.57 -55.32 -3.93
C GLY H 363 26.81 -56.52 -4.83
N ALA H 364 27.43 -57.54 -4.27
CA ALA H 364 27.83 -58.72 -4.98
C ALA H 364 26.78 -59.83 -4.94
N THR H 365 25.78 -59.69 -4.07
CA THR H 365 24.77 -60.71 -3.89
C THR H 365 23.93 -60.99 -5.13
N GLY H 366 23.52 -59.93 -5.82
CA GLY H 366 22.69 -60.05 -7.01
C GLY H 366 23.27 -60.98 -8.04
N GLY H 367 24.60 -61.03 -8.11
CA GLY H 367 25.28 -61.85 -9.09
C GLY H 367 25.60 -63.24 -8.58
N ARG H 368 25.61 -63.40 -7.25
CA ARG H 368 25.78 -64.70 -6.66
C ARG H 368 24.55 -65.52 -6.95
N MET H 369 23.41 -64.86 -6.89
CA MET H 369 22.13 -65.52 -7.05
C MET H 369 21.88 -65.85 -8.51
N LEU H 370 22.31 -64.96 -9.39
CA LEU H 370 22.16 -65.20 -10.81
C LEU H 370 23.03 -66.38 -11.21
N ALA H 371 24.22 -66.45 -10.63
CA ALA H 371 25.16 -67.51 -10.96
C ALA H 371 24.60 -68.86 -10.60
N THR H 372 23.97 -68.98 -9.45
CA THR H 372 23.31 -70.23 -9.07
C THR H 372 22.03 -70.44 -9.87
N LEU H 373 21.22 -69.39 -10.00
CA LEU H 373 19.96 -69.52 -10.72
C LEU H 373 20.21 -69.96 -12.15
N ALA H 374 21.14 -69.29 -12.83
CA ALA H 374 21.44 -69.59 -14.23
C ALA H 374 21.98 -71.00 -14.42
N ARG H 375 22.76 -71.46 -13.45
CA ARG H 375 23.47 -72.73 -13.57
C ARG H 375 22.67 -73.91 -13.06
N GLU H 376 21.73 -73.64 -12.17
CA GLU H 376 20.84 -74.69 -11.68
C GLU H 376 19.66 -74.89 -12.61
N LEU H 377 19.31 -73.85 -13.36
CA LEU H 377 18.29 -74.03 -14.39
C LEU H 377 18.81 -74.97 -15.47
N HIS H 378 20.05 -74.79 -15.89
CA HIS H 378 20.60 -75.63 -16.93
C HIS H 378 20.86 -77.05 -16.42
N ARG H 379 21.48 -77.16 -15.26
CA ARG H 379 21.71 -78.45 -14.64
C ARG H 379 20.40 -79.24 -14.48
N ARG H 380 19.29 -78.54 -14.23
CA ARG H 380 18.03 -79.21 -13.98
C ARG H 380 17.17 -79.36 -15.21
N GLU H 381 17.59 -78.76 -16.32
CA GLU H 381 16.76 -78.75 -17.53
C GLU H 381 15.39 -78.13 -17.22
N ALA H 382 15.40 -77.02 -16.47
CA ALA H 382 14.18 -76.30 -16.14
C ALA H 382 14.06 -75.04 -16.99
N ARG H 383 12.94 -74.33 -16.84
CA ARG H 383 12.63 -73.29 -17.80
C ARG H 383 12.62 -71.86 -17.24
N TYR H 384 12.00 -71.68 -16.08
CA TYR H 384 11.82 -70.34 -15.52
C TYR H 384 12.43 -70.26 -14.15
N GLY H 385 13.26 -69.24 -13.95
CA GLY H 385 13.84 -68.95 -12.66
C GLY H 385 13.42 -67.56 -12.22
N LEU H 386 13.15 -67.40 -10.94
CA LEU H 386 12.90 -66.07 -10.39
C LEU H 386 14.02 -65.67 -9.43
N GLU H 387 14.50 -64.44 -9.60
CA GLU H 387 15.48 -63.88 -8.68
C GLU H 387 14.94 -62.63 -8.01
N THR H 388 14.83 -62.62 -6.68
CA THR H 388 14.24 -61.47 -6.02
C THR H 388 14.81 -61.30 -4.62
N MET H 389 14.60 -60.10 -4.07
CA MET H 389 15.41 -59.59 -2.97
C MET H 389 14.75 -58.39 -2.37
N CYS H 390 14.67 -58.37 -1.03
CA CYS H 390 14.25 -57.18 -0.33
C CYS H 390 15.39 -56.17 -0.33
N ILE H 391 15.09 -54.92 -0.01
CA ILE H 391 16.05 -53.85 -0.21
C ILE H 391 15.98 -52.81 0.91
N GLY H 392 17.04 -52.70 1.69
CA GLY H 392 17.05 -51.80 2.82
C GLY H 392 16.60 -50.41 2.45
N GLY H 393 15.58 -49.92 3.15
CA GLY H 393 15.04 -48.62 2.86
C GLY H 393 13.66 -48.79 2.26
N GLY H 394 13.25 -50.03 2.06
CA GLY H 394 11.88 -50.30 1.65
C GLY H 394 11.70 -50.36 0.15
N GLN H 395 12.31 -51.36 -0.46
CA GLN H 395 12.15 -51.60 -1.88
C GLN H 395 12.19 -53.11 -2.11
N GLY H 396 11.86 -53.51 -3.32
CA GLY H 396 12.05 -54.89 -3.72
C GLY H 396 12.44 -54.87 -5.18
N LEU H 397 13.08 -55.94 -5.63
CA LEU H 397 13.45 -56.06 -7.03
C LEU H 397 13.29 -57.52 -7.37
N ALA H 398 12.93 -57.82 -8.60
CA ALA H 398 12.70 -59.21 -8.98
C ALA H 398 12.98 -59.32 -10.44
N ALA H 399 13.56 -60.44 -10.84
CA ALA H 399 13.86 -60.65 -12.25
C ALA H 399 13.50 -62.07 -12.60
N VAL H 400 12.75 -62.24 -13.69
CA VAL H 400 12.42 -63.55 -14.20
C VAL H 400 13.39 -63.87 -15.34
N PHE H 401 14.03 -65.04 -15.24
CA PHE H 401 14.94 -65.48 -16.29
C PHE H 401 14.43 -66.78 -16.94
N GLU H 402 14.85 -67.00 -18.18
CA GLU H 402 14.46 -68.22 -18.89
C GLU H 402 15.66 -68.89 -19.54
N ARG H 403 15.84 -70.17 -19.24
CA ARG H 403 16.94 -70.95 -19.78
C ARG H 403 16.97 -70.89 -21.31
N VAL H 404 18.17 -70.78 -21.87
CA VAL H 404 18.35 -70.87 -23.31
C VAL H 404 18.60 -72.33 -23.67
N GLN H 405 17.99 -72.81 -24.74
CA GLN H 405 18.22 -74.18 -25.17
C GLN H 405 18.58 -74.26 -26.65
N ARG I 4 8.39 58.07 3.30
CA ARG I 4 8.37 59.34 2.57
C ARG I 4 6.97 59.66 2.08
N ASP I 5 6.81 60.79 1.40
CA ASP I 5 5.50 61.23 0.96
C ASP I 5 5.24 61.02 -0.54
N ALA I 6 3.97 61.12 -0.91
CA ALA I 6 3.54 61.03 -2.29
C ALA I 6 2.72 62.26 -2.59
N VAL I 7 3.18 63.02 -3.59
CA VAL I 7 2.51 64.25 -3.96
C VAL I 7 2.02 64.20 -5.41
N ILE I 8 0.93 64.92 -5.65
CA ILE I 8 0.23 64.85 -6.90
C ILE I 8 0.59 66.09 -7.72
N CYS I 9 1.30 65.88 -8.83
CA CYS I 9 1.75 66.98 -9.65
C CYS I 9 0.95 67.08 -10.94
N GLU I 10 0.45 68.28 -11.22
CA GLU I 10 -0.23 68.57 -12.48
C GLU I 10 -1.33 67.57 -12.87
N PRO I 11 -2.38 67.44 -12.03
CA PRO I 11 -3.50 66.62 -12.50
C PRO I 11 -4.24 67.31 -13.64
N VAL I 12 -4.43 66.58 -14.74
CA VAL I 12 -5.10 67.11 -15.90
C VAL I 12 -6.07 66.08 -16.51
N ARG I 13 -6.91 66.55 -17.42
CA ARG I 13 -7.88 65.70 -18.09
C ARG I 13 -8.23 66.32 -19.42
N THR I 14 -8.82 65.50 -20.30
CA THR I 14 -9.42 66.01 -21.51
C THR I 14 -10.76 66.66 -21.23
N PRO I 15 -11.29 67.47 -22.17
CA PRO I 15 -12.70 67.80 -21.98
C PRO I 15 -13.51 66.51 -21.94
N ILE I 16 -14.74 66.55 -21.42
CA ILE I 16 -15.54 65.35 -21.39
C ILE I 16 -16.59 65.40 -22.49
N GLY I 17 -16.55 64.42 -23.39
CA GLY I 17 -17.50 64.38 -24.48
C GLY I 17 -18.75 63.61 -24.07
N ARG I 18 -19.87 63.91 -24.70
CA ARG I 18 -21.06 63.11 -24.46
C ARG I 18 -20.90 61.77 -25.18
N TYR I 19 -21.54 60.74 -24.63
CA TYR I 19 -21.72 59.46 -25.32
C TYR I 19 -22.37 59.73 -26.65
N GLY I 20 -21.78 59.24 -27.73
CA GLY I 20 -22.29 59.50 -29.06
C GLY I 20 -21.92 60.89 -29.56
N GLY I 21 -21.09 61.59 -28.80
CA GLY I 21 -20.81 63.00 -29.05
C GLY I 21 -19.47 63.33 -29.67
N MET I 22 -18.84 64.40 -29.19
CA MET I 22 -17.71 65.02 -29.88
C MET I 22 -16.41 64.20 -29.92
N PHE I 23 -16.31 63.17 -29.07
CA PHE I 23 -15.10 62.34 -29.02
C PHE I 23 -15.40 60.92 -29.48
N ARG I 24 -16.53 60.78 -30.17
CA ARG I 24 -17.01 59.48 -30.60
C ARG I 24 -16.06 58.76 -31.54
N SER I 25 -15.32 59.53 -32.32
CA SER I 25 -14.39 58.96 -33.29
C SER I 25 -13.09 58.51 -32.64
N LEU I 26 -13.01 58.69 -31.32
CA LEU I 26 -11.76 58.55 -30.60
C LEU I 26 -11.82 57.38 -29.63
N THR I 27 -10.82 56.49 -29.68
CA THR I 27 -10.73 55.39 -28.72
C THR I 27 -10.33 55.89 -27.35
N ALA I 28 -10.44 55.04 -26.34
CA ALA I 28 -10.03 55.37 -24.98
C ALA I 28 -8.51 55.58 -24.93
N VAL I 29 -7.79 54.93 -25.85
CA VAL I 29 -6.35 55.12 -26.00
C VAL I 29 -6.03 56.45 -26.63
N ASP I 30 -6.83 56.87 -27.62
CA ASP I 30 -6.72 58.22 -28.20
C ASP I 30 -6.83 59.31 -27.13
N LEU I 31 -7.89 59.23 -26.33
CA LEU I 31 -8.07 60.11 -25.20
C LEU I 31 -6.94 60.04 -24.15
N GLY I 32 -6.58 58.83 -23.72
CA GLY I 32 -5.50 58.64 -22.77
C GLY I 32 -4.16 59.16 -23.25
N VAL I 33 -3.89 58.96 -24.53
CA VAL I 33 -2.66 59.47 -25.14
C VAL I 33 -2.60 61.01 -25.19
N THR I 34 -3.71 61.64 -25.55
CA THR I 34 -3.75 63.10 -25.59
C THR I 34 -3.56 63.66 -24.19
N ALA I 35 -4.16 63.00 -23.21
CA ALA I 35 -4.06 63.46 -21.83
C ALA I 35 -2.64 63.30 -21.29
N LEU I 36 -2.02 62.16 -21.53
CA LEU I 36 -0.66 61.91 -21.05
C LEU I 36 0.37 62.80 -21.74
N LYS I 37 0.20 63.00 -23.04
CA LYS I 37 1.11 63.86 -23.80
C LYS I 37 0.99 65.29 -23.33
N GLY I 38 -0.21 65.67 -22.91
CA GLY I 38 -0.41 66.99 -22.33
C GLY I 38 0.32 67.16 -21.01
N LEU I 39 0.32 66.10 -20.20
CA LEU I 39 0.96 66.09 -18.89
C LEU I 39 2.47 66.21 -19.00
N LEU I 40 3.06 65.51 -19.96
CA LEU I 40 4.49 65.60 -20.15
C LEU I 40 4.89 66.95 -20.72
N GLU I 41 4.03 67.51 -21.55
CA GLU I 41 4.33 68.79 -22.17
C GLU I 41 4.19 69.93 -21.17
N ARG I 42 3.26 69.78 -20.23
CA ARG I 42 3.08 70.79 -19.21
C ARG I 42 4.14 70.74 -18.13
N THR I 43 4.55 69.54 -17.79
CA THR I 43 5.48 69.33 -16.70
C THR I 43 6.89 69.42 -17.21
N GLY I 44 7.08 69.00 -18.45
CA GLY I 44 8.39 68.99 -19.05
C GLY I 44 9.31 67.89 -18.57
N ILE I 45 8.80 66.91 -17.82
CA ILE I 45 9.68 65.81 -17.43
C ILE I 45 10.03 64.94 -18.63
N ALA I 46 11.17 64.26 -18.56
CA ALA I 46 11.55 63.36 -19.62
C ALA I 46 10.63 62.15 -19.62
N ALA I 47 10.35 61.60 -20.80
CA ALA I 47 9.51 60.40 -20.91
C ALA I 47 10.10 59.20 -20.15
N ASP I 48 11.42 59.07 -20.17
CA ASP I 48 12.03 57.93 -19.54
C ASP I 48 12.02 58.06 -18.00
N GLN I 49 11.47 59.17 -17.50
CA GLN I 49 11.30 59.36 -16.07
C GLN I 49 10.15 58.53 -15.53
N VAL I 50 9.23 58.17 -16.41
CA VAL I 50 7.99 57.54 -15.98
C VAL I 50 8.22 56.08 -15.66
N GLU I 51 7.93 55.68 -14.42
CA GLU I 51 8.24 54.32 -13.99
C GLU I 51 7.05 53.35 -14.03
N ASP I 52 5.84 53.88 -14.16
CA ASP I 52 4.64 53.06 -14.33
C ASP I 52 3.58 53.97 -14.92
N VAL I 53 2.62 53.39 -15.66
CA VAL I 53 1.43 54.12 -16.06
C VAL I 53 0.24 53.28 -15.64
N ILE I 54 -0.34 53.63 -14.50
CA ILE I 54 -1.44 52.89 -13.92
C ILE I 54 -2.71 53.64 -14.24
N LEU I 55 -3.59 53.00 -15.02
CA LEU I 55 -4.83 53.63 -15.47
C LEU I 55 -6.04 52.88 -15.02
N GLY I 56 -7.04 53.62 -14.54
CA GLY I 56 -8.33 53.02 -14.25
C GLY I 56 -9.10 52.94 -15.56
N HIS I 57 -9.80 51.83 -15.78
CA HIS I 57 -10.40 51.55 -17.07
C HIS I 57 -11.48 50.46 -16.93
N CYS I 58 -12.74 50.82 -17.19
CA CYS I 58 -13.87 49.97 -16.78
C CYS I 58 -14.52 49.10 -17.86
N TYR I 59 -14.18 49.34 -19.11
CA TYR I 59 -14.67 48.49 -20.20
C TYR I 59 -13.54 48.02 -21.10
N PRO I 60 -12.50 47.42 -20.49
CA PRO I 60 -11.33 47.07 -21.28
C PRO I 60 -11.62 45.96 -22.29
N ASN I 61 -10.92 45.96 -23.41
CA ASN I 61 -11.07 44.90 -24.39
C ASN I 61 -9.74 44.74 -25.08
N SER I 62 -9.57 43.67 -25.86
CA SER I 62 -8.26 43.35 -26.42
C SER I 62 -7.78 44.31 -27.49
N GLU I 63 -8.43 45.46 -27.65
CA GLU I 63 -7.84 46.50 -28.48
C GLU I 63 -6.77 47.22 -27.70
N ALA I 64 -6.97 47.30 -26.39
CA ALA I 64 -5.98 47.87 -25.50
C ALA I 64 -5.89 47.07 -24.22
N PRO I 65 -5.11 45.98 -24.25
CA PRO I 65 -4.85 45.19 -23.04
C PRO I 65 -3.85 45.90 -22.16
N ALA I 66 -3.93 45.69 -20.84
CA ALA I 66 -3.16 46.46 -19.87
C ALA I 66 -2.99 47.90 -20.34
N ILE I 67 -4.13 48.56 -20.56
CA ILE I 67 -4.20 49.84 -21.28
C ILE I 67 -3.15 50.88 -20.88
N GLY I 68 -2.69 50.82 -19.64
CA GLY I 68 -1.67 51.75 -19.18
C GLY I 68 -0.40 51.70 -20.02
N ARG I 69 0.02 50.48 -20.33
CA ARG I 69 1.20 50.27 -21.16
C ARG I 69 0.98 50.70 -22.60
N VAL I 70 -0.22 50.48 -23.11
CA VAL I 70 -0.59 50.88 -24.45
C VAL I 70 -0.59 52.39 -24.59
N VAL I 71 -1.27 53.07 -23.67
CA VAL I 71 -1.31 54.52 -23.66
C VAL I 71 0.08 55.11 -23.57
N ALA I 72 0.94 54.49 -22.79
CA ALA I 72 2.31 54.98 -22.67
C ALA I 72 3.06 54.92 -24.00
N LEU I 73 3.02 53.77 -24.66
CA LEU I 73 3.78 53.57 -25.90
C LEU I 73 3.24 54.40 -27.07
N ASP I 74 1.92 54.58 -27.14
CA ASP I 74 1.29 55.40 -28.15
C ASP I 74 1.50 56.91 -27.92
N ALA I 75 1.72 57.27 -26.67
CA ALA I 75 2.06 58.64 -26.32
C ALA I 75 3.54 58.85 -26.51
N GLY I 76 4.25 57.80 -26.91
CA GLY I 76 5.66 57.94 -27.24
C GLY I 76 6.63 57.77 -26.09
N LEU I 77 6.20 57.15 -24.99
CA LEU I 77 7.12 56.81 -23.93
C LEU I 77 7.96 55.61 -24.38
N PRO I 78 9.18 55.47 -23.84
CA PRO I 78 10.04 54.38 -24.28
C PRO I 78 9.54 52.98 -23.88
N ILE I 79 10.01 51.95 -24.60
CA ILE I 79 9.58 50.58 -24.37
C ILE I 79 9.92 50.10 -22.98
N THR I 80 10.67 50.92 -22.26
CA THR I 80 11.07 50.62 -20.89
C THR I 80 10.02 51.09 -19.89
N VAL I 81 8.89 51.61 -20.36
CA VAL I 81 7.85 52.11 -19.45
C VAL I 81 6.75 51.09 -19.25
N PRO I 82 6.65 50.52 -18.03
CA PRO I 82 5.58 49.56 -17.77
C PRO I 82 4.24 50.25 -17.63
N GLY I 83 3.15 49.48 -17.70
CA GLY I 83 1.82 50.00 -17.53
C GLY I 83 0.81 48.89 -17.34
N MET I 84 -0.35 49.23 -16.79
CA MET I 84 -1.38 48.24 -16.46
C MET I 84 -2.76 48.89 -16.41
N GLN I 85 -3.77 48.08 -16.12
CA GLN I 85 -5.14 48.56 -16.05
C GLN I 85 -5.81 48.10 -14.72
N VAL I 86 -6.51 49.01 -14.07
CA VAL I 86 -7.25 48.61 -12.87
C VAL I 86 -8.72 48.96 -13.02
N ASP I 87 -9.57 48.21 -12.34
CA ASP I 87 -10.99 48.40 -12.41
C ASP I 87 -11.65 48.17 -11.05
N ARG I 88 -12.17 49.25 -10.49
CA ARG I 88 -13.03 49.19 -9.33
C ARG I 88 -14.25 50.04 -9.64
N ARG I 89 -14.78 49.83 -10.84
CA ARG I 89 -15.86 50.62 -11.45
C ARG I 89 -15.63 52.12 -11.25
N CYS I 90 -16.62 52.82 -10.71
CA CYS I 90 -16.57 54.28 -10.61
C CYS I 90 -15.34 54.79 -9.86
N GLY I 91 -14.82 53.99 -8.93
CA GLY I 91 -13.68 54.38 -8.14
C GLY I 91 -12.34 54.00 -8.73
N SER I 92 -12.32 53.60 -10.01
CA SER I 92 -11.10 53.09 -10.65
C SER I 92 -9.97 54.12 -10.76
N GLY I 93 -10.27 55.33 -11.19
CA GLY I 93 -9.25 56.38 -11.28
C GLY I 93 -8.61 56.80 -9.96
N LEU I 94 -9.40 56.89 -8.89
CA LEU I 94 -8.88 57.12 -7.54
C LEU I 94 -8.03 55.93 -7.12
N GLN I 95 -8.53 54.73 -7.39
CA GLN I 95 -7.81 53.50 -7.12
C GLN I 95 -6.44 53.47 -7.79
N ALA I 96 -6.35 54.03 -8.99
CA ALA I 96 -5.09 54.09 -9.70
C ALA I 96 -4.15 55.05 -8.99
N VAL I 97 -4.69 56.19 -8.57
CA VAL I 97 -3.94 57.14 -7.76
C VAL I 97 -3.47 56.50 -6.46
N ILE I 98 -4.36 55.78 -5.77
CA ILE I 98 -4.01 55.19 -4.50
C ILE I 98 -2.88 54.19 -4.68
N GLN I 99 -2.92 53.42 -5.75
CA GLN I 99 -1.87 52.45 -6.00
C GLN I 99 -0.60 53.13 -6.43
N ALA I 100 -0.72 54.21 -7.20
CA ALA I 100 0.43 55.04 -7.56
C ALA I 100 1.15 55.52 -6.31
N CYS I 101 0.40 56.09 -5.38
CA CYS I 101 0.95 56.53 -4.10
C CYS I 101 1.57 55.38 -3.29
N LEU I 102 0.98 54.19 -3.36
CA LEU I 102 1.50 53.05 -2.61
C LEU I 102 2.89 52.62 -3.05
N GLN I 103 3.12 52.53 -4.36
CA GLN I 103 4.42 52.06 -4.86
C GLN I 103 5.44 53.18 -4.90
N VAL I 104 5.02 54.41 -4.67
CA VAL I 104 5.95 55.53 -4.48
C VAL I 104 6.35 55.74 -2.99
N ARG I 105 5.38 55.72 -2.07
CA ARG I 105 5.65 55.92 -0.64
C ARG I 105 6.48 54.79 -0.03
N SER I 106 6.48 53.63 -0.68
CA SER I 106 7.18 52.47 -0.17
C SER I 106 8.62 52.45 -0.63
N GLY I 107 8.95 53.34 -1.56
CA GLY I 107 10.31 53.45 -2.08
C GLY I 107 10.61 52.59 -3.30
N ASP I 108 9.57 52.03 -3.91
CA ASP I 108 9.79 51.20 -5.08
C ASP I 108 9.97 52.05 -6.32
N HIS I 109 9.17 53.11 -6.42
CA HIS I 109 9.23 54.01 -7.57
C HIS I 109 9.39 55.44 -7.11
N ASP I 110 10.05 56.28 -7.92
CA ASP I 110 10.22 57.71 -7.63
C ASP I 110 9.18 58.59 -8.30
N LEU I 111 8.60 58.09 -9.39
CA LEU I 111 7.68 58.86 -10.23
C LEU I 111 6.88 57.93 -11.11
N VAL I 112 5.56 58.00 -11.00
CA VAL I 112 4.73 57.22 -11.90
C VAL I 112 3.61 58.11 -12.37
N VAL I 113 2.91 57.62 -13.39
CA VAL I 113 1.70 58.23 -13.90
C VAL I 113 0.48 57.47 -13.43
N ALA I 114 -0.46 58.21 -12.85
CA ALA I 114 -1.73 57.66 -12.42
C ALA I 114 -2.86 58.31 -13.19
N GLY I 115 -3.85 57.54 -13.61
CA GLY I 115 -4.98 58.18 -14.26
C GLY I 115 -6.07 57.22 -14.68
N GLY I 116 -6.81 57.62 -15.71
CA GLY I 116 -7.87 56.78 -16.21
C GLY I 116 -8.25 57.15 -17.62
N ALA I 117 -9.04 56.28 -18.25
CA ALA I 117 -9.49 56.50 -19.61
C ALA I 117 -10.76 55.71 -19.84
N GLU I 118 -11.80 56.39 -20.33
CA GLU I 118 -12.98 55.69 -20.81
C GLU I 118 -13.51 56.26 -22.12
N SER I 119 -13.77 55.38 -23.06
CA SER I 119 -14.58 55.72 -24.23
C SER I 119 -15.82 54.88 -24.18
N MET I 120 -16.88 55.44 -23.60
CA MET I 120 -18.13 54.71 -23.50
C MET I 120 -18.81 54.62 -24.87
N SER I 121 -18.48 55.57 -25.75
CA SER I 121 -18.98 55.57 -27.13
C SER I 121 -18.53 54.34 -27.90
N ASN I 122 -17.42 53.74 -27.49
CA ASN I 122 -16.82 52.66 -28.25
C ASN I 122 -16.67 51.37 -27.45
N VAL I 123 -17.48 51.20 -26.41
CA VAL I 123 -17.50 49.96 -25.65
C VAL I 123 -17.97 48.80 -26.50
N ALA I 124 -17.17 47.75 -26.56
CA ALA I 124 -17.44 46.60 -27.42
C ALA I 124 -18.82 45.93 -27.24
N PHE I 125 -19.27 45.29 -28.31
CA PHE I 125 -20.33 44.30 -28.24
C PHE I 125 -19.63 42.94 -28.23
N TYR I 126 -20.09 42.02 -27.38
CA TYR I 126 -19.35 40.78 -27.13
C TYR I 126 -20.26 39.57 -26.90
N SER I 127 -19.72 38.38 -27.17
CA SER I 127 -20.48 37.12 -27.14
C SER I 127 -19.73 36.00 -26.43
N THR I 128 -20.42 35.22 -25.62
CA THR I 128 -19.78 34.06 -25.07
C THR I 128 -20.26 32.82 -25.80
N ASP I 129 -20.85 33.02 -26.99
CA ASP I 129 -21.47 31.91 -27.74
C ASP I 129 -20.75 31.54 -29.05
N MET I 130 -19.72 32.29 -29.45
CA MET I 130 -19.08 32.06 -30.74
C MET I 130 -17.87 31.12 -30.73
N ARG I 131 -17.49 30.60 -29.56
CA ARG I 131 -16.28 29.76 -29.48
C ARG I 131 -16.55 28.29 -29.72
N TRP I 132 -17.54 27.75 -29.02
CA TRP I 132 -17.82 26.31 -29.04
C TRP I 132 -19.07 25.87 -29.77
N GLY I 133 -19.79 26.80 -30.40
CA GLY I 133 -20.92 26.44 -31.23
C GLY I 133 -22.25 27.02 -30.79
N GLY I 134 -22.98 27.62 -31.72
CA GLY I 134 -24.29 28.18 -31.41
C GLY I 134 -25.47 27.45 -32.02
N ALA I 135 -25.26 26.23 -32.49
CA ALA I 135 -26.35 25.46 -33.11
C ALA I 135 -27.43 25.09 -32.11
N ARG I 136 -27.01 24.70 -30.91
CA ARG I 136 -27.98 24.36 -29.87
C ARG I 136 -28.44 25.59 -29.11
N THR I 137 -27.49 26.35 -28.59
CA THR I 137 -27.80 27.46 -27.70
C THR I 137 -28.29 28.68 -28.46
N GLY I 138 -27.81 28.85 -29.66
CA GLY I 138 -28.02 30.11 -30.36
C GLY I 138 -26.92 31.08 -29.98
N VAL I 139 -26.74 32.13 -30.77
CA VAL I 139 -25.68 33.08 -30.52
C VAL I 139 -26.27 34.42 -30.07
N GLN I 140 -25.79 34.90 -28.92
CA GLN I 140 -26.22 36.17 -28.40
C GLN I 140 -25.06 37.12 -28.45
N ILE I 141 -25.31 38.40 -28.70
CA ILE I 141 -24.22 39.36 -28.57
C ILE I 141 -24.68 40.55 -27.71
N HIS I 142 -23.85 40.88 -26.73
CA HIS I 142 -24.22 41.83 -25.69
C HIS I 142 -23.59 43.18 -25.88
N ASP I 143 -24.38 44.22 -25.68
CA ASP I 143 -23.86 45.57 -25.44
C ASP I 143 -23.11 45.56 -24.10
N GLY I 144 -21.84 45.95 -24.10
CA GLY I 144 -21.04 45.97 -22.88
C GLY I 144 -21.57 46.90 -21.80
N LEU I 145 -22.16 48.01 -22.22
CA LEU I 145 -22.73 48.98 -21.28
C LEU I 145 -24.00 48.47 -20.65
N ALA I 146 -24.95 48.07 -21.49
CA ALA I 146 -26.26 47.63 -21.04
C ALA I 146 -26.18 46.39 -20.17
N ARG I 147 -25.21 45.54 -20.45
CA ARG I 147 -25.08 44.26 -19.77
C ARG I 147 -24.51 44.40 -18.37
N GLY I 148 -23.52 45.29 -18.22
CA GLY I 148 -22.95 45.59 -16.93
C GLY I 148 -23.92 46.24 -15.95
N ARG I 149 -25.11 46.57 -16.41
CA ARG I 149 -26.15 47.11 -15.53
C ARG I 149 -26.69 46.09 -14.53
N THR I 150 -26.70 44.83 -14.92
CA THR I 150 -27.31 43.80 -14.08
C THR I 150 -26.35 42.83 -13.41
N THR I 151 -25.08 42.89 -13.78
CA THR I 151 -24.10 41.88 -13.37
C THR I 151 -23.15 42.24 -12.23
N ALA I 152 -23.11 43.48 -11.79
CA ALA I 152 -22.05 43.90 -10.90
C ALA I 152 -22.20 43.32 -9.48
N GLY I 153 -23.44 43.04 -9.06
CA GLY I 153 -23.65 42.46 -7.74
C GLY I 153 -23.58 40.95 -7.71
N GLY I 154 -23.40 40.34 -8.88
CA GLY I 154 -23.30 38.90 -8.92
C GLY I 154 -24.67 38.27 -8.90
N LYS I 155 -24.72 36.94 -8.82
CA LYS I 155 -25.97 36.19 -8.95
C LYS I 155 -26.85 36.20 -7.72
N PHE I 156 -26.33 36.67 -6.59
CA PHE I 156 -27.12 36.75 -5.36
C PHE I 156 -27.57 38.14 -4.97
N HIS I 157 -27.20 39.14 -5.75
CA HIS I 157 -27.60 40.51 -5.43
C HIS I 157 -27.92 41.27 -6.70
N PRO I 158 -28.88 40.71 -7.47
CA PRO I 158 -29.19 41.27 -8.79
C PRO I 158 -30.03 42.53 -8.65
N VAL I 159 -29.77 43.49 -9.52
CA VAL I 159 -30.53 44.74 -9.58
C VAL I 159 -30.82 44.95 -11.04
N PRO I 160 -32.01 44.52 -11.49
CA PRO I 160 -32.34 44.50 -12.91
C PRO I 160 -32.32 45.90 -13.53
N GLY I 161 -32.62 46.90 -12.71
CA GLY I 161 -32.65 48.29 -13.16
C GLY I 161 -31.28 48.94 -13.15
N GLY I 162 -30.32 48.29 -12.51
CA GLY I 162 -28.96 48.77 -12.52
C GLY I 162 -28.69 49.80 -11.46
N MET I 163 -27.71 50.65 -11.72
CA MET I 163 -27.33 51.68 -10.78
C MET I 163 -28.51 52.58 -10.51
N LEU I 164 -29.30 52.82 -11.55
CA LEU I 164 -30.40 53.78 -11.47
C LEU I 164 -31.51 53.27 -10.57
N GLU I 165 -31.78 51.96 -10.64
CA GLU I 165 -32.72 51.36 -9.69
C GLU I 165 -32.25 51.58 -8.26
N THR I 166 -30.93 51.43 -8.04
CA THR I 166 -30.36 51.64 -6.73
C THR I 166 -30.57 53.07 -6.28
N ALA I 167 -30.53 54.01 -7.22
CA ALA I 167 -30.74 55.39 -6.89
C ALA I 167 -32.20 55.65 -6.55
N GLU I 168 -33.09 54.79 -7.06
CA GLU I 168 -34.51 54.87 -6.74
C GLU I 168 -34.78 54.28 -5.37
N ASN I 169 -33.93 53.34 -4.95
CA ASN I 169 -34.04 52.78 -3.62
C ASN I 169 -33.63 53.78 -2.55
N LEU I 170 -32.60 54.58 -2.85
CA LEU I 170 -32.17 55.64 -1.93
C LEU I 170 -33.15 56.82 -1.93
N ARG I 171 -33.69 57.18 -3.09
CA ARG I 171 -34.73 58.22 -3.15
C ARG I 171 -35.91 57.83 -2.27
N ARG I 172 -36.31 56.56 -2.35
CA ARG I 172 -37.49 56.08 -1.64
C ARG I 172 -37.31 55.97 -0.14
N GLU I 173 -36.18 55.44 0.31
CA GLU I 173 -35.99 55.23 1.74
C GLU I 173 -35.58 56.51 2.46
N TYR I 174 -34.96 57.44 1.74
CA TYR I 174 -34.62 58.72 2.33
C TYR I 174 -35.72 59.73 2.09
N HIS I 175 -36.73 59.30 1.34
CA HIS I 175 -37.85 60.14 0.92
C HIS I 175 -37.31 61.49 0.40
N ILE I 176 -36.67 61.45 -0.77
CA ILE I 176 -36.10 62.66 -1.38
C ILE I 176 -36.98 63.14 -2.54
N SER I 177 -37.38 64.40 -2.50
CA SER I 177 -38.30 64.93 -3.50
C SER I 177 -37.63 65.15 -4.84
N ARG I 178 -38.36 64.88 -5.91
CA ARG I 178 -37.87 65.10 -7.27
C ARG I 178 -37.42 66.53 -7.50
N THR I 179 -38.06 67.45 -6.79
CA THR I 179 -37.69 68.83 -6.92
C THR I 179 -36.34 69.03 -6.26
N GLU I 180 -36.08 68.40 -5.12
CA GLU I 180 -34.76 68.60 -4.51
C GLU I 180 -33.67 67.99 -5.37
N GLN I 181 -34.00 66.89 -6.03
CA GLN I 181 -33.04 66.25 -6.91
C GLN I 181 -32.77 67.19 -8.06
N ASP I 182 -33.84 67.65 -8.68
CA ASP I 182 -33.74 68.58 -9.81
C ASP I 182 -33.04 69.87 -9.41
N GLU I 183 -33.13 70.25 -8.13
CA GLU I 183 -32.45 71.47 -7.64
C GLU I 183 -30.94 71.25 -7.50
N LEU I 184 -30.55 70.01 -7.22
CA LEU I 184 -29.13 69.65 -7.16
C LEU I 184 -28.51 69.73 -8.54
N ALA I 185 -29.27 69.34 -9.56
CA ALA I 185 -28.73 69.28 -10.91
C ALA I 185 -28.51 70.68 -11.50
N VAL I 186 -29.31 71.65 -11.09
CA VAL I 186 -29.13 73.03 -11.53
C VAL I 186 -27.80 73.56 -11.02
N ARG I 187 -27.56 73.39 -9.72
CA ARG I 187 -26.33 73.83 -9.08
C ARG I 187 -25.10 73.26 -9.76
N SER I 188 -25.21 72.02 -10.21
CA SER I 188 -24.09 71.33 -10.83
C SER I 188 -23.69 71.97 -12.16
N HIS I 189 -24.72 72.32 -12.94
CA HIS I 189 -24.54 73.04 -14.20
C HIS I 189 -24.12 74.48 -13.98
N GLN I 190 -24.67 75.11 -12.94
CA GLN I 190 -24.27 76.47 -12.62
C GLN I 190 -22.81 76.53 -12.18
N ARG I 191 -22.35 75.53 -11.44
CA ARG I 191 -20.99 75.57 -10.97
C ARG I 191 -20.02 75.13 -12.04
N ALA I 192 -20.51 74.30 -12.96
CA ALA I 192 -19.67 73.86 -14.07
C ALA I 192 -19.54 74.96 -15.11
N VAL I 193 -20.65 75.67 -15.35
CA VAL I 193 -20.67 76.74 -16.33
C VAL I 193 -19.90 77.95 -15.80
N ALA I 194 -20.13 78.28 -14.54
CA ALA I 194 -19.36 79.32 -13.88
C ALA I 194 -17.88 79.07 -14.04
N ALA I 195 -17.46 77.84 -13.77
CA ALA I 195 -16.05 77.46 -13.83
C ALA I 195 -15.43 77.68 -15.21
N GLN I 196 -16.20 77.54 -16.27
CA GLN I 196 -15.65 77.81 -17.60
C GLN I 196 -15.37 79.30 -17.74
N SER I 197 -16.36 80.14 -17.43
CA SER I 197 -16.27 81.59 -17.68
C SER I 197 -15.19 82.31 -16.88
N GLU I 198 -14.84 81.76 -15.71
CA GLU I 198 -13.82 82.38 -14.86
C GLU I 198 -12.40 81.92 -15.19
N GLY I 199 -12.27 81.02 -16.16
CA GLY I 199 -10.94 80.59 -16.60
C GLY I 199 -10.25 79.50 -15.80
N VAL I 200 -10.89 79.02 -14.74
CA VAL I 200 -10.27 78.01 -13.89
C VAL I 200 -10.16 76.65 -14.58
N LEU I 201 -11.03 76.38 -15.55
CA LEU I 201 -11.04 75.08 -16.22
C LEU I 201 -9.95 74.93 -17.27
N ALA I 202 -9.15 75.97 -17.46
CA ALA I 202 -8.09 75.89 -18.45
C ALA I 202 -6.87 75.20 -17.87
N GLU I 203 -6.76 75.16 -16.55
CA GLU I 203 -5.61 74.53 -15.89
C GLU I 203 -5.82 73.03 -15.72
N GLU I 204 -7.10 72.65 -15.66
CA GLU I 204 -7.55 71.27 -15.57
C GLU I 204 -7.39 70.50 -16.88
N ILE I 205 -7.59 71.21 -17.98
CA ILE I 205 -7.94 70.56 -19.24
C ILE I 205 -6.84 70.55 -20.30
N ILE I 206 -6.75 69.42 -21.00
CA ILE I 206 -5.93 69.29 -22.19
C ILE I 206 -6.84 69.26 -23.40
N PRO I 207 -6.70 70.24 -24.29
CA PRO I 207 -7.51 70.28 -25.52
C PRO I 207 -7.24 69.08 -26.41
N VAL I 208 -8.28 68.54 -27.04
CA VAL I 208 -8.14 67.38 -27.91
C VAL I 208 -8.38 67.73 -29.36
N PRO I 209 -7.41 67.42 -30.22
CA PRO I 209 -7.63 67.56 -31.65
C PRO I 209 -8.58 66.48 -32.15
N VAL I 210 -9.43 66.85 -33.11
CA VAL I 210 -10.38 65.92 -33.69
C VAL I 210 -10.44 66.16 -35.18
N ARG I 211 -10.69 65.10 -35.95
CA ARG I 211 -10.70 65.18 -37.41
C ARG I 211 -11.87 66.02 -37.95
N THR I 218 -9.68 71.19 -32.68
CA THR I 218 -9.29 71.27 -31.27
C THR I 218 -10.47 71.69 -30.38
N ILE I 219 -10.76 70.85 -29.40
CA ILE I 219 -11.89 71.06 -28.50
C ILE I 219 -11.40 71.16 -27.06
N SER I 220 -11.85 72.19 -26.33
CA SER I 220 -11.35 72.43 -24.98
C SER I 220 -12.44 72.78 -24.01
N VAL I 221 -13.67 72.39 -24.33
CA VAL I 221 -14.84 72.71 -23.51
C VAL I 221 -15.69 71.46 -23.33
N ASP I 222 -16.05 71.15 -22.09
CA ASP I 222 -16.91 70.00 -21.81
C ASP I 222 -18.21 70.10 -22.59
N GLU I 223 -18.73 68.96 -23.05
CA GLU I 223 -19.90 68.94 -23.93
C GLU I 223 -21.24 69.07 -23.21
N HIS I 224 -21.36 68.44 -22.05
CA HIS I 224 -22.66 68.37 -21.39
C HIS I 224 -23.14 69.61 -20.63
N PRO I 225 -22.25 70.33 -19.94
CA PRO I 225 -22.78 71.48 -19.18
C PRO I 225 -23.61 72.45 -20.00
N ARG I 226 -24.61 73.06 -19.36
CA ARG I 226 -25.56 73.97 -20.00
C ARG I 226 -25.85 75.17 -19.10
N ALA I 227 -25.93 76.36 -19.70
CA ALA I 227 -26.15 77.58 -18.93
C ALA I 227 -27.63 77.86 -18.68
N ASP I 228 -28.50 77.21 -19.46
CA ASP I 228 -29.92 77.50 -19.41
C ASP I 228 -30.71 76.57 -18.52
N THR I 229 -30.04 75.69 -17.79
CA THR I 229 -30.71 74.68 -17.00
C THR I 229 -31.43 75.29 -15.81
N THR I 230 -32.72 74.94 -15.68
CA THR I 230 -33.60 75.49 -14.64
C THR I 230 -34.43 74.38 -14.02
N VAL I 231 -34.87 74.61 -12.78
CA VAL I 231 -35.72 73.64 -12.09
C VAL I 231 -37.06 73.45 -12.80
N GLU I 232 -37.47 74.45 -13.57
CA GLU I 232 -38.74 74.38 -14.30
C GLU I 232 -38.63 73.48 -15.52
N ALA I 233 -37.47 73.49 -16.15
CA ALA I 233 -37.21 72.68 -17.33
C ALA I 233 -37.07 71.18 -16.99
N LEU I 234 -36.27 70.88 -15.97
CA LEU I 234 -36.00 69.52 -15.54
C LEU I 234 -37.27 68.81 -15.13
N ALA I 235 -38.21 69.58 -14.59
CA ALA I 235 -39.49 69.06 -14.15
C ALA I 235 -40.26 68.45 -15.30
N LYS I 236 -39.99 68.93 -16.52
CA LYS I 236 -40.67 68.44 -17.71
C LYS I 236 -40.21 67.06 -18.17
N LEU I 237 -39.18 66.50 -17.51
CA LEU I 237 -38.60 65.22 -17.94
C LEU I 237 -39.25 63.98 -17.33
N LYS I 238 -39.26 62.90 -18.10
CA LYS I 238 -39.85 61.67 -17.62
C LYS I 238 -38.76 60.79 -17.01
N PRO I 239 -39.05 60.23 -15.82
CA PRO I 239 -38.13 59.32 -15.12
C PRO I 239 -37.94 58.01 -15.87
N VAL I 240 -36.71 57.55 -16.02
CA VAL I 240 -36.43 56.41 -16.88
C VAL I 240 -37.17 55.15 -16.45
N LEU I 241 -37.39 55.01 -15.14
CA LEU I 241 -38.12 53.86 -14.58
C LEU I 241 -39.55 54.22 -14.16
N LEU I 242 -40.14 55.22 -14.81
CA LEU I 242 -41.46 55.74 -14.41
C LEU I 242 -42.57 54.74 -14.62
N LYS I 243 -42.46 53.94 -15.68
CA LYS I 243 -43.44 52.89 -15.95
C LYS I 243 -43.61 51.94 -14.77
N GLN I 244 -42.49 51.46 -14.25
CA GLN I 244 -42.50 50.48 -13.18
C GLN I 244 -42.76 51.09 -11.80
N ASP I 245 -42.35 52.34 -11.63
CA ASP I 245 -42.50 53.01 -10.35
C ASP I 245 -43.29 54.30 -10.53
N PRO I 246 -44.53 54.32 -10.03
CA PRO I 246 -45.38 55.50 -10.22
C PRO I 246 -44.74 56.73 -9.59
N GLU I 247 -43.81 56.46 -8.68
CA GLU I 247 -43.17 57.50 -7.88
C GLU I 247 -41.72 57.72 -8.30
N ALA I 248 -41.38 57.33 -9.51
CA ALA I 248 -40.01 57.51 -9.99
C ALA I 248 -39.65 58.99 -9.95
N THR I 249 -38.37 59.29 -9.70
CA THR I 249 -37.92 60.67 -9.63
C THR I 249 -36.63 60.88 -10.40
N VAL I 250 -35.94 59.80 -10.72
CA VAL I 250 -34.63 59.88 -11.37
C VAL I 250 -34.74 59.89 -12.89
N THR I 251 -34.23 60.96 -13.51
CA THR I 251 -34.36 61.18 -14.95
C THR I 251 -33.00 61.34 -15.57
N ALA I 252 -32.97 61.43 -16.88
CA ALA I 252 -31.74 61.71 -17.60
C ALA I 252 -31.13 63.06 -17.21
N GLY I 253 -31.93 63.95 -16.62
CA GLY I 253 -31.50 65.30 -16.28
C GLY I 253 -30.90 65.48 -14.89
N ASN I 254 -31.27 64.59 -13.96
CA ASN I 254 -30.67 64.59 -12.64
C ASN I 254 -29.85 63.32 -12.39
N SER I 255 -29.37 62.74 -13.48
CA SER I 255 -28.40 61.66 -13.39
C SER I 255 -27.14 62.11 -14.09
N SER I 256 -26.02 61.50 -13.76
CA SER I 256 -24.81 61.71 -14.54
C SER I 256 -24.91 60.86 -15.80
N GLY I 257 -24.31 61.31 -16.89
CA GLY I 257 -24.48 60.60 -18.14
C GLY I 257 -23.48 59.49 -18.37
N GLN I 258 -23.41 59.03 -19.61
CA GLN I 258 -22.33 58.16 -20.06
C GLN I 258 -21.47 59.04 -20.96
N ASN I 259 -20.15 58.99 -20.82
CA ASN I 259 -19.28 59.98 -21.43
C ASN I 259 -17.90 59.43 -21.85
N ASP I 260 -17.09 60.27 -22.52
CA ASP I 260 -15.70 59.91 -22.84
C ASP I 260 -14.71 60.96 -22.31
N ALA I 261 -13.58 60.48 -21.76
CA ALA I 261 -12.51 61.34 -21.24
C ALA I 261 -11.32 60.53 -20.79
N ALA I 262 -10.22 61.22 -20.49
CA ALA I 262 -9.06 60.60 -19.89
C ALA I 262 -8.40 61.58 -18.92
N SER I 263 -7.87 61.06 -17.81
CA SER I 263 -7.21 61.89 -16.79
C SER I 263 -5.84 61.35 -16.52
N MET I 264 -4.92 62.24 -16.18
CA MET I 264 -3.56 61.82 -15.86
C MET I 264 -3.01 62.68 -14.76
N CYS I 265 -2.11 62.12 -13.97
CA CYS I 265 -1.33 62.95 -13.07
C CYS I 265 0.01 62.30 -12.78
N ILE I 266 0.90 63.08 -12.18
CA ILE I 266 2.17 62.58 -11.71
C ILE I 266 2.04 62.27 -10.23
N VAL I 267 2.47 61.09 -9.83
CA VAL I 267 2.60 60.84 -8.41
C VAL I 267 4.06 60.61 -8.12
N THR I 268 4.71 61.57 -7.47
CA THR I 268 6.15 61.47 -7.24
C THR I 268 6.50 61.88 -5.82
N THR I 269 7.78 61.83 -5.47
CA THR I 269 8.26 62.27 -4.17
C THR I 269 8.52 63.75 -4.14
N PRO I 270 8.28 64.41 -2.98
CA PRO I 270 8.53 65.85 -2.81
C PRO I 270 9.91 66.28 -3.32
N GLU I 271 10.90 65.41 -3.12
CA GLU I 271 12.27 65.64 -3.53
C GLU I 271 12.45 65.56 -5.04
N LYS I 272 11.99 64.46 -5.65
CA LYS I 272 12.01 64.35 -7.10
C LYS I 272 11.13 65.41 -7.75
N ALA I 273 10.00 65.70 -7.12
CA ALA I 273 9.16 66.81 -7.55
C ALA I 273 9.98 68.10 -7.62
N ALA I 274 10.74 68.37 -6.56
CA ALA I 274 11.54 69.59 -6.48
C ALA I 274 12.70 69.51 -7.46
N GLU I 275 13.27 68.32 -7.58
CA GLU I 275 14.35 68.04 -8.50
C GLU I 275 13.98 68.33 -9.96
N LEU I 276 12.72 68.05 -10.33
CA LEU I 276 12.27 68.21 -11.70
C LEU I 276 11.52 69.51 -11.92
N GLY I 277 11.27 70.25 -10.85
CA GLY I 277 10.66 71.55 -11.03
C GLY I 277 9.14 71.48 -11.02
N LEU I 278 8.61 70.36 -10.56
CA LEU I 278 7.16 70.21 -10.52
C LEU I 278 6.59 71.01 -9.36
N LYS I 279 5.31 71.33 -9.42
CA LYS I 279 4.68 71.99 -8.29
C LYS I 279 3.71 71.04 -7.62
N PRO I 280 4.09 70.54 -6.44
CA PRO I 280 3.22 69.61 -5.72
C PRO I 280 1.98 70.31 -5.25
N LEU I 281 0.82 69.79 -5.60
CA LEU I 281 -0.43 70.39 -5.16
C LEU I 281 -0.91 69.75 -3.87
N VAL I 282 -1.09 68.44 -3.87
CA VAL I 282 -1.57 67.78 -2.66
C VAL I 282 -0.80 66.53 -2.31
N ARG I 283 -1.02 66.03 -1.09
CA ARG I 283 -0.53 64.72 -0.69
C ARG I 283 -1.70 63.86 -0.23
N LEU I 284 -1.57 62.55 -0.45
CA LEU I 284 -2.54 61.61 0.05
C LEU I 284 -2.34 61.48 1.54
N VAL I 285 -3.34 61.85 2.33
CA VAL I 285 -3.30 61.59 3.76
C VAL I 285 -3.76 60.16 4.03
N SER I 286 -5.00 59.86 3.66
CA SER I 286 -5.53 58.51 3.80
C SER I 286 -6.57 58.19 2.74
N TRP I 287 -6.89 56.90 2.67
CA TRP I 287 -7.98 56.43 1.84
C TRP I 287 -8.76 55.38 2.60
N GLY I 288 -9.97 55.09 2.14
CA GLY I 288 -10.75 54.02 2.71
C GLY I 288 -11.66 53.39 1.68
N SER I 289 -11.81 52.07 1.77
CA SER I 289 -12.73 51.34 0.88
C SER I 289 -13.77 50.61 1.70
N ALA I 290 -14.97 50.44 1.14
CA ALA I 290 -16.01 49.69 1.84
C ALA I 290 -16.96 48.99 0.90
N GLY I 291 -17.69 48.01 1.42
CA GLY I 291 -18.74 47.40 0.64
C GLY I 291 -20.10 47.70 1.24
N VAL I 292 -21.10 47.90 0.40
CA VAL I 292 -22.47 48.05 0.86
C VAL I 292 -23.37 47.12 0.04
N ALA I 293 -24.66 47.12 0.32
CA ALA I 293 -25.57 46.27 -0.44
C ALA I 293 -25.67 46.80 -1.85
N PRO I 294 -25.40 45.93 -2.81
CA PRO I 294 -25.45 46.30 -4.23
C PRO I 294 -26.69 47.09 -4.59
N ASP I 295 -27.83 46.84 -3.94
CA ASP I 295 -29.08 47.58 -4.24
C ASP I 295 -29.13 48.97 -3.57
N LEU I 296 -28.13 49.26 -2.74
CA LEU I 296 -28.04 50.56 -2.13
C LEU I 296 -26.63 51.11 -2.33
N MET I 297 -25.98 50.66 -3.39
CA MET I 297 -24.65 51.14 -3.76
C MET I 297 -24.31 52.59 -3.42
N GLY I 298 -25.33 53.45 -3.38
CA GLY I 298 -25.10 54.86 -3.65
C GLY I 298 -24.68 55.49 -2.36
N ILE I 299 -24.71 54.67 -1.33
CA ILE I 299 -24.45 55.10 0.02
C ILE I 299 -23.03 54.74 0.43
N GLY I 300 -22.28 54.16 -0.50
CA GLY I 300 -20.90 53.73 -0.27
C GLY I 300 -19.86 54.76 0.13
N PRO I 301 -20.02 56.01 -0.30
CA PRO I 301 -19.06 56.97 0.22
C PRO I 301 -19.11 57.11 1.74
N VAL I 302 -20.30 57.01 2.32
CA VAL I 302 -20.46 57.16 3.78
C VAL I 302 -19.54 56.18 4.55
N PRO I 303 -19.67 54.85 4.36
CA PRO I 303 -18.70 54.02 5.10
C PRO I 303 -17.24 54.20 4.68
N ALA I 304 -16.98 54.34 3.38
CA ALA I 304 -15.63 54.56 2.88
C ALA I 304 -15.01 55.82 3.46
N THR I 305 -15.81 56.89 3.53
CA THR I 305 -15.38 58.16 4.11
C THR I 305 -15.10 58.01 5.60
N GLU I 306 -15.98 57.32 6.32
CA GLU I 306 -15.76 57.02 7.73
C GLU I 306 -14.41 56.37 7.93
N VAL I 307 -14.10 55.41 7.08
CA VAL I 307 -12.82 54.72 7.18
C VAL I 307 -11.66 55.67 6.92
N ALA I 308 -11.72 56.36 5.78
CA ALA I 308 -10.62 57.24 5.37
C ALA I 308 -10.39 58.32 6.39
N LEU I 309 -11.46 58.89 6.92
CA LEU I 309 -11.36 59.92 7.94
C LEU I 309 -10.83 59.31 9.24
N ALA I 310 -11.31 58.13 9.59
CA ALA I 310 -10.85 57.49 10.82
C ALA I 310 -9.35 57.24 10.75
N LYS I 311 -8.89 56.65 9.65
CA LYS I 311 -7.45 56.38 9.49
C LYS I 311 -6.65 57.68 9.53
N ALA I 312 -7.32 58.81 9.29
CA ALA I 312 -6.62 60.09 9.25
C ALA I 312 -6.74 60.84 10.58
N GLY I 313 -7.48 60.28 11.54
CA GLY I 313 -7.69 60.93 12.82
C GLY I 313 -8.43 62.23 12.63
N LEU I 314 -9.34 62.22 11.67
CA LEU I 314 -10.04 63.42 11.24
C LEU I 314 -11.53 63.24 11.33
N THR I 315 -12.26 64.34 11.18
CA THR I 315 -13.69 64.23 11.11
C THR I 315 -14.11 65.02 9.89
N LEU I 316 -15.38 64.87 9.50
CA LEU I 316 -15.87 65.54 8.31
C LEU I 316 -15.83 67.06 8.49
N ALA I 317 -16.06 67.53 9.71
CA ALA I 317 -16.02 68.98 9.98
C ALA I 317 -14.64 69.57 9.64
N ASP I 318 -13.60 68.75 9.79
CA ASP I 318 -12.23 69.11 9.45
C ASP I 318 -11.98 69.34 7.96
N ILE I 319 -12.86 68.78 7.12
CA ILE I 319 -12.64 68.81 5.69
C ILE I 319 -13.11 70.13 5.09
N ASP I 320 -12.21 70.82 4.40
CA ASP I 320 -12.51 72.11 3.80
C ASP I 320 -13.23 72.02 2.46
N LEU I 321 -12.87 71.01 1.67
CA LEU I 321 -13.45 70.80 0.35
C LEU I 321 -13.84 69.36 0.15
N ILE I 322 -14.96 69.14 -0.53
CA ILE I 322 -15.39 67.79 -0.83
C ILE I 322 -15.50 67.64 -2.34
N GLU I 323 -15.06 66.50 -2.85
CA GLU I 323 -15.44 66.07 -4.19
C GLU I 323 -16.17 64.76 -4.07
N LEU I 324 -17.48 64.82 -4.27
CA LEU I 324 -18.33 63.65 -4.31
C LEU I 324 -18.90 63.57 -5.70
N ASN I 325 -18.66 62.45 -6.39
CA ASN I 325 -19.25 62.25 -7.69
C ASN I 325 -20.73 62.16 -7.43
N GLU I 326 -21.52 62.80 -8.26
CA GLU I 326 -22.94 62.62 -8.10
C GLU I 326 -23.40 61.73 -9.25
N ALA I 327 -23.35 60.43 -9.01
CA ALA I 327 -23.79 59.45 -9.97
C ALA I 327 -25.23 59.76 -10.32
N PHE I 328 -26.06 59.89 -9.28
CA PHE I 328 -27.42 60.33 -9.45
C PHE I 328 -27.70 61.36 -8.35
N ALA I 329 -28.57 62.32 -8.63
CA ALA I 329 -28.90 63.38 -7.66
C ALA I 329 -29.44 62.80 -6.36
N ALA I 330 -30.41 61.89 -6.49
CA ALA I 330 -31.01 61.25 -5.33
C ALA I 330 -29.95 60.58 -4.48
N GLN I 331 -29.11 59.80 -5.14
CA GLN I 331 -28.00 59.11 -4.49
C GLN I 331 -27.11 60.06 -3.68
N ALA I 332 -26.80 61.23 -4.24
CA ALA I 332 -25.89 62.17 -3.60
C ALA I 332 -26.51 62.82 -2.38
N LEU I 333 -27.79 63.16 -2.50
CA LEU I 333 -28.52 63.79 -1.41
C LEU I 333 -28.62 62.85 -0.22
N ALA I 334 -28.84 61.56 -0.49
CA ALA I 334 -28.81 60.53 0.55
C ALA I 334 -27.49 60.56 1.33
N VAL I 335 -26.37 60.56 0.61
CA VAL I 335 -25.05 60.69 1.21
C VAL I 335 -24.98 61.99 2.00
N MET I 336 -25.56 63.04 1.44
CA MET I 336 -25.49 64.34 2.10
C MET I 336 -26.32 64.30 3.37
N ARG I 337 -27.44 63.59 3.33
CA ARG I 337 -28.25 63.41 4.53
C ARG I 337 -27.50 62.64 5.62
N GLU I 338 -26.85 61.52 5.26
CA GLU I 338 -26.05 60.77 6.23
C GLU I 338 -24.90 61.60 6.78
N TRP I 339 -24.47 62.60 6.02
CA TRP I 339 -23.42 63.52 6.47
C TRP I 339 -24.00 64.72 7.22
N LYS I 340 -25.32 64.73 7.32
CA LYS I 340 -26.05 65.81 7.99
C LYS I 340 -25.71 67.15 7.36
N PHE I 341 -25.73 67.18 6.03
CA PHE I 341 -25.32 68.37 5.30
C PHE I 341 -26.32 69.50 5.44
N GLY I 342 -25.80 70.69 5.72
CA GLY I 342 -26.61 71.90 5.77
C GLY I 342 -26.21 72.81 4.63
N GLU I 343 -27.04 73.81 4.36
CA GLU I 343 -26.92 74.64 3.16
C GLU I 343 -25.53 75.26 2.91
N ALA I 344 -24.74 75.48 3.97
CA ALA I 344 -23.41 76.05 3.81
C ALA I 344 -22.39 74.99 3.43
N ASP I 345 -22.71 73.73 3.72
CA ASP I 345 -21.86 72.60 3.33
C ASP I 345 -21.84 72.46 1.80
N HIS I 346 -22.93 72.86 1.14
CA HIS I 346 -23.01 72.73 -0.31
C HIS I 346 -22.05 73.69 -1.02
N GLU I 347 -21.40 74.57 -0.26
CA GLU I 347 -20.46 75.52 -0.85
C GLU I 347 -19.04 74.99 -0.85
N ARG I 348 -18.81 73.92 -0.10
CA ARG I 348 -17.53 73.25 -0.08
C ARG I 348 -17.58 71.90 -0.82
N THR I 349 -18.62 71.70 -1.62
CA THR I 349 -18.85 70.42 -2.28
C THR I 349 -19.08 70.61 -3.79
N ASN I 350 -18.23 69.99 -4.60
CA ASN I 350 -18.37 70.03 -6.06
C ASN I 350 -18.50 71.45 -6.58
N VAL I 351 -17.59 72.30 -6.11
CA VAL I 351 -17.58 73.73 -6.40
C VAL I 351 -17.36 74.06 -7.87
N ARG I 352 -16.91 73.08 -8.66
CA ARG I 352 -16.67 73.29 -10.08
C ARG I 352 -17.58 72.41 -10.92
N GLY I 353 -18.57 71.80 -10.28
CA GLY I 353 -19.47 70.94 -11.00
C GLY I 353 -19.40 69.52 -10.50
N SER I 354 -19.99 68.63 -11.27
CA SER I 354 -20.31 67.29 -10.81
C SER I 354 -20.56 66.36 -11.98
N GLY I 355 -20.65 65.07 -11.67
CA GLY I 355 -20.95 64.07 -12.67
C GLY I 355 -22.21 64.37 -13.43
N ILE I 356 -23.22 64.89 -12.73
CA ILE I 356 -24.49 65.25 -13.34
C ILE I 356 -24.31 66.28 -14.46
N SER I 357 -23.40 67.23 -14.26
CA SER I 357 -23.18 68.28 -15.24
C SER I 357 -21.98 68.07 -16.13
N LEU I 358 -20.94 67.40 -15.61
CA LEU I 358 -19.72 67.22 -16.37
C LEU I 358 -19.72 65.90 -17.10
N GLY I 359 -20.54 64.99 -16.62
CA GLY I 359 -20.55 63.64 -17.14
C GLY I 359 -19.73 62.70 -16.28
N HIS I 360 -19.97 61.40 -16.43
CA HIS I 360 -19.25 60.38 -15.67
C HIS I 360 -18.61 59.33 -16.58
N PRO I 361 -17.48 59.67 -17.19
CA PRO I 361 -16.68 58.71 -17.97
C PRO I 361 -15.96 57.72 -17.08
N VAL I 362 -16.64 56.66 -16.66
CA VAL I 362 -16.29 55.86 -15.47
C VAL I 362 -14.81 55.83 -15.06
N GLY I 363 -13.94 55.30 -15.93
CA GLY I 363 -12.53 55.17 -15.58
C GLY I 363 -11.78 56.47 -15.35
N ALA I 364 -12.23 57.56 -15.95
CA ALA I 364 -11.51 58.83 -15.89
C ALA I 364 -12.08 59.79 -14.84
N THR I 365 -13.21 59.43 -14.22
CA THR I 365 -13.89 60.27 -13.22
C THR I 365 -13.05 60.54 -11.96
N GLY I 366 -12.39 59.50 -11.45
CA GLY I 366 -11.50 59.64 -10.32
C GLY I 366 -10.48 60.75 -10.55
N GLY I 367 -10.01 60.90 -11.78
CA GLY I 367 -8.99 61.88 -12.11
C GLY I 367 -9.55 63.27 -12.35
N ARG I 368 -10.80 63.34 -12.79
CA ARG I 368 -11.43 64.64 -12.88
C ARG I 368 -11.49 65.23 -11.49
N MET I 369 -12.01 64.43 -10.56
CA MET I 369 -12.25 64.87 -9.21
C MET I 369 -10.97 65.26 -8.54
N LEU I 370 -9.92 64.46 -8.72
CA LEU I 370 -8.61 64.80 -8.15
C LEU I 370 -8.13 66.14 -8.67
N ALA I 371 -8.30 66.35 -9.97
CA ALA I 371 -7.81 67.55 -10.62
C ALA I 371 -8.41 68.80 -10.00
N THR I 372 -9.74 68.81 -9.83
CA THR I 372 -10.41 69.95 -9.23
C THR I 372 -10.05 70.12 -7.77
N LEU I 373 -10.20 69.05 -7.00
CA LEU I 373 -9.95 69.07 -5.58
C LEU I 373 -8.54 69.53 -5.25
N ALA I 374 -7.59 69.17 -6.09
CA ALA I 374 -6.19 69.54 -5.85
C ALA I 374 -5.98 71.03 -6.12
N ARG I 375 -6.39 71.47 -7.30
CA ARG I 375 -6.18 72.84 -7.73
C ARG I 375 -7.08 73.83 -6.99
N GLU I 376 -8.33 73.46 -6.77
CA GLU I 376 -9.23 74.34 -6.02
C GLU I 376 -8.78 74.47 -4.57
N LEU I 377 -8.08 73.46 -4.06
CA LEU I 377 -7.56 73.51 -2.69
C LEU I 377 -6.45 74.55 -2.60
N HIS I 378 -5.82 74.82 -3.73
CA HIS I 378 -4.78 75.84 -3.83
C HIS I 378 -5.35 77.21 -4.14
N ARG I 379 -6.41 77.24 -4.93
CA ARG I 379 -7.07 78.50 -5.25
C ARG I 379 -7.76 79.03 -4.00
N ARG I 380 -8.14 78.13 -3.08
CA ARG I 380 -8.90 78.51 -1.91
C ARG I 380 -8.08 78.61 -0.65
N GLU I 381 -6.85 78.11 -0.72
CA GLU I 381 -5.92 78.13 0.41
C GLU I 381 -6.39 77.21 1.53
N ALA I 382 -7.21 76.23 1.18
CA ALA I 382 -7.76 75.34 2.20
C ALA I 382 -6.76 74.24 2.48
N ARG I 383 -7.04 73.38 3.45
CA ARG I 383 -6.08 72.35 3.82
C ARG I 383 -6.48 70.95 3.38
N TYR I 384 -7.65 70.50 3.80
CA TYR I 384 -8.05 69.13 3.52
C TYR I 384 -9.13 69.02 2.48
N GLY I 385 -8.93 68.07 1.56
CA GLY I 385 -9.94 67.71 0.60
C GLY I 385 -10.39 66.27 0.82
N LEU I 386 -11.59 65.99 0.38
CA LEU I 386 -12.14 64.66 0.40
C LEU I 386 -12.59 64.31 -1.01
N GLU I 387 -12.08 63.19 -1.52
CA GLU I 387 -12.59 62.64 -2.78
C GLU I 387 -13.27 61.32 -2.48
N THR I 388 -14.56 61.22 -2.81
CA THR I 388 -15.28 59.99 -2.55
C THR I 388 -16.39 59.78 -3.55
N MET I 389 -16.83 58.51 -3.63
CA MET I 389 -17.60 58.02 -4.77
C MET I 389 -18.31 56.72 -4.47
N CYS I 390 -19.57 56.61 -4.91
CA CYS I 390 -20.26 55.34 -4.90
C CYS I 390 -19.84 54.49 -6.10
N ILE I 391 -19.90 53.17 -5.94
CA ILE I 391 -19.32 52.28 -6.93
C ILE I 391 -20.33 51.21 -7.33
N GLY I 392 -20.61 51.09 -8.62
CA GLY I 392 -21.50 50.07 -9.10
C GLY I 392 -21.12 48.69 -8.60
N GLY I 393 -22.11 47.97 -8.06
CA GLY I 393 -21.87 46.65 -7.50
C GLY I 393 -21.89 46.70 -5.97
N GLY I 394 -22.07 47.90 -5.42
CA GLY I 394 -22.13 48.08 -3.98
C GLY I 394 -20.78 48.28 -3.33
N GLN I 395 -20.09 49.35 -3.70
CA GLN I 395 -18.86 49.73 -3.02
C GLN I 395 -18.79 51.24 -2.85
N GLY I 396 -17.82 51.69 -2.07
CA GLY I 396 -17.47 53.10 -2.03
C GLY I 396 -15.98 53.24 -1.76
N LEU I 397 -15.40 54.33 -2.26
CA LEU I 397 -13.99 54.61 -2.04
C LEU I 397 -13.87 56.07 -1.62
N ALA I 398 -12.91 56.38 -0.76
CA ALA I 398 -12.75 57.77 -0.31
C ALA I 398 -11.30 58.07 -0.02
N ALA I 399 -10.83 59.23 -0.46
CA ALA I 399 -9.46 59.62 -0.21
C ALA I 399 -9.40 61.02 0.39
N VAL I 400 -8.49 61.20 1.34
CA VAL I 400 -8.26 62.49 1.97
C VAL I 400 -6.95 63.08 1.49
N PHE I 401 -7.02 64.28 0.91
CA PHE I 401 -5.84 64.94 0.37
C PHE I 401 -5.55 66.23 1.09
N GLU I 402 -4.28 66.44 1.43
CA GLU I 402 -3.86 67.67 2.10
C GLU I 402 -3.10 68.54 1.12
N ARG I 403 -3.41 69.83 1.10
CA ARG I 403 -2.68 70.80 0.28
C ARG I 403 -1.20 70.83 0.66
N VAL I 404 -0.31 70.98 -0.32
CA VAL I 404 1.11 71.07 -0.03
C VAL I 404 1.56 72.53 0.11
N GLN I 405 2.07 72.88 1.29
CA GLN I 405 2.54 74.23 1.56
C GLN I 405 4.04 74.35 1.33
CA ARG J 4 5.93 45.89 8.75
C ARG J 4 5.75 44.99 7.52
N ASP J 5 6.03 43.70 7.67
CA ASP J 5 6.04 42.78 6.53
C ASP J 5 4.67 42.43 5.95
N ALA J 6 4.69 42.01 4.69
CA ALA J 6 3.58 41.30 4.11
C ALA J 6 3.97 39.82 4.07
N VAL J 7 3.05 38.95 4.48
CA VAL J 7 3.30 37.53 4.45
C VAL J 7 2.17 36.84 3.71
N ILE J 8 2.47 35.67 3.18
CA ILE J 8 1.53 34.89 2.37
C ILE J 8 1.08 33.66 3.14
N CYS J 9 -0.23 33.53 3.35
CA CYS J 9 -0.81 32.37 4.02
C CYS J 9 -1.61 31.52 3.07
N GLU J 10 -1.45 30.22 3.19
CA GLU J 10 -2.32 29.25 2.51
C GLU J 10 -2.58 29.54 1.05
N PRO J 11 -1.52 29.65 0.23
CA PRO J 11 -1.79 29.92 -1.18
C PRO J 11 -2.30 28.66 -1.85
N VAL J 12 -3.43 28.79 -2.55
CA VAL J 12 -4.12 27.63 -3.10
C VAL J 12 -4.64 27.94 -4.50
N ARG J 13 -5.05 26.89 -5.22
CA ARG J 13 -5.63 27.04 -6.56
C ARG J 13 -6.65 25.94 -6.92
N THR J 14 -7.46 26.17 -7.94
CA THR J 14 -8.27 25.10 -8.53
C THR J 14 -7.34 24.19 -9.32
N PRO J 15 -7.80 22.98 -9.66
CA PRO J 15 -7.10 22.25 -10.73
C PRO J 15 -7.09 23.07 -12.00
N ILE J 16 -6.15 22.81 -12.92
CA ILE J 16 -6.13 23.56 -14.17
C ILE J 16 -6.75 22.72 -15.29
N GLY J 17 -7.82 23.26 -15.90
CA GLY J 17 -8.54 22.56 -16.94
C GLY J 17 -8.01 22.92 -18.30
N ARG J 18 -8.27 22.10 -19.31
CA ARG J 18 -7.83 22.45 -20.67
C ARG J 18 -8.81 23.42 -21.31
N TYR J 19 -8.29 24.21 -22.25
CA TYR J 19 -9.11 25.04 -23.13
C TYR J 19 -10.13 24.15 -23.80
N GLY J 20 -11.42 24.40 -23.57
CA GLY J 20 -12.46 23.52 -24.10
C GLY J 20 -12.67 22.21 -23.35
N GLY J 21 -11.87 22.00 -22.29
CA GLY J 21 -11.92 20.80 -21.49
C GLY J 21 -12.80 20.81 -20.24
N MET J 22 -12.31 20.26 -19.14
CA MET J 22 -13.16 19.88 -18.01
C MET J 22 -13.90 21.02 -17.30
N PHE J 23 -13.37 22.25 -17.35
CA PHE J 23 -14.00 23.39 -16.71
C PHE J 23 -14.65 24.30 -17.73
N ARG J 24 -14.85 23.80 -18.94
CA ARG J 24 -15.42 24.61 -20.02
C ARG J 24 -16.77 25.15 -19.65
N SER J 25 -17.50 24.40 -18.83
CA SER J 25 -18.84 24.78 -18.42
C SER J 25 -18.87 25.83 -17.31
N LEU J 26 -17.71 26.06 -16.69
CA LEU J 26 -17.61 26.98 -15.57
C LEU J 26 -17.11 28.34 -16.06
N THR J 27 -17.53 29.41 -15.38
CA THR J 27 -17.03 30.76 -15.69
C THR J 27 -15.84 31.11 -14.80
N ALA J 28 -15.13 32.19 -15.12
CA ALA J 28 -13.99 32.59 -14.31
C ALA J 28 -14.40 32.71 -12.85
N VAL J 29 -15.62 33.20 -12.64
CA VAL J 29 -16.15 33.38 -11.29
C VAL J 29 -16.38 32.04 -10.59
N ASP J 30 -16.91 31.05 -11.30
CA ASP J 30 -17.12 29.73 -10.70
C ASP J 30 -15.83 29.26 -10.09
N LEU J 31 -14.76 29.41 -10.86
CA LEU J 31 -13.45 28.97 -10.47
C LEU J 31 -12.90 29.82 -9.33
N GLY J 32 -13.07 31.13 -9.45
CA GLY J 32 -12.68 32.06 -8.41
C GLY J 32 -13.43 31.84 -7.12
N VAL J 33 -14.75 31.69 -7.22
CA VAL J 33 -15.56 31.38 -6.06
C VAL J 33 -15.12 30.08 -5.37
N THR J 34 -14.89 29.02 -6.14
CA THR J 34 -14.46 27.74 -5.55
C THR J 34 -13.11 27.83 -4.86
N ALA J 35 -12.12 28.48 -5.48
CA ALA J 35 -10.82 28.70 -4.87
C ALA J 35 -10.89 29.57 -3.62
N LEU J 36 -11.76 30.58 -3.63
CA LEU J 36 -11.92 31.44 -2.45
C LEU J 36 -12.53 30.66 -1.31
N LYS J 37 -13.63 29.95 -1.59
CA LYS J 37 -14.26 29.09 -0.59
C LYS J 37 -13.25 28.12 0.02
N GLY J 38 -12.53 27.40 -0.82
CA GLY J 38 -11.51 26.47 -0.35
C GLY J 38 -10.46 27.11 0.54
N LEU J 39 -10.07 28.35 0.22
CA LEU J 39 -9.12 29.09 1.04
C LEU J 39 -9.69 29.39 2.44
N LEU J 40 -10.90 29.92 2.50
CA LEU J 40 -11.52 30.26 3.78
C LEU J 40 -11.96 29.02 4.58
N GLU J 41 -12.17 27.90 3.90
CA GLU J 41 -12.54 26.66 4.59
C GLU J 41 -11.33 25.94 5.18
N ARG J 42 -10.18 26.10 4.56
CA ARG J 42 -8.94 25.54 5.09
C ARG J 42 -8.43 26.36 6.26
N THR J 43 -8.48 27.68 6.13
CA THR J 43 -7.84 28.57 7.09
C THR J 43 -8.76 28.84 8.25
N GLY J 44 -10.05 28.95 7.97
CA GLY J 44 -11.02 29.20 9.01
C GLY J 44 -11.21 30.67 9.30
N ILE J 45 -10.55 31.51 8.51
CA ILE J 45 -10.64 32.96 8.66
C ILE J 45 -12.08 33.44 8.54
N ALA J 46 -12.49 34.31 9.47
CA ALA J 46 -13.80 34.91 9.36
C ALA J 46 -13.80 35.88 8.18
N ALA J 47 -14.86 35.84 7.39
CA ALA J 47 -14.96 36.63 6.17
C ALA J 47 -14.86 38.12 6.44
N ASP J 48 -15.40 38.57 7.57
CA ASP J 48 -15.34 39.99 7.86
C ASP J 48 -13.94 40.45 8.26
N GLN J 49 -12.96 39.54 8.30
CA GLN J 49 -11.54 39.91 8.43
C GLN J 49 -10.88 40.28 7.10
N VAL J 50 -11.47 39.83 6.00
CA VAL J 50 -10.96 40.08 4.65
C VAL J 50 -11.31 41.47 4.17
N GLU J 51 -10.31 42.31 3.95
CA GLU J 51 -10.60 43.71 3.67
C GLU J 51 -10.68 44.02 2.19
N ASP J 52 -10.21 43.07 1.37
CA ASP J 52 -10.27 43.23 -0.08
C ASP J 52 -10.09 41.88 -0.74
N VAL J 53 -10.69 41.75 -1.92
CA VAL J 53 -10.48 40.59 -2.78
C VAL J 53 -9.92 41.15 -4.05
N ILE J 54 -8.61 41.03 -4.24
CA ILE J 54 -7.94 41.63 -5.38
C ILE J 54 -7.55 40.57 -6.40
N LEU J 55 -8.11 40.62 -7.61
CA LEU J 55 -7.89 39.55 -8.58
C LEU J 55 -7.26 39.98 -9.89
N GLY J 56 -6.23 39.22 -10.29
CA GLY J 56 -5.68 39.31 -11.62
C GLY J 56 -6.62 38.62 -12.60
N HIS J 57 -6.86 39.27 -13.73
CA HIS J 57 -7.89 38.89 -14.66
C HIS J 57 -7.55 39.60 -15.98
N CYS J 58 -7.18 38.82 -16.98
CA CYS J 58 -6.65 39.36 -18.23
C CYS J 58 -7.64 39.48 -19.38
N TYR J 59 -8.81 38.86 -19.28
CA TYR J 59 -9.86 39.02 -20.31
C TYR J 59 -11.20 39.38 -19.72
N PRO J 60 -11.28 40.50 -18.98
CA PRO J 60 -12.54 40.85 -18.32
C PRO J 60 -13.60 41.23 -19.33
N ASN J 61 -14.86 40.97 -18.99
CA ASN J 61 -15.98 41.50 -19.72
C ASN J 61 -17.10 41.82 -18.72
N SER J 62 -18.25 42.27 -19.22
CA SER J 62 -19.34 42.71 -18.34
C SER J 62 -20.13 41.57 -17.71
N GLU J 63 -19.71 40.33 -17.95
CA GLU J 63 -20.28 39.19 -17.24
C GLU J 63 -19.87 39.23 -15.78
N ALA J 64 -18.76 39.90 -15.52
CA ALA J 64 -18.21 40.04 -14.17
C ALA J 64 -17.30 41.25 -14.04
N PRO J 65 -17.91 42.44 -13.85
CA PRO J 65 -17.28 43.74 -13.60
C PRO J 65 -16.54 43.78 -12.27
N ALA J 66 -15.32 44.33 -12.26
CA ALA J 66 -14.48 44.33 -11.05
C ALA J 66 -14.45 42.97 -10.35
N ILE J 67 -13.94 41.97 -11.06
CA ILE J 67 -14.29 40.57 -10.75
C ILE J 67 -14.12 40.20 -9.27
N GLY J 68 -13.22 40.89 -8.57
CA GLY J 68 -12.96 40.56 -7.18
C GLY J 68 -14.16 40.76 -6.27
N ARG J 69 -15.03 41.69 -6.63
CA ARG J 69 -16.24 41.93 -5.87
C ARG J 69 -17.25 40.85 -6.19
N VAL J 70 -17.39 40.53 -7.48
CA VAL J 70 -18.33 39.52 -7.88
C VAL J 70 -17.97 38.14 -7.29
N VAL J 71 -16.69 37.85 -7.19
CA VAL J 71 -16.25 36.59 -6.64
C VAL J 71 -16.52 36.55 -5.13
N ALA J 72 -16.34 37.67 -4.44
CA ALA J 72 -16.58 37.66 -3.01
C ALA J 72 -18.03 37.39 -2.73
N LEU J 73 -18.89 38.21 -3.33
CA LEU J 73 -20.33 38.12 -3.14
C LEU J 73 -20.85 36.75 -3.51
N ASP J 74 -20.40 36.25 -4.65
CA ASP J 74 -20.83 34.95 -5.14
C ASP J 74 -20.24 33.78 -4.35
N ALA J 75 -19.23 34.07 -3.54
CA ALA J 75 -18.67 33.05 -2.63
C ALA J 75 -19.44 33.10 -1.32
N GLY J 76 -20.44 33.99 -1.28
CA GLY J 76 -21.27 34.19 -0.11
C GLY J 76 -20.56 34.95 1.00
N LEU J 77 -19.55 35.73 0.65
CA LEU J 77 -18.87 36.55 1.62
C LEU J 77 -19.81 37.75 1.88
N PRO J 78 -19.68 38.41 3.04
CA PRO J 78 -20.59 39.53 3.33
C PRO J 78 -20.51 40.65 2.31
N ILE J 79 -21.58 41.43 2.21
CA ILE J 79 -21.71 42.57 1.29
C ILE J 79 -20.74 43.71 1.58
N THR J 80 -20.08 43.62 2.73
CA THR J 80 -19.13 44.62 3.17
C THR J 80 -17.72 44.36 2.65
N VAL J 81 -17.49 43.20 2.05
CA VAL J 81 -16.19 42.84 1.49
C VAL J 81 -16.03 43.48 0.10
N PRO J 82 -15.09 44.44 -0.06
CA PRO J 82 -14.79 45.06 -1.34
C PRO J 82 -13.93 44.17 -2.24
N GLY J 83 -13.75 44.58 -3.48
CA GLY J 83 -12.96 43.80 -4.39
C GLY J 83 -12.72 44.50 -5.72
N MET J 84 -11.74 44.03 -6.46
CA MET J 84 -11.41 44.67 -7.72
C MET J 84 -10.66 43.77 -8.68
N GLN J 85 -10.25 44.35 -9.78
CA GLN J 85 -9.66 43.62 -10.88
C GLN J 85 -8.45 44.36 -11.42
N VAL J 86 -7.36 43.64 -11.66
CA VAL J 86 -6.18 44.26 -12.26
C VAL J 86 -5.74 43.42 -13.45
N ASP J 87 -5.10 44.07 -14.41
CA ASP J 87 -4.56 43.38 -15.55
C ASP J 87 -3.18 43.96 -15.90
N ARG J 88 -2.19 43.09 -15.83
CA ARG J 88 -0.85 43.33 -16.32
C ARG J 88 -0.48 42.06 -17.07
N ARG J 89 -1.44 41.59 -17.87
CA ARG J 89 -1.33 40.33 -18.64
C ARG J 89 -0.81 39.15 -17.78
N CYS J 90 0.11 38.35 -18.31
CA CYS J 90 0.62 37.17 -17.61
C CYS J 90 1.07 37.42 -16.16
N GLY J 91 1.42 38.66 -15.85
CA GLY J 91 1.86 39.00 -14.52
C GLY J 91 0.75 39.37 -13.54
N SER J 92 -0.49 39.38 -14.02
CA SER J 92 -1.64 39.88 -13.26
C SER J 92 -1.83 39.25 -11.87
N GLY J 93 -1.59 37.95 -11.75
CA GLY J 93 -1.75 37.28 -10.47
C GLY J 93 -0.74 37.71 -9.41
N LEU J 94 0.51 37.92 -9.83
CA LEU J 94 1.56 38.46 -8.98
C LEU J 94 1.40 39.97 -8.76
N GLN J 95 0.90 40.66 -9.76
CA GLN J 95 0.57 42.06 -9.62
C GLN J 95 -0.44 42.25 -8.49
N ALA J 96 -1.39 41.33 -8.37
CA ALA J 96 -2.40 41.44 -7.34
C ALA J 96 -1.81 41.06 -5.97
N VAL J 97 -0.87 40.12 -5.94
CA VAL J 97 -0.18 39.80 -4.69
C VAL J 97 0.66 41.01 -4.25
N ILE J 98 1.35 41.62 -5.21
CA ILE J 98 2.19 42.75 -4.90
C ILE J 98 1.36 43.90 -4.35
N GLN J 99 0.27 44.26 -5.03
CA GLN J 99 -0.62 45.28 -4.52
C GLN J 99 -1.16 44.95 -3.14
N ALA J 100 -1.59 43.72 -2.98
CA ALA J 100 -2.11 43.27 -1.70
C ALA J 100 -1.05 43.47 -0.61
N CYS J 101 0.21 43.24 -0.96
CA CYS J 101 1.31 43.45 -0.03
C CYS J 101 1.53 44.92 0.29
N LEU J 102 1.36 45.79 -0.70
CA LEU J 102 1.51 47.23 -0.48
C LEU J 102 0.48 47.88 0.42
N GLN J 103 -0.81 47.55 0.26
CA GLN J 103 -1.85 48.14 1.11
C GLN J 103 -1.95 47.43 2.47
N VAL J 104 -1.16 46.38 2.63
CA VAL J 104 -0.98 45.74 3.92
C VAL J 104 0.29 46.25 4.63
N ARG J 105 1.40 46.30 3.90
CA ARG J 105 2.65 46.81 4.44
C ARG J 105 2.54 48.27 4.83
N SER J 106 1.54 48.96 4.29
CA SER J 106 1.37 50.39 4.52
C SER J 106 0.64 50.71 5.81
N GLY J 107 -0.07 49.74 6.35
CA GLY J 107 -0.93 49.98 7.48
C GLY J 107 -2.41 50.15 7.15
N ASP J 108 -2.75 50.33 5.86
CA ASP J 108 -4.16 50.61 5.51
C ASP J 108 -5.06 49.41 5.72
N HIS J 109 -4.54 48.22 5.44
CA HIS J 109 -5.32 46.98 5.56
C HIS J 109 -4.47 45.96 6.34
N ASP J 110 -5.09 45.06 7.10
CA ASP J 110 -4.32 44.08 7.86
C ASP J 110 -4.41 42.69 7.25
N LEU J 111 -5.49 42.44 6.49
CA LEU J 111 -5.65 41.18 5.78
C LEU J 111 -6.48 41.35 4.51
N VAL J 112 -5.96 40.84 3.41
CA VAL J 112 -6.71 40.83 2.15
C VAL J 112 -6.58 39.50 1.42
N VAL J 113 -7.43 39.28 0.42
CA VAL J 113 -7.23 38.17 -0.48
C VAL J 113 -6.65 38.67 -1.78
N ALA J 114 -5.58 38.03 -2.24
CA ALA J 114 -5.02 38.30 -3.55
C ALA J 114 -5.06 37.03 -4.38
N GLY J 115 -5.44 37.14 -5.65
CA GLY J 115 -5.51 35.97 -6.50
C GLY J 115 -5.81 36.25 -7.97
N GLY J 116 -6.26 35.22 -8.67
CA GLY J 116 -6.54 35.36 -10.08
C GLY J 116 -7.55 34.34 -10.56
N ALA J 117 -8.29 34.69 -11.60
CA ALA J 117 -9.25 33.78 -12.21
C ALA J 117 -9.18 33.94 -13.72
N GLU J 118 -9.22 32.82 -14.42
CA GLU J 118 -9.22 32.89 -15.87
C GLU J 118 -9.91 31.69 -16.47
N SER J 119 -11.05 31.96 -17.10
CA SER J 119 -11.69 30.97 -17.95
C SER J 119 -11.36 31.29 -19.40
N MET J 120 -10.21 30.81 -19.87
CA MET J 120 -9.84 31.02 -21.26
C MET J 120 -10.76 30.28 -22.24
N SER J 121 -11.47 29.26 -21.77
CA SER J 121 -12.48 28.62 -22.61
C SER J 121 -13.63 29.55 -22.96
N ASN J 122 -13.84 30.56 -22.14
CA ASN J 122 -15.05 31.37 -22.27
C ASN J 122 -14.76 32.84 -22.53
N VAL J 123 -13.53 33.13 -22.94
CA VAL J 123 -13.15 34.47 -23.32
C VAL J 123 -14.04 34.93 -24.48
N ALA J 124 -14.62 36.13 -24.34
CA ALA J 124 -15.56 36.62 -25.33
C ALA J 124 -14.95 36.81 -26.72
N PHE J 125 -15.77 36.72 -27.76
CA PHE J 125 -15.45 37.29 -29.05
C PHE J 125 -16.13 38.65 -29.01
N TYR J 126 -15.64 39.65 -29.75
CA TYR J 126 -16.23 40.99 -29.61
C TYR J 126 -16.04 41.86 -30.82
N SER J 127 -16.82 42.93 -30.89
CA SER J 127 -16.60 43.94 -31.92
C SER J 127 -16.77 45.35 -31.41
N THR J 128 -15.99 46.26 -31.98
CA THR J 128 -16.16 47.69 -31.69
C THR J 128 -16.62 48.41 -32.95
N ASP J 129 -17.40 47.72 -33.79
CA ASP J 129 -17.88 48.25 -35.06
C ASP J 129 -19.41 48.25 -35.12
N MET J 130 -20.04 47.63 -34.13
CA MET J 130 -21.47 47.42 -34.14
C MET J 130 -22.27 48.46 -33.37
N ARG J 131 -21.61 49.40 -32.69
CA ARG J 131 -22.37 50.40 -31.95
C ARG J 131 -22.89 51.44 -32.92
N TRP J 132 -21.99 51.98 -33.71
CA TRP J 132 -22.34 53.05 -34.63
C TRP J 132 -22.53 52.53 -36.06
N GLY J 133 -22.15 51.27 -36.26
CA GLY J 133 -22.37 50.56 -37.51
C GLY J 133 -21.15 50.49 -38.41
N GLY J 134 -21.00 49.35 -39.10
CA GLY J 134 -19.88 49.14 -40.01
C GLY J 134 -20.17 49.44 -41.47
N ALA J 135 -21.22 50.21 -41.73
CA ALA J 135 -21.59 50.59 -43.09
C ALA J 135 -20.42 51.14 -43.93
N ARG J 136 -19.70 52.12 -43.38
CA ARG J 136 -18.54 52.67 -44.08
C ARG J 136 -17.22 51.93 -43.78
N THR J 137 -17.06 51.42 -42.56
CA THR J 137 -15.81 50.77 -42.19
C THR J 137 -15.82 49.23 -42.28
N GLY J 138 -16.98 48.60 -42.10
CA GLY J 138 -17.05 47.15 -42.06
C GLY J 138 -17.01 46.60 -40.64
N VAL J 139 -17.47 45.37 -40.44
CA VAL J 139 -17.51 44.80 -39.10
C VAL J 139 -16.47 43.71 -38.92
N GLN J 140 -15.80 43.72 -37.78
CA GLN J 140 -14.89 42.65 -37.45
C GLN J 140 -15.25 42.04 -36.13
N ILE J 141 -15.14 40.73 -36.03
CA ILE J 141 -15.27 40.07 -34.76
C ILE J 141 -13.90 39.56 -34.33
N HIS J 142 -13.49 39.99 -33.14
CA HIS J 142 -12.16 39.67 -32.68
C HIS J 142 -12.23 38.59 -31.62
N ASP J 143 -11.21 37.72 -31.62
CA ASP J 143 -10.99 36.79 -30.53
C ASP J 143 -10.25 37.51 -29.43
N GLY J 144 -10.82 37.49 -28.22
CA GLY J 144 -10.11 38.02 -27.06
C GLY J 144 -8.66 37.58 -26.94
N LEU J 145 -8.37 36.29 -27.13
CA LEU J 145 -7.01 35.77 -27.01
C LEU J 145 -6.08 36.25 -28.11
N ALA J 146 -6.39 35.83 -29.32
CA ALA J 146 -5.58 36.13 -30.48
C ALA J 146 -5.34 37.62 -30.67
N ARG J 147 -6.42 38.41 -30.65
CA ARG J 147 -6.34 39.82 -30.95
C ARG J 147 -5.44 40.56 -29.96
N GLY J 148 -5.74 40.39 -28.67
CA GLY J 148 -4.96 41.01 -27.62
C GLY J 148 -3.47 40.74 -27.70
N ARG J 149 -3.09 39.61 -28.29
CA ARG J 149 -1.67 39.28 -28.43
C ARG J 149 -0.93 40.13 -29.47
N THR J 150 -1.68 40.64 -30.46
CA THR J 150 -1.15 41.55 -31.47
C THR J 150 -1.22 43.03 -31.09
N THR J 151 -2.14 43.40 -30.19
CA THR J 151 -2.40 44.82 -29.94
C THR J 151 -1.70 45.39 -28.70
N ALA J 152 -1.19 44.52 -27.84
CA ALA J 152 -0.63 44.92 -26.55
C ALA J 152 0.57 45.85 -26.64
N GLY J 153 1.20 45.93 -27.80
CA GLY J 153 2.39 46.73 -27.97
C GLY J 153 2.11 48.12 -28.48
N GLY J 154 0.82 48.40 -28.74
CA GLY J 154 0.42 49.70 -29.25
C GLY J 154 0.52 49.83 -30.76
N LYS J 155 0.14 50.98 -31.29
CA LYS J 155 0.15 51.14 -32.74
C LYS J 155 1.56 51.18 -33.32
N PHE J 156 2.56 51.55 -32.52
CA PHE J 156 3.91 51.62 -33.07
C PHE J 156 4.69 50.32 -32.90
N HIS J 157 4.14 49.35 -32.17
CA HIS J 157 4.82 48.07 -31.99
C HIS J 157 3.86 46.91 -32.16
N PRO J 158 3.43 46.68 -33.40
CA PRO J 158 2.45 45.62 -33.66
C PRO J 158 3.13 44.27 -33.85
N VAL J 159 2.50 43.18 -33.40
CA VAL J 159 3.04 41.83 -33.61
C VAL J 159 1.98 40.90 -34.21
N PRO J 160 1.93 40.84 -35.55
CA PRO J 160 0.90 40.11 -36.32
C PRO J 160 0.74 38.65 -35.88
N GLY J 161 1.86 38.02 -35.53
CA GLY J 161 1.84 36.63 -35.11
C GLY J 161 1.80 36.47 -33.60
N GLY J 162 1.38 37.52 -32.91
CA GLY J 162 1.15 37.47 -31.47
C GLY J 162 2.31 37.00 -30.63
N MET J 163 2.02 36.22 -29.60
CA MET J 163 3.06 35.78 -28.69
C MET J 163 3.99 34.74 -29.31
N LEU J 164 3.49 34.01 -30.30
CA LEU J 164 4.30 33.00 -30.95
C LEU J 164 5.37 33.63 -31.83
N GLU J 165 5.09 34.80 -32.37
CA GLU J 165 6.11 35.51 -33.12
C GLU J 165 7.22 36.06 -32.22
N THR J 166 6.89 36.53 -31.02
CA THR J 166 7.93 36.99 -30.09
C THR J 166 8.75 35.81 -29.59
N ALA J 167 8.23 34.61 -29.80
CA ALA J 167 8.89 33.39 -29.34
C ALA J 167 9.87 32.89 -30.39
N GLU J 168 9.45 32.99 -31.65
CA GLU J 168 10.31 32.70 -32.78
C GLU J 168 11.40 33.75 -32.89
N ASN J 169 11.10 34.96 -32.43
CA ASN J 169 12.09 36.03 -32.39
C ASN J 169 13.21 35.66 -31.43
N LEU J 170 12.84 35.27 -30.21
CA LEU J 170 13.80 34.90 -29.19
C LEU J 170 14.63 33.68 -29.59
N ARG J 171 13.97 32.70 -30.17
CA ARG J 171 14.65 31.49 -30.61
C ARG J 171 15.67 31.82 -31.72
N ARG J 172 15.37 32.85 -32.50
CA ARG J 172 16.23 33.27 -33.60
C ARG J 172 17.37 34.16 -33.10
N GLU J 173 17.08 35.05 -32.15
CA GLU J 173 18.15 35.86 -31.58
C GLU J 173 19.08 34.99 -30.74
N TYR J 174 18.54 33.95 -30.12
CA TYR J 174 19.35 33.23 -29.16
C TYR J 174 19.83 31.86 -29.65
N HIS J 175 19.60 31.58 -30.94
CA HIS J 175 20.07 30.35 -31.56
C HIS J 175 19.56 29.11 -30.83
N ILE J 176 18.30 29.15 -30.42
CA ILE J 176 17.74 28.04 -29.67
C ILE J 176 17.14 26.98 -30.58
N SER J 177 17.55 25.74 -30.35
CA SER J 177 17.13 24.64 -31.21
C SER J 177 15.78 24.09 -30.79
N ARG J 178 15.10 23.54 -31.79
CA ARG J 178 13.87 22.80 -31.61
C ARG J 178 14.08 21.70 -30.59
N THR J 179 15.24 21.05 -30.69
CA THR J 179 15.59 19.96 -29.80
C THR J 179 15.67 20.41 -28.35
N GLU J 180 16.42 21.48 -28.08
CA GLU J 180 16.52 21.96 -26.72
C GLU J 180 15.14 22.36 -26.20
N GLN J 181 14.33 22.96 -27.07
CA GLN J 181 12.98 23.40 -26.74
C GLN J 181 12.12 22.23 -26.25
N ASP J 182 11.94 21.24 -27.11
CA ASP J 182 11.17 20.04 -26.77
C ASP J 182 11.79 19.28 -25.59
N GLU J 183 13.10 19.41 -25.41
CA GLU J 183 13.77 18.80 -24.26
C GLU J 183 13.26 19.44 -22.98
N LEU J 184 13.16 20.76 -22.95
CA LEU J 184 12.62 21.45 -21.78
C LEU J 184 11.17 21.06 -21.54
N ALA J 185 10.39 20.96 -22.61
CA ALA J 185 8.97 20.64 -22.50
C ALA J 185 8.73 19.25 -21.88
N VAL J 186 9.51 18.27 -22.33
CA VAL J 186 9.43 16.92 -21.79
C VAL J 186 9.58 16.97 -20.29
N ARG J 187 10.62 17.68 -19.87
CA ARG J 187 11.01 17.73 -18.49
C ARG J 187 9.93 18.38 -17.63
N SER J 188 9.30 19.42 -18.14
CA SER J 188 8.21 20.08 -17.43
C SER J 188 7.02 19.15 -17.20
N HIS J 189 6.75 18.27 -18.15
CA HIS J 189 5.66 17.29 -18.00
C HIS J 189 6.01 16.27 -16.95
N GLN J 190 7.25 15.80 -17.02
CA GLN J 190 7.77 14.85 -16.06
C GLN J 190 7.76 15.38 -14.66
N ARG J 191 8.04 16.67 -14.49
CA ARG J 191 8.01 17.25 -13.16
C ARG J 191 6.58 17.38 -12.67
N ALA J 192 5.68 17.76 -13.56
CA ALA J 192 4.29 17.85 -13.16
C ALA J 192 3.80 16.47 -12.72
N VAL J 193 3.93 15.49 -13.61
CA VAL J 193 3.46 14.14 -13.35
C VAL J 193 4.05 13.60 -12.05
N ALA J 194 5.34 13.79 -11.85
CA ALA J 194 5.98 13.41 -10.59
C ALA J 194 5.41 14.16 -9.38
N ALA J 195 5.07 15.44 -9.57
CA ALA J 195 4.53 16.24 -8.49
C ALA J 195 3.14 15.76 -8.09
N GLN J 196 2.34 15.37 -9.08
CA GLN J 196 1.05 14.75 -8.81
C GLN J 196 1.27 13.44 -8.09
N SER J 197 1.97 12.53 -8.76
CA SER J 197 2.24 11.22 -8.21
C SER J 197 2.67 11.24 -6.76
N GLU J 198 3.50 12.21 -6.42
CA GLU J 198 3.96 12.36 -5.05
C GLU J 198 2.86 12.95 -4.19
N GLY J 199 1.88 13.59 -4.81
CA GLY J 199 0.78 14.21 -4.09
C GLY J 199 1.09 15.54 -3.45
N VAL J 200 2.11 16.23 -3.92
CA VAL J 200 2.39 17.56 -3.39
C VAL J 200 1.42 18.56 -4.02
N LEU J 201 0.92 18.26 -5.21
CA LEU J 201 -0.03 19.16 -5.85
C LEU J 201 -1.36 19.24 -5.11
N ALA J 202 -1.69 18.19 -4.37
CA ALA J 202 -2.92 18.19 -3.60
C ALA J 202 -2.90 19.24 -2.50
N GLU J 203 -1.71 19.62 -2.04
CA GLU J 203 -1.66 20.67 -1.02
C GLU J 203 -1.98 22.04 -1.61
N GLU J 204 -1.88 22.18 -2.93
CA GLU J 204 -2.23 23.40 -3.63
C GLU J 204 -3.70 23.49 -3.94
N ILE J 205 -4.28 22.34 -4.25
CA ILE J 205 -5.52 22.28 -5.02
C ILE J 205 -6.81 22.20 -4.22
N ILE J 206 -7.70 23.15 -4.50
CA ILE J 206 -9.09 23.11 -4.08
C ILE J 206 -9.89 22.38 -5.13
N PRO J 207 -10.37 21.16 -4.81
CA PRO J 207 -11.16 20.37 -5.77
C PRO J 207 -12.45 21.07 -6.22
N VAL J 208 -12.83 20.90 -7.48
CA VAL J 208 -13.97 21.61 -8.03
C VAL J 208 -15.13 20.68 -8.38
N PRO J 209 -16.34 21.04 -7.92
CA PRO J 209 -17.60 20.35 -8.26
C PRO J 209 -18.19 20.85 -9.58
N VAL J 210 -18.52 19.92 -10.49
CA VAL J 210 -19.12 20.25 -11.79
C VAL J 210 -20.45 19.50 -11.98
N ARG J 211 -21.06 19.60 -13.17
CA ARG J 211 -22.37 18.98 -13.40
C ARG J 211 -22.36 17.80 -14.36
N THR J 212 -23.17 16.79 -14.02
CA THR J 212 -23.46 15.60 -14.83
C THR J 212 -22.68 15.46 -16.14
N GLU J 216 -23.23 15.67 -10.09
CA GLU J 216 -22.04 16.28 -9.48
C GLU J 216 -20.83 15.33 -9.51
N GLU J 217 -19.70 15.86 -9.97
CA GLU J 217 -18.40 15.20 -9.91
C GLU J 217 -17.43 16.18 -9.27
N THR J 218 -16.41 15.69 -8.60
CA THR J 218 -15.42 16.59 -8.03
C THR J 218 -14.05 16.34 -8.69
N ILE J 219 -13.49 17.39 -9.27
CA ILE J 219 -12.24 17.27 -9.98
C ILE J 219 -11.08 17.85 -9.19
N SER J 220 -10.00 17.09 -9.04
CA SER J 220 -8.88 17.57 -8.24
C SER J 220 -7.52 17.30 -8.87
N VAL J 221 -7.52 16.93 -10.15
CA VAL J 221 -6.28 16.61 -10.85
C VAL J 221 -6.18 17.48 -12.09
N ASP J 222 -4.96 17.88 -12.44
CA ASP J 222 -4.77 18.76 -13.57
C ASP J 222 -4.87 17.98 -14.86
N GLU J 223 -5.42 18.62 -15.89
CA GLU J 223 -5.84 17.97 -17.12
C GLU J 223 -4.79 18.02 -18.21
N HIS J 224 -3.95 19.04 -18.15
CA HIS J 224 -2.93 19.33 -19.16
C HIS J 224 -1.64 18.44 -19.17
N PRO J 225 -1.14 18.01 -17.99
CA PRO J 225 0.07 17.18 -17.97
C PRO J 225 -0.05 15.80 -18.62
N ARG J 226 1.01 15.36 -19.31
CA ARG J 226 1.03 14.04 -19.95
C ARG J 226 2.11 13.10 -19.40
N ALA J 227 1.70 11.87 -19.10
CA ALA J 227 2.64 10.86 -18.65
C ALA J 227 3.55 10.41 -19.79
N ASP J 228 3.01 10.44 -21.01
CA ASP J 228 3.66 9.81 -22.15
C ASP J 228 4.30 10.78 -23.12
N THR J 229 4.65 11.97 -22.66
CA THR J 229 5.32 12.95 -23.51
C THR J 229 6.79 12.57 -23.74
N THR J 230 7.24 12.63 -24.99
CA THR J 230 8.61 12.26 -25.37
C THR J 230 9.23 13.26 -26.37
N VAL J 231 10.56 13.30 -26.42
CA VAL J 231 11.26 14.17 -27.37
C VAL J 231 10.95 13.72 -28.79
N GLU J 232 10.68 12.43 -28.95
CA GLU J 232 10.33 11.82 -30.23
C GLU J 232 9.00 12.30 -30.75
N ALA J 233 7.97 12.19 -29.92
CA ALA J 233 6.62 12.57 -30.32
C ALA J 233 6.53 14.06 -30.57
N LEU J 234 7.28 14.83 -29.80
CA LEU J 234 7.28 16.29 -29.96
C LEU J 234 7.93 16.69 -31.28
N ALA J 235 8.87 15.87 -31.75
CA ALA J 235 9.53 16.15 -33.01
C ALA J 235 8.52 16.18 -34.15
N LYS J 236 7.45 15.40 -33.99
CA LYS J 236 6.49 15.17 -35.07
C LYS J 236 5.47 16.29 -35.24
N LEU J 237 5.48 17.26 -34.33
CA LEU J 237 4.50 18.34 -34.40
C LEU J 237 4.92 19.48 -35.33
N LYS J 238 3.94 20.06 -36.01
CA LYS J 238 4.17 21.18 -36.91
C LYS J 238 4.14 22.53 -36.17
N PRO J 239 5.23 23.29 -36.28
CA PRO J 239 5.25 24.67 -35.79
C PRO J 239 4.07 25.46 -36.32
N VAL J 240 3.44 26.26 -35.47
CA VAL J 240 2.28 27.00 -35.88
C VAL J 240 2.66 27.97 -36.99
N LEU J 241 3.81 28.62 -36.83
CA LEU J 241 4.22 29.65 -37.78
C LEU J 241 5.21 29.14 -38.82
N LEU J 242 5.19 27.84 -39.08
CA LEU J 242 6.13 27.26 -40.03
C LEU J 242 5.89 27.78 -41.44
N LYS J 243 4.62 28.02 -41.78
CA LYS J 243 4.28 28.56 -43.10
C LYS J 243 5.01 29.87 -43.39
N GLN J 244 4.97 30.80 -42.44
CA GLN J 244 5.63 32.07 -42.65
C GLN J 244 7.15 31.97 -42.52
N ASP J 245 7.61 30.98 -41.76
CA ASP J 245 9.04 30.86 -41.45
C ASP J 245 9.52 29.42 -41.49
N PRO J 246 10.34 29.08 -42.50
CA PRO J 246 10.92 27.76 -42.74
C PRO J 246 11.66 27.21 -41.52
N GLU J 247 12.23 28.10 -40.71
CA GLU J 247 13.07 27.71 -39.58
C GLU J 247 12.34 27.63 -38.24
N ALA J 248 11.02 27.84 -38.25
CA ALA J 248 10.23 27.91 -37.02
C ALA J 248 10.32 26.65 -36.13
N THR J 249 10.31 26.84 -34.80
CA THR J 249 10.35 25.71 -33.86
C THR J 249 9.17 25.65 -32.90
N VAL J 250 8.46 26.78 -32.73
CA VAL J 250 7.44 26.86 -31.70
C VAL J 250 6.16 26.16 -32.13
N THR J 251 5.84 25.10 -31.39
CA THR J 251 4.66 24.28 -31.61
C THR J 251 3.74 24.28 -30.40
N ALA J 252 2.62 23.60 -30.53
CA ALA J 252 1.72 23.39 -29.42
C ALA J 252 2.42 22.64 -28.28
N GLY J 253 3.36 21.77 -28.65
CA GLY J 253 4.07 20.96 -27.69
C GLY J 253 5.00 21.71 -26.74
N ASN J 254 5.82 22.61 -27.25
CA ASN J 254 6.78 23.34 -26.42
C ASN J 254 6.28 24.73 -26.01
N SER J 255 4.97 24.95 -26.15
CA SER J 255 4.35 26.20 -25.73
C SER J 255 3.48 26.00 -24.51
N SER J 256 3.27 27.05 -23.73
CA SER J 256 2.34 26.96 -22.62
C SER J 256 0.97 26.68 -23.18
N GLY J 257 0.12 26.08 -22.35
CA GLY J 257 -1.22 25.77 -22.77
C GLY J 257 -2.08 27.01 -22.68
N GLN J 258 -3.30 26.93 -23.22
CA GLN J 258 -4.42 27.82 -22.91
C GLN J 258 -5.39 27.13 -22.02
N ASN J 259 -5.75 27.73 -20.88
CA ASN J 259 -6.28 26.98 -19.75
C ASN J 259 -7.30 27.71 -18.87
N ASP J 260 -7.90 26.96 -17.93
CA ASP J 260 -8.93 27.45 -17.01
C ASP J 260 -8.63 27.13 -15.52
N ALA J 261 -8.48 28.17 -14.68
CA ALA J 261 -8.23 27.98 -13.24
C ALA J 261 -8.44 29.27 -12.44
N ALA J 262 -8.42 29.13 -11.11
CA ALA J 262 -8.34 30.29 -10.24
C ALA J 262 -7.36 30.04 -9.08
N SER J 263 -6.76 31.13 -8.60
CA SER J 263 -5.79 31.04 -7.51
C SER J 263 -6.18 32.05 -6.45
N MET J 264 -5.84 31.74 -5.20
CA MET J 264 -6.15 32.60 -4.06
C MET J 264 -5.14 32.38 -2.97
N CYS J 265 -4.84 33.45 -2.25
CA CYS J 265 -4.01 33.37 -1.06
C CYS J 265 -4.36 34.49 -0.12
N ILE J 266 -3.94 34.34 1.12
CA ILE J 266 -4.09 35.37 2.12
C ILE J 266 -2.82 36.20 2.18
N VAL J 267 -2.99 37.51 2.12
CA VAL J 267 -1.88 38.41 2.31
C VAL J 267 -2.19 39.16 3.59
N THR J 268 -1.22 39.19 4.51
CA THR J 268 -1.42 39.78 5.83
C THR J 268 -0.08 40.14 6.45
N THR J 269 -0.11 40.61 7.70
CA THR J 269 1.09 40.89 8.48
C THR J 269 1.40 39.81 9.51
N PRO J 270 2.68 39.65 9.86
CA PRO J 270 3.08 38.72 10.92
C PRO J 270 2.21 38.84 12.17
N GLU J 271 2.00 40.06 12.64
CA GLU J 271 1.21 40.28 13.85
C GLU J 271 -0.26 39.87 13.71
N LYS J 272 -0.87 40.13 12.55
CA LYS J 272 -2.26 39.74 12.31
C LYS J 272 -2.38 38.22 12.21
N ALA J 273 -1.48 37.60 11.47
CA ALA J 273 -1.47 36.15 11.34
C ALA J 273 -1.24 35.46 12.69
N ALA J 274 -0.50 36.12 13.58
CA ALA J 274 -0.27 35.53 14.90
C ALA J 274 -1.55 35.69 15.69
N GLU J 275 -2.14 36.89 15.65
CA GLU J 275 -3.43 37.11 16.28
C GLU J 275 -4.46 36.08 15.85
N LEU J 276 -4.50 35.79 14.55
CA LEU J 276 -5.50 34.88 14.00
C LEU J 276 -5.11 33.41 14.07
N GLY J 277 -3.85 33.14 14.44
CA GLY J 277 -3.39 31.79 14.52
C GLY J 277 -3.21 31.20 13.15
N LEU J 278 -2.96 32.06 12.16
CA LEU J 278 -2.58 31.64 10.81
C LEU J 278 -1.14 31.18 10.82
N LYS J 279 -0.73 30.40 9.83
CA LYS J 279 0.68 30.05 9.71
C LYS J 279 1.24 30.50 8.37
N PRO J 280 1.94 31.64 8.37
CA PRO J 280 2.56 32.23 7.18
C PRO J 280 3.56 31.30 6.53
N LEU J 281 3.66 31.29 5.21
CA LEU J 281 4.66 30.47 4.53
C LEU J 281 5.87 31.29 4.08
N VAL J 282 5.61 32.49 3.55
CA VAL J 282 6.68 33.37 3.08
C VAL J 282 6.32 34.79 3.32
N ARG J 283 7.35 35.64 3.24
CA ARG J 283 7.18 37.07 3.18
C ARG J 283 7.79 37.55 1.88
N LEU J 284 7.24 38.63 1.33
CA LEU J 284 7.83 39.22 0.16
C LEU J 284 9.08 39.99 0.59
N VAL J 285 10.21 39.69 -0.06
CA VAL J 285 11.44 40.44 0.20
C VAL J 285 11.52 41.70 -0.63
N SER J 286 11.19 41.57 -1.91
CA SER J 286 11.23 42.68 -2.84
C SER J 286 10.55 42.31 -4.13
N TRP J 287 10.30 43.31 -4.98
CA TRP J 287 9.73 43.07 -6.29
C TRP J 287 10.33 44.01 -7.29
N GLY J 288 10.01 43.78 -8.55
CA GLY J 288 10.51 44.65 -9.61
C GLY J 288 9.78 44.38 -10.90
N SER J 289 9.60 45.42 -11.68
CA SER J 289 8.97 45.31 -12.99
C SER J 289 9.79 46.08 -14.02
N ALA J 290 9.66 45.70 -15.29
CA ALA J 290 10.47 46.33 -16.34
C ALA J 290 9.72 46.35 -17.68
N GLY J 291 10.17 47.22 -18.58
CA GLY J 291 9.68 47.19 -19.95
C GLY J 291 10.73 46.69 -20.92
N VAL J 292 10.31 45.94 -21.92
CA VAL J 292 11.22 45.50 -22.97
C VAL J 292 10.49 45.65 -24.25
N ALA J 293 11.19 45.44 -25.36
CA ALA J 293 10.57 45.48 -26.69
C ALA J 293 9.42 44.49 -26.72
N PRO J 294 8.25 44.94 -27.17
CA PRO J 294 7.09 44.06 -27.28
C PRO J 294 7.30 42.85 -28.19
N ASP J 295 8.19 42.95 -29.18
CA ASP J 295 8.48 41.83 -30.08
C ASP J 295 9.54 40.86 -29.52
N LEU J 296 10.14 41.21 -28.39
CA LEU J 296 11.01 40.31 -27.65
C LEU J 296 10.54 40.30 -26.21
N MET J 297 9.22 40.27 -26.05
CA MET J 297 8.53 40.16 -24.77
C MET J 297 9.25 39.26 -23.77
N GLY J 298 9.74 38.12 -24.29
CA GLY J 298 9.92 36.91 -23.50
C GLY J 298 11.01 37.06 -22.50
N ILE J 299 11.80 38.07 -22.78
CA ILE J 299 13.04 38.34 -22.12
C ILE J 299 12.74 39.33 -21.00
N GLY J 300 11.47 39.71 -20.87
CA GLY J 300 10.96 40.47 -19.74
C GLY J 300 11.52 40.15 -18.36
N PRO J 301 11.49 38.87 -17.95
CA PRO J 301 11.96 38.46 -16.63
C PRO J 301 13.34 38.92 -16.27
N VAL J 302 14.25 39.01 -17.24
CA VAL J 302 15.65 39.28 -16.95
C VAL J 302 15.83 40.69 -16.36
N PRO J 303 15.29 41.74 -17.02
CA PRO J 303 15.44 43.04 -16.37
C PRO J 303 14.59 43.19 -15.10
N ALA J 304 13.40 42.61 -15.08
CA ALA J 304 12.55 42.67 -13.89
C ALA J 304 13.18 41.93 -12.71
N THR J 305 13.84 40.81 -12.97
CA THR J 305 14.46 40.04 -11.90
C THR J 305 15.68 40.76 -11.38
N GLU J 306 16.34 41.50 -12.26
CA GLU J 306 17.44 42.35 -11.84
C GLU J 306 17.01 43.39 -10.83
N VAL J 307 15.93 44.11 -11.10
CA VAL J 307 15.41 45.12 -10.18
C VAL J 307 14.95 44.54 -8.83
N ALA J 308 14.41 43.33 -8.84
CA ALA J 308 14.00 42.68 -7.59
C ALA J 308 15.20 42.30 -6.71
N LEU J 309 16.26 41.76 -7.34
CA LEU J 309 17.42 41.27 -6.61
C LEU J 309 18.30 42.41 -6.12
N ALA J 310 18.40 43.46 -6.92
CA ALA J 310 19.11 44.67 -6.53
C ALA J 310 18.49 45.31 -5.30
N LYS J 311 17.17 45.48 -5.29
CA LYS J 311 16.47 46.04 -4.13
C LYS J 311 16.68 45.19 -2.90
N ALA J 312 16.73 43.88 -3.10
CA ALA J 312 16.85 42.94 -2.00
C ALA J 312 18.30 42.83 -1.60
N GLY J 313 19.15 43.56 -2.30
CA GLY J 313 20.58 43.41 -2.12
C GLY J 313 21.04 41.97 -2.30
N LEU J 314 20.37 41.22 -3.17
CA LEU J 314 20.68 39.82 -3.44
C LEU J 314 21.24 39.60 -4.84
N THR J 315 21.74 38.39 -5.10
CA THR J 315 22.02 37.95 -6.47
C THR J 315 21.28 36.66 -6.74
N LEU J 316 21.38 36.17 -7.97
CA LEU J 316 20.73 34.94 -8.35
C LEU J 316 21.38 33.77 -7.60
N ALA J 317 22.61 33.96 -7.14
CA ALA J 317 23.32 32.96 -6.34
C ALA J 317 22.68 32.75 -4.97
N ASP J 318 21.89 33.74 -4.54
CA ASP J 318 21.15 33.71 -3.29
C ASP J 318 19.79 33.04 -3.43
N ILE J 319 19.40 32.69 -4.64
CA ILE J 319 18.03 32.22 -4.86
C ILE J 319 17.97 30.69 -4.84
N ASP J 320 17.20 30.12 -3.91
CA ASP J 320 17.14 28.66 -3.79
C ASP J 320 16.21 28.04 -4.80
N LEU J 321 15.07 28.67 -5.00
CA LEU J 321 14.11 28.15 -5.96
C LEU J 321 13.62 29.24 -6.87
N ILE J 322 13.39 28.86 -8.12
CA ILE J 322 12.94 29.80 -9.11
C ILE J 322 11.67 29.30 -9.71
N GLU J 323 10.66 30.17 -9.74
CA GLU J 323 9.49 29.96 -10.56
C GLU J 323 9.52 30.96 -11.70
N LEU J 324 9.57 30.42 -12.90
CA LEU J 324 9.60 31.16 -14.15
C LEU J 324 8.56 30.49 -15.05
N ASN J 325 7.63 31.26 -15.61
CA ASN J 325 6.42 30.66 -16.15
C ASN J 325 6.56 29.73 -17.35
N GLU J 326 7.50 30.00 -18.24
CA GLU J 326 7.62 29.24 -19.49
C GLU J 326 6.39 29.37 -20.36
N ALA J 327 6.14 30.58 -20.83
CA ALA J 327 5.12 30.84 -21.84
C ALA J 327 5.40 29.98 -23.07
N PHE J 328 6.65 29.97 -23.50
CA PHE J 328 7.08 29.10 -24.59
C PHE J 328 8.44 28.58 -24.20
N ALA J 329 8.81 27.39 -24.67
CA ALA J 329 10.11 26.84 -24.25
C ALA J 329 11.25 27.75 -24.71
N ALA J 330 11.18 28.23 -25.94
CA ALA J 330 12.22 29.09 -26.48
C ALA J 330 12.38 30.36 -25.65
N GLN J 331 11.26 30.91 -25.23
CA GLN J 331 11.23 32.06 -24.35
C GLN J 331 11.98 31.81 -23.03
N ALA J 332 11.62 30.74 -22.33
CA ALA J 332 12.26 30.39 -21.06
C ALA J 332 13.76 30.19 -21.20
N LEU J 333 14.16 29.49 -22.26
CA LEU J 333 15.57 29.21 -22.52
C LEU J 333 16.33 30.50 -22.74
N ALA J 334 15.73 31.42 -23.48
CA ALA J 334 16.33 32.73 -23.70
C ALA J 334 16.61 33.42 -22.37
N VAL J 335 15.61 33.41 -21.48
CA VAL J 335 15.79 33.99 -20.15
C VAL J 335 16.87 33.26 -19.38
N MET J 336 16.85 31.94 -19.45
CA MET J 336 17.80 31.15 -18.71
C MET J 336 19.23 31.30 -19.24
N ARG J 337 19.37 31.46 -20.55
CA ARG J 337 20.69 31.69 -21.11
C ARG J 337 21.26 33.06 -20.75
N GLU J 338 20.41 34.07 -20.62
CA GLU J 338 20.86 35.34 -20.07
C GLU J 338 21.22 35.20 -18.60
N TRP J 339 20.73 34.14 -17.98
CA TRP J 339 21.04 33.87 -16.58
C TRP J 339 22.30 33.02 -16.45
N LYS J 340 22.86 32.61 -17.60
CA LYS J 340 24.07 31.78 -17.62
C LYS J 340 23.82 30.43 -16.97
N PHE J 341 22.62 29.89 -17.16
CA PHE J 341 22.25 28.71 -16.40
C PHE J 341 22.86 27.45 -16.96
N GLY J 342 23.05 26.48 -16.06
CA GLY J 342 23.51 25.16 -16.42
C GLY J 342 22.53 24.10 -15.95
N GLU J 343 22.89 22.84 -16.18
CA GLU J 343 22.06 21.70 -15.83
C GLU J 343 21.72 21.64 -14.34
N ALA J 344 22.59 22.19 -13.51
CA ALA J 344 22.33 22.25 -12.08
C ALA J 344 21.16 23.17 -11.80
N ASP J 345 20.98 24.18 -12.64
CA ASP J 345 19.99 25.21 -12.36
C ASP J 345 18.60 24.75 -12.72
N HIS J 346 18.50 23.81 -13.65
CA HIS J 346 17.21 23.21 -13.99
C HIS J 346 16.64 22.40 -12.83
N GLU J 347 17.46 22.15 -11.82
CA GLU J 347 17.06 21.41 -10.63
C GLU J 347 16.27 22.27 -9.64
N ARG J 348 16.52 23.58 -9.68
CA ARG J 348 15.91 24.52 -8.74
C ARG J 348 14.95 25.46 -9.46
N THR J 349 14.66 25.13 -10.71
CA THR J 349 13.79 25.95 -11.55
C THR J 349 12.56 25.15 -11.91
N ASN J 350 11.38 25.69 -11.63
CA ASN J 350 10.11 25.05 -11.99
C ASN J 350 10.04 23.56 -11.67
N VAL J 351 10.38 23.21 -10.44
CA VAL J 351 10.50 21.81 -10.02
C VAL J 351 9.19 21.03 -9.99
N ARG J 352 8.04 21.71 -10.05
CA ARG J 352 6.78 20.98 -10.09
C ARG J 352 6.08 21.14 -11.39
N GLY J 353 6.80 21.63 -12.39
CA GLY J 353 6.15 21.94 -13.65
C GLY J 353 6.07 23.44 -13.88
N SER J 354 5.25 23.82 -14.85
CA SER J 354 5.17 25.19 -15.34
C SER J 354 4.12 25.35 -16.42
N GLY J 355 4.06 26.54 -17.00
CA GLY J 355 3.11 26.86 -18.05
C GLY J 355 2.94 25.82 -19.13
N ILE J 356 4.01 25.08 -19.43
CA ILE J 356 3.98 24.16 -20.56
C ILE J 356 3.29 22.85 -20.22
N SER J 357 3.38 22.42 -18.97
CA SER J 357 2.79 21.17 -18.57
C SER J 357 1.54 21.38 -17.74
N LEU J 358 1.65 22.20 -16.70
CA LEU J 358 0.52 22.47 -15.81
C LEU J 358 -0.56 23.31 -16.48
N GLY J 359 -0.16 24.08 -17.49
CA GLY J 359 -1.07 24.98 -18.19
C GLY J 359 -0.89 26.42 -17.77
N HIS J 360 -1.33 27.35 -18.62
CA HIS J 360 -1.17 28.81 -18.42
C HIS J 360 -2.50 29.55 -18.45
N PRO J 361 -3.28 29.45 -17.37
CA PRO J 361 -4.54 30.20 -17.24
C PRO J 361 -4.25 31.61 -16.80
N VAL J 362 -4.12 32.52 -17.76
CA VAL J 362 -3.30 33.72 -17.60
C VAL J 362 -3.36 34.42 -16.23
N GLY J 363 -4.51 34.99 -15.88
CA GLY J 363 -4.62 35.80 -14.66
C GLY J 363 -4.46 34.99 -13.38
N ALA J 364 -4.65 33.68 -13.50
CA ALA J 364 -4.51 32.80 -12.35
C ALA J 364 -3.08 32.22 -12.21
N THR J 365 -2.20 32.42 -13.20
CA THR J 365 -0.90 31.74 -13.18
C THR J 365 0.01 32.23 -12.05
N GLY J 366 0.01 33.53 -11.81
CA GLY J 366 0.85 34.13 -10.77
C GLY J 366 0.58 33.58 -9.38
N GLY J 367 -0.67 33.25 -9.09
CA GLY J 367 -0.99 32.66 -7.81
C GLY J 367 -0.60 31.19 -7.73
N ARG J 368 -0.55 30.52 -8.88
CA ARG J 368 -0.10 29.13 -8.93
C ARG J 368 1.39 28.99 -8.64
N MET J 369 2.18 29.86 -9.28
CA MET J 369 3.61 29.85 -9.06
C MET J 369 3.90 30.12 -7.60
N LEU J 370 3.08 30.94 -6.98
CA LEU J 370 3.29 31.31 -5.57
C LEU J 370 2.98 30.14 -4.67
N ALA J 371 1.94 29.39 -5.02
CA ALA J 371 1.51 28.23 -4.26
C ALA J 371 2.62 27.21 -4.25
N THR J 372 3.17 26.96 -5.43
CA THR J 372 4.26 26.02 -5.55
C THR J 372 5.48 26.55 -4.85
N LEU J 373 5.80 27.81 -5.09
CA LEU J 373 7.03 28.43 -4.59
C LEU J 373 7.06 28.48 -3.05
N ALA J 374 6.00 28.98 -2.45
CA ALA J 374 5.95 29.09 -0.99
C ALA J 374 5.99 27.70 -0.33
N ARG J 375 5.28 26.76 -0.93
CA ARG J 375 5.16 25.44 -0.35
C ARG J 375 6.44 24.64 -0.44
N GLU J 376 7.11 24.73 -1.59
CA GLU J 376 8.35 23.99 -1.82
C GLU J 376 9.55 24.58 -1.10
N LEU J 377 9.50 25.89 -0.85
CA LEU J 377 10.52 26.54 -0.06
C LEU J 377 10.52 25.95 1.35
N HIS J 378 9.32 25.55 1.78
CA HIS J 378 9.07 24.98 3.10
C HIS J 378 9.42 23.47 3.14
N ARG J 379 9.14 22.77 2.06
CA ARG J 379 9.47 21.36 1.94
C ARG J 379 10.97 21.16 1.82
N ARG J 380 11.65 22.10 1.18
CA ARG J 380 13.10 22.00 1.00
C ARG J 380 13.83 22.71 2.12
N GLU J 381 13.07 23.32 3.03
CA GLU J 381 13.64 24.13 4.09
C GLU J 381 14.59 25.20 3.53
N ALA J 382 14.26 25.75 2.37
CA ALA J 382 15.09 26.76 1.73
C ALA J 382 14.78 28.15 2.28
N ARG J 383 15.36 29.17 1.67
CA ARG J 383 15.17 30.52 2.18
C ARG J 383 14.51 31.46 1.16
N TYR J 384 15.17 31.71 0.03
CA TYR J 384 14.68 32.69 -0.94
C TYR J 384 14.11 32.01 -2.15
N GLY J 385 13.03 32.57 -2.69
CA GLY J 385 12.41 32.06 -3.89
C GLY J 385 12.21 33.20 -4.87
N LEU J 386 12.30 32.90 -6.15
CA LEU J 386 12.06 33.90 -7.16
C LEU J 386 10.89 33.47 -7.98
N GLU J 387 9.92 34.39 -8.12
CA GLU J 387 8.82 34.22 -9.04
C GLU J 387 8.87 35.30 -10.09
N THR J 388 8.96 34.90 -11.35
CA THR J 388 9.13 35.84 -12.44
C THR J 388 8.45 35.36 -13.72
N MET J 389 8.11 36.29 -14.61
CA MET J 389 7.30 35.98 -15.79
C MET J 389 7.39 37.06 -16.86
N CYS J 390 7.35 36.66 -18.13
CA CYS J 390 7.18 37.60 -19.23
C CYS J 390 5.71 37.98 -19.38
N ILE J 391 5.45 39.14 -19.99
CA ILE J 391 4.11 39.71 -20.02
C ILE J 391 3.83 40.22 -21.41
N GLY J 392 2.68 39.86 -21.98
CA GLY J 392 2.19 40.44 -23.23
C GLY J 392 2.38 41.92 -23.33
N GLY J 393 3.03 42.36 -24.41
CA GLY J 393 3.18 43.79 -24.65
C GLY J 393 4.54 44.39 -24.30
N GLY J 394 5.45 43.53 -23.82
CA GLY J 394 6.78 43.98 -23.48
C GLY J 394 6.95 44.42 -22.04
N GLN J 395 6.71 43.51 -21.12
CA GLN J 395 6.92 43.76 -19.71
C GLN J 395 7.52 42.53 -19.04
N GLY J 396 7.99 42.69 -17.81
CA GLY J 396 8.38 41.57 -16.98
C GLY J 396 7.97 41.87 -15.57
N LEU J 397 7.77 40.84 -14.75
CA LEU J 397 7.52 41.06 -13.33
C LEU J 397 8.33 40.06 -12.52
N ALA J 398 8.77 40.45 -11.34
CA ALA J 398 9.53 39.58 -10.46
C ALA J 398 9.26 39.89 -9.00
N ALA J 399 9.14 38.85 -8.19
CA ALA J 399 9.05 38.99 -6.75
C ALA J 399 10.01 38.03 -6.08
N VAL J 400 10.72 38.51 -5.07
CA VAL J 400 11.52 37.62 -4.24
C VAL J 400 10.79 37.39 -2.93
N PHE J 401 10.74 36.14 -2.51
CA PHE J 401 10.04 35.73 -1.30
C PHE J 401 10.99 35.05 -0.31
N GLU J 402 10.96 35.46 0.96
CA GLU J 402 11.75 34.79 1.97
C GLU J 402 10.87 33.89 2.80
N ARG J 403 11.36 32.69 3.09
CA ARG J 403 10.67 31.76 3.98
C ARG J 403 10.61 32.30 5.40
N VAL J 404 9.46 32.10 6.02
CA VAL J 404 9.21 32.54 7.39
C VAL J 404 9.50 31.37 8.33
N GLN J 405 9.89 31.68 9.57
CA GLN J 405 10.07 30.62 10.55
C GLN J 405 8.82 30.49 11.43
N GLU J 406 8.26 29.27 11.42
CA GLU J 406 7.03 28.95 12.14
C GLU J 406 7.18 29.10 13.65
N ARG K 4 -49.51 30.70 -77.71
CA ARG K 4 -50.05 31.78 -76.88
C ARG K 4 -48.92 32.71 -76.38
N ASP K 5 -49.20 34.01 -76.31
CA ASP K 5 -48.16 34.98 -76.02
C ASP K 5 -48.26 35.56 -74.60
N ALA K 6 -47.13 36.02 -74.07
CA ALA K 6 -47.08 36.65 -72.75
C ALA K 6 -46.81 38.14 -72.88
N VAL K 7 -47.68 38.92 -72.24
CA VAL K 7 -47.60 40.39 -72.31
C VAL K 7 -47.34 40.98 -70.92
N ILE K 8 -46.70 42.14 -70.89
CA ILE K 8 -46.40 42.86 -69.66
C ILE K 8 -47.43 43.94 -69.41
N CYS K 9 -48.10 43.92 -68.26
CA CYS K 9 -49.05 44.99 -67.92
C CYS K 9 -48.57 45.80 -66.74
N GLU K 10 -48.87 47.09 -66.74
CA GLU K 10 -48.58 48.00 -65.63
C GLU K 10 -47.22 47.80 -64.92
N PRO K 11 -46.11 47.83 -65.67
CA PRO K 11 -44.84 47.63 -64.98
C PRO K 11 -44.42 48.85 -64.16
N VAL K 12 -44.33 48.68 -62.85
CA VAL K 12 -44.01 49.78 -61.95
C VAL K 12 -42.81 49.50 -61.04
N ARG K 13 -42.47 50.49 -60.22
CA ARG K 13 -41.36 50.42 -59.29
C ARG K 13 -41.49 51.53 -58.26
N THR K 14 -40.92 51.33 -57.09
CA THR K 14 -40.75 52.42 -56.10
C THR K 14 -39.71 53.46 -56.58
N PRO K 15 -39.58 54.60 -55.87
CA PRO K 15 -38.40 55.41 -56.17
C PRO K 15 -37.17 54.62 -55.82
N ILE K 16 -36.02 54.98 -56.34
CA ILE K 16 -34.81 54.24 -55.98
C ILE K 16 -33.94 55.04 -55.02
N GLY K 17 -33.98 54.66 -53.73
CA GLY K 17 -33.24 55.36 -52.70
C GLY K 17 -31.76 55.11 -52.81
N ARG K 18 -30.96 55.89 -52.07
CA ARG K 18 -29.53 55.66 -51.98
C ARG K 18 -29.19 54.61 -50.92
N TYR K 19 -28.04 53.99 -51.08
CA TYR K 19 -27.45 53.18 -50.02
C TYR K 19 -27.26 54.11 -48.81
N GLY K 20 -27.95 53.82 -47.71
CA GLY K 20 -27.88 54.68 -46.54
C GLY K 20 -28.79 55.89 -46.58
N GLY K 21 -29.55 56.02 -47.66
CA GLY K 21 -30.40 57.18 -47.86
C GLY K 21 -31.81 57.04 -47.36
N MET K 22 -32.79 57.44 -48.17
CA MET K 22 -34.16 57.63 -47.72
C MET K 22 -34.98 56.36 -47.42
N PHE K 23 -34.63 55.22 -47.99
CA PHE K 23 -35.40 54.00 -47.74
C PHE K 23 -34.64 53.05 -46.81
N ARG K 24 -33.66 53.61 -46.13
CA ARG K 24 -32.74 52.85 -45.30
C ARG K 24 -33.44 52.11 -44.16
N SER K 25 -34.57 52.64 -43.72
CA SER K 25 -35.33 52.05 -42.63
C SER K 25 -36.25 50.93 -43.11
N LEU K 26 -36.44 50.85 -44.42
CA LEU K 26 -37.38 49.90 -44.96
C LEU K 26 -36.61 48.64 -45.35
N THR K 27 -37.22 47.47 -45.13
CA THR K 27 -36.62 46.19 -45.55
C THR K 27 -36.84 46.00 -47.04
N ALA K 28 -36.20 44.99 -47.63
CA ALA K 28 -36.43 44.70 -49.05
C ALA K 28 -37.88 44.26 -49.26
N VAL K 29 -38.49 43.69 -48.22
CA VAL K 29 -39.87 43.27 -48.28
C VAL K 29 -40.77 44.47 -48.24
N ASP K 30 -40.44 45.42 -47.38
CA ASP K 30 -41.25 46.62 -47.25
C ASP K 30 -41.41 47.30 -48.61
N LEU K 31 -40.29 47.50 -49.31
CA LEU K 31 -40.32 48.11 -50.64
C LEU K 31 -41.05 47.23 -51.65
N GLY K 32 -41.02 45.92 -51.42
CA GLY K 32 -41.67 44.96 -52.30
C GLY K 32 -43.16 44.92 -52.07
N VAL K 33 -43.56 45.05 -50.82
CA VAL K 33 -44.96 45.12 -50.52
C VAL K 33 -45.54 46.36 -51.17
N THR K 34 -44.85 47.49 -51.01
CA THR K 34 -45.31 48.76 -51.52
C THR K 34 -45.56 48.73 -53.03
N ALA K 35 -44.53 48.38 -53.78
CA ALA K 35 -44.62 48.25 -55.22
C ALA K 35 -45.71 47.26 -55.65
N LEU K 36 -45.94 46.21 -54.87
CA LEU K 36 -46.97 45.22 -55.19
C LEU K 36 -48.37 45.70 -54.85
N LYS K 37 -48.50 46.37 -53.71
CA LYS K 37 -49.77 46.97 -53.34
C LYS K 37 -50.13 48.06 -54.32
N GLY K 38 -49.11 48.71 -54.88
CA GLY K 38 -49.34 49.73 -55.89
C GLY K 38 -49.77 49.13 -57.22
N LEU K 39 -49.20 47.97 -57.54
CA LEU K 39 -49.49 47.30 -58.80
C LEU K 39 -50.93 46.84 -58.84
N LEU K 40 -51.46 46.41 -57.70
CA LEU K 40 -52.81 45.88 -57.66
C LEU K 40 -53.85 46.99 -57.58
N GLU K 41 -53.46 48.10 -56.97
CA GLU K 41 -54.34 49.25 -56.92
C GLU K 41 -54.48 49.86 -58.31
N ARG K 42 -53.36 49.99 -59.02
CA ARG K 42 -53.37 50.55 -60.37
C ARG K 42 -54.12 49.67 -61.35
N THR K 43 -54.05 48.36 -61.18
CA THR K 43 -54.77 47.48 -62.09
C THR K 43 -56.23 47.33 -61.69
N GLY K 44 -56.51 47.26 -60.39
CA GLY K 44 -57.86 46.98 -59.94
C GLY K 44 -58.13 45.49 -59.87
N ILE K 45 -57.10 44.69 -60.16
CA ILE K 45 -57.14 43.23 -60.08
C ILE K 45 -57.50 42.67 -58.69
N ALA K 46 -58.35 41.67 -58.65
CA ALA K 46 -58.60 40.96 -57.40
C ALA K 46 -57.37 40.11 -57.07
N ALA K 47 -56.84 40.31 -55.86
CA ALA K 47 -55.62 39.64 -55.43
C ALA K 47 -55.56 38.15 -55.79
N ASP K 48 -56.68 37.45 -55.69
CA ASP K 48 -56.71 36.02 -55.95
C ASP K 48 -56.37 35.65 -57.39
N GLN K 49 -56.37 36.62 -58.30
CA GLN K 49 -55.99 36.35 -59.68
C GLN K 49 -54.50 36.08 -59.83
N VAL K 50 -53.71 36.43 -58.82
CA VAL K 50 -52.26 36.27 -58.89
C VAL K 50 -51.89 34.83 -58.60
N GLU K 51 -51.23 34.18 -59.55
CA GLU K 51 -51.01 32.76 -59.45
C GLU K 51 -49.58 32.42 -59.06
N ASP K 52 -48.72 33.44 -59.06
CA ASP K 52 -47.35 33.30 -58.57
C ASP K 52 -46.78 34.67 -58.30
N VAL K 53 -45.78 34.78 -57.43
CA VAL K 53 -45.03 36.03 -57.27
C VAL K 53 -43.54 35.69 -57.33
N ILE K 54 -42.96 35.95 -58.50
CA ILE K 54 -41.60 35.49 -58.75
C ILE K 54 -40.67 36.67 -58.63
N LEU K 55 -39.80 36.67 -57.62
CA LEU K 55 -38.95 37.84 -57.39
C LEU K 55 -37.46 37.59 -57.56
N GLY K 56 -36.83 38.49 -58.32
CA GLY K 56 -35.38 38.55 -58.34
C GLY K 56 -34.94 39.27 -57.08
N HIS K 57 -33.99 38.65 -56.40
CA HIS K 57 -33.52 39.09 -55.11
C HIS K 57 -32.11 38.58 -55.02
N CYS K 58 -31.16 39.48 -54.78
CA CYS K 58 -29.77 39.09 -54.83
C CYS K 58 -29.05 38.95 -53.50
N TYR K 59 -29.66 39.41 -52.42
CA TYR K 59 -29.06 39.18 -51.11
C TYR K 59 -30.04 38.55 -50.14
N PRO K 60 -30.58 37.36 -50.49
CA PRO K 60 -31.53 36.72 -49.59
C PRO K 60 -30.95 36.34 -48.22
N ASN K 61 -31.74 36.49 -47.17
CA ASN K 61 -31.44 35.90 -45.88
C ASN K 61 -32.73 35.44 -45.24
N SER K 62 -32.61 34.65 -44.18
CA SER K 62 -33.74 34.09 -43.45
C SER K 62 -34.73 35.10 -42.86
N GLU K 63 -34.51 36.41 -43.04
CA GLU K 63 -35.57 37.39 -42.71
C GLU K 63 -36.73 37.24 -43.67
N ALA K 64 -36.40 37.08 -44.93
CA ALA K 64 -37.39 36.91 -45.99
C ALA K 64 -36.95 35.81 -46.93
N PRO K 65 -37.33 34.58 -46.59
CA PRO K 65 -37.18 33.34 -47.34
C PRO K 65 -38.22 33.22 -48.46
N ALA K 66 -37.85 32.67 -49.61
CA ALA K 66 -38.68 32.71 -50.84
C ALA K 66 -39.48 34.01 -50.97
N ILE K 67 -38.76 35.14 -51.03
CA ILE K 67 -39.32 36.46 -50.76
C ILE K 67 -40.52 36.86 -51.64
N GLY K 68 -40.75 36.12 -52.71
CA GLY K 68 -41.90 36.40 -53.54
C GLY K 68 -43.14 36.03 -52.76
N ARG K 69 -43.05 34.91 -52.08
CA ARG K 69 -44.11 34.43 -51.20
C ARG K 69 -44.31 35.34 -50.00
N VAL K 70 -43.22 35.75 -49.36
CA VAL K 70 -43.30 36.66 -48.21
C VAL K 70 -43.87 38.03 -48.57
N VAL K 71 -43.43 38.60 -49.69
CA VAL K 71 -43.97 39.87 -50.15
C VAL K 71 -45.45 39.75 -50.48
N ALA K 72 -45.87 38.64 -51.09
CA ALA K 72 -47.27 38.47 -51.44
C ALA K 72 -48.15 38.52 -50.19
N LEU K 73 -47.71 37.81 -49.14
CA LEU K 73 -48.44 37.76 -47.88
C LEU K 73 -48.38 39.07 -47.08
N ASP K 74 -47.22 39.69 -46.99
CA ASP K 74 -47.08 40.94 -46.22
C ASP K 74 -47.78 42.11 -46.90
N ALA K 75 -48.28 41.88 -48.11
CA ALA K 75 -48.96 42.90 -48.88
C ALA K 75 -50.45 42.67 -48.80
N GLY K 76 -50.83 41.58 -48.11
CA GLY K 76 -52.21 41.22 -47.91
C GLY K 76 -52.84 40.27 -48.93
N LEU K 77 -52.04 39.59 -49.74
CA LEU K 77 -52.63 38.71 -50.73
C LEU K 77 -53.07 37.41 -50.05
N PRO K 78 -54.05 36.71 -50.64
CA PRO K 78 -54.48 35.45 -50.00
C PRO K 78 -53.32 34.49 -49.73
N ILE K 79 -53.54 33.58 -48.79
CA ILE K 79 -52.60 32.49 -48.51
C ILE K 79 -52.50 31.49 -49.66
N THR K 80 -53.41 31.59 -50.63
CA THR K 80 -53.44 30.70 -51.79
C THR K 80 -52.39 31.02 -52.85
N VAL K 81 -51.85 32.23 -52.79
CA VAL K 81 -50.88 32.77 -53.75
C VAL K 81 -49.42 32.34 -53.47
N PRO K 82 -48.84 31.47 -54.32
CA PRO K 82 -47.44 31.06 -54.15
C PRO K 82 -46.44 32.17 -54.51
N GLY K 83 -45.16 31.90 -54.27
CA GLY K 83 -44.15 32.90 -54.54
C GLY K 83 -42.79 32.32 -54.33
N MET K 84 -41.79 32.92 -54.94
CA MET K 84 -40.44 32.39 -54.87
C MET K 84 -39.42 33.48 -55.15
N GLN K 85 -38.15 33.06 -55.17
CA GLN K 85 -37.02 33.96 -55.31
C GLN K 85 -36.03 33.40 -56.33
N VAL K 86 -35.48 34.28 -57.18
CA VAL K 86 -34.47 33.83 -58.15
C VAL K 86 -33.18 34.65 -58.04
N ASP K 87 -32.05 34.03 -58.39
CA ASP K 87 -30.78 34.75 -58.40
C ASP K 87 -29.92 34.38 -59.59
N ARG K 88 -29.89 35.27 -60.59
CA ARG K 88 -28.84 35.30 -61.59
C ARG K 88 -28.18 36.68 -61.51
N ARG K 89 -27.89 37.13 -60.28
CA ARG K 89 -27.37 38.47 -59.96
C ARG K 89 -28.07 39.63 -60.69
N CYS K 90 -27.31 40.55 -61.28
CA CYS K 90 -27.87 41.71 -61.95
C CYS K 90 -28.98 41.41 -62.98
N GLY K 91 -29.02 40.17 -63.49
CA GLY K 91 -30.04 39.75 -64.42
C GLY K 91 -31.27 39.10 -63.78
N SER K 92 -31.35 39.16 -62.45
CA SER K 92 -32.42 38.53 -61.68
C SER K 92 -33.81 39.08 -61.94
N GLY K 93 -33.91 40.39 -62.11
CA GLY K 93 -35.20 41.00 -62.41
C GLY K 93 -35.70 40.53 -63.75
N LEU K 94 -34.83 40.52 -64.75
CA LEU K 94 -35.20 40.07 -66.10
C LEU K 94 -35.43 38.57 -66.16
N GLN K 95 -34.69 37.81 -65.34
CA GLN K 95 -34.88 36.37 -65.23
C GLN K 95 -36.25 36.01 -64.66
N ALA K 96 -36.71 36.79 -63.70
CA ALA K 96 -38.02 36.57 -63.10
C ALA K 96 -39.10 36.82 -64.12
N VAL K 97 -38.89 37.84 -64.93
CA VAL K 97 -39.81 38.21 -65.99
C VAL K 97 -39.89 37.07 -66.97
N ILE K 98 -38.73 36.58 -67.37
CA ILE K 98 -38.66 35.50 -68.33
C ILE K 98 -39.25 34.20 -67.78
N GLN K 99 -39.05 33.91 -66.50
CA GLN K 99 -39.71 32.74 -65.92
C GLN K 99 -41.21 32.92 -65.92
N ALA K 100 -41.66 34.10 -65.55
CA ALA K 100 -43.07 34.39 -65.52
C ALA K 100 -43.67 34.20 -66.90
N CYS K 101 -42.95 34.66 -67.92
CA CYS K 101 -43.36 34.45 -69.29
C CYS K 101 -43.39 32.97 -69.66
N LEU K 102 -42.36 32.22 -69.27
CA LEU K 102 -42.30 30.82 -69.65
C LEU K 102 -43.43 30.00 -69.06
N GLN K 103 -43.81 30.26 -67.81
CA GLN K 103 -44.89 29.48 -67.22
C GLN K 103 -46.24 30.06 -67.58
N VAL K 104 -46.27 31.28 -68.09
CA VAL K 104 -47.50 31.81 -68.66
C VAL K 104 -47.73 31.28 -70.07
N ARG K 105 -46.69 31.23 -70.90
CA ARG K 105 -46.88 30.81 -72.29
C ARG K 105 -47.12 29.31 -72.42
N SER K 106 -46.83 28.57 -71.36
CA SER K 106 -46.94 27.12 -71.35
C SER K 106 -48.37 26.57 -71.17
N GLY K 107 -49.29 27.44 -70.82
CA GLY K 107 -50.63 27.00 -70.48
C GLY K 107 -50.80 26.93 -68.98
N ASP K 108 -49.67 26.92 -68.27
CA ASP K 108 -49.67 26.64 -66.83
C ASP K 108 -50.30 27.74 -65.98
N HIS K 109 -49.92 29.00 -66.17
CA HIS K 109 -50.57 30.11 -65.45
C HIS K 109 -51.08 31.18 -66.41
N ASP K 110 -52.26 31.75 -66.10
CA ASP K 110 -52.84 32.84 -66.88
C ASP K 110 -52.40 34.22 -66.40
N LEU K 111 -51.99 34.31 -65.14
CA LEU K 111 -51.52 35.57 -64.59
C LEU K 111 -50.59 35.32 -63.43
N VAL K 112 -49.40 35.91 -63.50
CA VAL K 112 -48.49 35.89 -62.38
C VAL K 112 -47.93 37.30 -62.22
N VAL K 113 -47.30 37.58 -61.08
CA VAL K 113 -46.55 38.82 -60.91
C VAL K 113 -45.07 38.49 -60.96
N ALA K 114 -44.31 39.28 -61.71
CA ALA K 114 -42.87 39.14 -61.74
C ALA K 114 -42.25 40.42 -61.23
N GLY K 115 -41.21 40.28 -60.41
CA GLY K 115 -40.61 41.48 -59.88
C GLY K 115 -39.23 41.27 -59.31
N GLY K 116 -38.83 42.24 -58.49
CA GLY K 116 -37.54 42.22 -57.85
C GLY K 116 -37.56 43.20 -56.69
N ALA K 117 -36.79 42.87 -55.64
CA ALA K 117 -36.66 43.73 -54.47
C ALA K 117 -35.25 43.66 -53.91
N GLU K 118 -34.61 44.81 -53.75
CA GLU K 118 -33.35 44.85 -53.07
C GLU K 118 -33.24 46.05 -52.12
N SER K 119 -32.90 45.75 -50.87
CA SER K 119 -32.45 46.78 -49.95
C SER K 119 -30.98 46.52 -49.69
N MET K 120 -30.12 47.18 -50.44
CA MET K 120 -28.69 47.00 -50.27
C MET K 120 -28.22 47.70 -48.99
N SER K 121 -29.02 48.67 -48.54
CA SER K 121 -28.82 49.31 -47.24
C SER K 121 -28.82 48.31 -46.10
N ASN K 122 -29.63 47.27 -46.24
CA ASN K 122 -29.87 46.38 -45.12
C ASN K 122 -29.42 44.95 -45.39
N VAL K 123 -28.49 44.81 -46.33
CA VAL K 123 -27.87 43.51 -46.61
C VAL K 123 -27.11 43.00 -45.40
N ALA K 124 -27.31 41.75 -45.05
CA ALA K 124 -26.79 41.25 -43.80
C ALA K 124 -25.26 41.13 -43.77
N PHE K 125 -24.74 41.05 -42.56
CA PHE K 125 -23.38 40.66 -42.28
C PHE K 125 -23.49 39.22 -41.80
N TYR K 126 -22.60 38.34 -42.24
CA TYR K 126 -22.75 36.94 -41.85
C TYR K 126 -21.40 36.26 -41.58
N SER K 127 -21.47 35.11 -40.92
CA SER K 127 -20.27 34.31 -40.69
C SER K 127 -20.56 32.83 -40.79
N THR K 128 -19.55 32.04 -41.11
CA THR K 128 -19.71 30.59 -41.17
C THR K 128 -18.89 29.91 -40.06
N ASP K 129 -18.37 30.72 -39.15
CA ASP K 129 -17.48 30.24 -38.09
C ASP K 129 -18.19 30.13 -36.73
N MET K 130 -19.41 30.65 -36.64
CA MET K 130 -20.14 30.65 -35.37
C MET K 130 -20.97 29.40 -35.07
N ARG K 131 -21.31 28.62 -36.09
CA ARG K 131 -22.13 27.41 -35.88
C ARG K 131 -21.40 26.34 -35.06
N TRP K 132 -20.15 26.09 -35.40
CA TRP K 132 -19.39 25.09 -34.69
C TRP K 132 -18.36 25.74 -33.78
N GLY K 133 -18.01 26.98 -34.08
CA GLY K 133 -17.15 27.74 -33.22
C GLY K 133 -15.84 28.11 -33.88
N GLY K 134 -15.23 29.20 -33.43
CA GLY K 134 -13.97 29.62 -34.02
C GLY K 134 -12.87 29.47 -33.02
N ALA K 135 -12.96 28.43 -32.20
CA ALA K 135 -11.99 28.15 -31.14
C ALA K 135 -10.59 27.96 -31.69
N ARG K 136 -10.48 27.41 -32.90
CA ARG K 136 -9.20 27.28 -33.59
C ARG K 136 -9.01 28.28 -34.72
N THR K 137 -10.09 28.53 -35.45
CA THR K 137 -10.04 29.29 -36.70
C THR K 137 -10.11 30.79 -36.51
N GLY K 138 -10.74 31.23 -35.42
CA GLY K 138 -11.19 32.60 -35.29
C GLY K 138 -12.58 32.79 -35.91
N VAL K 139 -13.17 33.98 -35.78
CA VAL K 139 -14.45 34.27 -36.42
C VAL K 139 -14.34 35.40 -37.46
N GLN K 140 -14.71 35.09 -38.69
CA GLN K 140 -14.77 36.09 -39.74
C GLN K 140 -16.20 36.55 -39.94
N ILE K 141 -16.45 37.85 -39.93
CA ILE K 141 -17.72 38.39 -40.37
C ILE K 141 -17.58 38.84 -41.83
N HIS K 142 -18.52 38.43 -42.67
CA HIS K 142 -18.51 38.85 -44.06
C HIS K 142 -19.65 39.83 -44.31
N ASP K 143 -19.35 40.92 -45.02
CA ASP K 143 -20.36 41.80 -45.60
C ASP K 143 -20.87 41.13 -46.89
N GLY K 144 -22.18 41.01 -47.03
CA GLY K 144 -22.72 40.33 -48.19
C GLY K 144 -22.37 41.02 -49.51
N LEU K 145 -22.24 42.34 -49.45
CA LEU K 145 -22.00 43.11 -50.67
C LEU K 145 -20.57 42.98 -51.11
N ALA K 146 -19.66 43.27 -50.20
CA ALA K 146 -18.26 43.24 -50.50
C ALA K 146 -17.83 41.82 -50.81
N ARG K 147 -17.98 40.92 -49.85
CA ARG K 147 -17.57 39.53 -50.05
C ARG K 147 -18.11 38.95 -51.35
N GLY K 148 -19.35 39.27 -51.67
CA GLY K 148 -19.92 38.81 -52.92
C GLY K 148 -19.15 39.34 -54.12
N ARG K 149 -18.55 40.51 -54.00
CA ARG K 149 -17.80 41.11 -55.11
C ARG K 149 -16.63 40.22 -55.52
N THR K 150 -16.12 39.41 -54.60
CA THR K 150 -14.91 38.65 -54.84
C THR K 150 -15.14 37.16 -55.17
N THR K 151 -16.35 36.68 -54.94
CA THR K 151 -16.65 35.25 -54.99
C THR K 151 -17.47 34.75 -56.18
N ALA K 152 -17.89 35.65 -57.05
CA ALA K 152 -18.90 35.31 -58.05
C ALA K 152 -18.37 34.38 -59.16
N GLY K 153 -17.06 34.41 -59.40
CA GLY K 153 -16.50 33.63 -60.48
C GLY K 153 -15.93 32.30 -60.02
N GLY K 154 -16.15 31.95 -58.76
CA GLY K 154 -15.64 30.70 -58.25
C GLY K 154 -14.16 30.80 -57.92
N LYS K 155 -13.58 29.70 -57.45
CA LYS K 155 -12.23 29.73 -56.93
C LYS K 155 -11.14 29.73 -58.01
N PHE K 156 -11.53 29.47 -59.25
CA PHE K 156 -10.57 29.41 -60.34
C PHE K 156 -10.49 30.71 -61.13
N HIS K 157 -11.52 31.54 -60.98
CA HIS K 157 -11.53 32.85 -61.64
C HIS K 157 -11.80 33.94 -60.62
N PRO K 158 -10.80 34.17 -59.74
CA PRO K 158 -10.98 35.12 -58.64
C PRO K 158 -10.78 36.54 -59.15
N VAL K 159 -11.58 37.47 -58.65
CA VAL K 159 -11.42 38.88 -58.98
C VAL K 159 -11.38 39.69 -57.70
N PRO K 160 -10.17 39.89 -57.15
CA PRO K 160 -9.92 40.63 -55.91
C PRO K 160 -10.64 41.97 -55.81
N GLY K 161 -10.74 42.69 -56.92
CA GLY K 161 -11.33 44.02 -56.92
C GLY K 161 -12.84 43.98 -57.04
N GLY K 162 -13.34 42.87 -57.57
CA GLY K 162 -14.77 42.72 -57.77
C GLY K 162 -15.21 43.21 -59.14
N MET K 163 -16.44 43.72 -59.17
CA MET K 163 -17.02 44.23 -60.40
C MET K 163 -16.18 45.35 -60.96
N LEU K 164 -15.64 46.16 -60.06
CA LEU K 164 -14.93 47.38 -60.41
C LEU K 164 -13.70 47.08 -61.25
N GLU K 165 -12.96 46.08 -60.81
CA GLU K 165 -11.74 45.63 -61.48
C GLU K 165 -12.02 45.23 -62.92
N THR K 166 -13.11 44.49 -63.12
CA THR K 166 -13.49 44.03 -64.45
C THR K 166 -14.03 45.18 -65.28
N ALA K 167 -14.40 46.27 -64.62
CA ALA K 167 -14.74 47.49 -65.34
C ALA K 167 -13.45 48.11 -65.83
N GLU K 168 -12.44 48.10 -64.96
CA GLU K 168 -11.11 48.58 -65.31
C GLU K 168 -10.49 47.69 -66.39
N ASN K 169 -10.70 46.37 -66.27
CA ASN K 169 -10.19 45.44 -67.27
C ASN K 169 -10.81 45.71 -68.64
N LEU K 170 -12.06 46.15 -68.65
CA LEU K 170 -12.75 46.44 -69.90
C LEU K 170 -12.30 47.74 -70.50
N ARG K 171 -12.10 48.75 -69.65
CA ARG K 171 -11.61 50.00 -70.14
C ARG K 171 -10.20 49.81 -70.72
N ARG K 172 -9.39 49.01 -70.03
CA ARG K 172 -7.99 48.83 -70.38
C ARG K 172 -7.79 48.32 -71.81
N GLU K 173 -8.62 47.38 -72.23
CA GLU K 173 -8.43 46.76 -73.54
C GLU K 173 -9.39 47.26 -74.60
N TYR K 174 -10.23 48.23 -74.25
CA TYR K 174 -11.03 48.94 -75.24
C TYR K 174 -10.63 50.42 -75.27
N HIS K 175 -9.64 50.75 -74.45
CA HIS K 175 -8.98 52.06 -74.49
C HIS K 175 -9.97 53.19 -74.37
N ILE K 176 -10.65 53.23 -73.22
CA ILE K 176 -11.71 54.20 -73.00
C ILE K 176 -11.24 55.28 -72.03
N SER K 177 -11.17 56.51 -72.53
CA SER K 177 -10.72 57.67 -71.77
C SER K 177 -11.60 57.86 -70.56
N ARG K 178 -11.07 58.51 -69.54
CA ARG K 178 -11.85 58.86 -68.36
C ARG K 178 -12.91 59.87 -68.72
N THR K 179 -12.61 60.67 -69.73
CA THR K 179 -13.48 61.75 -70.13
C THR K 179 -14.74 61.20 -70.77
N GLU K 180 -14.61 60.17 -71.60
CA GLU K 180 -15.78 59.60 -72.26
C GLU K 180 -16.69 58.94 -71.27
N GLN K 181 -16.14 58.44 -70.16
CA GLN K 181 -16.96 57.62 -69.28
C GLN K 181 -17.73 58.61 -68.46
N ASP K 182 -17.05 59.70 -68.12
CA ASP K 182 -17.64 60.84 -67.40
C ASP K 182 -18.62 61.58 -68.29
N GLU K 183 -18.37 61.61 -69.59
CA GLU K 183 -19.33 62.16 -70.54
C GLU K 183 -20.62 61.33 -70.50
N LEU K 184 -20.46 60.01 -70.45
CA LEU K 184 -21.61 59.10 -70.37
C LEU K 184 -22.31 59.25 -69.03
N ALA K 185 -21.53 59.45 -67.98
CA ALA K 185 -22.08 59.72 -66.65
C ALA K 185 -22.94 61.00 -66.62
N VAL K 186 -22.52 62.03 -67.35
CA VAL K 186 -23.29 63.27 -67.38
C VAL K 186 -24.59 63.08 -68.14
N ARG K 187 -24.50 62.55 -69.36
CA ARG K 187 -25.69 62.30 -70.17
C ARG K 187 -26.70 61.46 -69.38
N SER K 188 -26.20 60.48 -68.65
CA SER K 188 -27.04 59.63 -67.79
C SER K 188 -27.81 60.42 -66.73
N HIS K 189 -27.16 61.42 -66.14
CA HIS K 189 -27.81 62.27 -65.15
C HIS K 189 -28.78 63.28 -65.78
N GLN K 190 -28.41 63.86 -66.92
CA GLN K 190 -29.31 64.83 -67.58
C GLN K 190 -30.64 64.14 -67.91
N ARG K 191 -30.55 62.97 -68.53
CA ARG K 191 -31.74 62.26 -68.97
C ARG K 191 -32.66 61.89 -67.81
N ALA K 192 -32.07 61.53 -66.67
CA ALA K 192 -32.87 61.16 -65.50
C ALA K 192 -33.67 62.36 -64.99
N VAL K 193 -32.99 63.47 -64.76
CA VAL K 193 -33.63 64.69 -64.27
C VAL K 193 -34.63 65.24 -65.29
N ALA K 194 -34.32 65.05 -66.57
CA ALA K 194 -35.21 65.44 -67.66
C ALA K 194 -36.52 64.70 -67.59
N ALA K 195 -36.45 63.39 -67.36
CA ALA K 195 -37.65 62.55 -67.30
C ALA K 195 -38.52 62.90 -66.11
N GLN K 196 -37.90 63.36 -65.04
CA GLN K 196 -38.63 63.75 -63.83
C GLN K 196 -39.39 65.05 -64.05
N SER K 197 -38.70 66.05 -64.60
CA SER K 197 -39.33 67.31 -64.94
C SER K 197 -40.39 67.11 -66.02
N GLU K 198 -40.11 66.23 -66.98
CA GLU K 198 -41.09 65.94 -68.03
C GLU K 198 -42.30 65.21 -67.46
N GLY K 199 -42.14 64.63 -66.27
CA GLY K 199 -43.25 63.97 -65.59
C GLY K 199 -43.54 62.56 -66.06
N VAL K 200 -42.64 62.00 -66.85
CA VAL K 200 -42.84 60.64 -67.37
C VAL K 200 -42.49 59.58 -66.34
N LEU K 201 -41.70 59.93 -65.33
CA LEU K 201 -41.38 58.96 -64.29
C LEU K 201 -42.50 58.86 -63.29
N ALA K 202 -43.54 59.68 -63.48
CA ALA K 202 -44.71 59.63 -62.62
C ALA K 202 -45.54 58.38 -62.86
N GLU K 203 -45.48 57.83 -64.07
CA GLU K 203 -46.23 56.62 -64.40
C GLU K 203 -45.45 55.36 -64.01
N GLU K 204 -44.13 55.49 -63.91
CA GLU K 204 -43.28 54.40 -63.47
C GLU K 204 -43.37 54.12 -61.99
N ILE K 205 -43.61 55.16 -61.20
CA ILE K 205 -43.36 55.08 -59.78
C ILE K 205 -44.60 55.03 -58.87
N ILE K 206 -44.59 54.00 -58.03
CA ILE K 206 -45.41 53.94 -56.84
C ILE K 206 -44.69 54.71 -55.75
N PRO K 207 -45.32 55.76 -55.21
CA PRO K 207 -44.68 56.50 -54.12
C PRO K 207 -44.61 55.69 -52.81
N VAL K 208 -43.60 55.93 -51.98
CA VAL K 208 -43.40 55.17 -50.75
C VAL K 208 -43.58 56.01 -49.49
N PRO K 209 -44.41 55.54 -48.55
CA PRO K 209 -44.66 56.26 -47.30
C PRO K 209 -43.63 55.90 -46.23
N VAL K 210 -42.97 56.90 -45.64
CA VAL K 210 -41.96 56.61 -44.61
C VAL K 210 -42.22 57.35 -43.30
N ARG K 211 -41.58 56.89 -42.24
CA ARG K 211 -41.68 57.54 -40.94
C ARG K 211 -40.59 58.58 -40.77
N ARG K 213 -39.92 61.25 -37.47
CA ARG K 213 -39.48 62.26 -36.49
C ARG K 213 -40.33 63.52 -36.58
N GLU K 216 -44.13 61.37 -40.91
CA GLU K 216 -45.01 60.67 -41.85
C GLU K 216 -45.03 61.31 -43.23
N GLU K 217 -44.21 60.78 -44.12
CA GLU K 217 -44.03 61.38 -45.43
C GLU K 217 -44.31 60.38 -46.56
N THR K 218 -44.52 60.90 -47.76
CA THR K 218 -44.58 60.06 -48.95
C THR K 218 -43.54 60.53 -49.94
N ILE K 219 -42.65 59.64 -50.34
CA ILE K 219 -41.58 59.95 -51.27
C ILE K 219 -41.90 59.41 -52.67
N SER K 220 -41.69 60.22 -53.71
CA SER K 220 -41.98 59.78 -55.06
C SER K 220 -40.87 60.07 -56.07
N VAL K 221 -39.78 60.66 -55.61
CA VAL K 221 -38.71 61.13 -56.49
C VAL K 221 -37.44 60.36 -56.26
N ASP K 222 -36.71 60.02 -57.33
CA ASP K 222 -35.47 59.27 -57.19
C ASP K 222 -34.42 60.07 -56.45
N GLU K 223 -33.67 59.39 -55.59
CA GLU K 223 -32.71 60.05 -54.71
C GLU K 223 -31.42 60.45 -55.39
N HIS K 224 -30.86 59.54 -56.18
CA HIS K 224 -29.51 59.72 -56.72
C HIS K 224 -29.35 60.67 -57.92
N PRO K 225 -30.36 60.84 -58.77
CA PRO K 225 -30.05 61.79 -59.85
C PRO K 225 -29.80 63.24 -59.36
N ARG K 226 -28.71 63.83 -59.84
CA ARG K 226 -28.34 65.21 -59.55
C ARG K 226 -28.32 66.04 -60.82
N ALA K 227 -29.09 67.13 -60.86
CA ALA K 227 -29.16 67.97 -62.05
C ALA K 227 -27.91 68.84 -62.27
N ASP K 228 -26.99 68.84 -61.31
CA ASP K 228 -25.82 69.71 -61.38
C ASP K 228 -24.70 69.06 -62.19
N THR K 229 -24.99 67.91 -62.80
CA THR K 229 -23.95 67.05 -63.35
C THR K 229 -23.14 67.64 -64.51
N THR K 230 -21.82 67.78 -64.29
CA THR K 230 -20.91 68.29 -65.30
C THR K 230 -19.69 67.40 -65.41
N VAL K 231 -19.03 67.42 -66.58
CA VAL K 231 -17.83 66.60 -66.77
C VAL K 231 -16.69 67.05 -65.85
N GLU K 232 -16.65 68.36 -65.61
CA GLU K 232 -15.58 69.01 -64.84
C GLU K 232 -15.62 68.67 -63.36
N ALA K 233 -16.83 68.62 -62.81
CA ALA K 233 -17.01 68.22 -61.42
C ALA K 233 -16.66 66.75 -61.25
N LEU K 234 -17.13 65.93 -62.20
CA LEU K 234 -16.89 64.49 -62.16
C LEU K 234 -15.42 64.16 -62.43
N ALA K 235 -14.75 65.06 -63.14
CA ALA K 235 -13.32 64.96 -63.33
C ALA K 235 -12.57 64.98 -62.00
N LYS K 236 -13.10 65.73 -61.03
CA LYS K 236 -12.44 65.92 -59.73
C LYS K 236 -12.42 64.68 -58.82
N LEU K 237 -13.06 63.60 -59.24
CA LEU K 237 -13.13 62.41 -58.39
C LEU K 237 -11.96 61.46 -58.57
N LYS K 238 -11.53 60.86 -57.47
CA LYS K 238 -10.46 59.89 -57.50
C LYS K 238 -10.97 58.48 -57.84
N PRO K 239 -10.40 57.86 -58.89
CA PRO K 239 -10.72 56.47 -59.19
C PRO K 239 -10.57 55.54 -58.00
N VAL K 240 -11.50 54.60 -57.89
CA VAL K 240 -11.65 53.78 -56.71
C VAL K 240 -10.47 52.88 -56.44
N LEU K 241 -9.79 52.45 -57.50
CA LEU K 241 -8.66 51.54 -57.37
C LEU K 241 -7.37 52.14 -57.92
N LEU K 242 -7.17 53.43 -57.68
CA LEU K 242 -6.01 54.15 -58.23
C LEU K 242 -4.70 53.59 -57.73
N LYS K 243 -4.65 53.24 -56.44
CA LYS K 243 -3.43 52.68 -55.84
C LYS K 243 -2.89 51.47 -56.60
N GLN K 244 -3.78 50.59 -57.02
CA GLN K 244 -3.39 49.40 -57.77
C GLN K 244 -3.07 49.72 -59.23
N ASP K 245 -3.72 50.75 -59.77
CA ASP K 245 -3.58 51.11 -61.17
C ASP K 245 -3.52 52.63 -61.33
N PRO K 246 -2.31 53.15 -61.65
CA PRO K 246 -2.05 54.57 -61.92
C PRO K 246 -2.99 55.10 -62.97
N GLU K 247 -3.49 54.16 -63.76
CA GLU K 247 -4.30 54.42 -64.95
C GLU K 247 -5.81 54.37 -64.70
N ALA K 248 -6.20 53.94 -63.51
CA ALA K 248 -7.62 53.76 -63.14
C ALA K 248 -8.51 54.92 -63.57
N THR K 249 -9.71 54.60 -64.04
CA THR K 249 -10.66 55.63 -64.42
C THR K 249 -12.03 55.47 -63.75
N VAL K 250 -12.39 54.23 -63.40
CA VAL K 250 -13.70 54.00 -62.80
C VAL K 250 -13.75 54.60 -61.40
N THR K 251 -14.71 55.49 -61.19
CA THR K 251 -14.84 56.26 -59.96
C THR K 251 -16.21 56.03 -59.37
N ALA K 252 -16.56 56.77 -58.33
CA ALA K 252 -17.94 56.74 -57.84
C ALA K 252 -18.86 57.37 -58.88
N GLY K 253 -18.35 58.41 -59.55
CA GLY K 253 -19.14 59.25 -60.45
C GLY K 253 -19.51 58.67 -61.81
N ASN K 254 -18.65 57.83 -62.38
CA ASN K 254 -18.98 57.14 -63.62
C ASN K 254 -19.35 55.67 -63.37
N SER K 255 -20.00 55.40 -62.23
CA SER K 255 -20.35 54.04 -61.83
C SER K 255 -21.78 53.98 -61.31
N SER K 256 -22.44 52.84 -61.49
CA SER K 256 -23.71 52.62 -60.83
C SER K 256 -23.48 52.50 -59.32
N GLY K 257 -24.42 53.03 -58.54
CA GLY K 257 -24.27 52.98 -57.10
C GLY K 257 -24.86 51.73 -56.47
N GLN K 258 -25.00 51.76 -55.16
CA GLN K 258 -25.69 50.70 -54.45
C GLN K 258 -27.00 51.30 -53.92
N ASN K 259 -28.12 50.60 -54.11
CA ASN K 259 -29.42 51.25 -53.91
C ASN K 259 -30.54 50.39 -53.34
N ASP K 260 -31.69 51.03 -53.12
CA ASP K 260 -32.85 50.38 -52.51
C ASP K 260 -34.15 50.60 -53.31
N ALA K 261 -34.76 49.53 -53.83
CA ALA K 261 -36.09 49.61 -54.45
C ALA K 261 -36.70 48.26 -54.78
N ALA K 262 -37.95 48.27 -55.20
CA ALA K 262 -38.59 47.07 -55.72
C ALA K 262 -39.28 47.37 -57.05
N SER K 263 -39.51 46.33 -57.83
CA SER K 263 -40.14 46.45 -59.13
C SER K 263 -41.22 45.40 -59.26
N MET K 264 -42.38 45.79 -59.77
CA MET K 264 -43.49 44.86 -59.91
C MET K 264 -44.20 45.08 -61.23
N CYS K 265 -44.58 43.99 -61.90
CA CYS K 265 -45.34 44.08 -63.14
C CYS K 265 -46.23 42.86 -63.29
N ILE K 266 -47.27 42.97 -64.09
CA ILE K 266 -48.14 41.83 -64.36
C ILE K 266 -47.73 41.14 -65.65
N VAL K 267 -47.35 39.87 -65.57
CA VAL K 267 -47.12 39.09 -66.78
C VAL K 267 -48.30 38.15 -66.99
N THR K 268 -49.10 38.45 -68.01
CA THR K 268 -50.32 37.69 -68.33
C THR K 268 -50.38 37.37 -69.82
N THR K 269 -51.54 36.91 -70.27
CA THR K 269 -51.80 36.62 -71.69
C THR K 269 -52.72 37.71 -72.26
N PRO K 270 -52.80 37.82 -73.60
CA PRO K 270 -53.66 38.85 -74.20
C PRO K 270 -55.14 38.71 -73.83
N GLU K 271 -55.68 37.50 -73.94
CA GLU K 271 -57.06 37.25 -73.58
C GLU K 271 -57.34 37.72 -72.14
N LYS K 272 -56.63 37.14 -71.18
CA LYS K 272 -56.85 37.42 -69.77
C LYS K 272 -56.65 38.89 -69.39
N ALA K 273 -55.73 39.55 -70.10
CA ALA K 273 -55.51 40.98 -69.92
C ALA K 273 -56.78 41.76 -70.21
N ALA K 274 -57.33 41.54 -71.40
CA ALA K 274 -58.56 42.18 -71.84
C ALA K 274 -59.73 41.75 -70.96
N GLU K 275 -59.73 40.48 -70.59
CA GLU K 275 -60.72 39.91 -69.69
C GLU K 275 -60.73 40.63 -68.33
N LEU K 276 -59.57 41.06 -67.83
CA LEU K 276 -59.52 41.85 -66.60
C LEU K 276 -59.38 43.36 -66.84
N GLY K 277 -59.34 43.77 -68.11
CA GLY K 277 -59.30 45.19 -68.43
C GLY K 277 -57.90 45.75 -68.37
N LEU K 278 -56.92 44.90 -68.61
CA LEU K 278 -55.54 45.32 -68.48
C LEU K 278 -55.06 45.91 -69.80
N LYS K 279 -54.00 46.71 -69.72
CA LYS K 279 -53.41 47.37 -70.88
C LYS K 279 -52.01 46.84 -71.14
N PRO K 280 -51.90 45.72 -71.86
CA PRO K 280 -50.60 45.18 -72.27
C PRO K 280 -49.78 46.25 -72.96
N LEU K 281 -48.51 46.40 -72.56
CA LEU K 281 -47.66 47.43 -73.14
C LEU K 281 -46.65 46.83 -74.10
N VAL K 282 -46.12 45.67 -73.75
CA VAL K 282 -45.20 44.94 -74.61
C VAL K 282 -45.43 43.45 -74.50
N ARG K 283 -44.99 42.71 -75.51
CA ARG K 283 -44.91 41.25 -75.41
C ARG K 283 -43.46 40.83 -75.58
N LEU K 284 -43.12 39.66 -75.07
CA LEU K 284 -41.74 39.20 -75.11
C LEU K 284 -41.54 38.40 -76.39
N VAL K 285 -40.64 38.86 -77.24
CA VAL K 285 -40.41 38.18 -78.51
C VAL K 285 -39.44 37.04 -78.33
N SER K 286 -38.36 37.34 -77.63
CA SER K 286 -37.34 36.35 -77.37
C SER K 286 -36.44 36.83 -76.25
N TRP K 287 -35.56 35.92 -75.85
CA TRP K 287 -34.52 36.23 -74.89
C TRP K 287 -33.34 35.35 -75.16
N GLY K 288 -32.21 35.72 -74.59
CA GLY K 288 -31.05 34.87 -74.63
C GLY K 288 -30.19 35.08 -73.41
N SER K 289 -29.25 34.18 -73.19
CA SER K 289 -28.32 34.30 -72.09
C SER K 289 -26.96 33.76 -72.52
N ALA K 290 -25.91 34.14 -71.81
CA ALA K 290 -24.57 33.67 -72.16
C ALA K 290 -23.64 33.68 -70.97
N GLY K 291 -22.56 32.91 -71.07
CA GLY K 291 -21.50 32.98 -70.09
C GLY K 291 -20.29 33.63 -70.72
N VAL K 292 -19.62 34.51 -69.97
CA VAL K 292 -18.37 35.09 -70.42
C VAL K 292 -17.29 34.86 -69.36
N ALA K 293 -16.06 35.27 -69.65
CA ALA K 293 -15.01 35.23 -68.65
C ALA K 293 -15.34 36.18 -67.52
N PRO K 294 -15.41 35.66 -66.30
CA PRO K 294 -15.81 36.41 -65.11
C PRO K 294 -15.12 37.77 -64.97
N ASP K 295 -13.92 37.89 -65.54
CA ASP K 295 -13.14 39.12 -65.41
C ASP K 295 -13.44 40.12 -66.51
N LEU K 296 -14.35 39.77 -67.41
CA LEU K 296 -14.81 40.68 -68.44
C LEU K 296 -16.32 40.63 -68.48
N MET K 297 -16.92 40.44 -67.31
CA MET K 297 -18.36 40.30 -67.16
C MET K 297 -19.16 41.37 -67.86
N GLY K 298 -18.61 42.56 -67.97
CA GLY K 298 -19.38 43.69 -68.44
C GLY K 298 -19.78 43.53 -69.87
N ILE K 299 -19.05 42.66 -70.54
CA ILE K 299 -19.22 42.47 -71.97
C ILE K 299 -20.28 41.40 -72.21
N GLY K 300 -20.81 40.84 -71.11
CA GLY K 300 -21.90 39.88 -71.13
C GLY K 300 -23.08 40.19 -72.04
N PRO K 301 -23.55 41.44 -72.03
CA PRO K 301 -24.58 41.89 -72.97
C PRO K 301 -24.39 41.43 -74.40
N VAL K 302 -23.16 41.40 -74.89
CA VAL K 302 -22.93 41.18 -76.31
C VAL K 302 -23.35 39.81 -76.83
N PRO K 303 -22.86 38.71 -76.21
CA PRO K 303 -23.30 37.40 -76.72
C PRO K 303 -24.79 37.11 -76.47
N ALA K 304 -25.26 37.54 -75.30
CA ALA K 304 -26.66 37.38 -74.95
C ALA K 304 -27.61 38.10 -75.91
N THR K 305 -27.30 39.34 -76.24
CA THR K 305 -28.12 40.11 -77.17
C THR K 305 -28.12 39.45 -78.54
N GLU K 306 -26.95 38.99 -78.97
CA GLU K 306 -26.83 38.28 -80.24
C GLU K 306 -27.79 37.11 -80.27
N VAL K 307 -27.86 36.37 -79.15
CA VAL K 307 -28.73 35.20 -79.02
C VAL K 307 -30.21 35.59 -79.05
N ALA K 308 -30.58 36.61 -78.30
CA ALA K 308 -31.96 37.07 -78.26
C ALA K 308 -32.41 37.54 -79.64
N LEU K 309 -31.61 38.39 -80.27
CA LEU K 309 -31.94 38.96 -81.59
C LEU K 309 -32.02 37.91 -82.68
N ALA K 310 -31.06 36.98 -82.69
CA ALA K 310 -31.08 35.89 -83.65
C ALA K 310 -32.33 35.03 -83.44
N LYS K 311 -32.67 34.77 -82.19
CA LYS K 311 -33.87 33.98 -81.89
C LYS K 311 -35.13 34.68 -82.38
N ALA K 312 -35.05 36.00 -82.49
CA ALA K 312 -36.18 36.79 -82.93
C ALA K 312 -36.13 37.05 -84.44
N GLY K 313 -35.01 36.66 -85.06
CA GLY K 313 -34.78 36.89 -86.46
C GLY K 313 -34.52 38.37 -86.75
N LEU K 314 -33.95 39.07 -85.77
CA LEU K 314 -33.74 40.51 -85.88
C LEU K 314 -32.26 40.89 -85.72
N THR K 315 -31.92 42.10 -86.13
CA THR K 315 -30.57 42.62 -85.95
C THR K 315 -30.67 43.78 -85.00
N LEU K 316 -29.52 44.33 -84.62
CA LEU K 316 -29.47 45.42 -83.65
C LEU K 316 -30.23 46.64 -84.16
N ALA K 317 -30.12 46.91 -85.46
CA ALA K 317 -30.75 48.09 -86.05
C ALA K 317 -32.26 47.97 -86.08
N ASP K 318 -32.76 46.75 -85.94
CA ASP K 318 -34.20 46.51 -85.91
C ASP K 318 -34.85 47.01 -84.62
N ILE K 319 -34.02 47.37 -83.64
CA ILE K 319 -34.49 47.69 -82.29
C ILE K 319 -34.59 49.21 -82.06
N ASP K 320 -35.81 49.68 -81.81
CA ASP K 320 -36.10 51.11 -81.73
C ASP K 320 -35.64 51.75 -80.41
N LEU K 321 -35.61 50.97 -79.34
CA LEU K 321 -35.09 51.43 -78.04
C LEU K 321 -34.30 50.34 -77.35
N ILE K 322 -33.24 50.75 -76.66
CA ILE K 322 -32.41 49.82 -75.92
C ILE K 322 -32.25 50.23 -74.47
N GLU K 323 -32.71 49.40 -73.55
CA GLU K 323 -32.30 49.52 -72.16
C GLU K 323 -31.10 48.61 -71.88
N LEU K 324 -29.94 49.23 -71.75
CA LEU K 324 -28.75 48.55 -71.30
C LEU K 324 -28.41 49.17 -69.96
N ASN K 325 -28.27 48.32 -68.94
CA ASN K 325 -27.94 48.83 -67.61
C ASN K 325 -26.49 49.21 -67.65
N GLU K 326 -26.17 50.37 -67.10
CA GLU K 326 -24.78 50.77 -67.07
C GLU K 326 -24.19 50.51 -65.70
N ALA K 327 -23.67 49.31 -65.53
CA ALA K 327 -23.02 48.94 -64.29
C ALA K 327 -21.84 49.87 -64.10
N PHE K 328 -21.14 50.13 -65.19
CA PHE K 328 -20.08 51.12 -65.20
C PHE K 328 -20.08 51.76 -66.57
N ALA K 329 -19.63 53.01 -66.64
CA ALA K 329 -19.56 53.69 -67.92
C ALA K 329 -18.59 52.98 -68.89
N ALA K 330 -17.46 52.53 -68.37
CA ALA K 330 -16.50 51.78 -69.17
C ALA K 330 -17.05 50.43 -69.54
N GLN K 331 -17.95 49.90 -68.73
CA GLN K 331 -18.61 48.64 -69.04
C GLN K 331 -19.60 48.83 -70.18
N ALA K 332 -20.37 49.91 -70.11
CA ALA K 332 -21.38 50.23 -71.10
C ALA K 332 -20.77 50.63 -72.41
N LEU K 333 -19.74 51.48 -72.34
CA LEU K 333 -19.03 51.97 -73.52
C LEU K 333 -18.27 50.84 -74.19
N ALA K 334 -17.93 49.81 -73.43
CA ALA K 334 -17.27 48.64 -73.99
C ALA K 334 -18.24 47.80 -74.81
N VAL K 335 -19.47 47.68 -74.35
CA VAL K 335 -20.49 46.95 -75.09
C VAL K 335 -21.01 47.77 -76.28
N MET K 336 -20.92 49.08 -76.19
CA MET K 336 -21.41 49.93 -77.25
C MET K 336 -20.43 50.03 -78.42
N ARG K 337 -19.17 49.76 -78.17
CA ARG K 337 -18.24 49.71 -79.28
C ARG K 337 -18.34 48.37 -79.98
N GLU K 338 -18.56 47.31 -79.21
CA GLU K 338 -18.85 46.02 -79.78
C GLU K 338 -20.16 46.04 -80.55
N TRP K 339 -21.09 46.88 -80.11
CA TRP K 339 -22.35 47.09 -80.81
C TRP K 339 -22.15 48.03 -81.98
N LYS K 340 -20.92 48.54 -82.10
CA LYS K 340 -20.57 49.53 -83.12
C LYS K 340 -21.53 50.72 -83.05
N PHE K 341 -21.62 51.34 -81.88
CA PHE K 341 -22.53 52.44 -81.72
C PHE K 341 -22.01 53.72 -82.35
N GLY K 342 -22.94 54.56 -82.80
CA GLY K 342 -22.62 55.93 -83.18
C GLY K 342 -23.50 56.84 -82.35
N GLU K 343 -23.19 58.14 -82.35
CA GLU K 343 -23.95 59.11 -81.54
C GLU K 343 -25.44 59.15 -81.85
N ALA K 344 -25.84 58.54 -82.97
CA ALA K 344 -27.25 58.41 -83.29
C ALA K 344 -27.87 57.25 -82.53
N ASP K 345 -27.03 56.27 -82.16
CA ASP K 345 -27.48 55.13 -81.37
C ASP K 345 -27.68 55.53 -79.91
N HIS K 346 -26.87 56.48 -79.45
CA HIS K 346 -27.01 57.01 -78.09
C HIS K 346 -28.37 57.66 -77.88
N GLU K 347 -29.02 58.03 -78.97
CA GLU K 347 -30.29 58.75 -78.90
C GLU K 347 -31.46 57.81 -78.61
N ARG K 348 -31.23 56.49 -78.74
CA ARG K 348 -32.25 55.48 -78.47
C ARG K 348 -31.92 54.58 -77.28
N THR K 349 -30.90 54.94 -76.51
CA THR K 349 -30.37 54.06 -75.49
C THR K 349 -30.36 54.70 -74.11
N ASN K 350 -31.05 54.06 -73.17
CA ASN K 350 -31.17 54.55 -71.80
C ASN K 350 -31.60 56.00 -71.78
N VAL K 351 -32.69 56.27 -72.50
CA VAL K 351 -33.17 57.63 -72.72
C VAL K 351 -33.77 58.26 -71.47
N ARG K 352 -33.96 57.46 -70.43
CA ARG K 352 -34.54 57.96 -69.19
C ARG K 352 -33.59 57.73 -68.04
N GLY K 353 -32.30 57.64 -68.37
CA GLY K 353 -31.28 57.45 -67.37
C GLY K 353 -30.94 55.97 -67.26
N SER K 354 -30.08 55.67 -66.29
CA SER K 354 -29.58 54.31 -66.13
C SER K 354 -29.08 54.08 -64.71
N GLY K 355 -28.46 52.92 -64.52
CA GLY K 355 -27.90 52.55 -63.24
C GLY K 355 -26.94 53.57 -62.70
N ILE K 356 -26.28 54.31 -63.60
CA ILE K 356 -25.32 55.32 -63.18
C ILE K 356 -26.02 56.45 -62.44
N SER K 357 -27.11 56.96 -62.99
CA SER K 357 -27.82 58.08 -62.41
C SER K 357 -29.01 57.73 -61.53
N LEU K 358 -29.76 56.68 -61.87
CA LEU K 358 -30.93 56.28 -61.08
C LEU K 358 -30.59 55.37 -59.91
N GLY K 359 -29.47 54.66 -60.02
CA GLY K 359 -29.14 53.67 -59.02
C GLY K 359 -29.15 52.27 -59.60
N HIS K 360 -28.55 51.33 -58.87
CA HIS K 360 -28.58 49.93 -59.27
C HIS K 360 -28.96 49.06 -58.08
N PRO K 361 -30.26 49.05 -57.71
CA PRO K 361 -30.79 48.16 -56.68
C PRO K 361 -30.88 46.74 -57.23
N VAL K 362 -29.83 45.96 -57.05
CA VAL K 362 -29.54 44.81 -57.90
C VAL K 362 -30.75 43.97 -58.33
N GLY K 363 -31.58 43.55 -57.37
CA GLY K 363 -32.67 42.64 -57.71
C GLY K 363 -33.78 43.32 -58.47
N ALA K 364 -33.84 44.63 -58.36
CA ALA K 364 -34.98 45.40 -58.87
C ALA K 364 -34.67 46.13 -60.17
N THR K 365 -33.42 46.03 -60.63
CA THR K 365 -33.01 46.72 -61.86
C THR K 365 -33.79 46.22 -63.09
N GLY K 366 -33.80 44.90 -63.29
CA GLY K 366 -34.50 44.28 -64.42
C GLY K 366 -35.93 44.75 -64.58
N GLY K 367 -36.58 45.06 -63.47
CA GLY K 367 -37.95 45.54 -63.50
C GLY K 367 -38.06 47.02 -63.76
N ARG K 368 -37.02 47.78 -63.40
CA ARG K 368 -36.95 49.21 -63.73
C ARG K 368 -36.74 49.44 -65.21
N MET K 369 -35.78 48.71 -65.76
CA MET K 369 -35.43 48.78 -67.16
C MET K 369 -36.63 48.45 -68.00
N LEU K 370 -37.30 47.34 -67.66
CA LEU K 370 -38.52 46.97 -68.37
C LEU K 370 -39.62 48.02 -68.22
N ALA K 371 -39.77 48.56 -67.01
CA ALA K 371 -40.76 49.60 -66.76
C ALA K 371 -40.55 50.76 -67.71
N THR K 372 -39.29 51.16 -67.88
CA THR K 372 -38.98 52.24 -68.79
C THR K 372 -39.14 51.79 -70.24
N LEU K 373 -38.55 50.64 -70.58
CA LEU K 373 -38.54 50.17 -71.95
C LEU K 373 -39.96 50.05 -72.49
N ALA K 374 -40.87 49.53 -71.69
CA ALA K 374 -42.25 49.29 -72.11
C ALA K 374 -43.03 50.57 -72.27
N ARG K 375 -42.93 51.45 -71.28
CA ARG K 375 -43.69 52.69 -71.26
C ARG K 375 -43.22 53.68 -72.32
N GLU K 376 -41.92 53.76 -72.52
CA GLU K 376 -41.37 54.65 -73.52
C GLU K 376 -41.71 54.17 -74.91
N LEU K 377 -41.67 52.85 -75.09
CA LEU K 377 -41.98 52.21 -76.37
C LEU K 377 -43.37 52.65 -76.85
N HIS K 378 -44.35 52.73 -75.96
CA HIS K 378 -45.68 53.22 -76.33
C HIS K 378 -45.66 54.71 -76.62
N ARG K 379 -44.93 55.46 -75.81
CA ARG K 379 -44.97 56.91 -75.88
C ARG K 379 -44.28 57.44 -77.13
N ARG K 380 -43.27 56.72 -77.60
CA ARG K 380 -42.62 57.04 -78.87
C ARG K 380 -43.34 56.36 -80.01
N GLU K 381 -44.28 55.48 -79.68
CA GLU K 381 -44.91 54.59 -80.65
C GLU K 381 -43.87 53.84 -81.50
N ALA K 382 -43.03 53.06 -80.82
CA ALA K 382 -41.96 52.32 -81.46
C ALA K 382 -42.16 50.82 -81.22
N ARG K 383 -41.60 49.98 -82.09
CA ARG K 383 -41.99 48.59 -82.10
C ARG K 383 -41.22 47.69 -81.15
N TYR K 384 -39.90 47.70 -81.27
CA TYR K 384 -39.05 46.75 -80.59
C TYR K 384 -38.22 47.41 -79.51
N GLY K 385 -38.04 46.69 -78.40
CA GLY K 385 -37.17 47.14 -77.32
C GLY K 385 -36.24 46.02 -76.92
N LEU K 386 -34.99 46.37 -76.61
CA LEU K 386 -34.05 45.38 -76.10
C LEU K 386 -33.64 45.72 -74.67
N GLU K 387 -33.86 44.78 -73.76
CA GLU K 387 -33.37 44.92 -72.40
C GLU K 387 -32.25 43.92 -72.11
N THR K 388 -31.10 44.42 -71.69
CA THR K 388 -29.96 43.57 -71.44
C THR K 388 -29.05 44.13 -70.33
N MET K 389 -28.25 43.26 -69.74
CA MET K 389 -27.36 43.69 -68.67
C MET K 389 -26.19 42.73 -68.46
N CYS K 390 -25.12 43.21 -67.83
CA CYS K 390 -23.99 42.36 -67.50
C CYS K 390 -24.26 41.74 -66.15
N ILE K 391 -23.72 40.55 -65.92
CA ILE K 391 -24.01 39.83 -64.70
C ILE K 391 -22.71 39.46 -64.03
N GLY K 392 -22.54 39.89 -62.79
CA GLY K 392 -21.35 39.55 -62.03
C GLY K 392 -21.22 38.05 -62.01
N GLY K 393 -20.02 37.57 -62.24
CA GLY K 393 -19.78 36.14 -62.30
C GLY K 393 -19.53 35.72 -63.73
N GLY K 394 -19.85 36.60 -64.67
CA GLY K 394 -19.59 36.32 -66.08
C GLY K 394 -20.78 35.75 -66.81
N GLN K 395 -21.90 36.47 -66.76
CA GLN K 395 -23.09 36.07 -67.47
C GLN K 395 -23.66 37.28 -68.16
N GLY K 396 -24.54 37.05 -69.15
CA GLY K 396 -25.26 38.12 -69.80
C GLY K 396 -26.68 37.64 -70.07
N LEU K 397 -27.64 38.54 -70.04
CA LEU K 397 -29.05 38.19 -70.28
C LEU K 397 -29.67 39.32 -71.08
N ALA K 398 -30.42 38.96 -72.12
CA ALA K 398 -31.05 39.95 -72.99
C ALA K 398 -32.44 39.46 -73.36
N ALA K 399 -33.37 40.39 -73.54
CA ALA K 399 -34.71 40.05 -73.96
C ALA K 399 -35.20 41.05 -74.99
N VAL K 400 -36.05 40.60 -75.90
CA VAL K 400 -36.62 41.47 -76.91
C VAL K 400 -38.10 41.62 -76.66
N PHE K 401 -38.56 42.86 -76.57
CA PHE K 401 -39.94 43.16 -76.32
C PHE K 401 -40.52 43.88 -77.51
N GLU K 402 -41.74 43.52 -77.88
CA GLU K 402 -42.46 44.19 -78.96
C GLU K 402 -43.72 44.84 -78.43
N ARG K 403 -43.89 46.11 -78.76
CA ARG K 403 -45.02 46.91 -78.33
C ARG K 403 -46.38 46.26 -78.64
N VAL K 404 -47.43 46.67 -77.93
CA VAL K 404 -48.78 46.16 -78.16
C VAL K 404 -49.76 47.33 -78.40
N GLN K 405 -50.80 47.07 -79.19
CA GLN K 405 -51.64 48.10 -79.81
C GLN K 405 -52.89 48.50 -79.02
N GLU K 406 -53.54 49.56 -79.47
CA GLU K 406 -54.90 49.91 -79.07
C GLU K 406 -55.10 50.09 -77.57
N ARG L 4 -42.78 19.41 -78.22
CA ARG L 4 -41.53 18.77 -77.80
C ARG L 4 -41.55 18.46 -76.31
N ASP L 5 -41.12 17.26 -75.96
CA ASP L 5 -41.10 16.83 -74.58
C ASP L 5 -39.81 17.21 -73.84
N ALA L 6 -39.90 17.17 -72.51
CA ALA L 6 -38.74 17.36 -71.68
C ALA L 6 -38.57 16.06 -70.94
N VAL L 7 -37.34 15.53 -70.93
CA VAL L 7 -37.10 14.29 -70.24
C VAL L 7 -35.93 14.43 -69.28
N ILE L 8 -35.99 13.62 -68.23
CA ILE L 8 -34.98 13.60 -67.19
C ILE L 8 -33.96 12.50 -67.48
N CYS L 9 -32.69 12.86 -67.56
CA CYS L 9 -31.65 11.88 -67.81
C CYS L 9 -30.72 11.75 -66.64
N GLU L 10 -30.37 10.51 -66.30
CA GLU L 10 -29.33 10.22 -65.31
C GLU L 10 -29.42 11.08 -64.05
N PRO L 11 -30.58 11.07 -63.39
CA PRO L 11 -30.70 11.91 -62.21
C PRO L 11 -29.91 11.30 -61.04
N VAL L 12 -28.97 12.08 -60.51
CA VAL L 12 -28.10 11.54 -59.49
C VAL L 12 -27.95 12.51 -58.31
N ARG L 13 -27.44 11.98 -57.20
CA ARG L 13 -27.21 12.74 -55.99
C ARG L 13 -25.99 12.21 -55.27
N THR L 14 -25.40 13.05 -54.42
CA THR L 14 -24.38 12.60 -53.49
C THR L 14 -25.03 11.74 -52.43
N PRO L 15 -24.22 11.00 -51.64
CA PRO L 15 -24.85 10.47 -50.43
C PRO L 15 -25.38 11.61 -49.58
N ILE L 16 -26.40 11.37 -48.77
CA ILE L 16 -26.89 12.43 -47.90
C ILE L 16 -26.25 12.31 -46.52
N GLY L 17 -25.52 13.36 -46.13
CA GLY L 17 -24.83 13.38 -44.85
C GLY L 17 -25.62 14.00 -43.73
N ARG L 18 -25.28 13.65 -42.49
CA ARG L 18 -25.94 14.23 -41.33
C ARG L 18 -25.44 15.64 -41.06
N TYR L 19 -26.33 16.47 -40.56
CA TYR L 19 -26.01 17.78 -40.00
C TYR L 19 -24.80 17.64 -39.05
N GLY L 20 -23.72 18.35 -39.35
CA GLY L 20 -22.50 18.21 -38.57
C GLY L 20 -21.83 16.85 -38.76
N GLY L 21 -22.23 16.14 -39.81
CA GLY L 21 -21.72 14.80 -40.02
C GLY L 21 -20.62 14.67 -41.05
N MET L 22 -20.69 13.59 -41.82
CA MET L 22 -19.60 13.15 -42.69
C MET L 22 -19.17 14.15 -43.75
N PHE L 23 -19.96 15.20 -44.00
CA PHE L 23 -19.64 16.15 -45.05
C PHE L 23 -19.41 17.54 -44.51
N ARG L 24 -19.44 17.67 -43.18
CA ARG L 24 -19.44 18.98 -42.53
C ARG L 24 -18.33 19.94 -43.01
N SER L 25 -17.23 19.40 -43.52
CA SER L 25 -16.11 20.22 -44.04
C SER L 25 -16.24 20.56 -45.53
N LEU L 26 -17.29 20.07 -46.17
CA LEU L 26 -17.53 20.40 -47.57
C LEU L 26 -18.59 21.48 -47.65
N THR L 27 -18.42 22.43 -48.56
CA THR L 27 -19.41 23.49 -48.75
C THR L 27 -20.54 23.01 -49.67
N ALA L 28 -21.59 23.81 -49.78
CA ALA L 28 -22.68 23.50 -50.70
C ALA L 28 -22.17 23.32 -52.12
N VAL L 29 -21.13 24.10 -52.48
CA VAL L 29 -20.57 24.04 -53.83
C VAL L 29 -19.72 22.78 -54.02
N ASP L 30 -18.93 22.42 -53.02
CA ASP L 30 -18.14 21.20 -53.06
C ASP L 30 -19.00 20.00 -53.41
N LEU L 31 -20.10 19.85 -52.69
CA LEU L 31 -21.08 18.83 -52.98
C LEU L 31 -21.70 19.06 -54.36
N GLY L 32 -22.01 20.31 -54.68
CA GLY L 32 -22.62 20.63 -55.96
C GLY L 32 -21.70 20.24 -57.09
N VAL L 33 -20.43 20.59 -56.92
CA VAL L 33 -19.36 20.27 -57.86
C VAL L 33 -19.16 18.77 -58.04
N THR L 34 -19.18 18.04 -56.93
CA THR L 34 -19.01 16.61 -56.95
C THR L 34 -20.14 15.93 -57.72
N ALA L 35 -21.36 16.36 -57.49
CA ALA L 35 -22.50 15.73 -58.14
C ALA L 35 -22.56 16.05 -59.63
N LEU L 36 -22.20 17.28 -60.00
CA LEU L 36 -22.22 17.70 -61.39
C LEU L 36 -21.12 17.02 -62.22
N LYS L 37 -19.94 16.88 -61.63
CA LYS L 37 -18.84 16.16 -62.26
C LYS L 37 -19.15 14.68 -62.38
N GLY L 38 -19.86 14.14 -61.40
CA GLY L 38 -20.25 12.75 -61.43
C GLY L 38 -21.33 12.51 -62.47
N LEU L 39 -22.03 13.59 -62.83
CA LEU L 39 -23.09 13.51 -63.82
C LEU L 39 -22.50 13.49 -65.21
N LEU L 40 -21.62 14.44 -65.48
CA LEU L 40 -20.97 14.54 -66.77
C LEU L 40 -20.18 13.29 -67.07
N GLU L 41 -19.53 12.74 -66.05
CA GLU L 41 -18.76 11.49 -66.19
C GLU L 41 -19.64 10.33 -66.61
N ARG L 42 -20.75 10.14 -65.91
CA ARG L 42 -21.68 9.07 -66.22
C ARG L 42 -22.32 9.22 -67.61
N THR L 43 -22.69 10.43 -67.97
CA THR L 43 -23.35 10.65 -69.25
C THR L 43 -22.33 10.78 -70.37
N GLY L 44 -21.13 11.21 -70.01
CA GLY L 44 -20.05 11.35 -70.98
C GLY L 44 -20.26 12.50 -71.95
N ILE L 45 -21.26 13.34 -71.68
CA ILE L 45 -21.56 14.46 -72.55
C ILE L 45 -20.51 15.55 -72.36
N ALA L 46 -20.25 16.32 -73.42
CA ALA L 46 -19.29 17.41 -73.33
C ALA L 46 -19.81 18.52 -72.44
N ALA L 47 -18.93 19.10 -71.64
CA ALA L 47 -19.32 20.10 -70.65
C ALA L 47 -20.03 21.31 -71.27
N ASP L 48 -19.71 21.62 -72.52
CA ASP L 48 -20.33 22.76 -73.21
C ASP L 48 -21.63 22.37 -73.90
N GLN L 49 -22.08 21.14 -73.71
CA GLN L 49 -23.40 20.75 -74.16
C GLN L 49 -24.45 21.43 -73.30
N VAL L 50 -24.03 21.85 -72.11
CA VAL L 50 -24.90 22.35 -71.05
C VAL L 50 -25.12 23.84 -71.17
N GLU L 51 -26.38 24.23 -71.34
CA GLU L 51 -26.73 25.61 -71.64
C GLU L 51 -27.18 26.38 -70.41
N ASP L 52 -27.41 25.66 -69.33
CA ASP L 52 -27.74 26.28 -68.05
C ASP L 52 -27.58 25.28 -66.94
N VAL L 53 -27.22 25.78 -65.76
CA VAL L 53 -27.22 24.99 -64.55
C VAL L 53 -28.16 25.66 -63.55
N ILE L 54 -29.33 25.06 -63.34
CA ILE L 54 -30.37 25.65 -62.52
C ILE L 54 -30.51 24.90 -61.21
N LEU L 55 -30.19 25.55 -60.10
CA LEU L 55 -30.07 24.85 -58.81
C LEU L 55 -31.01 25.34 -57.71
N GLY L 56 -31.75 24.41 -57.10
CA GLY L 56 -32.45 24.75 -55.88
C GLY L 56 -31.43 24.94 -54.77
N HIS L 57 -31.70 25.88 -53.87
CA HIS L 57 -30.74 26.32 -52.86
C HIS L 57 -31.41 27.33 -51.93
N CYS L 58 -31.61 26.92 -50.69
CA CYS L 58 -32.46 27.62 -49.73
C CYS L 58 -31.75 28.40 -48.65
N TYR L 59 -30.44 28.26 -48.56
CA TYR L 59 -29.68 29.10 -47.66
C TYR L 59 -28.49 29.72 -48.38
N PRO L 60 -28.77 30.48 -49.45
CA PRO L 60 -27.67 31.13 -50.19
C PRO L 60 -27.03 32.28 -49.41
N ASN L 61 -25.73 32.46 -49.62
CA ASN L 61 -25.00 33.60 -49.07
C ASN L 61 -23.86 33.98 -50.01
N SER L 62 -23.13 35.05 -49.70
CA SER L 62 -22.17 35.60 -50.66
C SER L 62 -20.96 34.71 -50.96
N GLU L 63 -20.82 33.61 -50.24
CA GLU L 63 -19.77 32.63 -50.53
C GLU L 63 -19.97 31.99 -51.88
N ALA L 64 -21.20 31.99 -52.37
CA ALA L 64 -21.54 31.36 -53.63
C ALA L 64 -22.76 32.01 -54.23
N PRO L 65 -22.59 33.21 -54.77
CA PRO L 65 -23.69 33.92 -55.43
C PRO L 65 -24.10 33.25 -56.74
N ALA L 66 -25.39 33.24 -57.07
CA ALA L 66 -25.90 32.55 -58.26
C ALA L 66 -25.29 31.15 -58.37
N ILE L 67 -25.52 30.33 -57.36
CA ILE L 67 -24.71 29.13 -57.08
C ILE L 67 -24.52 28.16 -58.24
N GLY L 68 -25.45 28.15 -59.20
CA GLY L 68 -25.37 27.26 -60.32
C GLY L 68 -24.19 27.60 -61.21
N ARG L 69 -23.98 28.89 -61.41
CA ARG L 69 -22.83 29.40 -62.15
C ARG L 69 -21.54 29.04 -61.44
N VAL L 70 -21.55 29.18 -60.12
CA VAL L 70 -20.38 28.86 -59.32
C VAL L 70 -20.06 27.37 -59.38
N VAL L 71 -21.07 26.54 -59.14
CA VAL L 71 -20.91 25.09 -59.18
C VAL L 71 -20.43 24.67 -60.56
N ALA L 72 -20.95 25.32 -61.59
CA ALA L 72 -20.57 25.03 -62.97
C ALA L 72 -19.09 25.30 -63.20
N LEU L 73 -18.63 26.51 -62.90
CA LEU L 73 -17.23 26.85 -63.10
C LEU L 73 -16.32 25.96 -62.29
N ASP L 74 -16.68 25.78 -61.03
CA ASP L 74 -15.85 25.07 -60.07
C ASP L 74 -15.74 23.56 -60.32
N ALA L 75 -16.62 23.02 -61.14
CA ALA L 75 -16.59 21.60 -61.47
C ALA L 75 -15.87 21.41 -62.79
N GLY L 76 -15.47 22.53 -63.39
CA GLY L 76 -14.61 22.48 -64.55
C GLY L 76 -15.26 22.96 -65.83
N LEU L 77 -16.56 23.25 -65.78
CA LEU L 77 -17.31 23.62 -66.98
C LEU L 77 -16.76 24.93 -67.55
N PRO L 78 -16.91 25.10 -68.87
CA PRO L 78 -16.45 26.28 -69.61
C PRO L 78 -17.10 27.57 -69.12
N ILE L 79 -16.45 28.72 -69.33
CA ILE L 79 -16.97 30.02 -68.90
C ILE L 79 -18.24 30.41 -69.64
N THR L 80 -18.54 29.69 -70.72
CA THR L 80 -19.73 29.95 -71.52
C THR L 80 -21.03 29.49 -70.84
N VAL L 81 -20.91 28.62 -69.85
CA VAL L 81 -22.08 28.01 -69.21
C VAL L 81 -22.67 28.89 -68.10
N PRO L 82 -23.89 29.40 -68.33
CA PRO L 82 -24.60 30.17 -67.31
C PRO L 82 -25.13 29.29 -66.18
N GLY L 83 -25.40 29.89 -65.03
CA GLY L 83 -25.99 29.17 -63.93
C GLY L 83 -26.70 30.16 -63.02
N MET L 84 -27.57 29.65 -62.15
CA MET L 84 -28.33 30.53 -61.28
C MET L 84 -28.83 29.73 -60.10
N GLN L 85 -29.71 30.34 -59.31
CA GLN L 85 -30.21 29.70 -58.11
C GLN L 85 -31.69 30.01 -57.92
N VAL L 86 -32.42 29.05 -57.37
CA VAL L 86 -33.82 29.30 -57.08
C VAL L 86 -34.11 28.89 -55.65
N ASP L 87 -35.12 29.52 -55.05
CA ASP L 87 -35.61 29.14 -53.73
C ASP L 87 -37.15 29.12 -53.74
N ARG L 88 -37.72 27.93 -53.60
CA ARG L 88 -39.12 27.77 -53.22
C ARG L 88 -39.10 26.81 -52.02
N ARG L 89 -38.21 27.12 -51.09
CA ARG L 89 -37.96 26.32 -49.87
C ARG L 89 -37.82 24.84 -50.18
N CYS L 90 -38.58 23.98 -49.50
CA CYS L 90 -38.48 22.54 -49.68
C CYS L 90 -38.77 22.09 -51.13
N GLY L 91 -39.40 22.96 -51.91
CA GLY L 91 -39.72 22.62 -53.29
C GLY L 91 -38.66 22.95 -54.32
N SER L 92 -37.68 23.76 -53.91
CA SER L 92 -36.57 24.23 -54.76
C SER L 92 -36.03 23.25 -55.79
N GLY L 93 -35.71 22.03 -55.34
CA GLY L 93 -35.21 21.01 -56.23
C GLY L 93 -36.13 20.74 -57.41
N LEU L 94 -37.41 20.52 -57.12
CA LEU L 94 -38.40 20.30 -58.17
C LEU L 94 -38.56 21.58 -58.98
N GLN L 95 -38.51 22.71 -58.30
CA GLN L 95 -38.68 24.00 -58.96
C GLN L 95 -37.65 24.21 -60.06
N ALA L 96 -36.39 23.92 -59.76
CA ALA L 96 -35.35 24.04 -60.78
C ALA L 96 -35.62 23.06 -61.92
N VAL L 97 -35.97 21.83 -61.56
CA VAL L 97 -36.33 20.81 -62.55
C VAL L 97 -37.51 21.27 -63.40
N ILE L 98 -38.48 21.92 -62.76
CA ILE L 98 -39.64 22.42 -63.50
C ILE L 98 -39.21 23.58 -64.38
N GLN L 99 -38.36 24.44 -63.86
CA GLN L 99 -37.83 25.52 -64.68
C GLN L 99 -37.06 24.96 -65.84
N ALA L 100 -36.36 23.86 -65.59
CA ALA L 100 -35.46 23.33 -66.59
C ALA L 100 -36.28 22.78 -67.73
N CYS L 101 -37.35 22.06 -67.39
CA CYS L 101 -38.26 21.51 -68.36
C CYS L 101 -38.96 22.60 -69.17
N LEU L 102 -39.28 23.73 -68.54
CA LEU L 102 -39.97 24.82 -69.22
C LEU L 102 -39.15 25.46 -70.32
N GLN L 103 -37.86 25.71 -70.09
CA GLN L 103 -37.05 26.41 -71.09
C GLN L 103 -36.39 25.44 -72.08
N VAL L 104 -36.54 24.15 -71.83
CA VAL L 104 -36.23 23.11 -72.80
C VAL L 104 -37.41 22.95 -73.73
N ARG L 105 -38.60 22.77 -73.16
CA ARG L 105 -39.83 22.62 -73.93
C ARG L 105 -40.13 23.80 -74.84
N SER L 106 -39.72 25.01 -74.45
CA SER L 106 -40.06 26.20 -75.22
C SER L 106 -39.19 26.30 -76.47
N GLY L 107 -38.17 25.46 -76.52
CA GLY L 107 -37.22 25.44 -77.62
C GLY L 107 -35.98 26.28 -77.36
N ASP L 108 -35.97 26.97 -76.22
CA ASP L 108 -34.92 27.92 -75.90
C ASP L 108 -33.59 27.21 -75.66
N HIS L 109 -33.65 26.04 -75.04
CA HIS L 109 -32.46 25.25 -74.71
C HIS L 109 -32.72 23.80 -75.11
N ASP L 110 -31.67 23.04 -75.46
CA ASP L 110 -31.83 21.62 -75.79
C ASP L 110 -31.36 20.72 -74.65
N LEU L 111 -30.40 21.21 -73.86
CA LEU L 111 -29.93 20.50 -72.67
C LEU L 111 -29.53 21.48 -71.55
N VAL L 112 -30.06 21.24 -70.35
CA VAL L 112 -29.71 22.04 -69.19
C VAL L 112 -29.47 21.11 -68.02
N VAL L 113 -28.63 21.52 -67.08
CA VAL L 113 -28.51 20.82 -65.81
C VAL L 113 -29.47 21.48 -64.82
N ALA L 114 -30.18 20.65 -64.09
CA ALA L 114 -31.03 21.11 -63.02
C ALA L 114 -30.67 20.30 -61.80
N GLY L 115 -30.62 20.93 -60.63
CA GLY L 115 -30.37 20.19 -59.42
C GLY L 115 -30.58 21.00 -58.17
N GLY L 116 -29.89 20.59 -57.11
CA GLY L 116 -29.97 21.30 -55.84
C GLY L 116 -28.70 21.09 -55.05
N ALA L 117 -28.42 22.02 -54.13
CA ALA L 117 -27.20 21.97 -53.33
C ALA L 117 -27.45 22.54 -51.94
N GLU L 118 -27.12 21.78 -50.92
CA GLU L 118 -27.31 22.32 -49.57
C GLU L 118 -26.28 21.78 -48.56
N SER L 119 -25.62 22.70 -47.87
CA SER L 119 -24.84 22.34 -46.71
C SER L 119 -25.46 23.01 -45.50
N MET L 120 -26.38 22.30 -44.86
CA MET L 120 -27.05 22.79 -43.70
C MET L 120 -26.11 22.78 -42.48
N SER L 121 -25.06 21.99 -42.57
CA SER L 121 -23.97 22.03 -41.60
C SER L 121 -23.21 23.35 -41.65
N ASN L 122 -23.26 24.03 -42.79
CA ASN L 122 -22.49 25.24 -42.99
C ASN L 122 -23.33 26.46 -43.30
N VAL L 123 -24.60 26.40 -42.97
CA VAL L 123 -25.48 27.56 -43.10
C VAL L 123 -24.97 28.69 -42.19
N ALA L 124 -24.82 29.89 -42.75
CA ALA L 124 -24.31 31.04 -42.03
C ALA L 124 -25.17 31.51 -40.84
N PHE L 125 -24.49 32.14 -39.87
CA PHE L 125 -25.14 33.02 -38.90
C PHE L 125 -25.07 34.42 -39.46
N TYR L 126 -26.11 35.22 -39.23
CA TYR L 126 -26.21 36.52 -39.88
C TYR L 126 -26.91 37.54 -38.98
N SER L 127 -26.72 38.82 -39.31
CA SER L 127 -27.30 39.95 -38.58
C SER L 127 -27.66 41.08 -39.52
N THR L 128 -28.75 41.78 -39.22
CA THR L 128 -29.13 42.96 -39.98
C THR L 128 -28.91 44.22 -39.17
N ASP L 129 -28.18 44.10 -38.05
CA ASP L 129 -27.99 45.22 -37.11
C ASP L 129 -26.62 45.88 -37.10
N MET L 130 -25.64 45.26 -37.75
CA MET L 130 -24.25 45.71 -37.67
C MET L 130 -23.88 46.81 -38.67
N ARG L 131 -24.77 47.09 -39.61
CA ARG L 131 -24.43 48.05 -40.67
C ARG L 131 -24.58 49.49 -40.20
N TRP L 132 -25.68 49.81 -39.52
CA TRP L 132 -25.97 51.20 -39.17
C TRP L 132 -26.06 51.47 -37.67
N GLY L 133 -25.73 50.46 -36.86
CA GLY L 133 -25.65 50.65 -35.43
C GLY L 133 -26.63 49.87 -34.56
N GLY L 134 -26.13 49.24 -33.50
CA GLY L 134 -26.98 48.52 -32.58
C GLY L 134 -27.17 49.21 -31.24
N ALA L 135 -26.81 50.49 -31.17
CA ALA L 135 -26.90 51.21 -29.91
C ALA L 135 -28.33 51.25 -29.40
N ARG L 136 -29.22 51.71 -30.28
CA ARG L 136 -30.62 51.87 -29.90
C ARG L 136 -31.38 50.55 -29.90
N THR L 137 -31.19 49.74 -30.94
CA THR L 137 -31.92 48.49 -31.06
C THR L 137 -31.29 47.34 -30.28
N GLY L 138 -29.96 47.28 -30.29
CA GLY L 138 -29.26 46.08 -29.88
C GLY L 138 -28.87 45.32 -31.14
N VAL L 139 -28.00 44.34 -31.01
CA VAL L 139 -27.54 43.57 -32.15
C VAL L 139 -27.94 42.11 -32.01
N GLN L 140 -28.74 41.61 -32.95
CA GLN L 140 -29.11 40.21 -32.92
C GLN L 140 -28.32 39.43 -33.95
N ILE L 141 -28.05 38.17 -33.64
CA ILE L 141 -27.43 37.28 -34.60
C ILE L 141 -28.33 36.09 -34.78
N HIS L 142 -28.79 35.86 -36.00
CA HIS L 142 -29.75 34.81 -36.27
C HIS L 142 -29.11 33.59 -36.89
N ASP L 143 -29.60 32.41 -36.52
CA ASP L 143 -29.19 31.17 -37.12
C ASP L 143 -29.99 31.03 -38.39
N GLY L 144 -29.32 30.88 -39.53
CA GLY L 144 -30.01 30.81 -40.81
C GLY L 144 -31.15 29.81 -40.85
N LEU L 145 -30.89 28.60 -40.33
CA LEU L 145 -31.90 27.53 -40.29
C LEU L 145 -33.06 27.83 -39.35
N ALA L 146 -32.75 27.95 -38.06
CA ALA L 146 -33.75 28.20 -37.02
C ALA L 146 -34.59 29.42 -37.32
N ARG L 147 -33.94 30.53 -37.67
CA ARG L 147 -34.64 31.77 -37.93
C ARG L 147 -35.52 31.62 -39.15
N GLY L 148 -35.00 30.98 -40.19
CA GLY L 148 -35.74 30.82 -41.41
C GLY L 148 -37.07 30.14 -41.23
N ARG L 149 -37.20 29.34 -40.17
CA ARG L 149 -38.40 28.53 -39.97
C ARG L 149 -39.54 29.36 -39.44
N THR L 150 -39.23 30.54 -38.89
CA THR L 150 -40.23 31.39 -38.27
C THR L 150 -40.72 32.57 -39.13
N THR L 151 -39.97 32.90 -40.19
CA THR L 151 -40.25 34.10 -41.00
C THR L 151 -40.85 33.82 -42.39
N ALA L 152 -40.97 32.55 -42.75
CA ALA L 152 -41.39 32.17 -44.11
C ALA L 152 -42.84 32.57 -44.45
N GLY L 153 -43.70 32.66 -43.43
CA GLY L 153 -45.06 33.15 -43.63
C GLY L 153 -45.23 34.66 -43.51
N GLY L 154 -44.12 35.37 -43.39
CA GLY L 154 -44.16 36.83 -43.34
C GLY L 154 -44.51 37.35 -41.97
N LYS L 155 -44.81 38.65 -41.87
CA LYS L 155 -45.11 39.25 -40.57
C LYS L 155 -46.52 38.98 -40.11
N PHE L 156 -47.39 38.61 -41.05
CA PHE L 156 -48.80 38.35 -40.72
C PHE L 156 -49.09 36.90 -40.38
N HIS L 157 -48.11 36.03 -40.55
CA HIS L 157 -48.29 34.62 -40.20
C HIS L 157 -47.03 34.02 -39.56
N PRO L 158 -46.66 34.53 -38.37
CA PRO L 158 -45.49 34.05 -37.63
C PRO L 158 -45.70 32.68 -37.02
N VAL L 159 -44.70 31.80 -37.13
CA VAL L 159 -44.74 30.49 -36.48
C VAL L 159 -43.49 30.35 -35.63
N PRO L 160 -43.62 30.67 -34.33
CA PRO L 160 -42.57 30.64 -33.31
C PRO L 160 -41.84 29.29 -33.22
N GLY L 161 -42.59 28.19 -33.30
CA GLY L 161 -42.00 26.88 -33.15
C GLY L 161 -41.47 26.21 -34.41
N GLY L 162 -41.38 26.95 -35.51
CA GLY L 162 -40.82 26.40 -36.73
C GLY L 162 -41.76 25.54 -37.54
N MET L 163 -41.19 24.68 -38.39
CA MET L 163 -42.02 23.80 -39.19
C MET L 163 -42.40 22.60 -38.35
N LEU L 164 -41.65 22.44 -37.27
CA LEU L 164 -41.95 21.47 -36.23
C LEU L 164 -43.29 21.78 -35.58
N GLU L 165 -43.58 23.08 -35.43
CA GLU L 165 -44.84 23.54 -34.87
C GLU L 165 -45.98 23.30 -35.83
N THR L 166 -45.72 23.49 -37.12
CA THR L 166 -46.74 23.19 -38.12
C THR L 166 -47.10 21.71 -38.06
N ALA L 167 -46.11 20.86 -37.81
CA ALA L 167 -46.31 19.41 -37.77
C ALA L 167 -47.18 18.98 -36.59
N GLU L 168 -46.94 19.59 -35.44
CA GLU L 168 -47.81 19.40 -34.28
C GLU L 168 -49.22 19.86 -34.62
N ASN L 169 -49.35 20.95 -35.37
CA ASN L 169 -50.67 21.47 -35.75
C ASN L 169 -51.48 20.51 -36.60
N LEU L 170 -50.83 19.79 -37.50
CA LEU L 170 -51.55 18.85 -38.36
C LEU L 170 -51.94 17.62 -37.57
N ARG L 171 -51.03 17.15 -36.72
CA ARG L 171 -51.35 16.06 -35.81
C ARG L 171 -52.63 16.33 -35.05
N ARG L 172 -52.70 17.53 -34.47
CA ARG L 172 -53.86 17.95 -33.68
C ARG L 172 -55.12 17.98 -34.52
N GLU L 173 -55.04 18.63 -35.68
CA GLU L 173 -56.18 18.78 -36.54
C GLU L 173 -56.63 17.45 -37.16
N TYR L 174 -55.67 16.56 -37.45
CA TYR L 174 -55.99 15.30 -38.15
C TYR L 174 -55.93 14.07 -37.24
N HIS L 175 -55.74 14.31 -35.94
CA HIS L 175 -55.78 13.26 -34.92
C HIS L 175 -54.80 12.15 -35.22
N ILE L 176 -53.55 12.52 -35.46
CA ILE L 176 -52.53 11.51 -35.74
C ILE L 176 -51.86 11.11 -34.44
N SER L 177 -51.76 9.81 -34.18
CA SER L 177 -51.14 9.33 -32.94
C SER L 177 -49.61 9.28 -33.05
N ARG L 178 -48.94 9.28 -31.91
CA ARG L 178 -47.49 9.18 -31.88
C ARG L 178 -47.03 7.83 -32.42
N THR L 179 -47.79 6.80 -32.08
CA THR L 179 -47.52 5.46 -32.57
C THR L 179 -47.46 5.46 -34.08
N GLU L 180 -48.48 6.04 -34.72
CA GLU L 180 -48.60 5.95 -36.17
C GLU L 180 -47.47 6.69 -36.89
N GLN L 181 -47.06 7.81 -36.30
CA GLN L 181 -45.93 8.56 -36.82
C GLN L 181 -44.66 7.76 -36.67
N ASP L 182 -44.56 7.06 -35.55
CA ASP L 182 -43.40 6.25 -35.25
C ASP L 182 -43.43 4.99 -36.12
N GLU L 183 -44.61 4.42 -36.31
CA GLU L 183 -44.81 3.34 -37.28
C GLU L 183 -44.33 3.78 -38.68
N LEU L 184 -44.72 4.97 -39.11
CA LEU L 184 -44.29 5.48 -40.41
C LEU L 184 -42.77 5.66 -40.48
N ALA L 185 -42.18 6.14 -39.40
CA ALA L 185 -40.75 6.36 -39.39
C ALA L 185 -40.04 5.04 -39.63
N VAL L 186 -40.38 4.03 -38.83
CA VAL L 186 -39.76 2.71 -38.91
C VAL L 186 -39.79 2.10 -40.31
N ARG L 187 -40.88 2.32 -41.05
CA ARG L 187 -40.94 1.91 -42.45
C ARG L 187 -39.86 2.63 -43.23
N SER L 188 -39.91 3.95 -43.19
CA SER L 188 -38.95 4.80 -43.87
C SER L 188 -37.51 4.33 -43.72
N HIS L 189 -37.15 3.89 -42.52
CA HIS L 189 -35.78 3.43 -42.26
C HIS L 189 -35.49 2.07 -42.87
N GLN L 190 -36.41 1.13 -42.70
CA GLN L 190 -36.28 -0.18 -43.31
C GLN L 190 -36.15 -0.09 -44.82
N ARG L 191 -37.00 0.73 -45.43
CA ARG L 191 -37.03 0.83 -46.89
C ARG L 191 -35.70 1.32 -47.41
N ALA L 192 -35.12 2.29 -46.72
CA ALA L 192 -33.87 2.90 -47.15
C ALA L 192 -32.71 1.95 -46.93
N VAL L 193 -32.75 1.27 -45.79
CA VAL L 193 -31.73 0.28 -45.46
C VAL L 193 -31.83 -0.93 -46.40
N ALA L 194 -33.04 -1.41 -46.67
CA ALA L 194 -33.21 -2.51 -47.61
C ALA L 194 -32.88 -2.08 -49.04
N ALA L 195 -33.16 -0.82 -49.36
CA ALA L 195 -32.75 -0.23 -50.63
C ALA L 195 -31.22 -0.22 -50.77
N GLN L 196 -30.54 -0.03 -49.64
CA GLN L 196 -29.08 -0.14 -49.59
C GLN L 196 -28.63 -1.56 -49.85
N SER L 197 -29.34 -2.52 -49.26
CA SER L 197 -28.92 -3.92 -49.28
C SER L 197 -29.41 -4.65 -50.52
N GLU L 198 -30.24 -3.98 -51.31
CA GLU L 198 -30.62 -4.48 -52.62
C GLU L 198 -29.75 -3.79 -53.68
N GLY L 199 -28.96 -2.82 -53.25
CA GLY L 199 -27.97 -2.21 -54.11
C GLY L 199 -28.49 -1.18 -55.11
N VAL L 200 -29.79 -0.88 -55.07
CA VAL L 200 -30.38 0.07 -56.01
C VAL L 200 -29.88 1.50 -55.81
N LEU L 201 -29.43 1.83 -54.60
CA LEU L 201 -28.94 3.19 -54.30
C LEU L 201 -27.66 3.53 -55.04
N ALA L 202 -27.02 2.52 -55.61
CA ALA L 202 -25.73 2.72 -56.20
C ALA L 202 -25.87 3.43 -57.54
N GLU L 203 -27.00 3.27 -58.22
CA GLU L 203 -27.22 3.99 -59.47
C GLU L 203 -27.69 5.43 -59.24
N GLU L 204 -28.33 5.69 -58.11
CA GLU L 204 -28.63 7.06 -57.71
C GLU L 204 -27.40 7.89 -57.36
N ILE L 205 -26.43 7.25 -56.73
CA ILE L 205 -25.41 7.95 -55.96
C ILE L 205 -24.06 8.15 -56.65
N ILE L 206 -23.56 9.40 -56.59
CA ILE L 206 -22.20 9.78 -56.96
C ILE L 206 -21.34 9.82 -55.70
N PRO L 207 -20.38 8.89 -55.57
CA PRO L 207 -19.60 8.88 -54.33
C PRO L 207 -18.83 10.17 -54.12
N VAL L 208 -18.63 10.56 -52.86
CA VAL L 208 -17.97 11.83 -52.55
C VAL L 208 -16.66 11.59 -51.82
N PRO L 209 -15.58 12.16 -52.34
CA PRO L 209 -14.23 12.18 -51.76
C PRO L 209 -14.07 13.25 -50.68
N VAL L 210 -13.78 12.82 -49.47
CA VAL L 210 -13.58 13.69 -48.31
C VAL L 210 -12.12 13.59 -47.81
N ARG L 211 -11.56 14.71 -47.34
CA ARG L 211 -10.26 14.69 -46.69
C ARG L 211 -10.38 14.48 -45.19
N GLU L 217 -10.89 9.93 -47.64
CA GLU L 217 -11.56 8.75 -48.16
C GLU L 217 -12.73 9.10 -49.07
N THR L 218 -13.41 8.07 -49.57
CA THR L 218 -14.55 8.25 -50.46
C THR L 218 -15.82 7.66 -49.83
N ILE L 219 -16.92 8.40 -49.92
CA ILE L 219 -18.16 8.04 -49.26
C ILE L 219 -19.24 7.77 -50.28
N SER L 220 -19.89 6.62 -50.16
CA SER L 220 -20.90 6.23 -51.10
C SER L 220 -22.22 5.88 -50.40
N VAL L 221 -22.22 5.93 -49.08
CA VAL L 221 -23.37 5.45 -48.34
C VAL L 221 -23.97 6.58 -47.53
N ASP L 222 -25.30 6.58 -47.43
CA ASP L 222 -26.06 7.53 -46.63
C ASP L 222 -25.84 7.35 -45.13
N GLU L 223 -25.63 8.46 -44.44
CA GLU L 223 -25.32 8.50 -43.02
C GLU L 223 -26.52 8.31 -42.11
N HIS L 224 -27.66 8.86 -42.49
CA HIS L 224 -28.83 8.81 -41.61
C HIS L 224 -29.61 7.48 -41.51
N PRO L 225 -29.73 6.72 -42.61
CA PRO L 225 -30.54 5.51 -42.46
C PRO L 225 -29.97 4.51 -41.44
N ARG L 226 -30.80 4.11 -40.48
CA ARG L 226 -30.35 3.22 -39.40
C ARG L 226 -31.21 1.95 -39.31
N ALA L 227 -30.57 0.79 -39.39
CA ALA L 227 -31.30 -0.48 -39.47
C ALA L 227 -32.04 -0.84 -38.18
N ASP L 228 -31.49 -0.46 -37.03
CA ASP L 228 -32.01 -0.92 -35.74
C ASP L 228 -33.29 -0.25 -35.29
N THR L 229 -33.87 0.60 -36.14
CA THR L 229 -35.03 1.40 -35.76
C THR L 229 -36.26 0.57 -35.41
N THR L 230 -36.75 0.73 -34.19
CA THR L 230 -37.93 0.01 -33.72
C THR L 230 -38.90 0.99 -33.11
N VAL L 231 -40.20 0.74 -33.33
CA VAL L 231 -41.25 1.57 -32.72
C VAL L 231 -41.01 1.73 -31.22
N GLU L 232 -40.57 0.65 -30.59
CA GLU L 232 -40.28 0.63 -29.17
C GLU L 232 -39.11 1.52 -28.79
N ALA L 233 -38.09 1.58 -29.64
CA ALA L 233 -36.95 2.45 -29.34
C ALA L 233 -37.35 3.91 -29.56
N LEU L 234 -38.20 4.14 -30.56
CA LEU L 234 -38.61 5.48 -30.93
C LEU L 234 -39.49 6.10 -29.87
N ALA L 235 -40.33 5.27 -29.27
CA ALA L 235 -41.36 5.72 -28.34
C ALA L 235 -40.78 6.37 -27.09
N LYS L 236 -39.49 6.17 -26.87
CA LYS L 236 -38.81 6.69 -25.68
C LYS L 236 -37.99 7.95 -25.94
N LEU L 237 -38.14 8.50 -27.14
CA LEU L 237 -37.66 9.85 -27.42
C LEU L 237 -38.75 10.82 -27.02
N LYS L 238 -38.39 12.04 -26.63
CA LYS L 238 -39.41 13.00 -26.27
C LYS L 238 -39.59 14.09 -27.32
N PRO L 239 -40.86 14.49 -27.56
CA PRO L 239 -41.25 15.60 -28.43
C PRO L 239 -40.52 16.90 -28.11
N VAL L 240 -39.98 17.52 -29.15
CA VAL L 240 -39.22 18.76 -29.03
C VAL L 240 -40.04 19.93 -28.46
N LEU L 241 -41.34 19.93 -28.74
CA LEU L 241 -42.21 21.02 -28.29
C LEU L 241 -43.08 20.58 -27.13
N LEU L 242 -42.59 19.60 -26.37
CA LEU L 242 -43.35 19.00 -25.29
C LEU L 242 -43.71 19.98 -24.17
N LYS L 243 -42.73 20.76 -23.71
CA LYS L 243 -42.97 21.75 -22.66
C LYS L 243 -44.19 22.60 -22.99
N GLN L 244 -44.26 23.05 -24.23
CA GLN L 244 -45.35 23.86 -24.72
C GLN L 244 -46.69 23.11 -24.78
N ASP L 245 -46.63 21.83 -25.15
CA ASP L 245 -47.84 21.02 -25.34
C ASP L 245 -47.57 19.60 -24.80
N PRO L 246 -48.34 19.19 -23.78
CA PRO L 246 -48.25 17.85 -23.20
C PRO L 246 -48.57 16.76 -24.20
N GLU L 247 -49.29 17.12 -25.26
CA GLU L 247 -49.72 16.15 -26.26
C GLU L 247 -48.87 16.22 -27.52
N ALA L 248 -47.68 16.80 -27.43
CA ALA L 248 -46.80 16.85 -28.59
C ALA L 248 -46.33 15.45 -28.96
N THR L 249 -46.11 15.21 -30.25
CA THR L 249 -45.62 13.90 -30.72
C THR L 249 -44.33 14.03 -31.52
N VAL L 250 -44.16 15.14 -32.21
CA VAL L 250 -43.05 15.29 -33.16
C VAL L 250 -41.69 15.31 -32.48
N THR L 251 -40.90 14.27 -32.73
CA THR L 251 -39.54 14.13 -32.20
C THR L 251 -38.55 14.10 -33.35
N ALA L 252 -37.28 13.93 -33.01
CA ALA L 252 -36.23 13.87 -34.01
C ALA L 252 -36.29 12.56 -34.79
N GLY L 253 -36.99 11.57 -34.22
CA GLY L 253 -37.13 10.25 -34.82
C GLY L 253 -38.24 10.16 -35.85
N ASN L 254 -39.30 10.92 -35.67
CA ASN L 254 -40.32 11.02 -36.69
C ASN L 254 -40.33 12.40 -37.38
N SER L 255 -39.20 13.09 -37.32
CA SER L 255 -38.96 14.27 -38.15
C SER L 255 -37.88 13.93 -39.15
N SER L 256 -37.92 14.56 -40.32
CA SER L 256 -36.77 14.47 -41.21
C SER L 256 -35.64 15.29 -40.58
N GLY L 257 -34.41 14.88 -40.84
CA GLY L 257 -33.29 15.57 -40.23
C GLY L 257 -32.86 16.78 -41.03
N GLN L 258 -31.80 17.44 -40.59
CA GLN L 258 -31.17 18.50 -41.37
C GLN L 258 -29.95 17.87 -42.01
N ASN L 259 -29.71 18.13 -43.30
CA ASN L 259 -28.72 17.33 -44.00
C ASN L 259 -27.91 18.06 -45.08
N ASP L 260 -26.88 17.37 -45.58
CA ASP L 260 -25.98 17.92 -46.58
C ASP L 260 -26.00 17.01 -47.80
N ALA L 261 -26.19 17.59 -48.98
CA ALA L 261 -26.14 16.82 -50.23
C ALA L 261 -26.22 17.74 -51.44
N ALA L 262 -26.07 17.16 -52.63
CA ALA L 262 -26.42 17.86 -53.86
C ALA L 262 -26.93 16.86 -54.89
N SER L 263 -27.89 17.30 -55.70
CA SER L 263 -28.60 16.49 -56.68
C SER L 263 -28.39 17.07 -58.06
N MET L 264 -28.19 16.23 -59.08
CA MET L 264 -28.05 16.71 -60.44
C MET L 264 -28.80 15.81 -61.44
N CYS L 265 -29.44 16.40 -62.44
CA CYS L 265 -29.98 15.59 -63.53
C CYS L 265 -29.84 16.34 -64.84
N ILE L 266 -30.10 15.64 -65.94
CA ILE L 266 -30.08 16.24 -67.26
C ILE L 266 -31.52 16.38 -67.72
N VAL L 267 -31.95 17.62 -67.95
CA VAL L 267 -33.24 17.86 -68.58
C VAL L 267 -33.00 18.16 -70.05
N THR L 268 -33.51 17.28 -70.90
CA THR L 268 -33.27 17.41 -72.33
C THR L 268 -34.47 16.90 -73.14
N THR L 269 -34.39 17.03 -74.46
CA THR L 269 -35.44 16.56 -75.37
C THR L 269 -35.16 15.14 -75.81
N PRO L 270 -36.21 14.40 -76.22
CA PRO L 270 -36.05 13.08 -76.82
C PRO L 270 -35.02 13.01 -77.94
N GLU L 271 -35.04 13.95 -78.87
CA GLU L 271 -34.10 13.92 -79.98
C GLU L 271 -32.64 14.12 -79.52
N LYS L 272 -32.40 15.08 -78.65
CA LYS L 272 -31.05 15.37 -78.22
C LYS L 272 -30.49 14.27 -77.30
N ALA L 273 -31.36 13.66 -76.51
CA ALA L 273 -30.94 12.60 -75.62
C ALA L 273 -30.43 11.40 -76.40
N ALA L 274 -31.22 10.98 -77.38
CA ALA L 274 -30.83 9.93 -78.32
C ALA L 274 -29.53 10.32 -79.01
N GLU L 275 -29.49 11.57 -79.46
CA GLU L 275 -28.36 12.06 -80.23
C GLU L 275 -27.10 12.08 -79.39
N LEU L 276 -27.24 12.39 -78.11
CA LEU L 276 -26.08 12.36 -77.21
C LEU L 276 -25.87 11.00 -76.54
N GLY L 277 -26.68 10.02 -76.90
CA GLY L 277 -26.50 8.68 -76.39
C GLY L 277 -26.96 8.56 -74.95
N LEU L 278 -27.95 9.36 -74.60
CA LEU L 278 -28.51 9.37 -73.26
C LEU L 278 -29.65 8.38 -73.14
N LYS L 279 -29.98 8.06 -71.91
CA LYS L 279 -31.08 7.17 -71.62
C LYS L 279 -32.16 7.87 -70.79
N PRO L 280 -33.11 8.54 -71.46
CA PRO L 280 -34.24 9.15 -70.78
C PRO L 280 -34.98 8.15 -69.92
N LEU L 281 -35.41 8.55 -68.72
CA LEU L 281 -36.13 7.63 -67.84
C LEU L 281 -37.58 8.04 -67.70
N VAL L 282 -37.80 9.35 -67.59
CA VAL L 282 -39.16 9.88 -67.54
C VAL L 282 -39.27 11.09 -68.40
N ARG L 283 -40.52 11.55 -68.58
CA ARG L 283 -40.78 12.88 -69.12
C ARG L 283 -41.84 13.56 -68.28
N LEU L 284 -41.88 14.89 -68.31
CA LEU L 284 -42.78 15.63 -67.43
C LEU L 284 -44.16 15.76 -68.02
N VAL L 285 -45.16 15.24 -67.30
CA VAL L 285 -46.56 15.33 -67.71
C VAL L 285 -47.15 16.69 -67.37
N SER L 286 -47.26 16.95 -66.07
CA SER L 286 -47.74 18.23 -65.57
C SER L 286 -47.06 18.64 -64.25
N TRP L 287 -47.35 19.84 -63.76
CA TRP L 287 -46.98 20.25 -62.42
C TRP L 287 -48.01 21.19 -61.83
N GLY L 288 -48.10 21.24 -60.50
CA GLY L 288 -48.93 22.20 -59.81
C GLY L 288 -48.22 22.86 -58.64
N SER L 289 -48.55 24.12 -58.37
CA SER L 289 -48.10 24.81 -57.16
C SER L 289 -49.30 25.41 -56.44
N ALA L 290 -49.18 25.63 -55.13
CA ALA L 290 -50.32 26.11 -54.35
C ALA L 290 -49.92 26.75 -53.03
N GLY L 291 -50.80 27.60 -52.51
CA GLY L 291 -50.58 28.17 -51.19
C GLY L 291 -51.51 27.59 -50.15
N VAL L 292 -50.99 27.44 -48.93
CA VAL L 292 -51.81 27.07 -47.80
C VAL L 292 -51.38 27.93 -46.62
N ALA L 293 -52.22 27.99 -45.59
CA ALA L 293 -51.85 28.68 -44.37
C ALA L 293 -50.51 28.21 -43.88
N PRO L 294 -49.57 29.16 -43.70
CA PRO L 294 -48.21 28.87 -43.27
C PRO L 294 -48.13 27.98 -42.04
N ASP L 295 -49.15 28.01 -41.18
CA ASP L 295 -49.18 27.22 -39.96
C ASP L 295 -49.69 25.80 -40.23
N LEU L 296 -50.23 25.59 -41.43
CA LEU L 296 -50.54 24.26 -41.91
C LEU L 296 -49.74 24.02 -43.18
N MET L 297 -48.48 24.43 -43.13
CA MET L 297 -47.48 24.18 -44.15
C MET L 297 -47.54 22.78 -44.79
N GLY L 298 -47.62 21.79 -43.93
CA GLY L 298 -47.41 20.41 -44.34
C GLY L 298 -48.46 19.82 -45.26
N ILE L 299 -49.55 20.56 -45.44
CA ILE L 299 -50.71 20.01 -46.11
C ILE L 299 -50.80 20.53 -47.56
N GLY L 300 -49.85 21.39 -47.92
CA GLY L 300 -49.68 21.87 -49.29
C GLY L 300 -49.58 20.91 -50.48
N PRO L 301 -49.04 19.69 -50.29
CA PRO L 301 -49.03 18.74 -51.42
C PRO L 301 -50.40 18.38 -51.92
N VAL L 302 -51.44 18.54 -51.11
CA VAL L 302 -52.76 18.09 -51.53
C VAL L 302 -53.36 19.02 -52.58
N PRO L 303 -53.36 20.34 -52.33
CA PRO L 303 -53.85 21.15 -53.45
C PRO L 303 -52.86 21.18 -54.59
N ALA L 304 -51.57 21.03 -54.29
CA ALA L 304 -50.56 20.99 -55.33
C ALA L 304 -50.71 19.71 -56.17
N THR L 305 -50.92 18.58 -55.52
CA THR L 305 -51.18 17.34 -56.24
C THR L 305 -52.45 17.44 -57.09
N GLU L 306 -53.48 18.10 -56.56
CA GLU L 306 -54.73 18.21 -57.29
C GLU L 306 -54.57 18.90 -58.63
N VAL L 307 -53.88 20.05 -58.60
CA VAL L 307 -53.71 20.87 -59.79
C VAL L 307 -52.94 20.12 -60.88
N ALA L 308 -51.89 19.39 -60.49
CA ALA L 308 -51.06 18.67 -61.44
C ALA L 308 -51.83 17.52 -62.09
N LEU L 309 -52.61 16.82 -61.28
CA LEU L 309 -53.42 15.69 -61.73
C LEU L 309 -54.50 16.15 -62.70
N ALA L 310 -55.15 17.26 -62.36
CA ALA L 310 -56.20 17.84 -63.20
C ALA L 310 -55.67 18.20 -64.59
N LYS L 311 -54.60 18.99 -64.64
CA LYS L 311 -53.93 19.31 -65.89
C LYS L 311 -53.50 18.07 -66.69
N ALA L 312 -53.14 17.00 -65.99
CA ALA L 312 -52.61 15.83 -66.67
C ALA L 312 -53.75 14.95 -67.17
N GLY L 313 -54.98 15.32 -66.77
CA GLY L 313 -56.15 14.54 -67.10
C GLY L 313 -56.20 13.26 -66.28
N LEU L 314 -55.54 13.28 -65.13
CA LEU L 314 -55.35 12.07 -64.35
C LEU L 314 -56.04 12.09 -63.00
N THR L 315 -56.02 10.94 -62.32
CA THR L 315 -56.38 10.86 -60.90
C THR L 315 -55.26 10.17 -60.12
N LEU L 316 -55.35 10.19 -58.81
CA LEU L 316 -54.26 9.65 -58.01
C LEU L 316 -54.21 8.15 -58.15
N ALA L 317 -55.35 7.51 -58.30
CA ALA L 317 -55.38 6.06 -58.44
C ALA L 317 -54.73 5.66 -59.77
N ASP L 318 -54.56 6.64 -60.67
CA ASP L 318 -53.84 6.47 -61.92
C ASP L 318 -52.31 6.42 -61.73
N ILE L 319 -51.86 6.87 -60.56
CA ILE L 319 -50.44 7.04 -60.28
C ILE L 319 -49.86 5.76 -59.68
N ASP L 320 -48.85 5.18 -60.34
CA ASP L 320 -48.30 3.90 -59.91
C ASP L 320 -47.29 4.08 -58.80
N LEU L 321 -46.66 5.26 -58.79
CA LEU L 321 -45.59 5.57 -57.85
C LEU L 321 -45.69 6.99 -57.37
N ILE L 322 -45.58 7.15 -56.06
CA ILE L 322 -45.61 8.47 -55.46
C ILE L 322 -44.35 8.71 -54.63
N GLU L 323 -43.77 9.89 -54.77
CA GLU L 323 -42.75 10.35 -53.86
C GLU L 323 -43.32 11.56 -53.15
N LEU L 324 -43.55 11.38 -51.85
CA LEU L 324 -44.02 12.43 -50.96
C LEU L 324 -42.92 12.60 -49.92
N ASN L 325 -42.36 13.80 -49.79
CA ASN L 325 -41.13 13.94 -49.04
C ASN L 325 -41.15 13.53 -47.57
N GLU L 326 -42.23 13.81 -46.86
CA GLU L 326 -42.29 13.44 -45.44
C GLU L 326 -41.31 14.26 -44.60
N ALA L 327 -41.53 15.58 -44.54
CA ALA L 327 -40.76 16.45 -43.66
C ALA L 327 -40.98 16.00 -42.23
N PHE L 328 -42.23 15.70 -41.92
CA PHE L 328 -42.59 15.10 -40.65
C PHE L 328 -43.59 13.98 -40.87
N ALA L 329 -43.46 12.92 -40.08
CA ALA L 329 -44.37 11.80 -40.12
C ALA L 329 -45.81 12.27 -40.01
N ALA L 330 -46.10 13.12 -39.04
CA ALA L 330 -47.43 13.70 -38.89
C ALA L 330 -47.80 14.53 -40.10
N GLN L 331 -46.80 15.24 -40.62
CA GLN L 331 -47.02 16.05 -41.80
C GLN L 331 -47.47 15.14 -42.93
N ALA L 332 -46.66 14.12 -43.22
CA ALA L 332 -46.96 13.17 -44.30
C ALA L 332 -48.25 12.38 -44.08
N LEU L 333 -48.50 12.00 -42.83
CA LEU L 333 -49.66 11.22 -42.49
C LEU L 333 -50.93 11.97 -42.78
N ALA L 334 -50.90 13.28 -42.52
CA ALA L 334 -52.07 14.12 -42.75
C ALA L 334 -52.36 14.25 -44.22
N VAL L 335 -51.31 14.32 -45.04
CA VAL L 335 -51.47 14.35 -46.48
C VAL L 335 -52.07 13.05 -46.97
N MET L 336 -51.51 11.94 -46.51
CA MET L 336 -51.94 10.63 -46.97
C MET L 336 -53.36 10.33 -46.52
N ARG L 337 -53.88 11.09 -45.56
CA ARG L 337 -55.24 10.91 -45.12
C ARG L 337 -56.23 11.72 -45.93
N GLU L 338 -55.79 12.88 -46.39
CA GLU L 338 -56.58 13.64 -47.33
C GLU L 338 -56.62 12.88 -48.65
N TRP L 339 -55.65 11.99 -48.80
CA TRP L 339 -55.54 11.13 -49.96
C TRP L 339 -56.34 9.86 -49.75
N LYS L 340 -56.88 9.72 -48.53
CA LYS L 340 -57.73 8.58 -48.17
C LYS L 340 -56.97 7.29 -48.41
N PHE L 341 -55.75 7.21 -47.88
CA PHE L 341 -54.83 6.09 -48.16
C PHE L 341 -55.12 4.79 -47.43
N GLY L 342 -55.04 3.69 -48.17
CA GLY L 342 -55.09 2.37 -47.57
C GLY L 342 -53.67 1.87 -47.38
N GLU L 343 -53.52 0.81 -46.61
CA GLU L 343 -52.23 0.17 -46.40
C GLU L 343 -51.58 -0.18 -47.73
N ALA L 344 -52.41 -0.43 -48.74
CA ALA L 344 -51.92 -0.78 -50.07
C ALA L 344 -51.18 0.37 -50.73
N ASP L 345 -51.56 1.60 -50.38
CA ASP L 345 -50.97 2.78 -50.97
C ASP L 345 -49.58 3.02 -50.42
N HIS L 346 -49.35 2.55 -49.21
CA HIS L 346 -48.03 2.64 -48.61
C HIS L 346 -47.01 1.79 -49.36
N GLU L 347 -47.48 0.93 -50.26
CA GLU L 347 -46.55 0.10 -51.03
C GLU L 347 -46.13 0.74 -52.35
N ARG L 348 -46.86 1.76 -52.78
CA ARG L 348 -46.49 2.49 -53.99
C ARG L 348 -45.93 3.88 -53.65
N THR L 349 -45.63 4.12 -52.38
CA THR L 349 -45.29 5.46 -51.93
C THR L 349 -43.99 5.43 -51.15
N ASN L 350 -43.04 6.29 -51.51
CA ASN L 350 -41.75 6.37 -50.82
C ASN L 350 -41.03 5.04 -50.68
N VAL L 351 -40.93 4.29 -51.76
CA VAL L 351 -40.49 2.90 -51.68
C VAL L 351 -39.04 2.72 -51.27
N ARG L 352 -38.21 3.73 -51.48
CA ARG L 352 -36.81 3.55 -51.18
C ARG L 352 -36.39 4.36 -49.96
N GLY L 353 -37.38 4.93 -49.28
CA GLY L 353 -37.13 5.74 -48.11
C GLY L 353 -37.74 7.13 -48.27
N SER L 354 -37.53 8.00 -47.29
CA SER L 354 -38.02 9.40 -47.36
C SER L 354 -37.12 10.35 -46.57
N GLY L 355 -37.59 11.57 -46.35
CA GLY L 355 -36.81 12.55 -45.61
C GLY L 355 -36.51 12.14 -44.19
N ILE L 356 -37.41 11.34 -43.62
CA ILE L 356 -37.30 10.93 -42.24
C ILE L 356 -36.08 10.01 -42.02
N SER L 357 -35.78 9.19 -43.02
CA SER L 357 -34.74 8.17 -42.90
C SER L 357 -33.58 8.38 -43.84
N LEU L 358 -33.79 9.14 -44.90
CA LEU L 358 -32.71 9.50 -45.82
C LEU L 358 -32.12 10.85 -45.44
N GLY L 359 -33.00 11.78 -45.09
CA GLY L 359 -32.56 13.11 -44.79
C GLY L 359 -33.18 14.15 -45.71
N HIS L 360 -33.18 15.40 -45.24
CA HIS L 360 -33.86 16.48 -45.94
C HIS L 360 -32.91 17.64 -46.21
N PRO L 361 -31.92 17.42 -47.08
CA PRO L 361 -31.01 18.52 -47.42
C PRO L 361 -31.77 19.52 -48.27
N VAL L 362 -32.60 20.34 -47.62
CA VAL L 362 -33.67 21.11 -48.27
C VAL L 362 -33.48 21.33 -49.78
N GLY L 363 -32.39 21.95 -50.18
CA GLY L 363 -32.19 22.33 -51.58
C GLY L 363 -31.98 21.15 -52.50
N ALA L 364 -31.36 20.10 -51.99
CA ALA L 364 -31.05 18.94 -52.81
C ALA L 364 -32.18 17.91 -52.87
N THR L 365 -33.20 18.08 -52.04
CA THR L 365 -34.21 17.03 -51.84
C THR L 365 -35.06 16.78 -53.08
N GLY L 366 -35.42 17.83 -53.79
CA GLY L 366 -36.20 17.71 -55.01
C GLY L 366 -35.60 16.76 -56.01
N GLY L 367 -34.26 16.73 -56.06
CA GLY L 367 -33.56 15.88 -56.99
C GLY L 367 -33.32 14.47 -56.48
N ARG L 368 -33.40 14.26 -55.18
CA ARG L 368 -33.30 12.92 -54.64
C ARG L 368 -34.61 12.20 -54.90
N MET L 369 -35.69 12.94 -54.82
CA MET L 369 -37.02 12.41 -55.07
C MET L 369 -37.21 12.07 -56.54
N LEU L 370 -36.69 12.92 -57.43
CA LEU L 370 -36.77 12.65 -58.86
C LEU L 370 -35.93 11.44 -59.23
N ALA L 371 -34.69 11.43 -58.76
CA ALA L 371 -33.77 10.33 -59.02
C ALA L 371 -34.38 8.98 -58.65
N THR L 372 -35.04 8.91 -57.50
CA THR L 372 -35.65 7.65 -57.09
C THR L 372 -36.94 7.34 -57.87
N LEU L 373 -37.76 8.37 -58.08
CA LEU L 373 -39.02 8.19 -58.78
C LEU L 373 -38.79 7.76 -60.23
N ALA L 374 -37.90 8.46 -60.94
CA ALA L 374 -37.63 8.14 -62.33
C ALA L 374 -37.00 6.76 -62.43
N ARG L 375 -36.12 6.43 -61.49
CA ARG L 375 -35.45 5.13 -61.55
C ARG L 375 -36.34 3.97 -61.11
N GLU L 376 -37.18 4.20 -60.12
CA GLU L 376 -38.09 3.15 -59.67
C GLU L 376 -39.20 2.92 -60.66
N LEU L 377 -39.64 4.00 -61.31
CA LEU L 377 -40.66 3.91 -62.34
C LEU L 377 -40.15 3.01 -63.46
N HIS L 378 -38.86 3.13 -63.75
CA HIS L 378 -38.19 2.34 -64.79
C HIS L 378 -37.89 0.90 -64.37
N ARG L 379 -37.56 0.70 -63.11
CA ARG L 379 -37.33 -0.63 -62.57
C ARG L 379 -38.62 -1.47 -62.47
N ARG L 380 -39.71 -0.80 -62.10
CA ARG L 380 -41.00 -1.46 -61.89
C ARG L 380 -41.75 -1.63 -63.20
N GLU L 381 -41.24 -1.00 -64.25
CA GLU L 381 -41.92 -0.93 -65.55
C GLU L 381 -43.35 -0.40 -65.39
N ALA L 382 -43.46 0.76 -64.73
CA ALA L 382 -44.75 1.40 -64.49
C ALA L 382 -44.84 2.66 -65.32
N ARG L 383 -46.01 3.30 -65.33
CA ARG L 383 -46.23 4.44 -66.21
C ARG L 383 -46.12 5.82 -65.55
N TYR L 384 -46.73 5.98 -64.38
CA TYR L 384 -46.96 7.32 -63.83
C TYR L 384 -46.39 7.52 -62.45
N GLY L 385 -45.82 8.71 -62.23
CA GLY L 385 -45.19 9.01 -60.96
C GLY L 385 -45.49 10.41 -60.48
N LEU L 386 -45.79 10.52 -59.19
CA LEU L 386 -46.04 11.80 -58.56
C LEU L 386 -44.94 12.15 -57.59
N GLU L 387 -44.27 13.27 -57.84
CA GLU L 387 -43.39 13.85 -56.85
C GLU L 387 -44.02 15.10 -56.26
N THR L 388 -44.09 15.17 -54.94
CA THR L 388 -44.69 16.32 -54.28
C THR L 388 -44.15 16.48 -52.86
N MET L 389 -44.42 17.65 -52.28
CA MET L 389 -43.65 18.19 -51.18
C MET L 389 -44.41 19.33 -50.55
N CYS L 390 -44.44 19.37 -49.23
CA CYS L 390 -44.88 20.54 -48.50
C CYS L 390 -43.77 21.57 -48.52
N ILE L 391 -44.13 22.84 -48.44
CA ILE L 391 -43.12 23.88 -48.51
C ILE L 391 -43.27 24.84 -47.34
N GLY L 392 -42.21 24.96 -46.54
CA GLY L 392 -42.24 25.84 -45.39
C GLY L 392 -42.64 27.23 -45.80
N GLY L 393 -43.60 27.80 -45.07
CA GLY L 393 -44.15 29.09 -45.45
C GLY L 393 -45.51 28.91 -46.08
N GLY L 394 -45.96 27.66 -46.17
CA GLY L 394 -47.29 27.39 -46.64
C GLY L 394 -47.42 27.29 -48.14
N GLN L 395 -46.67 26.37 -48.74
CA GLN L 395 -46.82 26.15 -50.17
C GLN L 395 -46.78 24.65 -50.47
N GLY L 396 -47.11 24.28 -51.70
CA GLY L 396 -46.91 22.91 -52.14
C GLY L 396 -46.52 22.88 -53.61
N LEU L 397 -45.78 21.84 -54.00
CA LEU L 397 -45.40 21.64 -55.39
C LEU L 397 -45.56 20.15 -55.75
N ALA L 398 -46.05 19.90 -56.95
CA ALA L 398 -46.29 18.53 -57.40
C ALA L 398 -45.95 18.46 -58.86
N ALA L 399 -45.31 17.37 -59.25
CA ALA L 399 -45.04 17.13 -60.65
C ALA L 399 -45.40 15.69 -60.94
N VAL L 400 -46.05 15.48 -62.08
CA VAL L 400 -46.43 14.17 -62.52
C VAL L 400 -45.50 13.77 -63.64
N PHE L 401 -44.76 12.69 -63.44
CA PHE L 401 -43.80 12.25 -64.44
C PHE L 401 -44.31 10.97 -65.11
N GLU L 402 -43.91 10.74 -66.36
CA GLU L 402 -44.24 9.51 -67.06
C GLU L 402 -43.03 8.78 -67.65
N ARG L 403 -43.01 7.46 -67.50
CA ARG L 403 -41.88 6.64 -67.97
C ARG L 403 -41.77 6.66 -69.49
N VAL L 404 -40.54 6.54 -69.98
CA VAL L 404 -40.25 6.54 -71.39
C VAL L 404 -39.73 5.18 -71.81
N GLN L 405 -40.30 4.62 -72.87
CA GLN L 405 -39.83 3.35 -73.43
C GLN L 405 -38.91 3.57 -74.63
N1A COA M . -6.29 -24.07 43.44
C2A COA M . -6.22 -22.93 44.19
N3A COA M . -6.65 -21.72 43.67
C4A COA M . -7.13 -21.66 42.39
C5A COA M . -7.20 -22.80 41.64
C6A COA M . -6.77 -24.01 42.17
N6A COA M . -6.76 -25.32 41.54
N7A COA M . -7.73 -22.46 40.42
C8A COA M . -7.97 -21.16 40.40
N9A COA M . -7.62 -20.65 41.63
C1B COA M . -7.67 -19.33 42.11
C2B COA M . -6.87 -18.60 41.36
O2B COA M . -5.50 -18.61 41.82
C3B COA M . -7.48 -17.08 41.37
O3B COA M . -7.00 -16.42 42.53
P3B COA M . -6.30 -14.97 42.45
O7A COA M . -5.84 -14.64 43.84
O8A COA M . -7.33 -13.96 41.92
O9A COA M . -5.10 -15.01 41.52
C4B COA M . -8.84 -17.24 41.42
O4B COA M . -9.12 -18.68 41.84
C5B COA M . -9.50 -16.96 40.07
O5B COA M . -9.04 -17.82 39.06
P1A COA M . -8.72 -17.21 37.65
O1A COA M . -8.13 -15.83 37.83
O2A COA M . -7.70 -18.08 36.91
O3A COA M . -10.06 -17.15 36.76
P2A COA M . -11.17 -16.01 36.66
O4A COA M . -11.13 -15.13 37.87
O5A COA M . -10.97 -15.22 35.40
O6A COA M . -12.59 -16.70 36.61
CBP COA M . -14.01 -18.64 35.89
CCP COA M . -12.65 -18.13 36.53
CDP COA M . -15.15 -17.57 36.08
CEP COA M . -14.42 -19.99 36.50
CAP COA M . -13.75 -18.87 34.34
OAP COA M . -12.58 -19.55 34.16
C9P COA M . -14.79 -19.69 33.69
O9P COA M . -15.81 -19.20 33.26
N8P COA M . -14.53 -21.08 33.52
C7P COA M . -15.49 -21.89 32.87
C6P COA M . -15.16 -21.80 31.38
C5P COA M . -16.30 -22.41 30.55
O5P COA M . -17.50 -22.09 30.74
N4P COA M . -15.94 -23.34 29.55
C3P COA M . -16.98 -23.93 28.76
C2P COA M . -17.52 -25.22 29.50
S1P COA M . -19.15 -25.62 28.89
N1A COA N . 15.15 6.03 34.13
C2A COA N . 14.64 4.98 33.49
N3A COA N . 13.33 4.84 33.29
C4A COA N . 12.45 5.77 33.74
C5A COA N . 12.93 6.94 34.43
C6A COA N . 14.39 7.02 34.61
N6A COA N . 14.96 8.05 35.24
N7A COA N . 11.85 7.67 34.73
C8A COA N . 10.78 7.01 34.27
N9A COA N . 11.14 5.88 33.67
C1B COA N . 10.33 4.87 32.99
C2B COA N . 9.11 4.41 33.69
O2B COA N . 9.48 3.71 34.86
C3B COA N . 8.65 3.48 32.61
O3B COA N . 9.40 2.31 32.78
P3B COA N . 8.87 0.94 32.22
O7A COA N . 10.09 0.12 32.26
O8A COA N . 7.84 0.49 33.14
O9A COA N . 8.35 1.27 30.87
C4B COA N . 9.02 4.19 31.31
O4B COA N . 9.87 5.25 31.71
C5B COA N . 7.81 4.73 30.59
O5B COA N . 7.14 5.51 31.53
P1A COA N . 5.57 5.65 31.67
O1A COA N . 5.30 6.36 32.93
O2A COA N . 4.99 4.31 31.42
O3A COA N . 5.26 6.51 30.36
P2A COA N . 4.02 6.41 29.34
O4A COA N . 2.85 5.88 30.06
O5A COA N . 4.50 5.75 28.09
O6A COA N . 3.74 7.98 29.10
CBP COA N . 3.99 10.44 29.75
CCP COA N . 4.21 8.97 30.03
CDP COA N . 4.66 11.15 30.91
CEP COA N . 4.64 10.91 28.49
CAP COA N . 2.52 10.73 29.69
OAP COA N . 1.94 10.18 30.84
C9P COA N . 2.16 12.17 29.75
O9P COA N . 2.89 13.04 30.11
N8P COA N . 0.95 12.47 29.39
C7P COA N . 0.19 13.38 30.19
C6P COA N . 0.57 14.85 30.11
C5P COA N . 0.19 15.44 28.79
O5P COA N . 0.26 14.82 27.76
N4P COA N . -0.18 16.69 28.81
C3P COA N . -0.90 17.29 29.90
C2P COA N . -0.35 18.65 30.23
S1P COA N . -1.09 19.93 29.23
N1A COA O . 61.79 -62.38 21.06
C2A COA O . 61.46 -62.90 19.82
N3A COA O . 60.52 -62.30 19.03
C4A COA O . 59.89 -61.15 19.47
C5A COA O . 60.22 -60.64 20.68
C6A COA O . 61.17 -61.25 21.48
N6A COA O . 61.62 -60.81 22.79
N7A COA O . 59.48 -59.52 20.90
C8A COA O . 58.70 -59.33 19.84
N9A COA O . 58.95 -60.33 18.95
C1B COA O . 58.36 -60.55 17.68
C2B COA O . 57.06 -60.54 17.83
O2B COA O . 56.53 -61.84 18.18
C3B COA O . 56.46 -60.06 16.37
O3B COA O . 56.38 -61.16 15.49
P3B COA O . 54.94 -61.70 15.04
O7A COA O . 55.19 -62.83 14.10
O8A COA O . 54.17 -60.55 14.37
O9A COA O . 54.19 -62.17 16.26
C4B COA O . 57.32 -59.12 15.91
O4B COA O . 58.62 -59.28 16.71
C5B COA O . 56.71 -57.75 16.13
O5B COA O . 55.59 -57.80 17.01
P1A COA O . 55.35 -56.58 17.96
O1A COA O . 53.91 -56.13 17.91
O2A COA O . 55.70 -56.94 19.40
O3A COA O . 56.33 -55.47 17.37
P2A COA O . 55.91 -54.09 16.74
O4A COA O . 55.70 -54.19 15.28
O5A COA O . 54.70 -53.60 17.45
O6A COA O . 57.05 -53.04 17.00
CBP COA O . 57.68 -50.75 17.81
CCP COA O . 56.57 -51.87 17.62
CDP COA O . 57.62 -49.77 16.60
CEP COA O . 59.11 -51.25 18.04
CAP COA O . 57.17 -50.13 19.17
OAP COA O . 57.14 -51.11 20.14
C9P COA O . 58.01 -49.03 19.68
O9P COA O . 57.98 -47.94 19.16
N8P COA O . 58.80 -49.29 20.84
C7P COA O . 59.59 -48.25 21.38
C6P COA O . 58.70 -47.51 22.38
C5P COA O . 59.36 -46.16 22.62
O5P COA O . 60.03 -45.59 21.71
N4P COA O . 59.21 -45.55 23.88
C3P COA O . 59.84 -44.30 24.08
C2P COA O . 61.39 -44.53 24.33
S1P COA O . 62.28 -42.99 24.16
N1A COA P . 26.22 -71.24 14.21
C2A COA P . 26.85 -71.13 15.38
N3A COA P . 27.22 -69.99 15.97
C4A COA P . 26.92 -68.84 15.40
C5A COA P . 26.23 -68.87 14.12
C6A COA P . 25.88 -70.17 13.53
N6A COA P . 25.24 -70.33 12.38
N7A COA P . 26.09 -67.61 13.77
C8A COA P . 26.63 -66.85 14.73
N9A COA P . 27.13 -67.58 15.71
C1B COA P . 27.81 -67.03 16.89
C2B COA P . 29.09 -67.81 17.04
O2B COA P . 29.67 -67.60 18.32
C3B COA P . 30.03 -67.20 16.03
O3B COA P . 31.34 -67.17 16.59
P3B COA P . 32.64 -67.59 15.78
O7A COA P . 32.61 -66.88 14.47
O8A COA P . 33.76 -67.16 16.66
O9A COA P . 32.42 -69.04 15.67
C4B COA P . 29.47 -65.81 15.83
O4B COA P . 28.26 -65.73 16.57
C5B COA P . 29.25 -65.55 14.36
O5B COA P . 28.65 -64.28 14.15
P1A COA P . 29.07 -63.02 14.98
O1A COA P . 30.49 -62.80 14.65
O2A COA P . 28.59 -63.20 16.37
O3A COA P . 28.22 -61.93 14.25
P2A COA P . 27.97 -60.51 14.88
O4A COA P . 28.83 -59.60 14.07
O5A COA P . 28.13 -60.68 16.35
O6A COA P . 26.42 -60.29 14.54
CBP COA P . 25.54 -59.61 12.30
CCP COA P . 25.92 -59.24 13.72
CDP COA P . 26.51 -58.94 11.36
CEP COA P . 25.71 -61.09 12.06
CAP COA P . 24.08 -59.33 11.94
OAP COA P . 23.30 -59.12 13.11
C9P COA P . 23.78 -58.26 10.92
O9P COA P . 24.04 -57.10 11.10
N8P COA P . 23.22 -58.66 9.80
C7P COA P . 22.68 -57.72 8.85
C6P COA P . 23.23 -57.75 7.42
C5P COA P . 22.53 -56.72 6.58
O5P COA P . 21.90 -55.84 7.09
N4P COA P . 22.59 -56.76 5.27
C3P COA P . 21.52 -56.27 4.45
C2P COA P . 20.19 -56.81 4.94
S1P COA P . 18.78 -56.34 3.93
N1A COA Q . 2.07 18.66 -25.93
C2A COA Q . 1.20 19.38 -26.72
N3A COA Q . 0.51 18.77 -27.72
C4A COA Q . 0.71 17.43 -27.94
C5A COA Q . 1.58 16.71 -27.16
C6A COA Q . 2.27 17.33 -26.13
N6A COA Q . 3.21 16.73 -25.23
N7A COA Q . 1.58 15.43 -27.60
C8A COA Q . 0.73 15.33 -28.62
N9A COA Q . 0.19 16.57 -28.85
C1B COA Q . -0.76 16.95 -29.83
C2B COA Q . -1.98 17.16 -29.41
O2B COA Q . -2.70 15.95 -29.18
C3B COA Q . -2.62 17.93 -30.68
O3B COA Q . -2.66 17.04 -31.78
P3B COA Q . -3.98 16.28 -32.29
O7A COA Q . -4.89 17.28 -32.92
O8A COA Q . -4.65 15.57 -31.11
O9A COA Q . -3.54 15.24 -33.31
C4B COA Q . -1.72 18.93 -30.89
O4B COA Q . -0.36 18.35 -30.54
C5B COA Q . -1.96 20.05 -29.90
O5B COA Q . -2.78 21.01 -30.51
P1A COA Q . -3.74 21.80 -29.57
O1A COA Q . -5.15 21.74 -30.12
O2A COA Q . -3.65 21.18 -28.18
O3A COA Q . -3.26 23.31 -29.48
P2A COA Q . -3.51 24.43 -30.56
O4A COA Q . -3.35 23.85 -31.91
O5A COA Q . -4.90 24.92 -30.35
O6A COA Q . -2.50 25.65 -30.33
CBP COA Q . -1.64 26.87 -28.39
CCP COA Q . -2.82 26.76 -29.47
CDP COA Q . -2.18 27.05 -26.94
CEP COA Q . -0.84 25.57 -28.50
CAP COA Q . -0.61 28.01 -28.71
OAP COA Q . -0.65 28.32 -30.05
C9P COA Q . -0.76 29.19 -27.83
O9P COA Q . -1.44 30.15 -28.08
N8P COA Q . 0.00 29.10 -26.62
C7P COA Q . 0.15 30.05 -25.55
C6P COA Q . -1.05 30.96 -25.18
C5P COA Q . -0.28 32.23 -24.79
O5P COA Q . 0.47 32.82 -25.61
N4P COA Q . -0.35 32.75 -23.48
C3P COA Q . 0.42 33.92 -23.19
C2P COA Q . 1.95 33.62 -22.97
S1P COA Q . 2.91 35.12 -22.75
#